data_6PFF
#
_entry.id   6PFF
#
_cell.length_a   213.424
_cell.length_b   116.794
_cell.length_c   221.760
_cell.angle_alpha   90.00
_cell.angle_beta   95.69
_cell.angle_gamma   90.00
#
_symmetry.space_group_name_H-M   'C 1 2 1'
#
loop_
_entity.id
_entity.type
_entity.pdbx_description
1 polymer 'Bifunctional dihydrofolate reductase-thymidylate synthase'
2 non-polymer 'NADPH DIHYDRO-NICOTINAMIDE-ADENINE-DINUCLEOTIDE PHOSPHATE'
3 non-polymer "5-FLUORO-2'-DEOXYURIDINE-5'-MONOPHOSPHATE"
4 non-polymer '2-({4-[(2-amino-4-oxo-4,7-dihydro-3H-pyrrolo[2,3-d]pyrimidin-5-yl)methyl]benzene-1-carbonyl}amino)-4-cyanobenzoic acid'
5 non-polymer METHOTREXATE
6 non-polymer 'SULFATE ION'
7 water water
#
_entity_poly.entity_id   1
_entity_poly.type   'polypeptide(L)'
_entity_poly.pdbx_seq_one_letter_code
;MSEKNVSIVVAASVLSSGIGINGQLPWSISEDLKFFSKITNNKCDSNKKNALIMGRKTWDSIGRRPLKNRIIVVISSSLP
QDEADPNVVVFRNLEDSIENLMNDDSIENIFVCGGESIYRDALKDNFVDRIYLTRVALEDIEFDTYFPEIPETFLPVYMS
QTFCTKNISYDFMIFEKQEKKTLQNCDPARGQLKSIDDTVDLLGEIFGIRKMGNRHKFPKEEIYNTPSIRFGREHYEFQY
LDLLSRVLENGAYRENRTGISTYSIFGQMMRFDMRESFPLLTTKKVAIRSIFEELIWFIKGDTNGNHLIEKKVYIWSGNG
SKEYLERIGLGHREENDLGPIYGFQWRHYNGEYKTMHDDYTGVGVDQLAKLIETLKNNPKDRRHILTAWNPSALSQMALP
PCHVLSQYYVTNDNCLSCNLYQRSCDLGLGSPFNIASYAILTMMLAQVCGYEPGELAIFIGDAHIYENHLTQLKEQLSRT
PRPFPQLKFKRKVENIEDFKWEDIELIGYYPYPTIKMDMAV
;
_entity_poly.pdbx_strand_id   A,B,C,D,E
#
loop_
_chem_comp.id
_chem_comp.type
_chem_comp.name
_chem_comp.formula
MTX non-polymer METHOTREXATE 'C20 H22 N8 O5'
NDP non-polymer 'NADPH DIHYDRO-NICOTINAMIDE-ADENINE-DINUCLEOTIDE PHOSPHATE' 'C21 H30 N7 O17 P3'
OG1 non-polymer '2-({4-[(2-amino-4-oxo-4,7-dihydro-3H-pyrrolo[2,3-d]pyrimidin-5-yl)methyl]benzene-1-carbonyl}amino)-4-cyanobenzoic acid' 'C22 H16 N6 O4'
SO4 non-polymer 'SULFATE ION' 'O4 S -2'
UFP DNA linking 5-FLUORO-2'-DEOXYURIDINE-5'-MONOPHOSPHATE 'C9 H12 F N2 O8 P'
#
# COMPACT_ATOMS: atom_id res chain seq x y z
N GLU A 3 43.74 -19.78 48.13
CA GLU A 3 42.33 -19.92 47.84
C GLU A 3 42.06 -21.12 46.93
N LYS A 4 41.74 -22.26 47.53
CA LYS A 4 41.42 -23.47 46.80
C LYS A 4 40.04 -23.97 47.23
N ASN A 5 39.64 -25.11 46.68
CA ASN A 5 38.28 -25.59 46.82
C ASN A 5 38.10 -26.46 48.07
N VAL A 6 36.93 -26.35 48.70
CA VAL A 6 36.58 -27.09 49.89
C VAL A 6 35.24 -27.78 49.68
N SER A 7 35.22 -29.10 49.91
CA SER A 7 34.04 -29.92 49.67
C SER A 7 33.77 -30.81 50.87
N ILE A 8 32.54 -30.75 51.38
CA ILE A 8 32.08 -31.75 52.33
C ILE A 8 31.81 -33.05 51.59
N VAL A 9 32.19 -34.17 52.19
CA VAL A 9 31.87 -35.50 51.69
C VAL A 9 31.14 -36.23 52.80
N VAL A 10 29.90 -36.64 52.55
CA VAL A 10 29.09 -37.24 53.61
C VAL A 10 28.16 -38.28 53.02
N ALA A 11 27.85 -39.29 53.83
CA ALA A 11 26.83 -40.29 53.50
C ALA A 11 25.79 -40.25 54.62
N ALA A 12 24.56 -39.85 54.27
CA ALA A 12 23.50 -39.66 55.26
C ALA A 12 22.25 -40.39 54.82
N SER A 13 21.38 -40.69 55.78
CA SER A 13 20.12 -41.32 55.48
C SER A 13 19.18 -40.35 54.77
N VAL A 14 18.17 -40.91 54.10
CA VAL A 14 17.38 -40.12 53.15
C VAL A 14 16.51 -39.09 53.86
N LEU A 15 15.91 -39.45 55.00
CA LEU A 15 14.97 -38.58 55.68
C LEU A 15 15.60 -37.82 56.84
N SER A 16 16.12 -38.54 57.84
CA SER A 16 16.62 -37.91 59.05
C SER A 16 18.07 -37.47 58.96
N SER A 17 18.78 -37.81 57.87
CA SER A 17 20.17 -37.39 57.66
C SER A 17 21.09 -37.95 58.74
N GLY A 18 20.85 -39.19 59.17
CA GLY A 18 21.73 -39.83 60.12
C GLY A 18 22.96 -40.39 59.43
N ILE A 19 24.12 -40.27 60.10
CA ILE A 19 25.38 -40.66 59.48
C ILE A 19 26.17 -41.62 60.36
N GLY A 20 25.75 -41.81 61.61
CA GLY A 20 26.51 -42.64 62.51
C GLY A 20 25.70 -43.18 63.67
N ILE A 21 26.25 -44.21 64.30
CA ILE A 21 25.63 -44.83 65.49
C ILE A 21 26.69 -45.59 66.28
N ASN A 22 26.86 -45.20 67.54
CA ASN A 22 27.78 -45.87 68.46
C ASN A 22 29.19 -45.94 67.89
N GLY A 23 29.66 -44.82 67.36
CA GLY A 23 31.03 -44.72 66.88
C GLY A 23 31.32 -45.44 65.58
N GLN A 24 30.31 -45.88 64.85
CA GLN A 24 30.50 -46.54 63.57
C GLN A 24 29.38 -46.11 62.62
N LEU A 25 29.45 -46.63 61.40
CA LEU A 25 28.45 -46.31 60.39
C LEU A 25 27.21 -47.18 60.61
N PRO A 26 26.02 -46.66 60.33
CA PRO A 26 24.80 -47.47 60.42
C PRO A 26 24.56 -48.38 59.23
N TRP A 27 25.55 -48.57 58.37
CA TRP A 27 25.43 -49.43 57.20
C TRP A 27 26.83 -49.87 56.78
N SER A 28 26.87 -50.78 55.79
CA SER A 28 28.13 -51.27 55.23
C SER A 28 27.97 -51.34 53.72
N ILE A 29 28.21 -50.22 53.05
CA ILE A 29 28.10 -50.11 51.60
C ILE A 29 29.50 -49.93 51.05
N SER A 30 30.01 -50.98 50.37
CA SER A 30 31.38 -50.96 49.88
C SER A 30 31.56 -49.92 48.78
N GLU A 31 30.59 -49.81 47.86
CA GLU A 31 30.72 -48.86 46.76
C GLU A 31 30.78 -47.43 47.28
N ASP A 32 30.17 -47.15 48.42
CA ASP A 32 30.22 -45.80 48.98
C ASP A 32 31.62 -45.48 49.49
N LEU A 33 32.29 -46.44 50.13
CA LEU A 33 33.68 -46.24 50.51
C LEU A 33 34.56 -46.07 49.28
N LYS A 34 34.31 -46.85 48.24
CA LYS A 34 35.07 -46.68 47.00
C LYS A 34 34.85 -45.29 46.41
N PHE A 35 33.62 -44.77 46.50
CA PHE A 35 33.34 -43.42 46.03
C PHE A 35 34.09 -42.39 46.85
N PHE A 36 34.08 -42.54 48.18
CA PHE A 36 34.86 -41.63 49.03
C PHE A 36 36.32 -41.64 48.61
N SER A 37 36.88 -42.83 48.39
CA SER A 37 38.28 -42.93 48.00
C SER A 37 38.54 -42.22 46.68
N LYS A 38 37.70 -42.48 45.68
CA LYS A 38 37.95 -41.91 44.35
C LYS A 38 37.70 -40.41 44.32
N ILE A 39 36.82 -39.90 45.17
CA ILE A 39 36.52 -38.47 45.16
C ILE A 39 37.53 -37.70 45.99
N THR A 40 38.14 -38.31 47.00
CA THR A 40 39.16 -37.62 47.78
C THR A 40 40.56 -37.73 47.16
N ASN A 41 40.77 -38.69 46.29
CA ASN A 41 42.02 -38.80 45.54
C ASN A 41 42.03 -37.98 44.26
N ASN A 42 40.86 -37.50 43.82
CA ASN A 42 40.74 -36.78 42.56
C ASN A 42 41.50 -35.47 42.66
N LYS A 43 42.68 -35.42 42.03
CA LYS A 43 43.52 -34.24 42.02
C LYS A 43 44.00 -33.97 40.61
N CYS A 44 44.54 -32.77 40.39
CA CYS A 44 45.02 -32.35 39.08
C CYS A 44 46.54 -32.28 38.98
N ASP A 45 47.24 -32.12 40.09
CA ASP A 45 48.69 -32.03 40.10
C ASP A 45 49.27 -33.28 40.76
N SER A 46 50.18 -33.95 40.05
CA SER A 46 50.78 -35.17 40.59
C SER A 46 51.75 -34.89 41.72
N ASN A 47 52.20 -33.64 41.88
CA ASN A 47 53.11 -33.28 42.96
C ASN A 47 52.40 -32.61 44.13
N LYS A 48 51.08 -32.80 44.24
CA LYS A 48 50.30 -32.25 45.34
C LYS A 48 49.41 -33.34 45.92
N LYS A 49 49.06 -33.17 47.18
CA LYS A 49 48.16 -34.10 47.88
C LYS A 49 46.89 -33.37 48.28
N ASN A 50 45.87 -34.15 48.62
CA ASN A 50 44.61 -33.60 49.10
C ASN A 50 44.50 -33.78 50.61
N ALA A 51 43.90 -32.80 51.27
CA ALA A 51 43.74 -32.77 52.72
C ALA A 51 42.33 -33.21 53.10
N LEU A 52 42.24 -34.14 54.05
CA LEU A 52 40.97 -34.68 54.52
C LEU A 52 40.81 -34.27 55.98
N ILE A 53 39.94 -33.30 56.23
CA ILE A 53 39.71 -32.80 57.59
C ILE A 53 38.66 -33.68 58.26
N MET A 54 38.94 -34.10 59.49
CA MET A 54 37.99 -34.95 60.22
C MET A 54 38.16 -34.73 61.72
N GLY A 55 37.08 -34.99 62.46
CA GLY A 55 37.13 -34.89 63.91
C GLY A 55 37.85 -36.06 64.56
N ARG A 56 38.02 -35.95 65.88
CA ARG A 56 38.80 -36.96 66.59
C ARG A 56 38.07 -38.30 66.66
N LYS A 57 36.76 -38.27 66.93
CA LYS A 57 36.03 -39.54 66.99
C LYS A 57 35.98 -40.20 65.62
N THR A 58 35.87 -39.42 64.55
CA THR A 58 35.99 -39.98 63.21
C THR A 58 37.38 -40.57 62.98
N TRP A 59 38.43 -39.87 63.45
CA TRP A 59 39.78 -40.39 63.37
C TRP A 59 39.92 -41.72 64.11
N ASP A 60 39.18 -41.88 65.21
CA ASP A 60 39.17 -43.17 65.90
C ASP A 60 38.42 -44.22 65.09
N SER A 61 37.35 -43.80 64.39
CA SER A 61 36.51 -44.75 63.66
C SER A 61 37.28 -45.45 62.55
N ILE A 62 38.29 -44.78 61.98
CA ILE A 62 39.05 -45.35 60.89
C ILE A 62 40.34 -46.02 61.41
N GLY A 63 40.40 -46.32 62.70
CA GLY A 63 41.53 -47.05 63.26
C GLY A 63 42.79 -46.23 63.45
N ARG A 64 42.71 -44.91 63.32
CA ARG A 64 43.86 -44.02 63.49
C ARG A 64 45.01 -44.44 62.57
N ARG A 65 44.67 -44.81 61.35
CA ARG A 65 45.66 -45.17 60.36
C ARG A 65 45.51 -44.29 59.12
N PRO A 66 46.62 -43.89 58.51
CA PRO A 66 46.55 -42.93 57.40
C PRO A 66 45.89 -43.51 56.16
N LEU A 67 45.33 -42.62 55.36
CA LEU A 67 44.74 -42.96 54.08
C LEU A 67 45.78 -42.71 52.98
N LYS A 68 45.95 -43.68 52.09
CA LYS A 68 47.00 -43.62 51.10
C LYS A 68 46.87 -42.39 50.22
N ASN A 69 48.02 -41.77 49.91
CA ASN A 69 48.18 -40.65 48.98
C ASN A 69 47.52 -39.36 49.46
N ARG A 70 46.93 -39.33 50.66
CA ARG A 70 46.22 -38.18 51.17
C ARG A 70 46.76 -37.80 52.54
N ILE A 71 46.51 -36.56 52.95
CA ILE A 71 46.97 -36.04 54.24
C ILE A 71 45.75 -35.83 55.12
N ILE A 72 45.72 -36.53 56.25
CA ILE A 72 44.60 -36.46 57.18
C ILE A 72 44.87 -35.35 58.20
N VAL A 73 43.85 -34.53 58.45
CA VAL A 73 43.92 -33.40 59.36
C VAL A 73 42.89 -33.65 60.46
N VAL A 74 43.38 -34.00 61.64
CA VAL A 74 42.50 -34.33 62.76
C VAL A 74 42.28 -33.07 63.60
N ILE A 75 41.03 -32.73 63.79
CA ILE A 75 40.64 -31.64 64.70
C ILE A 75 40.45 -32.23 66.08
N SER A 76 41.24 -31.78 67.04
CA SER A 76 41.17 -32.28 68.40
C SER A 76 41.86 -31.29 69.32
N SER A 77 41.34 -31.17 70.53
CA SER A 77 41.95 -30.33 71.55
C SER A 77 42.89 -31.10 72.47
N SER A 78 42.88 -32.44 72.40
CA SER A 78 43.67 -33.28 73.28
C SER A 78 44.75 -34.09 72.59
N LEU A 79 44.61 -34.37 71.30
CA LEU A 79 45.58 -35.21 70.62
C LEU A 79 46.93 -34.51 70.55
N PRO A 80 48.03 -35.23 70.78
CA PRO A 80 49.35 -34.60 70.71
C PRO A 80 49.66 -34.19 69.28
N GLN A 81 50.09 -32.93 69.12
CA GLN A 81 50.48 -32.42 67.81
C GLN A 81 51.75 -33.14 67.38
N ASP A 82 51.57 -34.38 66.93
CA ASP A 82 52.69 -35.22 66.55
C ASP A 82 53.26 -34.79 65.20
N GLU A 83 54.57 -34.95 65.06
CA GLU A 83 55.26 -34.69 63.81
C GLU A 83 55.93 -35.93 63.24
N ALA A 84 55.76 -37.10 63.89
CA ALA A 84 56.38 -38.31 63.38
C ALA A 84 55.71 -38.79 62.09
N ASP A 85 54.37 -38.75 62.05
CA ASP A 85 53.64 -39.16 60.86
C ASP A 85 53.44 -37.95 59.96
N PRO A 86 54.03 -37.92 58.76
CA PRO A 86 53.84 -36.78 57.86
C PRO A 86 52.52 -36.80 57.11
N ASN A 87 51.71 -37.84 57.26
CA ASN A 87 50.41 -37.93 56.60
C ASN A 87 49.26 -37.60 57.54
N VAL A 88 49.55 -37.34 58.81
CA VAL A 88 48.54 -37.01 59.81
C VAL A 88 49.02 -35.77 60.57
N VAL A 89 48.19 -34.73 60.60
CA VAL A 89 48.51 -33.50 61.31
C VAL A 89 47.30 -33.11 62.14
N VAL A 90 47.55 -32.56 63.34
CA VAL A 90 46.49 -32.24 64.29
C VAL A 90 46.37 -30.73 64.42
N PHE A 91 45.12 -30.24 64.45
CA PHE A 91 44.84 -28.84 64.68
C PHE A 91 43.85 -28.70 65.81
N ARG A 92 43.98 -27.60 66.57
CA ARG A 92 43.17 -27.41 67.77
C ARG A 92 41.75 -26.96 67.45
N ASN A 93 41.53 -26.32 66.30
CA ASN A 93 40.21 -25.90 65.90
C ASN A 93 40.10 -25.98 64.39
N LEU A 94 38.85 -25.94 63.90
CA LEU A 94 38.62 -26.07 62.47
C LEU A 94 39.11 -24.85 61.71
N GLU A 95 39.03 -23.66 62.33
CA GLU A 95 39.40 -22.43 61.63
C GLU A 95 40.91 -22.40 61.34
N ASP A 96 41.74 -22.75 62.33
CA ASP A 96 43.17 -22.75 62.13
C ASP A 96 43.60 -23.77 61.08
N SER A 97 42.85 -24.87 60.96
CA SER A 97 43.20 -25.92 60.00
C SER A 97 42.97 -25.50 58.56
N ILE A 98 42.26 -24.40 58.32
CA ILE A 98 42.03 -23.91 56.95
C ILE A 98 43.25 -23.13 56.49
N GLU A 99 44.33 -23.18 57.28
CA GLU A 99 45.61 -22.61 56.85
C GLU A 99 46.09 -23.22 55.54
N ASN A 100 45.57 -24.39 55.13
CA ASN A 100 45.92 -24.95 53.83
C ASN A 100 45.62 -23.96 52.69
N LEU A 101 44.67 -23.04 52.90
CA LEU A 101 44.39 -22.03 51.89
C LEU A 101 45.53 -21.02 51.79
N MET A 102 45.88 -20.40 52.93
CA MET A 102 46.85 -19.30 52.92
C MET A 102 48.22 -19.77 52.46
N ASN A 103 48.83 -20.67 53.22
CA ASN A 103 50.12 -21.23 52.88
C ASN A 103 49.94 -22.67 52.40
N ASP A 104 51.03 -23.43 52.41
CA ASP A 104 51.03 -24.83 52.01
C ASP A 104 50.44 -25.02 50.61
N ASP A 105 51.26 -24.64 49.63
CA ASP A 105 50.87 -24.77 48.23
C ASP A 105 50.91 -26.21 47.75
N SER A 106 51.34 -27.16 48.59
CA SER A 106 51.36 -28.56 48.22
C SER A 106 50.01 -29.24 48.38
N ILE A 107 49.01 -28.54 48.93
CA ILE A 107 47.66 -29.07 49.07
C ILE A 107 46.80 -28.46 47.98
N GLU A 108 46.12 -29.30 47.20
CA GLU A 108 45.31 -28.83 46.09
C GLU A 108 43.86 -28.60 46.50
N ASN A 109 43.21 -29.63 47.02
CA ASN A 109 41.81 -29.56 47.41
C ASN A 109 41.67 -29.93 48.88
N ILE A 110 40.57 -29.47 49.49
CA ILE A 110 40.28 -29.73 50.90
C ILE A 110 38.93 -30.41 50.99
N PHE A 111 38.88 -31.48 51.79
CA PHE A 111 37.67 -32.27 51.96
C PHE A 111 37.31 -32.34 53.43
N VAL A 112 36.15 -31.79 53.78
CA VAL A 112 35.60 -31.91 55.12
C VAL A 112 34.77 -33.18 55.14
N CYS A 113 35.23 -34.18 55.91
CA CYS A 113 34.53 -35.45 55.95
C CYS A 113 34.43 -35.99 57.38
N GLY A 114 34.60 -35.12 58.38
CA GLY A 114 34.55 -35.52 59.77
C GLY A 114 33.16 -35.83 60.27
N GLY A 115 32.94 -35.72 61.57
CA GLY A 115 31.67 -36.03 62.17
C GLY A 115 30.71 -34.86 62.13
N GLU A 116 29.59 -35.03 62.84
CA GLU A 116 28.59 -33.97 62.89
C GLU A 116 29.17 -32.68 63.44
N SER A 117 30.05 -32.77 64.45
CA SER A 117 30.62 -31.56 65.04
C SER A 117 31.42 -30.78 64.01
N ILE A 118 32.13 -31.47 63.12
CA ILE A 118 32.93 -30.78 62.11
C ILE A 118 32.03 -30.23 61.01
N TYR A 119 31.07 -31.04 60.53
CA TYR A 119 30.17 -30.57 59.48
C TYR A 119 29.41 -29.32 59.91
N ARG A 120 28.87 -29.34 61.14
CA ARG A 120 27.94 -28.30 61.56
C ARG A 120 28.59 -26.92 61.57
N ASP A 121 29.81 -26.83 62.08
CA ASP A 121 30.51 -25.54 62.09
C ASP A 121 31.47 -25.37 60.92
N ALA A 122 31.52 -26.34 60.00
CA ALA A 122 32.09 -26.05 58.68
C ALA A 122 31.05 -25.36 57.81
N LEU A 123 29.78 -25.66 58.02
CA LEU A 123 28.71 -24.93 57.35
C LEU A 123 28.41 -23.61 58.06
N LYS A 124 28.49 -23.59 59.39
CA LYS A 124 28.24 -22.34 60.12
C LYS A 124 29.30 -21.30 59.81
N ASP A 125 30.56 -21.72 59.68
CA ASP A 125 31.64 -20.79 59.33
C ASP A 125 31.71 -20.49 57.84
N ASN A 126 30.86 -21.13 57.03
CA ASN A 126 30.76 -20.82 55.60
C ASN A 126 32.08 -21.07 54.88
N PHE A 127 32.72 -22.20 55.19
CA PHE A 127 33.96 -22.61 54.54
C PHE A 127 33.73 -23.56 53.38
N VAL A 128 32.52 -24.07 53.21
CA VAL A 128 32.24 -25.19 52.33
C VAL A 128 31.76 -24.66 51.00
N ASP A 129 32.43 -25.08 49.93
CA ASP A 129 32.03 -24.71 48.59
C ASP A 129 31.13 -25.76 47.96
N ARG A 130 31.43 -27.03 48.16
CA ARG A 130 30.67 -28.11 47.54
C ARG A 130 30.27 -29.16 48.57
N ILE A 131 29.27 -29.97 48.19
CA ILE A 131 28.81 -31.07 49.04
C ILE A 131 28.61 -32.30 48.17
N TYR A 132 29.25 -33.41 48.53
CA TYR A 132 29.06 -34.71 47.90
C TYR A 132 28.27 -35.56 48.89
N LEU A 133 26.96 -35.66 48.64
CA LEU A 133 26.05 -36.34 49.54
C LEU A 133 25.66 -37.70 48.97
N THR A 134 25.81 -38.74 49.79
CA THR A 134 25.36 -40.08 49.46
C THR A 134 24.11 -40.34 50.27
N ARG A 135 22.94 -40.28 49.63
CA ARG A 135 21.67 -40.51 50.32
C ARG A 135 21.42 -42.01 50.38
N VAL A 136 21.21 -42.53 51.59
CA VAL A 136 20.99 -43.95 51.82
C VAL A 136 19.56 -44.15 52.31
N ALA A 137 18.90 -45.17 51.76
CA ALA A 137 17.49 -45.45 52.08
C ALA A 137 17.39 -46.42 53.26
N LEU A 138 17.75 -45.90 54.43
CA LEU A 138 17.63 -46.63 55.69
C LEU A 138 17.16 -45.64 56.75
N GLU A 139 15.96 -45.84 57.29
CA GLU A 139 15.39 -44.86 58.21
C GLU A 139 14.74 -45.45 59.46
N ASP A 140 14.37 -46.72 59.47
CA ASP A 140 13.80 -47.31 60.67
C ASP A 140 14.84 -47.99 61.53
N ILE A 141 16.01 -47.36 61.67
CA ILE A 141 17.07 -47.85 62.55
C ILE A 141 17.47 -46.72 63.49
N GLU A 142 18.53 -46.92 64.27
CA GLU A 142 18.92 -45.96 65.30
C GLU A 142 20.14 -45.16 64.83
N PHE A 143 20.07 -43.84 64.99
CA PHE A 143 21.18 -42.94 64.74
C PHE A 143 21.45 -42.12 65.99
N ASP A 144 22.72 -41.75 66.18
CA ASP A 144 23.10 -40.81 67.22
C ASP A 144 23.92 -39.64 66.69
N THR A 145 24.24 -39.64 65.39
CA THR A 145 25.03 -38.59 64.77
C THR A 145 24.39 -38.27 63.43
N TYR A 146 24.09 -37.00 63.20
CA TYR A 146 23.33 -36.58 62.04
C TYR A 146 24.11 -35.57 61.20
N PHE A 147 23.81 -35.54 59.92
CA PHE A 147 24.35 -34.49 59.07
C PHE A 147 23.42 -33.29 59.11
N PRO A 148 23.94 -32.09 59.37
CA PRO A 148 23.05 -30.93 59.55
C PRO A 148 22.28 -30.62 58.28
N GLU A 149 21.15 -29.94 58.46
CA GLU A 149 20.34 -29.53 57.32
C GLU A 149 21.16 -28.63 56.42
N ILE A 150 21.10 -28.89 55.11
CA ILE A 150 21.85 -28.12 54.13
C ILE A 150 21.30 -26.70 54.08
N PRO A 151 22.14 -25.69 54.28
CA PRO A 151 21.63 -24.31 54.26
C PRO A 151 21.11 -23.92 52.89
N GLU A 152 20.22 -22.91 52.89
CA GLU A 152 19.55 -22.48 51.66
C GLU A 152 20.51 -21.90 50.63
N THR A 153 21.74 -21.58 51.01
CA THR A 153 22.71 -21.07 50.05
C THR A 153 23.25 -22.14 49.11
N PHE A 154 22.95 -23.41 49.37
CA PHE A 154 23.35 -24.50 48.49
C PHE A 154 22.19 -24.91 47.60
N LEU A 155 22.52 -25.35 46.39
CA LEU A 155 21.54 -25.85 45.44
C LEU A 155 22.06 -27.14 44.82
N PRO A 156 21.18 -28.12 44.61
CA PRO A 156 21.62 -29.37 43.97
C PRO A 156 21.90 -29.17 42.49
N VAL A 157 23.02 -29.71 42.03
CA VAL A 157 23.40 -29.65 40.62
C VAL A 157 23.50 -31.02 39.98
N TYR A 158 23.36 -32.10 40.74
CA TYR A 158 23.50 -33.45 40.20
C TYR A 158 22.82 -34.43 41.13
N MET A 159 22.13 -35.42 40.56
CA MET A 159 21.51 -36.50 41.31
C MET A 159 21.63 -37.76 40.47
N SER A 160 22.43 -38.72 40.93
CA SER A 160 22.72 -39.91 40.15
C SER A 160 21.51 -40.85 40.13
N GLN A 161 21.64 -41.92 39.35
CA GLN A 161 20.67 -42.99 39.39
C GLN A 161 20.74 -43.72 40.72
N THR A 162 19.68 -44.46 41.04
CA THR A 162 19.65 -45.23 42.27
C THR A 162 20.47 -46.51 42.09
N PHE A 163 21.39 -46.74 43.03
CA PHE A 163 22.20 -47.94 43.07
C PHE A 163 21.75 -48.83 44.22
N CYS A 164 22.11 -50.11 44.15
CA CYS A 164 21.68 -51.11 45.12
C CYS A 164 22.87 -51.89 45.64
N THR A 165 22.94 -52.03 46.97
CA THR A 165 23.96 -52.83 47.63
C THR A 165 23.33 -53.54 48.82
N LYS A 166 23.33 -54.87 48.80
CA LYS A 166 22.73 -55.68 49.86
C LYS A 166 21.27 -55.28 50.09
N ASN A 167 20.54 -55.12 48.98
CA ASN A 167 19.13 -54.71 48.99
C ASN A 167 18.92 -53.31 49.57
N ILE A 168 19.97 -52.49 49.63
CA ILE A 168 19.89 -51.13 50.15
C ILE A 168 20.05 -50.17 48.98
N SER A 169 19.08 -49.27 48.82
CA SER A 169 19.10 -48.28 47.75
C SER A 169 19.84 -47.02 48.20
N TYR A 170 20.60 -46.43 47.29
CA TYR A 170 21.30 -45.19 47.61
C TYR A 170 21.56 -44.37 46.36
N ASP A 171 21.75 -43.06 46.58
CA ASP A 171 21.95 -42.05 45.54
C ASP A 171 23.31 -41.37 45.71
N PHE A 172 23.65 -40.55 44.71
CA PHE A 172 24.81 -39.67 44.77
C PHE A 172 24.39 -38.30 44.27
N MET A 173 24.60 -37.27 45.08
CA MET A 173 24.20 -35.91 44.75
C MET A 173 25.36 -34.95 44.98
N ILE A 174 25.35 -33.86 44.22
CA ILE A 174 26.29 -32.76 44.39
C ILE A 174 25.49 -31.49 44.68
N PHE A 175 25.92 -30.75 45.69
CA PHE A 175 25.36 -29.46 46.03
C PHE A 175 26.43 -28.40 45.87
N GLU A 176 26.08 -27.29 45.23
CA GLU A 176 27.00 -26.19 45.02
C GLU A 176 26.45 -24.94 45.71
N LYS A 177 27.33 -24.15 46.29
CA LYS A 177 26.93 -22.92 46.97
C LYS A 177 26.87 -21.80 45.96
N GLN A 178 25.74 -21.10 45.92
CA GLN A 178 25.52 -20.06 44.93
C GLN A 178 26.04 -18.71 45.44
N GLU A 179 26.51 -17.89 44.49
CA GLU A 179 27.01 -16.57 44.80
C GLU A 179 26.13 -15.48 44.19
N LEU A 193 28.35 -22.04 22.98
CA LEU A 193 28.52 -20.60 22.89
C LEU A 193 27.18 -19.88 22.66
N LYS A 194 27.13 -18.61 23.07
CA LYS A 194 25.90 -17.84 22.95
C LYS A 194 25.47 -17.63 21.50
N SER A 195 26.40 -17.76 20.54
CA SER A 195 26.04 -17.54 19.14
C SER A 195 25.00 -18.55 18.67
N ILE A 196 25.15 -19.81 19.05
CA ILE A 196 24.20 -20.83 18.64
C ILE A 196 22.83 -20.57 19.26
N ASP A 197 22.79 -20.23 20.55
CA ASP A 197 21.52 -19.95 21.20
C ASP A 197 20.83 -18.74 20.57
N ASP A 198 21.59 -17.70 20.26
CA ASP A 198 21.01 -16.52 19.62
C ASP A 198 20.48 -16.85 18.23
N THR A 199 21.22 -17.64 17.45
CA THR A 199 20.74 -18.02 16.13
C THR A 199 19.46 -18.84 16.22
N VAL A 200 19.39 -19.76 17.17
CA VAL A 200 18.17 -20.57 17.32
C VAL A 200 17.00 -19.69 17.75
N ASP A 201 17.24 -18.73 18.65
CA ASP A 201 16.17 -17.83 19.06
C ASP A 201 15.68 -16.99 17.90
N LEU A 202 16.61 -16.49 17.07
CA LEU A 202 16.21 -15.69 15.92
C LEU A 202 15.42 -16.51 14.90
N LEU A 203 15.86 -17.75 14.65
CA LEU A 203 15.11 -18.61 13.74
C LEU A 203 13.73 -18.91 14.30
N GLY A 204 13.61 -19.07 15.62
CA GLY A 204 12.30 -19.28 16.22
C GLY A 204 11.43 -18.03 16.20
N GLU A 205 12.04 -16.85 16.17
CA GLU A 205 11.27 -15.63 16.00
C GLU A 205 10.76 -15.51 14.57
N ILE A 206 11.58 -15.89 13.59
CA ILE A 206 11.19 -15.82 12.18
C ILE A 206 10.07 -16.82 11.90
N PHE A 207 10.40 -18.10 11.94
CA PHE A 207 9.40 -19.14 11.75
C PHE A 207 8.60 -19.32 13.03
N GLY A 208 7.29 -19.46 12.90
CA GLY A 208 6.47 -19.54 14.07
C GLY A 208 6.51 -20.92 14.69
N ILE A 209 5.42 -21.67 14.55
CA ILE A 209 5.39 -23.06 14.98
C ILE A 209 5.87 -23.89 13.79
N ARG A 210 6.38 -23.21 12.76
CA ARG A 210 6.99 -23.90 11.64
C ARG A 210 8.30 -24.57 12.06
N LYS A 211 9.05 -23.92 12.95
CA LYS A 211 10.25 -24.52 13.51
C LYS A 211 9.85 -25.51 14.60
N MET A 212 10.18 -26.80 14.39
CA MET A 212 9.71 -27.85 15.28
C MET A 212 10.15 -27.62 16.72
N GLY A 213 11.30 -26.98 16.93
CA GLY A 213 11.74 -26.67 18.28
C GLY A 213 10.72 -25.86 19.06
N ASN A 214 9.94 -25.02 18.38
CA ASN A 214 8.93 -24.23 19.05
C ASN A 214 7.71 -25.04 19.45
N ARG A 215 7.49 -26.20 18.84
CA ARG A 215 6.44 -27.11 19.28
C ARG A 215 6.90 -28.03 20.41
N HIS A 216 8.19 -28.01 20.74
CA HIS A 216 8.76 -28.76 21.85
C HIS A 216 9.62 -27.82 22.69
N LYS A 217 8.99 -26.76 23.20
CA LYS A 217 9.71 -25.77 23.98
C LYS A 217 10.19 -26.37 25.30
N PHE A 218 11.37 -25.95 25.73
CA PHE A 218 11.89 -26.40 27.01
C PHE A 218 11.00 -25.86 28.13
N PRO A 219 10.67 -26.68 29.12
CA PRO A 219 9.72 -26.22 30.17
C PRO A 219 10.29 -25.04 30.95
N LYS A 220 9.41 -24.09 31.25
CA LYS A 220 9.80 -22.95 32.07
C LYS A 220 10.25 -23.43 33.45
N GLU A 221 11.05 -22.60 34.10
CA GLU A 221 11.62 -22.99 35.39
C GLU A 221 10.54 -23.23 36.43
N GLU A 222 9.45 -22.46 36.39
CA GLU A 222 8.41 -22.56 37.40
C GLU A 222 7.68 -23.90 37.38
N ILE A 223 7.84 -24.70 36.33
CA ILE A 223 7.20 -26.01 36.24
C ILE A 223 8.23 -27.12 36.02
N TYR A 224 9.50 -26.83 36.32
CA TYR A 224 10.60 -27.77 36.15
C TYR A 224 11.02 -28.28 37.53
N ASN A 225 10.93 -29.59 37.72
CA ASN A 225 11.23 -30.16 39.02
C ASN A 225 12.71 -30.02 39.35
N THR A 226 13.00 -29.46 40.54
CA THR A 226 14.36 -29.17 41.00
C THR A 226 15.13 -28.47 39.90
N PRO A 227 14.83 -27.20 39.62
CA PRO A 227 15.39 -26.54 38.43
C PRO A 227 16.89 -26.36 38.47
N SER A 228 17.51 -26.33 39.65
CA SER A 228 18.94 -26.12 39.74
C SER A 228 19.75 -27.27 39.16
N ILE A 229 19.17 -28.48 39.11
CA ILE A 229 19.85 -29.62 38.51
C ILE A 229 19.63 -29.54 37.00
N ARG A 230 20.61 -28.97 36.30
CA ARG A 230 20.51 -28.75 34.86
C ARG A 230 21.16 -29.88 34.07
N PHE A 231 22.45 -30.14 34.31
CA PHE A 231 23.21 -31.10 33.53
C PHE A 231 23.35 -32.45 34.22
N GLY A 232 22.74 -32.63 35.39
CA GLY A 232 22.89 -33.88 36.12
C GLY A 232 21.58 -34.52 36.52
N ARG A 233 20.60 -34.52 35.61
CA ARG A 233 19.30 -35.11 35.88
C ARG A 233 19.33 -36.60 35.56
N GLU A 234 20.19 -37.31 36.29
CA GLU A 234 20.44 -38.72 36.00
C GLU A 234 19.40 -39.65 36.62
N HIS A 235 18.89 -39.31 37.80
CA HIS A 235 17.88 -40.15 38.46
C HIS A 235 16.67 -40.32 37.55
N TYR A 236 16.31 -41.57 37.30
CA TYR A 236 15.34 -41.86 36.25
C TYR A 236 13.90 -41.56 36.64
N GLU A 237 13.65 -41.06 37.87
CA GLU A 237 12.33 -40.49 38.13
C GLU A 237 12.15 -39.17 37.39
N PHE A 238 13.25 -38.51 37.03
CA PHE A 238 13.17 -37.32 36.20
C PHE A 238 12.58 -37.63 34.82
N GLN A 239 12.65 -38.89 34.38
CA GLN A 239 12.02 -39.27 33.12
C GLN A 239 10.51 -39.08 33.14
N TYR A 240 9.90 -39.09 34.32
CA TYR A 240 8.47 -38.87 34.48
C TYR A 240 8.15 -37.41 34.81
N LEU A 241 8.93 -36.80 35.71
CA LEU A 241 8.68 -35.40 36.07
C LEU A 241 8.95 -34.46 34.91
N ASP A 242 9.98 -34.75 34.11
CA ASP A 242 10.25 -33.92 32.94
C ASP A 242 9.17 -34.10 31.88
N LEU A 243 8.57 -35.29 31.78
CA LEU A 243 7.44 -35.45 30.87
C LEU A 243 6.24 -34.64 31.36
N LEU A 244 5.99 -34.65 32.67
CA LEU A 244 4.96 -33.77 33.22
C LEU A 244 5.23 -32.32 32.86
N SER A 245 6.48 -31.87 33.03
CA SER A 245 6.83 -30.49 32.72
C SER A 245 6.63 -30.18 31.24
N ARG A 246 7.01 -31.12 30.37
CA ARG A 246 6.85 -30.91 28.93
C ARG A 246 5.38 -30.81 28.56
N VAL A 247 4.52 -31.61 29.19
CA VAL A 247 3.09 -31.50 28.91
C VAL A 247 2.54 -30.18 29.42
N LEU A 248 2.96 -29.75 30.61
CA LEU A 248 2.51 -28.47 31.13
C LEU A 248 2.97 -27.31 30.26
N GLU A 249 4.11 -27.46 29.59
CA GLU A 249 4.65 -26.38 28.78
C GLU A 249 4.01 -26.34 27.39
N ASN A 250 3.93 -27.50 26.72
CA ASN A 250 3.53 -27.56 25.32
C ASN A 250 2.17 -28.22 25.11
N GLY A 251 1.49 -28.63 26.17
CA GLY A 251 0.26 -29.41 26.01
C GLY A 251 -0.85 -28.57 25.40
N ALA A 252 -1.44 -29.08 24.32
CA ALA A 252 -2.59 -28.44 23.72
C ALA A 252 -3.85 -28.80 24.48
N TYR A 253 -4.73 -27.82 24.68
CA TYR A 253 -5.98 -28.04 25.38
C TYR A 253 -6.96 -28.72 24.44
N ARG A 254 -7.40 -29.93 24.80
CA ARG A 254 -8.23 -30.75 23.94
C ARG A 254 -9.32 -31.43 24.74
N GLU A 255 -10.50 -31.52 24.15
CA GLU A 255 -11.59 -32.29 24.73
C GLU A 255 -11.51 -33.74 24.29
N ASN A 256 -12.05 -34.63 25.10
CA ASN A 256 -11.98 -36.07 24.83
C ASN A 256 -13.34 -36.68 25.16
N ARG A 257 -13.38 -38.02 25.21
CA ARG A 257 -14.65 -38.73 25.41
C ARG A 257 -15.28 -38.40 26.76
N THR A 258 -14.47 -38.04 27.76
CA THR A 258 -14.98 -37.67 29.07
C THR A 258 -15.27 -36.17 29.13
N GLY A 259 -15.98 -35.76 30.17
CA GLY A 259 -16.27 -34.36 30.37
C GLY A 259 -15.09 -33.54 30.85
N ILE A 260 -13.97 -34.18 31.15
CA ILE A 260 -12.78 -33.51 31.66
C ILE A 260 -11.79 -33.37 30.52
N SER A 261 -11.52 -32.12 30.12
CA SER A 261 -10.55 -31.88 29.05
C SER A 261 -9.13 -32.10 29.56
N THR A 262 -8.21 -32.29 28.63
CA THR A 262 -6.81 -32.55 28.95
C THR A 262 -5.91 -31.54 28.24
N TYR A 263 -4.67 -31.50 28.72
CA TYR A 263 -3.56 -30.89 27.99
C TYR A 263 -2.70 -32.04 27.47
N SER A 264 -2.53 -32.10 26.16
CA SER A 264 -2.00 -33.29 25.50
C SER A 264 -0.84 -32.96 24.57
N ILE A 265 0.12 -33.88 24.50
CA ILE A 265 1.15 -33.89 23.48
C ILE A 265 1.26 -35.30 22.93
N PHE A 266 2.01 -35.44 21.84
CA PHE A 266 2.09 -36.70 21.10
C PHE A 266 3.56 -37.12 20.95
N GLY A 267 3.81 -38.41 21.16
CA GLY A 267 5.13 -38.97 20.94
C GLY A 267 6.18 -38.63 21.98
N GLN A 268 6.21 -39.38 23.08
CA GLN A 268 7.20 -39.18 24.13
C GLN A 268 7.75 -40.53 24.55
N MET A 269 8.80 -40.51 25.37
CA MET A 269 9.38 -41.75 25.85
C MET A 269 9.99 -41.54 27.24
N MET A 270 10.13 -42.65 27.95
CA MET A 270 10.75 -42.67 29.27
C MET A 270 11.59 -43.92 29.39
N ARG A 271 12.78 -43.79 29.97
CA ARG A 271 13.64 -44.92 30.28
C ARG A 271 13.73 -45.09 31.78
N PHE A 272 13.85 -46.35 32.21
CA PHE A 272 14.01 -46.67 33.62
C PHE A 272 14.97 -47.84 33.75
N ASP A 273 15.86 -47.75 34.72
CA ASP A 273 16.71 -48.87 35.07
C ASP A 273 15.94 -49.79 36.00
N MET A 274 16.16 -51.10 35.84
CA MET A 274 15.61 -52.11 36.75
C MET A 274 16.68 -53.01 37.34
N ARG A 275 17.95 -52.79 37.00
CA ARG A 275 19.02 -53.63 37.52
C ARG A 275 19.32 -53.27 38.98
N GLU A 276 19.42 -51.97 39.27
CA GLU A 276 19.83 -51.50 40.59
C GLU A 276 18.71 -50.82 41.37
N SER A 277 17.48 -50.84 40.85
CA SER A 277 16.37 -50.17 41.53
C SER A 277 15.06 -50.62 40.90
N PHE A 278 13.97 -50.18 41.50
CA PHE A 278 12.62 -50.45 41.03
C PHE A 278 11.93 -49.12 40.74
N PRO A 279 11.50 -48.86 39.50
CA PRO A 279 10.95 -47.53 39.17
C PRO A 279 9.59 -47.25 39.76
N LEU A 280 9.50 -47.16 41.08
CA LEU A 280 8.29 -46.72 41.77
C LEU A 280 8.52 -45.28 42.23
N LEU A 281 7.65 -44.38 41.79
CA LEU A 281 7.87 -42.96 42.02
C LEU A 281 7.95 -42.65 43.51
N THR A 282 8.89 -41.78 43.88
CA THR A 282 9.05 -41.38 45.26
C THR A 282 8.43 -40.03 45.58
N THR A 283 8.17 -39.20 44.57
CA THR A 283 7.52 -37.92 44.81
C THR A 283 6.04 -38.06 45.17
N LYS A 284 5.54 -39.28 45.26
CA LYS A 284 4.14 -39.55 45.59
C LYS A 284 4.03 -41.01 45.98
N LYS A 285 3.33 -41.28 47.08
CA LYS A 285 3.12 -42.66 47.52
C LYS A 285 2.19 -43.36 46.53
N VAL A 286 2.70 -44.41 45.87
CA VAL A 286 1.96 -45.13 44.85
C VAL A 286 1.40 -46.41 45.43
N ALA A 287 0.14 -46.70 45.13
CA ALA A 287 -0.52 -47.91 45.61
C ALA A 287 0.02 -49.15 44.90
N ILE A 288 1.12 -49.69 45.43
CA ILE A 288 1.79 -50.82 44.78
C ILE A 288 0.92 -52.08 44.82
N ARG A 289 0.14 -52.27 45.88
CA ARG A 289 -0.66 -53.49 46.01
C ARG A 289 -1.73 -53.57 44.93
N SER A 290 -2.42 -52.46 44.65
CA SER A 290 -3.43 -52.46 43.60
C SER A 290 -2.79 -52.74 42.24
N ILE A 291 -1.61 -52.17 41.99
CA ILE A 291 -0.89 -52.44 40.75
C ILE A 291 -0.60 -53.93 40.61
N PHE A 292 -0.06 -54.53 41.68
CA PHE A 292 0.27 -55.95 41.61
C PHE A 292 -0.97 -56.80 41.39
N GLU A 293 -2.07 -56.47 42.07
CA GLU A 293 -3.27 -57.29 41.95
C GLU A 293 -3.85 -57.17 40.54
N GLU A 294 -3.81 -55.97 39.95
CA GLU A 294 -4.23 -55.82 38.57
C GLU A 294 -3.33 -56.62 37.63
N LEU A 295 -2.02 -56.61 37.88
CA LEU A 295 -1.11 -57.32 36.98
C LEU A 295 -1.32 -58.84 37.06
N ILE A 296 -1.48 -59.37 38.27
CA ILE A 296 -1.70 -60.81 38.39
C ILE A 296 -3.09 -61.18 37.89
N TRP A 297 -4.04 -60.23 37.97
CA TRP A 297 -5.35 -60.42 37.36
C TRP A 297 -5.23 -60.53 35.83
N PHE A 298 -4.37 -59.71 35.23
CA PHE A 298 -4.08 -59.83 33.80
C PHE A 298 -3.44 -61.18 33.49
N ILE A 299 -2.42 -61.55 34.27
CA ILE A 299 -1.65 -62.75 33.96
C ILE A 299 -2.52 -64.00 34.01
N LYS A 300 -3.41 -64.08 35.02
CA LYS A 300 -4.29 -65.23 35.17
C LYS A 300 -5.30 -65.35 34.02
N GLY A 301 -5.42 -64.35 33.17
CA GLY A 301 -6.38 -64.37 32.10
C GLY A 301 -7.77 -63.87 32.46
N ASP A 302 -7.91 -63.20 33.60
CA ASP A 302 -9.22 -62.90 34.14
C ASP A 302 -9.75 -61.57 33.60
N THR A 303 -11.05 -61.55 33.30
CA THR A 303 -11.76 -60.34 32.92
C THR A 303 -12.91 -60.04 33.87
N ASN A 304 -13.05 -60.81 34.95
CA ASN A 304 -14.11 -60.61 35.93
C ASN A 304 -13.73 -59.45 36.84
N GLY A 305 -14.40 -58.31 36.67
CA GLY A 305 -14.10 -57.12 37.45
C GLY A 305 -14.40 -57.24 38.94
N ASN A 306 -15.18 -58.25 39.34
CA ASN A 306 -15.48 -58.43 40.75
C ASN A 306 -14.31 -59.01 41.53
N HIS A 307 -13.47 -59.82 40.89
CA HIS A 307 -12.33 -60.41 41.58
C HIS A 307 -11.35 -59.35 42.08
N LEU A 308 -11.31 -58.19 41.41
CA LEU A 308 -10.51 -57.08 41.92
C LEU A 308 -11.22 -56.36 43.06
N ILE A 309 -12.55 -56.23 42.98
CA ILE A 309 -13.29 -55.58 44.05
C ILE A 309 -13.28 -56.44 45.31
N GLU A 310 -13.30 -57.77 45.14
CA GLU A 310 -13.23 -58.66 46.30
C GLU A 310 -11.89 -58.54 47.01
N LYS A 311 -10.84 -58.18 46.28
CA LYS A 311 -9.53 -57.93 46.86
C LYS A 311 -9.30 -56.46 47.18
N LYS A 312 -10.37 -55.67 47.28
CA LYS A 312 -10.31 -54.26 47.65
C LYS A 312 -9.47 -53.44 46.67
N VAL A 313 -9.64 -53.71 45.38
CA VAL A 313 -8.98 -52.98 44.30
C VAL A 313 -10.08 -52.42 43.40
N TYR A 314 -10.27 -51.10 43.45
CA TYR A 314 -11.41 -50.45 42.80
C TYR A 314 -10.99 -49.60 41.60
N ILE A 315 -9.91 -49.98 40.92
CA ILE A 315 -9.45 -49.19 39.78
C ILE A 315 -10.29 -49.45 38.53
N TRP A 316 -10.96 -50.60 38.45
CA TRP A 316 -11.82 -50.93 37.32
C TRP A 316 -13.31 -50.79 37.66
N SER A 317 -13.64 -50.06 38.72
CA SER A 317 -15.03 -49.85 39.07
C SER A 317 -15.69 -48.81 38.16
N GLY A 318 -14.96 -47.75 37.82
CA GLY A 318 -15.54 -46.69 37.01
C GLY A 318 -15.90 -47.15 35.62
N ASN A 319 -15.02 -47.90 34.98
CA ASN A 319 -15.25 -48.43 33.64
C ASN A 319 -16.03 -49.74 33.65
N GLY A 320 -16.52 -50.17 34.81
CA GLY A 320 -17.27 -51.40 34.89
C GLY A 320 -18.54 -51.29 35.74
N SER A 321 -19.24 -50.18 35.62
CA SER A 321 -20.52 -49.98 36.30
C SER A 321 -21.67 -50.18 35.32
N LYS A 322 -22.87 -50.36 35.88
CA LYS A 322 -24.05 -50.55 35.06
C LYS A 322 -24.32 -49.34 34.16
N GLU A 323 -24.18 -48.14 34.72
CA GLU A 323 -24.45 -46.93 33.94
C GLU A 323 -23.42 -46.75 32.83
N TYR A 324 -22.13 -46.95 33.13
CA TYR A 324 -21.11 -46.80 32.10
C TYR A 324 -21.24 -47.86 31.02
N LEU A 325 -21.54 -49.10 31.41
CA LEU A 325 -21.68 -50.16 30.41
C LEU A 325 -22.91 -49.94 29.52
N GLU A 326 -24.02 -49.52 30.12
CA GLU A 326 -25.21 -49.21 29.32
C GLU A 326 -24.97 -48.00 28.41
N ARG A 327 -24.16 -47.04 28.86
CA ARG A 327 -23.96 -45.82 28.07
C ARG A 327 -23.14 -46.10 26.82
N ILE A 328 -22.17 -47.01 26.91
CA ILE A 328 -21.30 -47.29 25.76
C ILE A 328 -21.87 -48.45 24.94
N GLY A 329 -23.08 -48.88 25.27
CA GLY A 329 -23.75 -49.89 24.48
C GLY A 329 -23.47 -51.32 24.88
N LEU A 330 -23.26 -51.59 26.17
CA LEU A 330 -23.03 -52.94 26.67
C LEU A 330 -23.97 -53.24 27.84
N GLY A 331 -25.25 -52.86 27.69
CA GLY A 331 -26.21 -53.11 28.75
C GLY A 331 -26.50 -54.58 28.97
N HIS A 332 -26.35 -55.40 27.92
CA HIS A 332 -26.54 -56.84 28.05
C HIS A 332 -25.51 -57.48 28.96
N ARG A 333 -24.36 -56.83 29.14
CA ARG A 333 -23.26 -57.39 29.90
C ARG A 333 -23.54 -57.29 31.40
N GLU A 334 -22.99 -58.24 32.16
CA GLU A 334 -23.15 -58.22 33.61
C GLU A 334 -22.41 -57.02 34.21
N GLU A 335 -22.65 -56.79 35.51
CA GLU A 335 -22.19 -55.60 36.22
C GLU A 335 -20.73 -55.27 35.94
N ASN A 336 -19.82 -56.15 36.38
CA ASN A 336 -18.39 -55.91 36.22
C ASN A 336 -17.76 -56.85 35.19
N ASP A 337 -18.52 -57.23 34.17
CA ASP A 337 -18.00 -58.07 33.09
C ASP A 337 -17.37 -57.13 32.06
N LEU A 338 -16.06 -56.91 32.21
CA LEU A 338 -15.37 -55.94 31.38
C LEU A 338 -15.18 -56.41 29.94
N GLY A 339 -15.38 -57.69 29.65
CA GLY A 339 -15.24 -58.19 28.31
C GLY A 339 -13.79 -58.56 27.99
N PRO A 340 -13.54 -58.93 26.73
CA PRO A 340 -12.19 -59.35 26.35
C PRO A 340 -11.19 -58.19 26.34
N ILE A 341 -10.33 -58.11 27.33
CA ILE A 341 -9.44 -56.97 27.50
C ILE A 341 -8.05 -57.50 27.83
N TYR A 342 -7.22 -56.68 28.46
CA TYR A 342 -5.96 -57.16 29.01
C TYR A 342 -6.16 -58.48 29.73
N GLY A 343 -5.31 -59.44 29.40
CA GLY A 343 -5.38 -60.76 29.99
C GLY A 343 -6.34 -61.71 29.32
N PHE A 344 -7.21 -61.22 28.44
CA PHE A 344 -7.92 -62.16 27.59
C PHE A 344 -7.29 -62.24 26.23
N GLN A 345 -6.74 -61.13 25.74
CA GLN A 345 -5.89 -61.16 24.56
C GLN A 345 -4.51 -61.71 24.88
N TRP A 346 -4.09 -61.67 26.15
CA TRP A 346 -2.81 -62.25 26.54
C TRP A 346 -2.87 -63.78 26.47
N ARG A 347 -3.94 -64.36 27.01
CA ARG A 347 -4.03 -65.80 27.15
C ARG A 347 -4.94 -66.47 26.13
N HIS A 348 -5.89 -65.73 25.54
CA HIS A 348 -6.85 -66.29 24.58
C HIS A 348 -7.08 -65.30 23.44
N TYR A 349 -6.01 -64.99 22.71
CA TYR A 349 -6.13 -64.02 21.62
C TYR A 349 -7.00 -64.57 20.50
N ASN A 350 -7.86 -63.70 19.95
CA ASN A 350 -8.83 -64.05 18.91
C ASN A 350 -9.84 -65.09 19.40
N GLY A 351 -9.97 -65.26 20.71
CA GLY A 351 -10.91 -66.23 21.25
C GLY A 351 -12.31 -65.66 21.30
N GLU A 352 -13.29 -66.45 20.87
CA GLU A 352 -14.68 -66.02 20.90
C GLU A 352 -15.12 -65.76 22.33
N TYR A 353 -15.39 -64.50 22.66
CA TYR A 353 -15.77 -64.13 24.02
C TYR A 353 -17.27 -64.26 24.20
N LYS A 354 -17.66 -64.82 25.34
CA LYS A 354 -19.07 -64.91 25.71
C LYS A 354 -19.33 -64.09 26.96
N THR A 355 -19.10 -64.66 28.13
CA THR A 355 -19.21 -63.95 29.40
C THR A 355 -17.95 -64.20 30.21
N MET A 356 -17.86 -63.54 31.37
CA MET A 356 -16.71 -63.71 32.26
C MET A 356 -16.77 -64.99 33.08
N HIS A 357 -17.88 -65.72 33.04
CA HIS A 357 -18.04 -66.94 33.81
C HIS A 357 -17.70 -68.20 33.01
N ASP A 358 -17.61 -68.11 31.68
CA ASP A 358 -17.36 -69.27 30.85
C ASP A 358 -15.91 -69.75 31.00
N ASP A 359 -15.67 -70.97 30.55
CA ASP A 359 -14.36 -71.58 30.57
C ASP A 359 -13.69 -71.38 29.21
N TYR A 360 -12.49 -70.79 29.22
CA TYR A 360 -11.76 -70.49 27.99
C TYR A 360 -10.45 -71.27 27.88
N THR A 361 -10.24 -72.28 28.71
CA THR A 361 -9.01 -73.05 28.64
C THR A 361 -8.96 -73.83 27.32
N GLY A 362 -8.06 -73.42 26.42
CA GLY A 362 -7.88 -74.06 25.14
C GLY A 362 -8.16 -73.15 23.96
N VAL A 363 -9.10 -72.22 24.10
CA VAL A 363 -9.48 -71.33 23.02
C VAL A 363 -8.54 -70.14 22.96
N GLY A 364 -8.32 -69.63 21.75
CA GLY A 364 -7.45 -68.49 21.54
C GLY A 364 -5.98 -68.88 21.52
N VAL A 365 -5.15 -67.89 21.22
CA VAL A 365 -3.70 -68.05 21.20
C VAL A 365 -3.15 -67.57 22.54
N ASP A 366 -2.45 -68.45 23.25
CA ASP A 366 -1.86 -68.11 24.55
C ASP A 366 -0.56 -67.36 24.29
N GLN A 367 -0.66 -66.04 24.20
CA GLN A 367 0.50 -65.22 23.89
C GLN A 367 1.53 -65.26 25.01
N LEU A 368 1.08 -65.28 26.27
CA LEU A 368 2.02 -65.23 27.39
C LEU A 368 2.84 -66.51 27.47
N ALA A 369 2.20 -67.66 27.27
CA ALA A 369 2.91 -68.92 27.32
C ALA A 369 3.94 -69.02 26.20
N LYS A 370 3.54 -68.67 24.98
CA LYS A 370 4.48 -68.69 23.86
C LYS A 370 5.60 -67.68 24.08
N LEU A 371 5.29 -66.54 24.70
CA LEU A 371 6.33 -65.55 25.03
C LEU A 371 7.37 -66.14 25.96
N ILE A 372 6.92 -66.79 27.04
CA ILE A 372 7.85 -67.38 27.99
C ILE A 372 8.67 -68.48 27.32
N GLU A 373 8.01 -69.32 26.53
CA GLU A 373 8.70 -70.42 25.86
C GLU A 373 9.77 -69.88 24.91
N THR A 374 9.46 -68.82 24.15
CA THR A 374 10.44 -68.24 23.24
C THR A 374 11.55 -67.54 24.01
N LEU A 375 11.23 -66.90 25.13
CA LEU A 375 12.24 -66.19 25.90
C LEU A 375 13.29 -67.15 26.44
N LYS A 376 12.87 -68.31 26.92
CA LYS A 376 13.84 -69.25 27.48
C LYS A 376 14.29 -70.32 26.49
N ASN A 377 13.77 -70.33 25.26
CA ASN A 377 14.25 -71.24 24.22
C ASN A 377 15.01 -70.56 23.09
N ASN A 378 14.65 -69.33 22.74
CA ASN A 378 15.34 -68.57 21.70
C ASN A 378 15.45 -67.13 22.16
N PRO A 379 16.44 -66.83 23.02
CA PRO A 379 16.49 -65.49 23.61
C PRO A 379 16.81 -64.38 22.61
N LYS A 380 17.76 -64.61 21.71
CA LYS A 380 18.16 -63.58 20.75
C LYS A 380 17.16 -63.41 19.61
N ASP A 381 16.01 -64.08 19.70
CA ASP A 381 14.93 -63.84 18.75
C ASP A 381 14.42 -62.41 18.89
N ARG A 382 13.96 -61.84 17.78
CA ARG A 382 13.53 -60.45 17.75
C ARG A 382 12.01 -60.33 17.66
N ARG A 383 11.29 -61.33 18.18
CA ARG A 383 9.83 -61.37 18.05
C ARG A 383 9.13 -61.62 19.39
N HIS A 384 9.78 -61.30 20.51
CA HIS A 384 9.17 -61.46 21.83
C HIS A 384 8.15 -60.34 22.03
N ILE A 385 6.96 -60.53 21.43
CA ILE A 385 5.95 -59.48 21.37
C ILE A 385 4.66 -59.97 22.01
N LEU A 386 4.11 -59.15 22.90
CA LEU A 386 2.82 -59.37 23.52
C LEU A 386 1.91 -58.21 23.15
N THR A 387 0.82 -58.51 22.44
CA THR A 387 -0.09 -57.49 21.95
C THR A 387 -1.46 -57.61 22.61
N ALA A 388 -2.16 -56.48 22.69
CA ALA A 388 -3.52 -56.44 23.18
C ALA A 388 -4.49 -55.78 22.21
N TRP A 389 -4.00 -55.16 21.14
CA TRP A 389 -4.87 -54.48 20.18
C TRP A 389 -5.43 -55.51 19.21
N ASN A 390 -6.69 -55.86 19.40
CA ASN A 390 -7.40 -56.79 18.52
C ASN A 390 -8.58 -56.05 17.88
N PRO A 391 -8.46 -55.64 16.61
CA PRO A 391 -9.57 -54.91 15.98
C PRO A 391 -10.88 -55.66 15.96
N SER A 392 -10.84 -57.01 15.98
CA SER A 392 -12.09 -57.77 15.93
C SER A 392 -12.85 -57.69 17.24
N ALA A 393 -12.15 -57.52 18.36
CA ALA A 393 -12.76 -57.54 19.68
C ALA A 393 -12.89 -56.16 20.32
N LEU A 394 -12.53 -55.09 19.60
CA LEU A 394 -12.55 -53.76 20.20
C LEU A 394 -13.95 -53.36 20.65
N SER A 395 -14.97 -53.67 19.84
CA SER A 395 -16.33 -53.26 20.16
C SER A 395 -16.86 -53.94 21.42
N GLN A 396 -16.39 -55.16 21.72
CA GLN A 396 -16.86 -55.89 22.88
C GLN A 396 -16.18 -55.46 24.18
N MET A 397 -15.15 -54.62 24.10
CA MET A 397 -14.40 -54.21 25.29
C MET A 397 -15.08 -53.06 26.01
N ALA A 398 -15.03 -53.09 27.34
CA ALA A 398 -15.47 -51.95 28.13
C ALA A 398 -14.55 -50.75 27.94
N LEU A 399 -13.30 -50.99 27.56
CA LEU A 399 -12.33 -49.94 27.31
C LEU A 399 -11.19 -50.50 26.47
N PRO A 400 -10.87 -49.90 25.33
CA PRO A 400 -9.79 -50.43 24.48
C PRO A 400 -8.47 -50.40 25.20
N PRO A 401 -7.51 -51.23 24.77
CA PRO A 401 -6.23 -51.32 25.49
C PRO A 401 -5.43 -50.03 25.36
N CYS A 402 -4.97 -49.52 26.50
CA CYS A 402 -4.09 -48.35 26.52
C CYS A 402 -2.63 -48.75 26.34
N HIS A 403 -2.10 -49.57 27.26
CA HIS A 403 -0.79 -50.16 27.00
C HIS A 403 -0.97 -51.21 25.92
N VAL A 404 -0.74 -50.79 24.68
CA VAL A 404 -1.15 -51.57 23.51
C VAL A 404 -0.18 -52.72 23.24
N LEU A 405 1.11 -52.41 23.11
CA LEU A 405 2.06 -53.41 22.65
C LEU A 405 3.26 -53.46 23.58
N SER A 406 3.86 -54.64 23.71
CA SER A 406 5.09 -54.76 24.47
C SER A 406 6.04 -55.72 23.78
N GLN A 407 7.33 -55.41 23.85
CA GLN A 407 8.38 -56.25 23.29
C GLN A 407 9.42 -56.50 24.36
N TYR A 408 10.06 -57.67 24.29
CA TYR A 408 11.03 -58.08 25.31
C TYR A 408 12.31 -58.51 24.63
N TYR A 409 13.42 -58.29 25.35
CA TYR A 409 14.75 -58.39 24.76
C TYR A 409 15.68 -59.02 25.79
N VAL A 410 16.44 -60.04 25.37
CA VAL A 410 17.41 -60.69 26.25
C VAL A 410 18.80 -60.20 25.88
N THR A 411 19.44 -59.52 26.81
CA THR A 411 20.78 -59.01 26.55
C THR A 411 21.80 -60.15 26.63
N ASN A 412 23.02 -59.86 26.17
CA ASN A 412 24.06 -60.86 26.17
C ASN A 412 24.49 -61.28 27.58
N ASP A 413 24.24 -60.44 28.58
CA ASP A 413 24.52 -60.79 29.97
C ASP A 413 23.28 -61.27 30.71
N ASN A 414 22.35 -61.92 29.99
CA ASN A 414 21.20 -62.60 30.57
C ASN A 414 20.33 -61.66 31.41
N CYS A 415 20.03 -60.50 30.84
CA CYS A 415 19.08 -59.56 31.42
C CYS A 415 17.89 -59.42 30.49
N LEU A 416 16.73 -59.13 31.06
CA LEU A 416 15.48 -59.02 30.33
C LEU A 416 15.03 -57.57 30.35
N SER A 417 15.10 -56.91 29.19
CA SER A 417 14.59 -55.56 29.01
C SER A 417 13.23 -55.58 28.34
N CYS A 418 12.47 -54.52 28.56
CA CYS A 418 11.09 -54.43 28.10
C CYS A 418 10.82 -53.07 27.47
N ASN A 419 10.22 -53.08 26.30
CA ASN A 419 9.69 -51.89 25.64
C ASN A 419 8.17 -51.96 25.63
N LEU A 420 7.53 -50.82 25.83
CA LEU A 420 6.08 -50.73 25.86
C LEU A 420 5.62 -49.56 25.03
N TYR A 421 4.73 -49.81 24.06
CA TYR A 421 4.04 -48.74 23.38
C TYR A 421 2.63 -48.62 23.95
N GLN A 422 2.30 -47.42 24.40
CA GLN A 422 1.05 -47.07 25.06
C GLN A 422 0.38 -45.96 24.25
N ARG A 423 -0.84 -46.21 23.78
CA ARG A 423 -1.50 -45.27 22.88
C ARG A 423 -1.96 -44.01 23.61
N SER A 424 -2.33 -44.14 24.88
CA SER A 424 -2.89 -43.04 25.64
C SER A 424 -2.41 -43.15 27.08
N CYS A 425 -1.88 -42.06 27.63
CA CYS A 425 -1.26 -42.08 28.95
C CYS A 425 -1.79 -40.92 29.79
N ASP A 426 -2.59 -41.26 30.79
CA ASP A 426 -2.98 -40.35 31.87
C ASP A 426 -1.80 -40.22 32.81
N LEU A 427 -1.02 -39.14 32.66
CA LEU A 427 0.21 -38.99 33.42
C LEU A 427 -0.04 -38.83 34.92
N GLY A 428 -1.23 -38.43 35.32
CA GLY A 428 -1.53 -38.25 36.73
C GLY A 428 -1.76 -39.55 37.48
N LEU A 429 -2.52 -40.45 36.88
CA LEU A 429 -2.89 -41.72 37.53
C LEU A 429 -2.35 -42.93 36.79
N GLY A 430 -2.58 -43.02 35.47
CA GLY A 430 -2.25 -44.22 34.75
C GLY A 430 -0.75 -44.44 34.59
N SER A 431 0.02 -43.35 34.46
CA SER A 431 1.43 -43.50 34.12
C SER A 431 2.23 -44.18 35.22
N PRO A 432 2.15 -43.79 36.50
CA PRO A 432 2.91 -44.51 37.52
C PRO A 432 2.50 -45.96 37.64
N PHE A 433 1.19 -46.22 37.54
CA PHE A 433 0.69 -47.59 37.55
C PHE A 433 1.30 -48.39 36.41
N ASN A 434 1.35 -47.81 35.21
CA ASN A 434 1.92 -48.53 34.06
C ASN A 434 3.40 -48.81 34.27
N ILE A 435 4.14 -47.81 34.73
CA ILE A 435 5.58 -47.98 34.97
C ILE A 435 5.82 -49.14 35.93
N ALA A 436 5.19 -49.07 37.12
CA ALA A 436 5.40 -50.11 38.12
C ALA A 436 4.89 -51.46 37.64
N SER A 437 3.77 -51.48 36.92
CA SER A 437 3.15 -52.73 36.50
C SER A 437 4.04 -53.46 35.50
N TYR A 438 4.55 -52.74 34.50
CA TYR A 438 5.40 -53.41 33.52
C TYR A 438 6.78 -53.71 34.09
N ALA A 439 7.24 -52.95 35.09
CA ALA A 439 8.45 -53.34 35.80
C ALA A 439 8.25 -54.68 36.49
N ILE A 440 7.13 -54.83 37.23
CA ILE A 440 6.86 -56.08 37.93
C ILE A 440 6.70 -57.22 36.94
N LEU A 441 6.03 -56.97 35.81
CA LEU A 441 5.84 -58.02 34.81
C LEU A 441 7.18 -58.46 34.22
N THR A 442 8.07 -57.51 33.94
CA THR A 442 9.37 -57.87 33.42
C THR A 442 10.16 -58.69 34.44
N MET A 443 10.05 -58.31 35.73
CA MET A 443 10.74 -59.07 36.76
C MET A 443 10.19 -60.49 36.88
N MET A 444 8.87 -60.64 36.80
CA MET A 444 8.27 -61.97 36.87
C MET A 444 8.72 -62.82 35.69
N LEU A 445 8.69 -62.24 34.48
CA LEU A 445 9.16 -62.98 33.31
C LEU A 445 10.62 -63.35 33.46
N ALA A 446 11.43 -62.47 34.05
CA ALA A 446 12.86 -62.74 34.22
C ALA A 446 13.09 -63.88 35.19
N GLN A 447 12.34 -63.93 36.29
CA GLN A 447 12.50 -65.03 37.23
C GLN A 447 12.02 -66.35 36.62
N VAL A 448 10.87 -66.33 35.94
CA VAL A 448 10.34 -67.57 35.38
C VAL A 448 11.23 -68.08 34.25
N CYS A 449 11.89 -67.18 33.52
CA CYS A 449 12.77 -67.58 32.43
C CYS A 449 14.23 -67.72 32.84
N GLY A 450 14.58 -67.33 34.07
CA GLY A 450 15.94 -67.47 34.53
C GLY A 450 16.88 -66.35 34.13
N TYR A 451 16.38 -65.12 34.10
CA TYR A 451 17.18 -63.95 33.79
C TYR A 451 17.11 -62.95 34.93
N GLU A 452 17.84 -61.85 34.78
CA GLU A 452 17.81 -60.73 35.69
C GLU A 452 17.08 -59.55 35.03
N PRO A 453 16.46 -58.68 35.81
CA PRO A 453 15.74 -57.53 35.21
C PRO A 453 16.72 -56.57 34.53
N GLY A 454 16.29 -56.05 33.38
CA GLY A 454 17.13 -55.14 32.62
C GLY A 454 16.64 -53.71 32.65
N GLU A 455 16.19 -53.20 31.51
CA GLU A 455 15.71 -51.84 31.40
C GLU A 455 14.25 -51.83 30.98
N LEU A 456 13.59 -50.69 31.22
CA LEU A 456 12.18 -50.51 30.86
C LEU A 456 12.03 -49.22 30.08
N ALA A 457 11.64 -49.33 28.81
CA ALA A 457 11.37 -48.17 27.97
C ALA A 457 9.88 -48.10 27.68
N ILE A 458 9.29 -46.92 27.89
CA ILE A 458 7.88 -46.70 27.63
C ILE A 458 7.77 -45.64 26.55
N PHE A 459 7.11 -45.99 25.45
CA PHE A 459 6.85 -45.08 24.33
C PHE A 459 5.37 -44.72 24.34
N ILE A 460 5.08 -43.43 24.40
CA ILE A 460 3.73 -42.92 24.63
C ILE A 460 3.28 -42.15 23.41
N GLY A 461 2.06 -42.44 22.96
CA GLY A 461 1.41 -41.63 21.95
C GLY A 461 0.82 -40.37 22.55
N ASP A 462 -0.45 -40.42 22.92
CA ASP A 462 -1.16 -39.28 23.48
C ASP A 462 -0.86 -39.22 24.97
N ALA A 463 0.16 -38.44 25.33
CA ALA A 463 0.49 -38.19 26.73
C ALA A 463 -0.26 -36.96 27.19
N HIS A 464 -1.11 -37.10 28.19
CA HIS A 464 -1.99 -36.00 28.55
C HIS A 464 -2.11 -35.88 30.07
N ILE A 465 -2.55 -34.69 30.49
CA ILE A 465 -2.84 -34.36 31.87
C ILE A 465 -4.28 -33.86 31.93
N TYR A 466 -5.10 -34.49 32.76
CA TYR A 466 -6.46 -34.01 32.94
C TYR A 466 -6.45 -32.72 33.73
N GLU A 467 -7.33 -31.79 33.35
CA GLU A 467 -7.26 -30.44 33.89
C GLU A 467 -7.57 -30.37 35.37
N ASN A 468 -8.27 -31.37 35.93
CA ASN A 468 -8.51 -31.42 37.36
C ASN A 468 -7.34 -31.96 38.16
N HIS A 469 -6.24 -32.35 37.50
CA HIS A 469 -5.04 -32.82 38.17
C HIS A 469 -3.97 -31.75 38.31
N LEU A 470 -4.14 -30.60 37.66
CA LEU A 470 -3.08 -29.60 37.58
C LEU A 470 -2.54 -29.22 38.95
N THR A 471 -3.42 -28.69 39.81
CA THR A 471 -3.01 -28.31 41.16
C THR A 471 -2.27 -29.42 41.86
N GLN A 472 -2.70 -30.67 41.64
CA GLN A 472 -2.00 -31.81 42.23
C GLN A 472 -0.63 -32.00 41.62
N LEU A 473 -0.57 -32.08 40.28
CA LEU A 473 0.69 -32.45 39.63
C LEU A 473 1.77 -31.39 39.84
N LYS A 474 1.39 -30.11 39.77
CA LYS A 474 2.32 -29.05 40.12
C LYS A 474 2.88 -29.25 41.52
N GLU A 475 2.00 -29.60 42.47
CA GLU A 475 2.46 -29.96 43.81
C GLU A 475 3.50 -31.07 43.74
N GLN A 476 3.22 -32.12 42.96
CA GLN A 476 4.18 -33.22 42.85
C GLN A 476 5.49 -32.75 42.25
N LEU A 477 5.45 -31.70 41.41
CA LEU A 477 6.69 -31.19 40.83
C LEU A 477 7.50 -30.37 41.82
N SER A 478 6.94 -30.02 42.97
CA SER A 478 7.67 -29.24 43.96
C SER A 478 8.51 -30.11 44.89
N ARG A 479 8.44 -31.43 44.75
CA ARG A 479 9.11 -32.35 45.67
C ARG A 479 10.35 -32.95 44.99
N THR A 480 11.51 -32.71 45.58
CA THR A 480 12.74 -33.27 45.02
C THR A 480 12.74 -34.78 45.19
N PRO A 481 13.03 -35.55 44.14
CA PRO A 481 12.91 -37.01 44.23
C PRO A 481 13.90 -37.62 45.23
N ARG A 482 13.54 -38.81 45.69
CA ARG A 482 14.34 -39.64 46.58
C ARG A 482 14.70 -40.94 45.86
N PRO A 483 15.72 -41.66 46.32
CA PRO A 483 16.15 -42.87 45.60
C PRO A 483 15.03 -43.90 45.48
N PHE A 484 15.01 -44.59 44.34
CA PHE A 484 14.04 -45.65 44.11
C PHE A 484 14.17 -46.74 45.16
N PRO A 485 13.08 -47.41 45.50
CA PRO A 485 13.19 -48.56 46.40
C PRO A 485 13.68 -49.81 45.69
N GLN A 486 13.67 -50.94 46.37
CA GLN A 486 13.95 -52.24 45.78
C GLN A 486 12.71 -53.10 45.86
N LEU A 487 12.55 -54.01 44.90
CA LEU A 487 11.46 -54.97 44.91
C LEU A 487 12.05 -56.36 44.70
N LYS A 488 11.86 -57.23 45.68
CA LYS A 488 12.41 -58.58 45.63
C LYS A 488 11.30 -59.60 45.79
N PHE A 489 11.51 -60.78 45.23
CA PHE A 489 10.57 -61.89 45.36
C PHE A 489 11.05 -62.83 46.46
N LYS A 490 10.13 -63.21 47.35
CA LYS A 490 10.50 -64.04 48.49
C LYS A 490 10.73 -65.49 48.10
N ARG A 491 10.08 -65.97 47.05
CA ARG A 491 10.22 -67.35 46.63
C ARG A 491 10.26 -67.42 45.10
N LYS A 492 10.83 -68.51 44.59
CA LYS A 492 10.85 -68.76 43.17
C LYS A 492 9.64 -69.62 42.80
N VAL A 493 8.76 -69.07 41.97
CA VAL A 493 7.54 -69.77 41.59
C VAL A 493 7.84 -70.76 40.46
N GLU A 494 6.90 -71.70 40.26
CA GLU A 494 7.01 -72.66 39.17
C GLU A 494 6.31 -72.17 37.91
N ASN A 495 5.17 -71.51 38.07
CA ASN A 495 4.45 -70.90 36.96
C ASN A 495 4.22 -69.43 37.26
N ILE A 496 4.17 -68.61 36.21
CA ILE A 496 4.04 -67.16 36.37
C ILE A 496 2.72 -66.80 37.04
N GLU A 497 1.71 -67.67 36.96
CA GLU A 497 0.42 -67.39 37.57
C GLU A 497 0.44 -67.58 39.08
N ASP A 498 1.48 -68.18 39.64
CA ASP A 498 1.53 -68.53 41.05
C ASP A 498 1.99 -67.39 41.95
N PHE A 499 2.30 -66.22 41.40
CA PHE A 499 2.74 -65.11 42.24
C PHE A 499 1.60 -64.60 43.10
N LYS A 500 1.93 -64.28 44.36
CA LYS A 500 0.98 -63.73 45.31
C LYS A 500 1.55 -62.47 45.94
N TRP A 501 0.67 -61.65 46.51
CA TRP A 501 1.11 -60.39 47.10
C TRP A 501 2.06 -60.61 48.27
N GLU A 502 1.91 -61.72 48.98
CA GLU A 502 2.79 -62.03 50.09
C GLU A 502 4.21 -62.37 49.64
N ASP A 503 4.41 -62.64 48.34
CA ASP A 503 5.71 -62.99 47.80
C ASP A 503 6.58 -61.78 47.48
N ILE A 504 6.06 -60.56 47.61
CA ILE A 504 6.76 -59.35 47.18
C ILE A 504 7.22 -58.59 48.41
N GLU A 505 8.52 -58.27 48.44
CA GLU A 505 9.12 -57.47 49.50
C GLU A 505 9.58 -56.15 48.91
N LEU A 506 9.02 -55.05 49.40
CA LEU A 506 9.34 -53.69 48.94
C LEU A 506 10.26 -53.05 49.97
N ILE A 507 11.56 -52.97 49.64
CA ILE A 507 12.58 -52.57 50.58
C ILE A 507 12.95 -51.10 50.36
N GLY A 508 12.91 -50.31 51.43
CA GLY A 508 13.40 -48.95 51.38
C GLY A 508 12.60 -48.01 50.50
N TYR A 509 11.30 -47.97 50.70
CA TYR A 509 10.42 -47.07 49.95
C TYR A 509 9.96 -45.96 50.90
N TYR A 510 10.54 -44.77 50.72
CA TYR A 510 10.24 -43.62 51.58
C TYR A 510 9.72 -42.48 50.70
N PRO A 511 8.48 -42.57 50.24
CA PRO A 511 7.95 -41.55 49.32
C PRO A 511 7.36 -40.36 50.06
N TYR A 512 7.12 -39.29 49.30
CA TYR A 512 6.35 -38.17 49.78
C TYR A 512 4.88 -38.58 49.94
N PRO A 513 4.11 -37.85 50.75
CA PRO A 513 2.72 -38.26 51.01
C PRO A 513 1.91 -38.39 49.73
N THR A 514 0.87 -39.22 49.81
CA THR A 514 0.03 -39.48 48.65
C THR A 514 -0.69 -38.20 48.22
N ILE A 515 -1.06 -38.16 46.95
CA ILE A 515 -1.73 -37.02 46.34
C ILE A 515 -3.01 -37.52 45.68
N LYS A 516 -4.15 -37.18 46.26
CA LYS A 516 -5.43 -37.67 45.75
C LYS A 516 -5.76 -37.04 44.41
N MET A 517 -6.11 -37.88 43.44
CA MET A 517 -6.51 -37.41 42.11
C MET A 517 -7.66 -38.26 41.61
N ASP A 518 -8.71 -37.60 41.13
CA ASP A 518 -9.92 -38.30 40.68
C ASP A 518 -9.77 -38.77 39.24
N MET A 519 -10.27 -39.99 38.99
CA MET A 519 -10.21 -40.56 37.65
C MET A 519 -11.38 -40.07 36.81
N ALA A 520 -11.11 -39.82 35.53
CA ALA A 520 -12.13 -39.42 34.58
C ALA A 520 -12.79 -40.67 33.99
N VAL A 521 -14.10 -40.79 34.17
CA VAL A 521 -14.84 -41.95 33.70
C VAL A 521 -15.32 -41.74 32.26
N GLU B 3 39.53 -4.75 18.52
CA GLU B 3 39.43 -6.18 18.24
C GLU B 3 38.04 -6.70 18.58
N LYS B 4 37.18 -6.76 17.56
CA LYS B 4 35.82 -7.26 17.70
C LYS B 4 35.59 -8.38 16.69
N ASN B 5 34.36 -8.89 16.67
CA ASN B 5 34.04 -10.09 15.92
C ASN B 5 33.65 -9.76 14.48
N VAL B 6 34.06 -10.65 13.56
CA VAL B 6 33.77 -10.51 12.14
C VAL B 6 33.12 -11.79 11.64
N SER B 7 31.97 -11.65 11.01
CA SER B 7 31.17 -12.80 10.56
C SER B 7 30.75 -12.60 9.12
N ILE B 8 31.05 -13.59 8.28
CA ILE B 8 30.46 -13.65 6.95
C ILE B 8 29.00 -14.06 7.08
N VAL B 9 28.13 -13.43 6.30
CA VAL B 9 26.74 -13.83 6.18
C VAL B 9 26.47 -14.08 4.71
N VAL B 10 26.11 -15.31 4.35
CA VAL B 10 25.96 -15.66 2.94
C VAL B 10 24.86 -16.70 2.79
N ALA B 11 24.18 -16.66 1.65
CA ALA B 11 23.21 -17.68 1.25
C ALA B 11 23.66 -18.27 -0.08
N ALA B 12 24.00 -19.55 -0.07
CA ALA B 12 24.55 -20.21 -1.24
C ALA B 12 23.81 -21.52 -1.51
N SER B 13 23.89 -21.98 -2.75
CA SER B 13 23.27 -23.25 -3.10
C SER B 13 24.04 -24.40 -2.48
N VAL B 14 23.38 -25.55 -2.39
CA VAL B 14 23.87 -26.66 -1.56
C VAL B 14 25.13 -27.29 -2.14
N LEU B 15 25.19 -27.46 -3.46
CA LEU B 15 26.28 -28.17 -4.11
C LEU B 15 27.33 -27.22 -4.69
N SER B 16 26.92 -26.36 -5.62
CA SER B 16 27.84 -25.49 -6.34
C SER B 16 28.12 -24.18 -5.63
N SER B 17 27.40 -23.87 -4.54
CA SER B 17 27.63 -22.67 -3.75
C SER B 17 27.43 -21.40 -4.57
N GLY B 18 26.42 -21.40 -5.43
CA GLY B 18 26.09 -20.19 -6.18
C GLY B 18 25.27 -19.23 -5.33
N ILE B 19 25.54 -17.94 -5.50
CA ILE B 19 24.91 -16.93 -4.66
C ILE B 19 24.26 -15.83 -5.49
N GLY B 20 24.51 -15.80 -6.79
CA GLY B 20 23.97 -14.72 -7.61
C GLY B 20 23.90 -15.08 -9.07
N ILE B 21 23.11 -14.27 -9.80
CA ILE B 21 22.97 -14.41 -11.25
C ILE B 21 22.46 -13.09 -11.84
N ASN B 22 23.23 -12.52 -12.77
CA ASN B 22 22.85 -11.29 -13.47
C ASN B 22 22.53 -10.16 -12.49
N GLY B 23 23.40 -10.00 -11.50
CA GLY B 23 23.26 -8.91 -10.56
C GLY B 23 22.15 -9.04 -9.54
N GLN B 24 21.55 -10.23 -9.42
CA GLN B 24 20.50 -10.46 -8.44
C GLN B 24 20.64 -11.88 -7.90
N LEU B 25 19.77 -12.23 -6.94
CA LEU B 25 19.79 -13.55 -6.34
C LEU B 25 19.04 -14.56 -7.21
N PRO B 26 19.49 -15.81 -7.22
CA PRO B 26 18.79 -16.87 -7.96
C PRO B 26 17.56 -17.43 -7.26
N TRP B 27 17.05 -16.76 -6.23
CA TRP B 27 15.86 -17.23 -5.52
C TRP B 27 15.22 -16.04 -4.83
N SER B 28 14.04 -16.27 -4.24
CA SER B 28 13.32 -15.23 -3.51
C SER B 28 12.75 -15.89 -2.24
N ILE B 29 13.57 -15.94 -1.20
CA ILE B 29 13.19 -16.53 0.09
C ILE B 29 13.11 -15.41 1.11
N SER B 30 11.88 -15.08 1.54
CA SER B 30 11.68 -13.96 2.45
C SER B 30 12.28 -14.23 3.83
N GLU B 31 12.13 -15.45 4.33
CA GLU B 31 12.66 -15.76 5.65
C GLU B 31 14.17 -15.62 5.70
N ASP B 32 14.85 -15.84 4.56
CA ASP B 32 16.30 -15.66 4.55
C ASP B 32 16.69 -14.20 4.69
N LEU B 33 15.94 -13.30 4.04
CA LEU B 33 16.19 -11.88 4.25
C LEU B 33 15.89 -11.47 5.69
N LYS B 34 14.82 -12.02 6.27
CA LYS B 34 14.55 -11.73 7.67
C LYS B 34 15.67 -12.23 8.57
N PHE B 35 16.25 -13.39 8.24
CA PHE B 35 17.39 -13.91 8.99
C PHE B 35 18.58 -12.98 8.87
N PHE B 36 18.87 -12.52 7.65
CA PHE B 36 19.94 -11.55 7.45
C PHE B 36 19.72 -10.32 8.31
N SER B 37 18.49 -9.79 8.31
CA SER B 37 18.20 -8.59 9.09
C SER B 37 18.41 -8.84 10.58
N LYS B 38 17.87 -9.95 11.10
CA LYS B 38 17.96 -10.19 12.54
C LYS B 38 19.37 -10.52 12.98
N ILE B 39 20.18 -11.11 12.09
CA ILE B 39 21.53 -11.47 12.48
C ILE B 39 22.47 -10.28 12.34
N THR B 40 22.17 -9.34 11.44
CA THR B 40 23.02 -8.16 11.31
C THR B 40 22.62 -7.04 12.26
N ASN B 41 21.40 -7.07 12.78
CA ASN B 41 20.97 -6.15 13.83
C ASN B 41 21.28 -6.64 15.23
N ASN B 42 21.64 -7.92 15.38
CA ASN B 42 21.88 -8.52 16.69
C ASN B 42 23.10 -7.86 17.31
N LYS B 43 22.86 -6.97 18.28
CA LYS B 43 23.91 -6.25 18.98
C LYS B 43 23.65 -6.31 20.47
N CYS B 44 24.68 -5.96 21.25
CA CYS B 44 24.59 -5.97 22.71
C CYS B 44 24.53 -4.59 23.33
N ASP B 45 25.01 -3.56 22.64
CA ASP B 45 25.01 -2.19 23.13
C ASP B 45 24.01 -1.37 22.32
N SER B 46 23.07 -0.72 23.02
CA SER B 46 22.07 0.08 22.33
C SER B 46 22.65 1.38 21.76
N ASN B 47 23.84 1.79 22.21
CA ASN B 47 24.50 2.99 21.73
C ASN B 47 25.58 2.68 20.70
N LYS B 48 25.53 1.52 20.08
CA LYS B 48 26.48 1.12 19.05
C LYS B 48 25.73 0.56 17.86
N LYS B 49 26.35 0.64 16.68
CA LYS B 49 25.80 0.11 15.45
C LYS B 49 26.69 -1.01 14.92
N ASN B 50 26.13 -1.80 14.01
CA ASN B 50 26.88 -2.86 13.36
C ASN B 50 27.23 -2.44 11.93
N ALA B 51 28.42 -2.85 11.50
CA ALA B 51 28.95 -2.49 10.18
C ALA B 51 28.75 -3.66 9.23
N LEU B 52 28.20 -3.38 8.05
CA LEU B 52 27.92 -4.38 7.03
C LEU B 52 28.79 -4.06 5.82
N ILE B 53 29.84 -4.85 5.61
CA ILE B 53 30.76 -4.63 4.50
C ILE B 53 30.22 -5.34 3.26
N MET B 54 30.23 -4.63 2.14
CA MET B 54 29.75 -5.21 0.89
C MET B 54 30.46 -4.55 -0.29
N GLY B 55 30.53 -5.29 -1.40
CA GLY B 55 31.12 -4.77 -2.62
C GLY B 55 30.20 -3.80 -3.35
N ARG B 56 30.74 -3.20 -4.41
CA ARG B 56 29.97 -2.16 -5.11
C ARG B 56 28.79 -2.76 -5.86
N LYS B 57 28.98 -3.90 -6.52
CA LYS B 57 27.88 -4.52 -7.25
C LYS B 57 26.79 -4.98 -6.30
N THR B 58 27.18 -5.49 -5.12
CA THR B 58 26.19 -5.82 -4.10
C THR B 58 25.47 -4.56 -3.61
N TRP B 59 26.21 -3.47 -3.44
CA TRP B 59 25.61 -2.20 -3.07
C TRP B 59 24.61 -1.74 -4.13
N ASP B 60 24.87 -2.03 -5.40
CA ASP B 60 23.89 -1.75 -6.45
C ASP B 60 22.69 -2.70 -6.34
N SER B 61 22.94 -3.95 -5.95
CA SER B 61 21.87 -4.95 -5.90
C SER B 61 20.78 -4.57 -4.92
N ILE B 62 21.12 -3.84 -3.86
CA ILE B 62 20.15 -3.44 -2.86
C ILE B 62 19.62 -2.03 -3.11
N GLY B 63 19.78 -1.52 -4.34
CA GLY B 63 19.26 -0.22 -4.71
C GLY B 63 20.01 0.97 -4.19
N ARG B 64 21.21 0.77 -3.65
CA ARG B 64 22.04 1.86 -3.10
C ARG B 64 21.27 2.64 -2.04
N ARG B 65 20.54 1.93 -1.18
CA ARG B 65 19.81 2.55 -0.09
C ARG B 65 20.25 1.95 1.24
N PRO B 66 20.34 2.76 2.28
CA PRO B 66 20.88 2.28 3.55
C PRO B 66 19.96 1.26 4.21
N LEU B 67 20.57 0.42 5.04
CA LEU B 67 19.84 -0.55 5.86
C LEU B 67 19.62 0.03 7.25
N LYS B 68 18.40 -0.09 7.74
CA LYS B 68 18.01 0.55 9.00
C LYS B 68 18.89 0.06 10.15
N ASN B 69 19.28 0.99 11.02
CA ASN B 69 20.01 0.77 12.27
C ASN B 69 21.44 0.27 12.06
N ARG B 70 21.90 0.16 10.81
CA ARG B 70 23.22 -0.38 10.51
C ARG B 70 23.99 0.58 9.62
N ILE B 71 25.31 0.41 9.61
CA ILE B 71 26.20 1.25 8.81
C ILE B 71 26.76 0.39 7.68
N ILE B 72 26.49 0.78 6.44
CA ILE B 72 26.94 0.03 5.27
C ILE B 72 28.30 0.55 4.84
N VAL B 73 29.22 -0.36 4.55
CA VAL B 73 30.59 -0.07 4.17
C VAL B 73 30.79 -0.64 2.77
N VAL B 74 30.84 0.24 1.77
CA VAL B 74 30.97 -0.18 0.39
C VAL B 74 32.45 -0.18 0.02
N ILE B 75 32.94 -1.31 -0.45
CA ILE B 75 34.30 -1.42 -0.99
C ILE B 75 34.22 -1.09 -2.48
N SER B 76 34.91 -0.05 -2.90
CA SER B 76 34.88 0.39 -4.29
C SER B 76 36.07 1.29 -4.55
N SER B 77 36.59 1.21 -5.78
CA SER B 77 37.67 2.08 -6.20
C SER B 77 37.18 3.32 -6.94
N SER B 78 35.90 3.36 -7.32
CA SER B 78 35.37 4.48 -8.09
C SER B 78 34.32 5.30 -7.36
N LEU B 79 33.63 4.72 -6.38
CA LEU B 79 32.57 5.46 -5.70
C LEU B 79 33.17 6.62 -4.92
N PRO B 80 32.55 7.80 -4.98
CA PRO B 80 33.07 8.94 -4.22
C PRO B 80 32.90 8.72 -2.73
N GLN B 81 33.99 8.93 -1.98
CA GLN B 81 33.97 8.80 -0.52
C GLN B 81 33.11 9.93 0.05
N ASP B 82 31.80 9.74 -0.06
CA ASP B 82 30.84 10.74 0.36
C ASP B 82 30.75 10.83 1.88
N GLU B 83 30.48 12.04 2.36
CA GLU B 83 30.25 12.29 3.77
C GLU B 83 28.84 12.79 4.05
N ALA B 84 27.99 12.89 3.03
CA ALA B 84 26.63 13.35 3.23
C ALA B 84 25.79 12.30 3.96
N ASP B 85 25.93 11.03 3.55
CA ASP B 85 25.18 9.95 4.17
C ASP B 85 25.98 9.39 5.34
N PRO B 86 25.52 9.53 6.59
CA PRO B 86 26.26 8.97 7.73
C PRO B 86 26.05 7.48 7.92
N ASN B 87 25.18 6.85 7.13
CA ASN B 87 24.91 5.43 7.22
C ASN B 87 25.61 4.63 6.12
N VAL B 88 26.28 5.29 5.19
CA VAL B 88 27.01 4.65 4.10
C VAL B 88 28.38 5.29 4.00
N VAL B 89 29.43 4.47 4.05
CA VAL B 89 30.79 4.95 3.95
C VAL B 89 31.54 4.08 2.94
N VAL B 90 32.44 4.68 2.19
CA VAL B 90 33.15 4.01 1.10
C VAL B 90 34.62 3.85 1.47
N PHE B 91 35.17 2.68 1.20
CA PHE B 91 36.59 2.40 1.38
C PHE B 91 37.18 1.84 0.09
N ARG B 92 38.45 2.16 -0.14
CA ARG B 92 39.11 1.77 -1.39
C ARG B 92 39.53 0.31 -1.43
N ASN B 93 39.75 -0.30 -0.26
CA ASN B 93 40.12 -1.70 -0.19
C ASN B 93 39.52 -2.31 1.06
N LEU B 94 39.49 -3.64 1.09
CA LEU B 94 38.89 -4.34 2.22
C LEU B 94 39.72 -4.19 3.49
N GLU B 95 41.05 -4.09 3.36
CA GLU B 95 41.92 -4.03 4.53
C GLU B 95 41.72 -2.71 5.30
N ASP B 96 41.67 -1.60 4.57
CA ASP B 96 41.48 -0.30 5.23
C ASP B 96 40.14 -0.23 5.94
N SER B 97 39.12 -0.94 5.42
CA SER B 97 37.80 -0.91 6.03
C SER B 97 37.75 -1.62 7.37
N ILE B 98 38.77 -2.41 7.71
CA ILE B 98 38.81 -3.12 8.98
C ILE B 98 39.30 -2.18 10.07
N GLU B 99 39.43 -0.89 9.74
CA GLU B 99 39.70 0.13 10.75
C GLU B 99 38.67 0.15 11.87
N ASN B 100 37.47 -0.43 11.63
CA ASN B 100 36.48 -0.54 12.70
C ASN B 100 37.03 -1.28 13.91
N LEU B 101 38.03 -2.15 13.71
CA LEU B 101 38.65 -2.83 14.84
C LEU B 101 39.48 -1.88 15.69
N MET B 102 40.43 -1.19 15.05
CA MET B 102 41.39 -0.36 15.78
C MET B 102 40.68 0.80 16.48
N ASN B 103 40.09 1.70 15.71
CA ASN B 103 39.37 2.84 16.26
C ASN B 103 37.87 2.59 16.09
N ASP B 104 37.08 3.67 16.19
CA ASP B 104 35.63 3.64 16.04
C ASP B 104 35.02 2.61 16.99
N ASP B 105 34.98 3.00 18.26
CA ASP B 105 34.41 2.16 19.31
C ASP B 105 32.89 2.14 19.27
N SER B 106 32.27 2.88 18.35
CA SER B 106 30.83 2.88 18.20
C SER B 106 30.33 1.71 17.35
N ILE B 107 31.24 0.91 16.79
CA ILE B 107 30.88 -0.28 16.03
C ILE B 107 31.14 -1.50 16.90
N GLU B 108 30.12 -2.34 17.06
CA GLU B 108 30.23 -3.51 17.93
C GLU B 108 30.69 -4.75 17.17
N ASN B 109 29.95 -5.14 16.14
CA ASN B 109 30.26 -6.31 15.34
C ASN B 109 30.43 -5.92 13.88
N ILE B 110 31.13 -6.77 13.12
CA ILE B 110 31.39 -6.53 11.71
C ILE B 110 30.86 -7.73 10.94
N PHE B 111 30.12 -7.44 9.86
CA PHE B 111 29.51 -8.46 9.04
C PHE B 111 29.96 -8.30 7.59
N VAL B 112 30.67 -9.30 7.08
CA VAL B 112 31.05 -9.36 5.68
C VAL B 112 29.92 -10.06 4.94
N CYS B 113 29.24 -9.31 4.07
CA CYS B 113 28.11 -9.88 3.34
C CYS B 113 28.11 -9.47 1.87
N GLY B 114 29.25 -9.02 1.34
CA GLY B 114 29.34 -8.57 -0.04
C GLY B 114 29.30 -9.69 -1.04
N GLY B 115 29.86 -9.47 -2.23
CA GLY B 115 29.84 -10.45 -3.29
C GLY B 115 30.97 -11.45 -3.18
N GLU B 116 31.13 -12.24 -4.25
CA GLU B 116 32.20 -13.23 -4.30
C GLU B 116 33.56 -12.59 -4.13
N SER B 117 33.78 -11.43 -4.76
CA SER B 117 35.07 -10.77 -4.66
C SER B 117 35.41 -10.42 -3.22
N ILE B 118 34.42 -9.99 -2.43
CA ILE B 118 34.67 -9.64 -1.04
C ILE B 118 34.88 -10.89 -0.20
N TYR B 119 34.03 -11.90 -0.38
CA TYR B 119 34.17 -13.13 0.40
C TYR B 119 35.53 -13.78 0.19
N ARG B 120 35.96 -13.87 -1.07
CA ARG B 120 37.14 -14.67 -1.39
C ARG B 120 38.40 -14.15 -0.71
N ASP B 121 38.60 -12.83 -0.73
CA ASP B 121 39.75 -12.26 -0.06
C ASP B 121 39.45 -11.74 1.34
N ALA B 122 38.22 -11.94 1.84
CA ALA B 122 38.03 -11.84 3.28
C ALA B 122 38.43 -13.15 3.96
N LEU B 123 38.27 -14.26 3.24
CA LEU B 123 38.78 -15.54 3.73
C LEU B 123 40.28 -15.68 3.45
N LYS B 124 40.74 -15.20 2.29
CA LYS B 124 42.16 -15.28 1.97
C LYS B 124 42.99 -14.39 2.89
N ASP B 125 42.47 -13.21 3.25
CA ASP B 125 43.18 -12.31 4.16
C ASP B 125 42.99 -12.69 5.62
N ASN B 126 42.23 -13.74 5.92
CA ASN B 126 42.09 -14.27 7.27
C ASN B 126 41.48 -13.25 8.23
N PHE B 127 40.44 -12.55 7.77
CA PHE B 127 39.72 -11.60 8.60
C PHE B 127 38.45 -12.17 9.24
N VAL B 128 38.03 -13.35 8.83
CA VAL B 128 36.70 -13.86 9.14
C VAL B 128 36.77 -14.78 10.36
N ASP B 129 35.96 -14.48 11.37
CA ASP B 129 35.85 -15.33 12.56
C ASP B 129 34.71 -16.32 12.46
N ARG B 130 33.55 -15.90 11.99
CA ARG B 130 32.38 -16.77 11.93
C ARG B 130 31.78 -16.77 10.53
N ILE B 131 30.95 -17.77 10.24
CA ILE B 131 30.25 -17.87 8.96
C ILE B 131 28.81 -18.27 9.24
N TYR B 132 27.85 -17.49 8.75
CA TYR B 132 26.43 -17.81 8.80
C TYR B 132 26.01 -18.16 7.37
N LEU B 133 25.89 -19.47 7.11
CA LEU B 133 25.60 -19.98 5.78
C LEU B 133 24.15 -20.44 5.70
N THR B 134 23.44 -19.94 4.68
CA THR B 134 22.09 -20.40 4.38
C THR B 134 22.20 -21.29 3.14
N ARG B 135 22.10 -22.60 3.35
CA ARG B 135 22.20 -23.55 2.25
C ARG B 135 20.84 -23.67 1.58
N VAL B 136 20.80 -23.42 0.26
CA VAL B 136 19.57 -23.45 -0.52
C VAL B 136 19.62 -24.63 -1.48
N ALA B 137 18.52 -25.37 -1.57
CA ALA B 137 18.46 -26.57 -2.41
C ALA B 137 17.96 -26.21 -3.81
N LEU B 138 18.84 -25.54 -4.55
CA LEU B 138 18.58 -25.17 -5.94
C LEU B 138 19.89 -25.34 -6.70
N GLU B 139 19.93 -26.29 -7.63
CA GLU B 139 21.20 -26.59 -8.31
C GLU B 139 21.10 -26.74 -9.82
N ASP B 140 19.93 -27.00 -10.39
CA ASP B 140 19.81 -27.11 -11.84
C ASP B 140 19.41 -25.78 -12.46
N ILE B 141 19.98 -24.69 -11.97
CA ILE B 141 19.75 -23.36 -12.53
C ILE B 141 21.10 -22.74 -12.85
N GLU B 142 21.10 -21.47 -13.24
CA GLU B 142 22.31 -20.79 -13.70
C GLU B 142 22.83 -19.85 -12.61
N PHE B 143 24.14 -19.91 -12.36
CA PHE B 143 24.82 -19.00 -11.46
C PHE B 143 25.97 -18.33 -12.20
N ASP B 144 26.28 -17.10 -11.80
CA ASP B 144 27.48 -16.42 -12.27
C ASP B 144 28.34 -15.90 -11.14
N THR B 145 27.92 -16.07 -9.89
CA THR B 145 28.66 -15.62 -8.72
C THR B 145 28.57 -16.70 -7.66
N TYR B 146 29.72 -17.11 -7.14
CA TYR B 146 29.80 -18.24 -6.22
C TYR B 146 30.43 -17.84 -4.90
N PHE B 147 30.06 -18.56 -3.84
CA PHE B 147 30.71 -18.41 -2.54
C PHE B 147 31.92 -19.34 -2.47
N PRO B 148 33.10 -18.82 -2.11
CA PRO B 148 34.31 -19.67 -2.14
C PRO B 148 34.22 -20.82 -1.16
N GLU B 149 35.00 -21.87 -1.45
CA GLU B 149 35.03 -23.03 -0.58
C GLU B 149 35.51 -22.64 0.81
N ILE B 150 34.81 -23.12 1.83
CA ILE B 150 35.15 -22.79 3.21
C ILE B 150 36.48 -23.44 3.56
N PRO B 151 37.47 -22.66 4.01
CA PRO B 151 38.78 -23.23 4.34
C PRO B 151 38.69 -24.20 5.52
N GLU B 152 39.67 -25.10 5.58
CA GLU B 152 39.70 -26.15 6.60
C GLU B 152 39.84 -25.60 8.01
N THR B 153 40.20 -24.32 8.17
CA THR B 153 40.31 -23.73 9.50
C THR B 153 38.94 -23.50 10.14
N PHE B 154 37.85 -23.62 9.39
CA PHE B 154 36.50 -23.49 9.91
C PHE B 154 35.89 -24.87 10.14
N LEU B 155 35.03 -24.94 11.16
CA LEU B 155 34.29 -26.15 11.46
C LEU B 155 32.84 -25.81 11.74
N PRO B 156 31.90 -26.64 11.29
CA PRO B 156 30.48 -26.40 11.57
C PRO B 156 30.18 -26.68 13.04
N VAL B 157 29.43 -25.76 13.66
CA VAL B 157 28.99 -25.92 15.04
C VAL B 157 27.48 -25.96 15.17
N TYR B 158 26.74 -25.76 14.08
CA TYR B 158 25.28 -25.72 14.13
C TYR B 158 24.72 -25.97 12.74
N MET B 159 23.65 -26.76 12.68
CA MET B 159 22.94 -27.03 11.44
C MET B 159 21.45 -27.14 11.77
N SER B 160 20.66 -26.17 11.33
CA SER B 160 19.26 -26.11 11.70
C SER B 160 18.46 -27.20 10.98
N GLN B 161 17.19 -27.29 11.35
CA GLN B 161 16.26 -28.13 10.62
C GLN B 161 16.02 -27.54 9.23
N THR B 162 15.50 -28.38 8.34
CA THR B 162 15.20 -27.92 7.00
C THR B 162 13.90 -27.13 6.99
N PHE B 163 13.94 -25.94 6.42
CA PHE B 163 12.78 -25.08 6.25
C PHE B 163 12.39 -25.05 4.78
N CYS B 164 11.14 -24.64 4.52
CA CYS B 164 10.57 -24.67 3.18
C CYS B 164 9.94 -23.33 2.84
N THR B 165 10.25 -22.81 1.65
CA THR B 165 9.62 -21.60 1.12
C THR B 165 9.42 -21.78 -0.37
N LYS B 166 8.15 -21.72 -0.80
CA LYS B 166 7.78 -21.90 -2.21
C LYS B 166 8.36 -23.20 -2.78
N ASN B 167 8.20 -24.27 -2.00
CA ASN B 167 8.71 -25.61 -2.32
C ASN B 167 10.24 -25.66 -2.42
N ILE B 168 10.93 -24.69 -1.83
CA ILE B 168 12.39 -24.67 -1.82
C ILE B 168 12.86 -24.98 -0.41
N SER B 169 13.72 -26.01 -0.29
CA SER B 169 14.28 -26.41 0.99
C SER B 169 15.55 -25.62 1.27
N TYR B 170 15.75 -25.27 2.54
CA TYR B 170 16.98 -24.58 2.92
C TYR B 170 17.33 -24.83 4.38
N ASP B 171 18.61 -24.65 4.69
CA ASP B 171 19.19 -24.87 6.00
C ASP B 171 19.80 -23.58 6.53
N PHE B 172 20.20 -23.62 7.80
CA PHE B 172 20.95 -22.56 8.44
C PHE B 172 22.10 -23.19 9.22
N MET B 173 23.33 -22.78 8.90
CA MET B 173 24.51 -23.34 9.52
C MET B 173 25.42 -22.23 10.03
N ILE B 174 26.18 -22.57 11.08
CA ILE B 174 27.19 -21.69 11.63
C ILE B 174 28.53 -22.40 11.56
N PHE B 175 29.54 -21.70 11.07
CA PHE B 175 30.92 -22.19 11.04
C PHE B 175 31.76 -21.30 11.93
N GLU B 176 32.60 -21.92 12.75
CA GLU B 176 33.49 -21.20 13.65
C GLU B 176 34.93 -21.54 13.30
N LYS B 177 35.80 -20.54 13.40
CA LYS B 177 37.21 -20.72 13.07
C LYS B 177 37.95 -21.27 14.28
N GLN B 178 38.63 -22.40 14.09
CA GLN B 178 39.31 -23.08 15.19
C GLN B 178 40.74 -22.56 15.34
N GLU B 179 41.23 -22.59 16.57
CA GLU B 179 42.58 -22.15 16.87
C GLU B 179 43.46 -23.32 17.31
N LEU B 193 29.74 -27.81 34.66
CA LEU B 193 31.04 -27.75 35.31
C LEU B 193 31.74 -29.11 35.29
N LYS B 194 33.07 -29.08 35.36
CA LYS B 194 33.85 -30.32 35.32
C LYS B 194 33.58 -31.23 36.51
N SER B 195 33.06 -30.69 37.62
CA SER B 195 32.82 -31.51 38.81
C SER B 195 31.78 -32.59 38.53
N ILE B 196 30.70 -32.24 37.83
CA ILE B 196 29.67 -33.22 37.52
C ILE B 196 30.22 -34.31 36.61
N ASP B 197 30.99 -33.91 35.60
CA ASP B 197 31.57 -34.89 34.69
C ASP B 197 32.53 -35.82 35.43
N ASP B 198 33.34 -35.27 36.34
CA ASP B 198 34.26 -36.09 37.11
C ASP B 198 33.53 -37.05 38.04
N THR B 199 32.47 -36.58 38.69
CA THR B 199 31.69 -37.45 39.57
C THR B 199 31.05 -38.59 38.78
N VAL B 200 30.51 -38.28 37.59
CA VAL B 200 29.90 -39.32 36.77
C VAL B 200 30.96 -40.31 36.29
N ASP B 201 32.13 -39.82 35.92
CA ASP B 201 33.21 -40.73 35.49
C ASP B 201 33.64 -41.65 36.62
N LEU B 202 33.76 -41.10 37.84
CA LEU B 202 34.14 -41.93 38.98
C LEU B 202 33.08 -42.97 39.28
N LEU B 203 31.80 -42.58 39.23
CA LEU B 203 30.74 -43.56 39.46
C LEU B 203 30.76 -44.64 38.40
N GLY B 204 31.08 -44.28 37.15
CA GLY B 204 31.21 -45.28 36.11
C GLY B 204 32.41 -46.17 36.28
N GLU B 205 33.46 -45.67 36.94
CA GLU B 205 34.59 -46.53 37.26
C GLU B 205 34.24 -47.51 38.37
N ILE B 206 33.46 -47.07 39.36
CA ILE B 206 33.04 -47.94 40.46
C ILE B 206 32.09 -49.01 39.95
N PHE B 207 30.88 -48.61 39.57
CA PHE B 207 29.91 -49.55 39.02
C PHE B 207 30.24 -49.84 37.56
N GLY B 208 30.14 -51.10 37.18
CA GLY B 208 30.49 -51.45 35.82
C GLY B 208 29.37 -51.14 34.85
N ILE B 209 28.70 -52.18 34.37
CA ILE B 209 27.52 -52.00 33.54
C ILE B 209 26.32 -51.92 34.48
N ARG B 210 26.59 -51.82 35.78
CA ARG B 210 25.54 -51.59 36.74
C ARG B 210 24.97 -50.18 36.61
N LYS B 211 25.83 -49.22 36.31
CA LYS B 211 25.39 -47.85 36.04
C LYS B 211 24.86 -47.79 34.61
N MET B 212 23.58 -47.46 34.46
CA MET B 212 22.93 -47.53 33.15
C MET B 212 23.62 -46.65 32.12
N GLY B 213 24.23 -45.54 32.56
CA GLY B 213 24.95 -44.69 31.64
C GLY B 213 26.05 -45.42 30.88
N ASN B 214 26.63 -46.45 31.49
CA ASN B 214 27.68 -47.22 30.82
C ASN B 214 27.12 -48.15 29.75
N ARG B 215 25.84 -48.48 29.79
CA ARG B 215 25.19 -49.22 28.72
C ARG B 215 24.69 -48.32 27.60
N HIS B 216 24.76 -47.00 27.80
CA HIS B 216 24.38 -46.01 26.79
C HIS B 216 25.50 -44.99 26.67
N LYS B 217 26.70 -45.47 26.34
CA LYS B 217 27.86 -44.59 26.23
C LYS B 217 27.73 -43.65 25.04
N PHE B 218 28.19 -42.42 25.23
CA PHE B 218 28.19 -41.47 24.11
C PHE B 218 29.16 -41.94 23.04
N PRO B 219 28.78 -41.87 21.77
CA PRO B 219 29.65 -42.40 20.71
C PRO B 219 30.97 -41.66 20.63
N LYS B 220 32.04 -42.42 20.37
CA LYS B 220 33.35 -41.84 20.16
C LYS B 220 33.33 -40.94 18.94
N GLU B 221 34.28 -39.99 18.90
CA GLU B 221 34.29 -39.01 17.82
C GLU B 221 34.48 -39.67 16.46
N GLU B 222 35.26 -40.76 16.41
CA GLU B 222 35.57 -41.40 15.14
C GLU B 222 34.35 -42.01 14.45
N ILE B 223 33.23 -42.16 15.16
CA ILE B 223 32.01 -42.72 14.59
C ILE B 223 30.84 -41.76 14.74
N TYR B 224 31.12 -40.49 15.03
CA TYR B 224 30.09 -39.47 15.23
C TYR B 224 30.06 -38.58 14.00
N ASN B 225 28.91 -38.52 13.34
CA ASN B 225 28.78 -37.76 12.10
C ASN B 225 28.93 -36.26 12.37
N THR B 226 29.82 -35.61 11.62
CA THR B 226 30.15 -34.19 11.76
C THR B 226 30.41 -33.88 13.23
N PRO B 227 31.53 -34.34 13.79
CA PRO B 227 31.72 -34.27 15.25
C PRO B 227 31.79 -32.85 15.78
N SER B 228 32.17 -31.87 14.95
CA SER B 228 32.30 -30.50 15.44
C SER B 228 30.96 -29.90 15.83
N ILE B 229 29.86 -30.40 15.29
CA ILE B 229 28.52 -29.95 15.66
C ILE B 229 28.14 -30.69 16.94
N ARG B 230 28.37 -30.05 18.09
CA ARG B 230 28.09 -30.65 19.38
C ARG B 230 26.72 -30.24 19.92
N PHE B 231 26.49 -28.94 20.05
CA PHE B 231 25.27 -28.41 20.66
C PHE B 231 24.24 -27.96 19.63
N GLY B 232 24.50 -28.14 18.35
CA GLY B 232 23.58 -27.67 17.33
C GLY B 232 23.16 -28.73 16.34
N ARG B 233 22.88 -29.93 16.82
CA ARG B 233 22.45 -31.04 15.95
C ARG B 233 20.94 -30.99 15.75
N GLU B 234 20.49 -29.89 15.15
CA GLU B 234 19.05 -29.64 15.02
C GLU B 234 18.48 -30.36 13.81
N HIS B 235 19.24 -30.45 12.72
CA HIS B 235 18.76 -31.13 11.51
C HIS B 235 18.38 -32.56 11.83
N TYR B 236 17.15 -32.93 11.52
CA TYR B 236 16.60 -34.20 12.00
C TYR B 236 17.11 -35.41 11.24
N GLU B 237 17.99 -35.24 10.25
CA GLU B 237 18.71 -36.40 9.76
C GLU B 237 19.72 -36.91 10.78
N PHE B 238 20.15 -36.05 11.69
CA PHE B 238 21.00 -36.48 12.79
C PHE B 238 20.30 -37.50 13.69
N GLN B 239 18.96 -37.53 13.68
CA GLN B 239 18.24 -38.52 14.47
C GLN B 239 18.53 -39.95 13.99
N TYR B 240 18.96 -40.12 12.75
CA TYR B 240 19.32 -41.41 12.19
C TYR B 240 20.82 -41.67 12.29
N LEU B 241 21.64 -40.66 11.99
CA LEU B 241 23.09 -40.83 12.07
C LEU B 241 23.53 -41.05 13.52
N ASP B 242 22.89 -40.38 14.46
CA ASP B 242 23.22 -40.58 15.87
C ASP B 242 22.78 -41.96 16.34
N LEU B 243 21.69 -42.49 15.80
CA LEU B 243 21.32 -43.86 16.13
C LEU B 243 22.34 -44.85 15.57
N LEU B 244 22.82 -44.62 14.35
CA LEU B 244 23.92 -45.41 13.81
C LEU B 244 25.14 -45.37 14.73
N SER B 245 25.50 -44.16 15.18
CA SER B 245 26.67 -44.02 16.05
C SER B 245 26.45 -44.74 17.38
N ARG B 246 25.24 -44.64 17.95
CA ARG B 246 24.96 -45.30 19.22
C ARG B 246 25.03 -46.82 19.07
N VAL B 247 24.57 -47.35 17.94
CA VAL B 247 24.68 -48.79 17.73
C VAL B 247 26.14 -49.19 17.57
N LEU B 248 26.92 -48.41 16.81
CA LEU B 248 28.34 -48.72 16.67
C LEU B 248 29.07 -48.65 18.00
N GLU B 249 28.62 -47.81 18.91
CA GLU B 249 29.30 -47.67 20.19
C GLU B 249 28.90 -48.76 21.18
N ASN B 250 27.60 -49.00 21.34
CA ASN B 250 27.09 -49.87 22.39
C ASN B 250 26.50 -51.17 21.86
N GLY B 251 26.52 -51.41 20.55
CA GLY B 251 25.83 -52.56 20.00
C GLY B 251 26.48 -53.86 20.41
N ALA B 252 25.69 -54.75 20.99
CA ALA B 252 26.15 -56.08 21.35
C ALA B 252 26.16 -56.98 20.13
N TYR B 253 27.20 -57.80 20.00
CA TYR B 253 27.33 -58.73 18.89
C TYR B 253 26.43 -59.93 19.15
N ARG B 254 25.45 -60.15 18.26
CA ARG B 254 24.44 -61.17 18.47
C ARG B 254 24.17 -61.88 17.15
N GLU B 255 23.96 -63.20 17.22
CA GLU B 255 23.53 -63.97 16.08
C GLU B 255 22.01 -64.00 16.01
N ASN B 256 21.48 -64.18 14.80
CA ASN B 256 20.04 -64.17 14.59
C ASN B 256 19.68 -65.30 13.62
N ARG B 257 18.44 -65.27 13.14
CA ARG B 257 17.94 -66.35 12.27
C ARG B 257 18.73 -66.43 10.96
N THR B 258 19.30 -65.32 10.51
CA THR B 258 20.12 -65.33 9.30
C THR B 258 21.57 -65.65 9.64
N GLY B 259 22.35 -65.95 8.60
CA GLY B 259 23.75 -66.24 8.82
C GLY B 259 24.61 -65.02 9.11
N ILE B 260 24.04 -63.82 9.03
CA ILE B 260 24.77 -62.58 9.23
C ILE B 260 24.42 -62.06 10.62
N SER B 261 25.41 -62.03 11.51
CA SER B 261 25.19 -61.51 12.85
C SER B 261 25.10 -59.98 12.82
N THR B 262 24.55 -59.41 13.88
CA THR B 262 24.35 -57.97 13.98
C THR B 262 24.98 -57.43 15.25
N TYR B 263 25.12 -56.11 15.28
CA TYR B 263 25.38 -55.36 16.49
C TYR B 263 24.07 -54.67 16.86
N SER B 264 23.56 -54.97 18.04
CA SER B 264 22.18 -54.67 18.40
C SER B 264 22.10 -53.91 19.72
N ILE B 265 21.13 -52.98 19.80
CA ILE B 265 20.71 -52.37 21.05
C ILE B 265 19.18 -52.36 21.08
N PHE B 266 18.63 -52.03 22.24
CA PHE B 266 17.20 -52.14 22.48
C PHE B 266 16.64 -50.81 22.98
N GLY B 267 15.51 -50.41 22.42
CA GLY B 267 14.79 -49.22 22.86
C GLY B 267 15.42 -47.91 22.44
N GLN B 268 15.11 -47.46 21.22
CA GLN B 268 15.60 -46.20 20.69
C GLN B 268 14.45 -45.46 20.03
N MET B 269 14.68 -44.21 19.66
CA MET B 269 13.64 -43.44 18.99
C MET B 269 14.25 -42.41 18.06
N MET B 270 13.44 -41.97 17.10
CA MET B 270 13.82 -40.93 16.16
C MET B 270 12.61 -40.03 15.94
N ARG B 271 12.85 -38.71 15.90
CA ARG B 271 11.82 -37.74 15.54
C ARG B 271 12.17 -37.10 14.20
N PHE B 272 11.13 -36.78 13.44
CA PHE B 272 11.29 -36.12 12.16
C PHE B 272 10.18 -35.11 11.98
N ASP B 273 10.56 -33.93 11.48
CA ASP B 273 9.57 -32.95 11.07
C ASP B 273 9.07 -33.29 9.67
N MET B 274 7.78 -33.06 9.44
CA MET B 274 7.20 -33.20 8.11
C MET B 274 6.46 -31.95 7.66
N ARG B 275 6.46 -30.89 8.47
CA ARG B 275 5.77 -29.66 8.07
C ARG B 275 6.57 -28.90 7.02
N GLU B 276 7.88 -28.75 7.24
CA GLU B 276 8.71 -27.93 6.37
C GLU B 276 9.70 -28.75 5.54
N SER B 277 9.62 -30.08 5.58
CA SER B 277 10.54 -30.91 4.82
C SER B 277 10.02 -32.34 4.79
N PHE B 278 10.71 -33.18 4.01
CA PHE B 278 10.39 -34.61 3.89
C PHE B 278 11.60 -35.41 4.34
N PRO B 279 11.48 -36.25 5.37
CA PRO B 279 12.65 -36.94 5.92
C PRO B 279 13.20 -38.04 5.04
N LEU B 280 13.72 -37.68 3.87
CA LEU B 280 14.44 -38.60 3.00
C LEU B 280 15.93 -38.33 3.15
N LEU B 281 16.67 -39.35 3.56
CA LEU B 281 18.08 -39.16 3.91
C LEU B 281 18.86 -38.60 2.73
N THR B 282 19.74 -37.65 3.04
CA THR B 282 20.60 -37.06 2.02
C THR B 282 22.01 -37.64 2.02
N THR B 283 22.44 -38.26 3.11
CA THR B 283 23.77 -38.86 3.16
C THR B 283 23.87 -40.12 2.31
N LYS B 284 22.79 -40.48 1.61
CA LYS B 284 22.76 -41.66 0.75
C LYS B 284 21.55 -41.53 -0.17
N LYS B 285 21.75 -41.77 -1.46
CA LYS B 285 20.63 -41.74 -2.39
C LYS B 285 19.70 -42.91 -2.10
N VAL B 286 18.46 -42.62 -1.72
CA VAL B 286 17.50 -43.62 -1.32
C VAL B 286 16.53 -43.88 -2.47
N ALA B 287 16.24 -45.15 -2.73
CA ALA B 287 15.30 -45.52 -3.79
C ALA B 287 13.89 -45.12 -3.42
N ILE B 288 13.52 -43.86 -3.69
CA ILE B 288 12.20 -43.37 -3.28
C ILE B 288 11.07 -44.07 -4.03
N ARG B 289 11.32 -44.44 -5.29
CA ARG B 289 10.26 -45.09 -6.08
C ARG B 289 9.90 -46.46 -5.51
N SER B 290 10.92 -47.23 -5.10
CA SER B 290 10.65 -48.52 -4.50
C SER B 290 9.87 -48.38 -3.20
N ILE B 291 10.22 -47.37 -2.40
CA ILE B 291 9.49 -47.10 -1.17
C ILE B 291 8.03 -46.82 -1.48
N PHE B 292 7.77 -45.93 -2.44
CA PHE B 292 6.39 -45.60 -2.77
C PHE B 292 5.63 -46.81 -3.28
N GLU B 293 6.27 -47.61 -4.14
CA GLU B 293 5.59 -48.75 -4.73
C GLU B 293 5.26 -49.79 -3.68
N GLU B 294 6.18 -50.02 -2.73
CA GLU B 294 5.89 -50.90 -1.60
C GLU B 294 4.73 -50.37 -0.77
N LEU B 295 4.71 -49.05 -0.53
CA LEU B 295 3.65 -48.49 0.30
C LEU B 295 2.28 -48.59 -0.37
N ILE B 296 2.21 -48.31 -1.68
CA ILE B 296 0.93 -48.42 -2.37
C ILE B 296 0.54 -49.89 -2.51
N TRP B 297 1.53 -50.77 -2.55
CA TRP B 297 1.28 -52.21 -2.51
C TRP B 297 0.64 -52.61 -1.18
N PHE B 298 1.11 -52.02 -0.09
CA PHE B 298 0.48 -52.23 1.22
C PHE B 298 -0.94 -51.70 1.22
N ILE B 299 -1.13 -50.46 0.77
CA ILE B 299 -2.45 -49.81 0.88
C ILE B 299 -3.49 -50.59 0.08
N LYS B 300 -3.12 -51.05 -1.11
CA LYS B 300 -4.04 -51.81 -1.95
C LYS B 300 -4.42 -53.16 -1.34
N GLY B 301 -3.75 -53.59 -0.27
CA GLY B 301 -4.03 -54.87 0.33
C GLY B 301 -3.32 -56.05 -0.28
N ASP B 302 -2.30 -55.81 -1.11
CA ASP B 302 -1.70 -56.85 -1.93
C ASP B 302 -0.60 -57.59 -1.17
N THR B 303 -0.56 -58.91 -1.35
CA THR B 303 0.53 -59.74 -0.84
C THR B 303 1.23 -60.49 -1.97
N ASN B 304 0.87 -60.22 -3.22
CA ASN B 304 1.49 -60.86 -4.38
C ASN B 304 2.83 -60.17 -4.64
N GLY B 305 3.94 -60.86 -4.36
CA GLY B 305 5.26 -60.29 -4.54
C GLY B 305 5.63 -60.05 -5.98
N ASN B 306 4.90 -60.61 -6.94
CA ASN B 306 5.24 -60.40 -8.34
C ASN B 306 4.84 -59.01 -8.80
N HIS B 307 3.79 -58.43 -8.22
CA HIS B 307 3.36 -57.09 -8.61
C HIS B 307 4.44 -56.06 -8.33
N LEU B 308 5.29 -56.31 -7.33
CA LEU B 308 6.44 -55.45 -7.11
C LEU B 308 7.57 -55.75 -8.08
N ILE B 309 7.76 -57.03 -8.42
CA ILE B 309 8.80 -57.40 -9.39
C ILE B 309 8.42 -56.92 -10.78
N GLU B 310 7.14 -56.94 -11.12
CA GLU B 310 6.70 -56.45 -12.42
C GLU B 310 6.94 -54.95 -12.56
N LYS B 311 6.92 -54.23 -11.45
CA LYS B 311 7.25 -52.81 -11.43
C LYS B 311 8.72 -52.55 -11.13
N LYS B 312 9.58 -53.55 -11.30
CA LYS B 312 11.02 -53.43 -11.10
C LYS B 312 11.36 -53.03 -9.67
N VAL B 313 10.69 -53.64 -8.71
CA VAL B 313 10.96 -53.44 -7.28
C VAL B 313 11.25 -54.82 -6.69
N TYR B 314 12.51 -55.06 -6.34
CA TYR B 314 12.96 -56.40 -5.95
C TYR B 314 13.31 -56.50 -4.47
N ILE B 315 12.67 -55.70 -3.61
CA ILE B 315 13.02 -55.72 -2.20
C ILE B 315 12.43 -56.90 -1.45
N TRP B 316 11.35 -57.50 -1.95
CA TRP B 316 10.72 -58.65 -1.32
C TRP B 316 11.03 -59.96 -2.06
N SER B 317 12.08 -59.98 -2.88
CA SER B 317 12.42 -61.21 -3.59
C SER B 317 13.10 -62.21 -2.67
N GLY B 318 13.96 -61.72 -1.77
CA GLY B 318 14.70 -62.63 -0.91
C GLY B 318 13.79 -63.41 0.03
N ASN B 319 12.81 -62.74 0.61
CA ASN B 319 11.87 -63.39 1.52
C ASN B 319 10.71 -64.04 0.80
N GLY B 320 10.75 -64.09 -0.53
CA GLY B 320 9.70 -64.71 -1.30
C GLY B 320 10.20 -65.57 -2.43
N SER B 321 11.28 -66.32 -2.17
CA SER B 321 11.82 -67.26 -3.14
C SER B 321 11.39 -68.68 -2.76
N LYS B 322 11.52 -69.59 -3.72
CA LYS B 322 11.15 -70.98 -3.44
C LYS B 322 12.01 -71.55 -2.33
N GLU B 323 13.32 -71.25 -2.36
CA GLU B 323 14.22 -71.80 -1.36
C GLU B 323 13.93 -71.23 0.02
N TYR B 324 13.71 -69.91 0.12
CA TYR B 324 13.42 -69.32 1.42
C TYR B 324 12.09 -69.82 1.97
N LEU B 325 11.08 -69.95 1.12
CA LEU B 325 9.79 -70.43 1.59
C LEU B 325 9.87 -71.88 2.04
N GLU B 326 10.57 -72.72 1.29
CA GLU B 326 10.75 -74.11 1.71
C GLU B 326 11.55 -74.20 3.00
N ARG B 327 12.51 -73.29 3.21
CA ARG B 327 13.34 -73.35 4.40
C ARG B 327 12.57 -72.98 5.65
N ILE B 328 11.65 -72.02 5.55
CA ILE B 328 10.92 -71.55 6.72
C ILE B 328 9.62 -72.34 6.87
N GLY B 329 9.44 -73.38 6.06
CA GLY B 329 8.30 -74.25 6.17
C GLY B 329 7.07 -73.84 5.40
N LEU B 330 7.24 -73.21 4.25
CA LEU B 330 6.12 -72.83 3.38
C LEU B 330 6.36 -73.32 1.96
N GLY B 331 6.80 -74.57 1.83
CA GLY B 331 7.06 -75.13 0.51
C GLY B 331 5.80 -75.27 -0.32
N HIS B 332 4.65 -75.41 0.35
CA HIS B 332 3.37 -75.47 -0.33
C HIS B 332 3.04 -74.16 -1.03
N ARG B 333 3.64 -73.06 -0.57
CA ARG B 333 3.30 -71.74 -1.06
C ARG B 333 3.86 -71.49 -2.45
N GLU B 334 3.15 -70.68 -3.23
CA GLU B 334 3.61 -70.32 -4.56
C GLU B 334 4.86 -69.44 -4.45
N GLU B 335 5.50 -69.21 -5.60
CA GLU B 335 6.80 -68.56 -5.66
C GLU B 335 6.88 -67.31 -4.78
N ASN B 336 6.09 -66.28 -5.11
CA ASN B 336 6.15 -65.02 -4.40
C ASN B 336 4.88 -64.75 -3.57
N ASP B 337 4.26 -65.80 -3.04
CA ASP B 337 3.07 -65.63 -2.20
C ASP B 337 3.54 -65.41 -0.77
N LEU B 338 3.70 -64.15 -0.39
CA LEU B 338 4.29 -63.80 0.90
C LEU B 338 3.36 -64.09 2.08
N GLY B 339 2.09 -64.36 1.83
CA GLY B 339 1.15 -64.66 2.89
C GLY B 339 0.55 -63.42 3.49
N PRO B 340 -0.27 -63.59 4.54
CA PRO B 340 -0.94 -62.43 5.14
C PRO B 340 0.02 -61.53 5.88
N ILE B 341 0.38 -60.38 5.29
CA ILE B 341 1.41 -59.54 5.86
C ILE B 341 0.93 -58.10 5.82
N TYR B 342 1.86 -57.15 5.85
CA TYR B 342 1.52 -55.74 5.64
C TYR B 342 0.55 -55.61 4.48
N GLY B 343 -0.54 -54.88 4.72
CA GLY B 343 -1.56 -54.68 3.73
C GLY B 343 -2.59 -55.77 3.65
N PHE B 344 -2.36 -56.93 4.27
CA PHE B 344 -3.46 -57.87 4.42
C PHE B 344 -4.05 -57.77 5.81
N GLN B 345 -3.23 -57.49 6.81
CA GLN B 345 -3.75 -57.11 8.11
C GLN B 345 -4.26 -55.67 8.11
N TRP B 346 -3.80 -54.84 7.17
CA TRP B 346 -4.33 -53.49 7.06
C TRP B 346 -5.76 -53.50 6.56
N ARG B 347 -6.03 -54.29 5.52
CA ARG B 347 -7.32 -54.26 4.87
C ARG B 347 -8.22 -55.44 5.23
N HIS B 348 -7.65 -56.55 5.69
CA HIS B 348 -8.42 -57.75 6.00
C HIS B 348 -7.87 -58.40 7.27
N TYR B 349 -7.94 -57.68 8.38
CA TYR B 349 -7.41 -58.21 9.64
C TYR B 349 -8.23 -59.40 10.11
N ASN B 350 -7.53 -60.42 10.60
CA ASN B 350 -8.13 -61.69 11.04
C ASN B 350 -8.83 -62.43 9.90
N GLY B 351 -8.53 -62.07 8.65
CA GLY B 351 -9.18 -62.71 7.52
C GLY B 351 -8.46 -64.02 7.19
N GLU B 352 -9.25 -65.08 7.00
CA GLU B 352 -8.68 -66.38 6.66
C GLU B 352 -7.99 -66.32 5.30
N TYR B 353 -6.66 -66.47 5.31
CA TYR B 353 -5.85 -66.38 4.10
C TYR B 353 -5.77 -67.73 3.42
N LYS B 354 -5.88 -67.72 2.09
CA LYS B 354 -5.68 -68.93 1.29
C LYS B 354 -4.44 -68.76 0.44
N THR B 355 -4.59 -68.12 -0.72
CA THR B 355 -3.47 -67.80 -1.59
C THR B 355 -3.56 -66.32 -1.96
N MET B 356 -2.55 -65.86 -2.70
CA MET B 356 -2.52 -64.48 -3.16
C MET B 356 -3.44 -64.23 -4.34
N HIS B 357 -4.04 -65.28 -4.92
CA HIS B 357 -4.89 -65.13 -6.08
C HIS B 357 -6.37 -65.03 -5.74
N ASP B 358 -6.76 -65.39 -4.52
CA ASP B 358 -8.17 -65.36 -4.16
C ASP B 358 -8.66 -63.93 -3.94
N ASP B 359 -9.98 -63.79 -3.92
CA ASP B 359 -10.62 -62.50 -3.71
C ASP B 359 -10.94 -62.35 -2.22
N TYR B 360 -10.45 -61.27 -1.62
CA TYR B 360 -10.65 -61.02 -0.19
C TYR B 360 -11.50 -59.78 0.08
N THR B 361 -12.15 -59.22 -0.94
CA THR B 361 -12.98 -58.03 -0.73
C THR B 361 -14.17 -58.40 0.14
N GLY B 362 -14.19 -57.91 1.38
CA GLY B 362 -15.26 -58.17 2.32
C GLY B 362 -14.81 -58.90 3.57
N VAL B 363 -13.82 -59.77 3.44
CA VAL B 363 -13.36 -60.56 4.58
C VAL B 363 -12.36 -59.75 5.39
N GLY B 364 -12.34 -59.99 6.70
CA GLY B 364 -11.42 -59.31 7.58
C GLY B 364 -11.91 -57.92 7.98
N VAL B 365 -11.13 -57.30 8.87
CA VAL B 365 -11.41 -55.95 9.35
C VAL B 365 -10.59 -54.98 8.53
N ASP B 366 -11.25 -54.03 7.87
CA ASP B 366 -10.55 -53.02 7.07
C ASP B 366 -10.09 -51.92 8.03
N GLN B 367 -8.88 -52.10 8.56
CA GLN B 367 -8.34 -51.15 9.53
C GLN B 367 -8.09 -49.80 8.89
N LEU B 368 -7.62 -49.78 7.65
CA LEU B 368 -7.26 -48.51 7.01
C LEU B 368 -8.50 -47.64 6.77
N ALA B 369 -9.59 -48.26 6.32
CA ALA B 369 -10.82 -47.50 6.09
C ALA B 369 -11.37 -46.93 7.39
N LYS B 370 -11.43 -47.76 8.44
CA LYS B 370 -11.89 -47.26 9.74
C LYS B 370 -10.96 -46.18 10.26
N LEU B 371 -9.66 -46.30 9.99
CA LEU B 371 -8.71 -45.28 10.40
C LEU B 371 -9.02 -43.94 9.73
N ILE B 372 -9.24 -43.96 8.41
CA ILE B 372 -9.55 -42.72 7.70
C ILE B 372 -10.86 -42.12 8.20
N GLU B 373 -11.88 -42.97 8.39
CA GLU B 373 -13.17 -42.50 8.86
C GLU B 373 -13.05 -41.87 10.25
N THR B 374 -12.29 -42.51 11.14
CA THR B 374 -12.10 -41.96 12.49
C THR B 374 -11.28 -40.69 12.45
N LEU B 375 -10.28 -40.62 11.55
CA LEU B 375 -9.43 -39.44 11.47
C LEU B 375 -10.22 -38.21 11.04
N LYS B 376 -11.11 -38.36 10.06
CA LYS B 376 -11.85 -37.20 9.58
C LYS B 376 -13.23 -37.04 10.21
N ASN B 377 -13.65 -37.96 11.07
CA ASN B 377 -14.91 -37.80 11.79
C ASN B 377 -14.75 -37.54 13.28
N ASN B 378 -13.71 -38.07 13.89
CA ASN B 378 -13.44 -37.87 15.32
C ASN B 378 -11.94 -37.63 15.46
N PRO B 379 -11.47 -36.41 15.19
CA PRO B 379 -10.01 -36.19 15.14
C PRO B 379 -9.33 -36.31 16.48
N LYS B 380 -9.89 -35.74 17.54
CA LYS B 380 -9.25 -35.77 18.85
C LYS B 380 -9.39 -37.12 19.55
N ASP B 381 -9.91 -38.13 18.86
CA ASP B 381 -9.96 -39.47 19.39
C ASP B 381 -8.54 -40.01 19.57
N ARG B 382 -8.36 -40.89 20.56
CA ARG B 382 -7.05 -41.41 20.90
C ARG B 382 -6.88 -42.87 20.47
N ARG B 383 -7.58 -43.29 19.41
CA ARG B 383 -7.57 -44.68 18.99
C ARG B 383 -7.27 -44.85 17.50
N HIS B 384 -6.63 -43.87 16.88
CA HIS B 384 -6.26 -43.95 15.46
C HIS B 384 -5.07 -44.89 15.33
N ILE B 385 -5.35 -46.19 15.36
CA ILE B 385 -4.32 -47.21 15.46
C ILE B 385 -4.43 -48.18 14.29
N LEU B 386 -3.30 -48.44 13.64
CA LEU B 386 -3.18 -49.43 12.58
C LEU B 386 -2.15 -50.46 13.02
N THR B 387 -2.58 -51.72 13.16
CA THR B 387 -1.73 -52.79 13.63
C THR B 387 -1.52 -53.85 12.55
N ALA B 388 -0.38 -54.53 12.63
CA ALA B 388 -0.08 -55.65 11.76
C ALA B 388 0.28 -56.91 12.51
N TRP B 389 0.46 -56.85 13.83
CA TRP B 389 0.85 -58.02 14.61
C TRP B 389 -0.40 -58.84 14.91
N ASN B 390 -0.56 -59.93 14.17
CA ASN B 390 -1.67 -60.87 14.36
C ASN B 390 -1.10 -62.21 14.78
N PRO B 391 -1.18 -62.57 16.07
CA PRO B 391 -0.62 -63.86 16.50
C PRO B 391 -1.22 -65.06 15.78
N SER B 392 -2.47 -64.95 15.30
CA SER B 392 -3.09 -66.07 14.61
C SER B 392 -2.49 -66.30 13.23
N ALA B 393 -2.00 -65.24 12.59
CA ALA B 393 -1.50 -65.32 11.22
C ALA B 393 0.02 -65.28 11.12
N LEU B 394 0.73 -65.26 12.24
CA LEU B 394 2.20 -65.14 12.19
C LEU B 394 2.82 -66.31 11.45
N SER B 395 2.33 -67.53 11.70
CA SER B 395 2.94 -68.71 11.09
C SER B 395 2.78 -68.73 9.57
N GLN B 396 1.71 -68.12 9.06
CA GLN B 396 1.47 -68.11 7.63
C GLN B 396 2.27 -67.03 6.89
N MET B 397 2.94 -66.14 7.61
CA MET B 397 3.66 -65.04 6.97
C MET B 397 5.04 -65.48 6.50
N ALA B 398 5.46 -64.96 5.35
CA ALA B 398 6.84 -65.15 4.93
C ALA B 398 7.82 -64.44 5.84
N LEU B 399 7.36 -63.40 6.53
CA LEU B 399 8.17 -62.64 7.48
C LEU B 399 7.25 -61.86 8.40
N PRO B 400 7.36 -62.01 9.71
CA PRO B 400 6.48 -61.28 10.62
C PRO B 400 6.66 -59.79 10.49
N PRO B 401 5.68 -58.99 10.90
CA PRO B 401 5.75 -57.54 10.68
C PRO B 401 6.87 -56.92 11.50
N CYS B 402 7.69 -56.11 10.83
CA CYS B 402 8.73 -55.34 11.50
C CYS B 402 8.19 -54.02 12.02
N HIS B 403 7.66 -53.18 11.13
CA HIS B 403 6.91 -52.02 11.60
C HIS B 403 5.56 -52.51 12.11
N VAL B 404 5.49 -52.75 13.43
CA VAL B 404 4.38 -53.50 14.01
C VAL B 404 3.15 -52.62 14.19
N LEU B 405 3.29 -51.48 14.85
CA LEU B 405 2.12 -50.70 15.23
C LEU B 405 2.29 -49.25 14.81
N SER B 406 1.18 -48.59 14.48
CA SER B 406 1.24 -47.16 14.19
C SER B 406 0.01 -46.46 14.76
N GLN B 407 0.22 -45.25 15.26
CA GLN B 407 -0.83 -44.43 15.84
C GLN B 407 -0.78 -43.06 15.19
N TYR B 408 -1.95 -42.42 15.05
CA TYR B 408 -2.05 -41.15 14.36
C TYR B 408 -2.79 -40.15 15.22
N TYR B 409 -2.44 -38.88 15.05
CA TYR B 409 -2.83 -37.82 15.97
C TYR B 409 -3.14 -36.56 15.18
N VAL B 410 -4.27 -35.93 15.46
CA VAL B 410 -4.65 -34.68 14.81
C VAL B 410 -4.42 -33.54 15.80
N THR B 411 -3.52 -32.63 15.46
CA THR B 411 -3.22 -31.52 16.33
C THR B 411 -4.33 -30.48 16.26
N ASN B 412 -4.28 -29.52 17.19
CA ASN B 412 -5.30 -28.48 17.23
C ASN B 412 -5.24 -27.58 16.02
N ASP B 413 -4.10 -27.50 15.33
CA ASP B 413 -3.99 -26.74 14.09
C ASP B 413 -4.07 -27.64 12.85
N ASN B 414 -4.83 -28.73 12.95
CA ASN B 414 -5.20 -29.58 11.82
C ASN B 414 -3.98 -30.12 11.08
N CYS B 415 -3.04 -30.67 11.86
CA CYS B 415 -1.91 -31.39 11.33
C CYS B 415 -1.98 -32.83 11.79
N LEU B 416 -1.41 -33.73 10.97
CA LEU B 416 -1.47 -35.16 11.22
C LEU B 416 -0.07 -35.67 11.58
N SER B 417 0.12 -36.04 12.83
CA SER B 417 1.35 -36.65 13.31
C SER B 417 1.20 -38.16 13.41
N CYS B 418 2.33 -38.86 13.34
CA CYS B 418 2.36 -40.31 13.27
C CYS B 418 3.43 -40.86 14.20
N ASN B 419 3.06 -41.86 15.00
CA ASN B 419 3.98 -42.66 15.79
C ASN B 419 4.03 -44.08 15.24
N LEU B 420 5.22 -44.67 15.23
CA LEU B 420 5.42 -46.02 14.72
C LEU B 420 6.28 -46.80 15.70
N TYR B 421 5.79 -47.96 16.14
CA TYR B 421 6.61 -48.91 16.87
C TYR B 421 7.02 -50.03 15.93
N GLN B 422 8.34 -50.24 15.86
CA GLN B 422 8.99 -51.21 14.99
C GLN B 422 9.78 -52.17 15.86
N ARG B 423 9.48 -53.47 15.77
CA ARG B 423 10.10 -54.44 16.66
C ARG B 423 11.57 -54.69 16.31
N SER B 424 11.92 -54.62 15.03
CA SER B 424 13.25 -54.97 14.56
C SER B 424 13.61 -54.02 13.44
N CYS B 425 14.78 -53.40 13.52
CA CYS B 425 15.17 -52.35 12.60
C CYS B 425 16.58 -52.60 12.07
N ASP B 426 16.65 -52.97 10.79
CA ASP B 426 17.89 -52.99 10.03
C ASP B 426 18.23 -51.55 9.65
N LEU B 427 19.14 -50.94 10.41
CA LEU B 427 19.44 -49.53 10.21
C LEU B 427 20.09 -49.25 8.86
N GLY B 428 20.70 -50.26 8.24
CA GLY B 428 21.35 -50.09 6.96
C GLY B 428 20.39 -49.99 5.79
N LEU B 429 19.38 -50.85 5.77
CA LEU B 429 18.43 -50.91 4.66
C LEU B 429 17.01 -50.59 5.08
N GLY B 430 16.50 -51.23 6.13
CA GLY B 430 15.10 -51.08 6.47
C GLY B 430 14.74 -49.72 7.03
N SER B 431 15.66 -49.09 7.79
CA SER B 431 15.30 -47.87 8.50
C SER B 431 15.01 -46.69 7.58
N PRO B 432 15.84 -46.37 6.58
CA PRO B 432 15.47 -45.24 5.70
C PRO B 432 14.18 -45.50 4.94
N PHE B 433 13.99 -46.73 4.49
CA PHE B 433 12.75 -47.11 3.83
C PHE B 433 11.56 -46.89 4.77
N ASN B 434 11.67 -47.30 6.03
CA ASN B 434 10.57 -47.13 6.98
C ASN B 434 10.28 -45.67 7.24
N ILE B 435 11.32 -44.86 7.44
CA ILE B 435 11.14 -43.43 7.67
C ILE B 435 10.37 -42.81 6.52
N ALA B 436 10.89 -42.96 5.30
CA ALA B 436 10.25 -42.34 4.14
C ALA B 436 8.86 -42.93 3.90
N SER B 437 8.69 -44.23 4.13
CA SER B 437 7.41 -44.88 3.85
C SER B 437 6.32 -44.36 4.77
N TYR B 438 6.61 -44.27 6.07
CA TYR B 438 5.58 -43.78 6.97
C TYR B 438 5.38 -42.28 6.84
N ALA B 439 6.40 -41.54 6.40
CA ALA B 439 6.18 -40.14 6.06
C ALA B 439 5.18 -40.01 4.90
N ILE B 440 5.40 -40.78 3.83
CA ILE B 440 4.50 -40.73 2.68
C ILE B 440 3.10 -41.18 3.07
N LEU B 441 3.00 -42.21 3.91
CA LEU B 441 1.69 -42.68 4.34
C LEU B 441 0.96 -41.63 5.15
N THR B 442 1.67 -40.94 6.05
CA THR B 442 1.04 -39.88 6.82
C THR B 442 0.58 -38.75 5.91
N MET B 443 1.39 -38.42 4.89
CA MET B 443 0.98 -37.37 3.95
C MET B 443 -0.27 -37.77 3.16
N MET B 444 -0.33 -39.03 2.74
CA MET B 444 -1.51 -39.51 2.02
C MET B 444 -2.74 -39.46 2.90
N LEU B 445 -2.63 -39.94 4.15
CA LEU B 445 -3.74 -39.86 5.08
C LEU B 445 -4.16 -38.42 5.31
N ALA B 446 -3.19 -37.51 5.37
CA ALA B 446 -3.50 -36.11 5.60
C ALA B 446 -4.26 -35.51 4.42
N GLN B 447 -3.87 -35.85 3.19
CA GLN B 447 -4.61 -35.32 2.04
C GLN B 447 -6.00 -35.91 1.96
N VAL B 448 -6.13 -37.22 2.21
CA VAL B 448 -7.45 -37.86 2.10
C VAL B 448 -8.37 -37.37 3.22
N CYS B 449 -7.83 -37.05 4.39
CA CYS B 449 -8.63 -36.56 5.50
C CYS B 449 -8.70 -35.05 5.59
N GLY B 450 -7.95 -34.33 4.76
CA GLY B 450 -8.01 -32.89 4.74
C GLY B 450 -7.17 -32.20 5.79
N TYR B 451 -6.00 -32.75 6.11
CA TYR B 451 -5.08 -32.16 7.06
C TYR B 451 -3.73 -31.91 6.38
N GLU B 452 -2.82 -31.33 7.15
CA GLU B 452 -1.44 -31.11 6.75
C GLU B 452 -0.51 -32.07 7.49
N PRO B 453 0.62 -32.43 6.90
CA PRO B 453 1.54 -33.36 7.59
C PRO B 453 2.14 -32.72 8.83
N GLY B 454 2.26 -33.53 9.89
CA GLY B 454 2.79 -33.06 11.16
C GLY B 454 4.17 -33.59 11.46
N GLU B 455 4.28 -34.44 12.47
CA GLU B 455 5.56 -35.00 12.88
C GLU B 455 5.54 -36.52 12.73
N LEU B 456 6.73 -37.11 12.70
CA LEU B 456 6.88 -38.56 12.57
C LEU B 456 7.83 -39.05 13.66
N ALA B 457 7.32 -39.85 14.59
CA ALA B 457 8.13 -40.47 15.63
C ALA B 457 8.20 -41.97 15.41
N ILE B 458 9.41 -42.51 15.44
CA ILE B 458 9.64 -43.95 15.28
C ILE B 458 10.28 -44.47 16.56
N PHE B 459 9.64 -45.45 17.18
CA PHE B 459 10.13 -46.12 18.37
C PHE B 459 10.58 -47.53 18.02
N ILE B 460 11.84 -47.85 18.30
CA ILE B 460 12.48 -49.07 17.82
C ILE B 460 12.83 -49.96 19.00
N GLY B 461 12.50 -51.24 18.88
CA GLY B 461 12.98 -52.24 19.81
C GLY B 461 14.40 -52.66 19.51
N ASP B 462 14.58 -53.72 18.72
CA ASP B 462 15.90 -54.23 18.37
C ASP B 462 16.44 -53.42 17.19
N ALA B 463 17.20 -52.38 17.49
CA ALA B 463 17.87 -51.59 16.47
C ALA B 463 19.26 -52.18 16.25
N HIS B 464 19.54 -52.62 15.02
CA HIS B 464 20.77 -53.37 14.79
C HIS B 464 21.42 -52.94 13.47
N ILE B 465 22.70 -53.27 13.35
CA ILE B 465 23.48 -53.10 12.14
C ILE B 465 24.06 -54.45 11.78
N TYR B 466 23.80 -54.91 10.56
CA TYR B 466 24.39 -56.15 10.09
C TYR B 466 25.88 -55.95 9.84
N GLU B 467 26.67 -56.98 10.17
CA GLU B 467 28.12 -56.82 10.17
C GLU B 467 28.69 -56.60 8.77
N ASN B 468 27.96 -56.99 7.72
CA ASN B 468 28.42 -56.74 6.35
C ASN B 468 28.11 -55.33 5.88
N HIS B 469 27.47 -54.50 6.72
CA HIS B 469 27.17 -53.12 6.38
C HIS B 469 28.15 -52.12 7.01
N LEU B 470 29.03 -52.57 7.90
CA LEU B 470 29.87 -51.67 8.69
C LEU B 470 30.65 -50.72 7.79
N THR B 471 31.51 -51.27 6.92
CA THR B 471 32.30 -50.44 6.02
C THR B 471 31.42 -49.44 5.27
N GLN B 472 30.22 -49.86 4.88
CA GLN B 472 29.31 -48.94 4.20
C GLN B 472 28.84 -47.85 5.14
N LEU B 473 28.29 -48.24 6.30
CA LEU B 473 27.64 -47.26 7.16
C LEU B 473 28.64 -46.25 7.71
N LYS B 474 29.84 -46.71 8.08
CA LYS B 474 30.90 -45.78 8.46
C LYS B 474 31.16 -44.77 7.34
N GLU B 475 31.19 -45.23 6.09
CA GLU B 475 31.28 -44.32 4.96
C GLU B 475 30.16 -43.28 5.00
N GLN B 476 28.92 -43.74 5.22
CA GLN B 476 27.80 -42.82 5.29
C GLN B 476 27.96 -41.85 6.45
N LEU B 477 28.65 -42.25 7.51
CA LEU B 477 28.86 -41.34 8.63
C LEU B 477 29.89 -40.27 8.33
N SER B 478 30.63 -40.41 7.23
CA SER B 478 31.64 -39.42 6.84
C SER B 478 31.06 -38.26 6.04
N ARG B 479 29.77 -38.32 5.71
CA ARG B 479 29.15 -37.33 4.83
C ARG B 479 28.29 -36.38 5.66
N THR B 480 28.62 -35.09 5.61
CA THR B 480 27.84 -34.10 6.33
C THR B 480 26.47 -33.97 5.67
N PRO B 481 25.38 -34.02 6.44
CA PRO B 481 24.04 -34.01 5.84
C PRO B 481 23.76 -32.72 5.08
N ARG B 482 22.81 -32.82 4.15
CA ARG B 482 22.27 -31.73 3.37
C ARG B 482 20.79 -31.57 3.68
N PRO B 483 20.20 -30.41 3.37
CA PRO B 483 18.80 -30.19 3.74
C PRO B 483 17.88 -31.22 3.11
N PHE B 484 16.85 -31.60 3.87
CA PHE B 484 15.85 -32.55 3.38
C PHE B 484 15.16 -31.99 2.14
N PRO B 485 14.73 -32.84 1.23
CA PRO B 485 13.96 -32.37 0.07
C PRO B 485 12.51 -32.07 0.42
N GLN B 486 11.70 -31.77 -0.59
CA GLN B 486 10.27 -31.64 -0.43
C GLN B 486 9.58 -32.73 -1.25
N LEU B 487 8.41 -33.17 -0.78
CA LEU B 487 7.60 -34.13 -1.52
C LEU B 487 6.19 -33.57 -1.61
N LYS B 488 5.72 -33.35 -2.83
CA LYS B 488 4.40 -32.79 -3.06
C LYS B 488 3.58 -33.72 -3.93
N PHE B 489 2.25 -33.64 -3.76
CA PHE B 489 1.32 -34.41 -4.56
C PHE B 489 0.79 -33.52 -5.67
N LYS B 490 0.79 -34.06 -6.90
CA LYS B 490 0.38 -33.25 -8.05
C LYS B 490 -1.13 -33.07 -8.13
N ARG B 491 -1.90 -34.03 -7.61
CA ARG B 491 -3.35 -33.97 -7.67
C ARG B 491 -3.94 -34.46 -6.36
N LYS B 492 -5.18 -34.06 -6.10
CA LYS B 492 -5.92 -34.53 -4.94
C LYS B 492 -6.74 -35.74 -5.36
N VAL B 493 -6.44 -36.89 -4.77
CA VAL B 493 -7.12 -38.13 -5.12
C VAL B 493 -8.45 -38.23 -4.39
N GLU B 494 -9.31 -39.12 -4.87
CA GLU B 494 -10.59 -39.35 -4.22
C GLU B 494 -10.50 -40.47 -3.17
N ASN B 495 -9.74 -41.52 -3.48
CA ASN B 495 -9.48 -42.60 -2.54
C ASN B 495 -7.97 -42.77 -2.39
N ILE B 496 -7.55 -43.20 -1.21
CA ILE B 496 -6.12 -43.30 -0.92
C ILE B 496 -5.45 -44.34 -1.80
N GLU B 497 -6.22 -45.28 -2.36
CA GLU B 497 -5.66 -46.31 -3.23
C GLU B 497 -5.32 -45.79 -4.62
N ASP B 498 -5.77 -44.58 -4.97
CA ASP B 498 -5.62 -44.05 -6.32
C ASP B 498 -4.28 -43.38 -6.56
N PHE B 499 -3.39 -43.33 -5.56
CA PHE B 499 -2.11 -42.68 -5.74
C PHE B 499 -1.24 -43.48 -6.71
N LYS B 500 -0.53 -42.77 -7.58
CA LYS B 500 0.39 -43.36 -8.53
C LYS B 500 1.74 -42.67 -8.42
N TRP B 501 2.78 -43.34 -8.94
CA TRP B 501 4.12 -42.78 -8.82
C TRP B 501 4.24 -41.46 -9.59
N GLU B 502 3.48 -41.29 -10.66
CA GLU B 502 3.51 -40.06 -11.43
C GLU B 502 2.89 -38.90 -10.68
N ASP B 503 2.16 -39.16 -9.58
CA ASP B 503 1.51 -38.11 -8.81
C ASP B 503 2.44 -37.46 -7.79
N ILE B 504 3.66 -37.95 -7.63
CA ILE B 504 4.58 -37.50 -6.59
C ILE B 504 5.70 -36.69 -7.25
N GLU B 505 5.93 -35.48 -6.73
CA GLU B 505 7.01 -34.63 -7.18
C GLU B 505 8.00 -34.48 -6.04
N LEU B 506 9.24 -34.89 -6.28
CA LEU B 506 10.31 -34.82 -5.28
C LEU B 506 11.20 -33.64 -5.65
N ILE B 507 11.07 -32.55 -4.89
CA ILE B 507 11.67 -31.26 -5.22
C ILE B 507 12.94 -31.08 -4.39
N GLY B 508 14.04 -30.79 -5.06
CA GLY B 508 15.27 -30.41 -4.39
C GLY B 508 15.91 -31.51 -3.56
N TYR B 509 16.10 -32.67 -4.16
CA TYR B 509 16.76 -33.80 -3.50
C TYR B 509 18.14 -33.97 -4.12
N TYR B 510 19.17 -33.56 -3.39
CA TYR B 510 20.56 -33.63 -3.86
C TYR B 510 21.37 -34.48 -2.90
N PRO B 511 21.21 -35.79 -2.96
CA PRO B 511 21.88 -36.67 -1.98
C PRO B 511 23.29 -37.04 -2.41
N TYR B 512 24.03 -37.62 -1.46
CA TYR B 512 25.29 -38.25 -1.75
C TYR B 512 25.05 -39.55 -2.52
N PRO B 513 26.07 -40.06 -3.22
CA PRO B 513 25.88 -41.25 -4.04
C PRO B 513 25.37 -42.43 -3.25
N THR B 514 24.74 -43.37 -3.96
CA THR B 514 24.19 -44.56 -3.33
C THR B 514 25.29 -45.39 -2.70
N ILE B 515 24.91 -46.19 -1.71
CA ILE B 515 25.83 -47.08 -1.00
C ILE B 515 25.19 -48.47 -1.04
N LYS B 516 25.76 -49.37 -1.84
CA LYS B 516 25.18 -50.70 -1.99
C LYS B 516 25.35 -51.51 -0.71
N MET B 517 24.26 -52.12 -0.25
CA MET B 517 24.28 -52.95 0.95
C MET B 517 23.40 -54.17 0.72
N ASP B 518 23.94 -55.35 1.02
CA ASP B 518 23.23 -56.60 0.77
C ASP B 518 22.27 -56.94 1.91
N MET B 519 21.09 -57.43 1.54
CA MET B 519 20.09 -57.82 2.53
C MET B 519 20.36 -59.23 3.02
N ALA B 520 20.14 -59.45 4.33
CA ALA B 520 20.27 -60.77 4.93
C ALA B 520 18.95 -61.52 4.80
N VAL B 521 18.99 -62.67 4.12
CA VAL B 521 17.80 -63.47 3.91
C VAL B 521 17.60 -64.44 5.06
N GLU C 3 -13.05 6.17 31.78
CA GLU C 3 -13.58 6.22 30.42
C GLU C 3 -12.46 6.16 29.38
N LYS C 4 -12.19 4.95 28.89
CA LYS C 4 -11.18 4.70 27.87
C LYS C 4 -11.82 4.01 26.68
N ASN C 5 -11.00 3.63 25.71
CA ASN C 5 -11.49 3.17 24.41
C ASN C 5 -11.77 1.68 24.42
N VAL C 6 -12.84 1.29 23.72
CA VAL C 6 -13.28 -0.10 23.60
C VAL C 6 -13.47 -0.42 22.11
N SER C 7 -12.82 -1.48 21.66
CA SER C 7 -12.83 -1.87 20.25
C SER C 7 -13.12 -3.35 20.13
N ILE C 8 -14.13 -3.68 19.32
CA ILE C 8 -14.31 -5.07 18.89
C ILE C 8 -13.26 -5.40 17.85
N VAL C 9 -12.70 -6.61 17.94
CA VAL C 9 -11.78 -7.14 16.94
C VAL C 9 -12.35 -8.48 16.47
N VAL C 10 -12.66 -8.58 15.17
CA VAL C 10 -13.34 -9.77 14.67
C VAL C 10 -12.88 -10.05 13.24
N ALA C 11 -12.88 -11.33 12.88
CA ALA C 11 -12.65 -11.79 11.51
C ALA C 11 -13.87 -12.59 11.08
N ALA C 12 -14.61 -12.07 10.10
CA ALA C 12 -15.87 -12.67 9.68
C ALA C 12 -15.90 -12.82 8.16
N SER C 13 -16.75 -13.72 7.70
CA SER C 13 -16.92 -13.92 6.26
C SER C 13 -17.67 -12.74 5.64
N VAL C 14 -17.56 -12.64 4.32
CA VAL C 14 -17.99 -11.42 3.64
C VAL C 14 -19.51 -11.28 3.65
N LEU C 15 -20.23 -12.37 3.43
CA LEU C 15 -21.68 -12.30 3.26
C LEU C 15 -22.43 -12.67 4.55
N SER C 16 -22.25 -13.89 5.04
CA SER C 16 -23.01 -14.36 6.19
C SER C 16 -22.37 -14.02 7.53
N SER C 17 -21.15 -13.47 7.51
CA SER C 17 -20.46 -13.02 8.74
C SER C 17 -20.21 -14.18 9.70
N GLY C 18 -19.83 -15.35 9.16
CA GLY C 18 -19.48 -16.48 10.00
C GLY C 18 -18.05 -16.34 10.52
N ILE C 19 -17.85 -16.75 11.78
CA ILE C 19 -16.57 -16.54 12.44
C ILE C 19 -16.01 -17.83 13.02
N GLY C 20 -16.82 -18.90 13.06
CA GLY C 20 -16.37 -20.12 13.68
C GLY C 20 -17.13 -21.34 13.20
N ILE C 21 -16.55 -22.50 13.46
CA ILE C 21 -17.15 -23.79 13.14
C ILE C 21 -16.51 -24.88 14.00
N ASN C 22 -17.32 -25.58 14.79
CA ASN C 22 -16.88 -26.70 15.61
C ASN C 22 -15.71 -26.31 16.52
N GLY C 23 -15.86 -25.16 17.18
CA GLY C 23 -14.88 -24.71 18.15
C GLY C 23 -13.57 -24.20 17.59
N GLN C 24 -13.47 -23.97 16.28
CA GLN C 24 -12.27 -23.44 15.68
C GLN C 24 -12.67 -22.49 14.54
N LEU C 25 -11.66 -21.88 13.92
CA LEU C 25 -11.91 -20.96 12.82
C LEU C 25 -12.12 -21.72 11.51
N PRO C 26 -12.97 -21.20 10.63
CA PRO C 26 -13.16 -21.83 9.31
C PRO C 26 -12.07 -21.52 8.30
N TRP C 27 -10.93 -20.98 8.74
CA TRP C 27 -9.83 -20.66 7.83
C TRP C 27 -8.55 -20.64 8.64
N SER C 28 -7.41 -20.48 7.92
CA SER C 28 -6.08 -20.42 8.54
C SER C 28 -5.29 -19.31 7.84
N ILE C 29 -5.48 -18.08 8.31
CA ILE C 29 -4.80 -16.91 7.76
C ILE C 29 -3.83 -16.39 8.81
N SER C 30 -2.53 -16.57 8.56
CA SER C 30 -1.51 -16.16 9.53
C SER C 30 -1.47 -14.65 9.69
N GLU C 31 -1.58 -13.91 8.57
CA GLU C 31 -1.51 -12.46 8.64
C GLU C 31 -2.65 -11.88 9.47
N ASP C 32 -3.79 -12.57 9.52
CA ASP C 32 -4.90 -12.08 10.34
C ASP C 32 -4.57 -12.21 11.83
N LEU C 33 -3.93 -13.31 12.22
CA LEU C 33 -3.48 -13.45 13.60
C LEU C 33 -2.42 -12.40 13.94
N LYS C 34 -1.50 -12.15 13.00
CA LYS C 34 -0.52 -11.10 13.23
C LYS C 34 -1.18 -9.74 13.40
N PHE C 35 -2.24 -9.48 12.63
CA PHE C 35 -2.99 -8.24 12.76
C PHE C 35 -3.65 -8.15 14.13
N PHE C 36 -4.28 -9.24 14.57
CA PHE C 36 -4.87 -9.28 15.91
C PHE C 36 -3.82 -8.96 16.96
N SER C 37 -2.64 -9.58 16.85
CA SER C 37 -1.58 -9.35 17.83
C SER C 37 -1.14 -7.90 17.84
N LYS C 38 -0.89 -7.33 16.65
CA LYS C 38 -0.37 -5.97 16.61
C LYS C 38 -1.42 -4.94 17.01
N ILE C 39 -2.70 -5.24 16.78
CA ILE C 39 -3.74 -4.27 17.12
C ILE C 39 -4.12 -4.36 18.59
N THR C 40 -3.94 -5.53 19.21
CA THR C 40 -4.21 -5.67 20.64
C THR C 40 -3.02 -5.30 21.51
N ASN C 41 -1.81 -5.29 20.95
CA ASN C 41 -0.62 -4.81 21.65
C ASN C 41 -0.41 -3.31 21.48
N ASN C 42 -1.12 -2.68 20.55
CA ASN C 42 -0.92 -1.26 20.25
C ASN C 42 -1.33 -0.42 21.46
N LYS C 43 -0.35 0.08 22.20
CA LYS C 43 -0.58 0.89 23.38
C LYS C 43 0.29 2.13 23.33
N CYS C 44 -0.04 3.09 24.20
CA CYS C 44 0.69 4.35 24.28
C CYS C 44 1.54 4.48 25.53
N ASP C 45 1.21 3.75 26.61
CA ASP C 45 1.95 3.80 27.86
C ASP C 45 2.68 2.48 28.05
N SER C 46 4.00 2.56 28.27
CA SER C 46 4.79 1.35 28.45
C SER C 46 4.53 0.67 29.79
N ASN C 47 3.92 1.37 30.74
CA ASN C 47 3.61 0.81 32.05
C ASN C 47 2.15 0.39 32.18
N LYS C 48 1.46 0.19 31.05
CA LYS C 48 0.07 -0.25 31.05
C LYS C 48 -0.09 -1.42 30.09
N LYS C 49 -1.10 -2.24 30.36
CA LYS C 49 -1.43 -3.39 29.53
C LYS C 49 -2.81 -3.20 28.93
N ASN C 50 -3.10 -3.97 27.89
CA ASN C 50 -4.40 -3.95 27.24
C ASN C 50 -5.21 -5.18 27.66
N ALA C 51 -6.51 -4.99 27.82
CA ALA C 51 -7.42 -6.04 28.26
C ALA C 51 -8.15 -6.63 27.06
N LEU C 52 -8.16 -7.95 26.96
CA LEU C 52 -8.81 -8.67 25.87
C LEU C 52 -9.96 -9.48 26.46
N ILE C 53 -11.18 -9.03 26.22
CA ILE C 53 -12.37 -9.70 26.74
C ILE C 53 -12.79 -10.81 25.77
N MET C 54 -13.04 -11.99 26.30
CA MET C 54 -13.45 -13.11 25.46
C MET C 54 -14.32 -14.08 26.26
N GLY C 55 -15.16 -14.82 25.54
CA GLY C 55 -15.98 -15.84 26.15
C GLY C 55 -15.19 -17.09 26.50
N ARG C 56 -15.88 -18.03 27.17
CA ARG C 56 -15.20 -19.23 27.66
C ARG C 56 -14.82 -20.17 26.52
N LYS C 57 -15.71 -20.36 25.54
CA LYS C 57 -15.37 -21.23 24.42
C LYS C 57 -14.23 -20.65 23.60
N THR C 58 -14.18 -19.32 23.47
CA THR C 58 -13.03 -18.68 22.84
C THR C 58 -11.77 -18.92 23.66
N TRP C 59 -11.88 -18.82 24.98
CA TRP C 59 -10.76 -19.12 25.88
C TRP C 59 -10.27 -20.54 25.69
N ASP C 60 -11.18 -21.48 25.40
CA ASP C 60 -10.76 -22.84 25.09
C ASP C 60 -10.08 -22.91 23.73
N SER C 61 -10.55 -22.11 22.77
CA SER C 61 -10.01 -22.16 21.42
C SER C 61 -8.54 -21.78 21.37
N ILE C 62 -8.08 -20.93 22.29
CA ILE C 62 -6.70 -20.50 22.31
C ILE C 62 -5.87 -21.31 23.30
N GLY C 63 -6.36 -22.49 23.70
CA GLY C 63 -5.61 -23.37 24.57
C GLY C 63 -5.54 -22.97 26.02
N ARG C 64 -6.34 -22.01 26.45
CA ARG C 64 -6.35 -21.52 27.84
C ARG C 64 -4.97 -21.08 28.29
N ARG C 65 -4.24 -20.42 27.40
CA ARG C 65 -2.92 -19.91 27.76
C ARG C 65 -2.86 -18.40 27.52
N PRO C 66 -2.19 -17.66 28.38
CA PRO C 66 -2.21 -16.19 28.27
C PRO C 66 -1.48 -15.70 27.03
N LEU C 67 -1.88 -14.52 26.59
CA LEU C 67 -1.23 -13.82 25.47
C LEU C 67 -0.24 -12.82 26.04
N LYS C 68 0.98 -12.82 25.49
CA LYS C 68 2.06 -12.01 26.04
C LYS C 68 1.70 -10.53 26.04
N ASN C 69 2.08 -9.84 27.12
CA ASN C 69 1.97 -8.39 27.32
C ASN C 69 0.53 -7.92 27.47
N ARG C 70 -0.45 -8.81 27.46
CA ARG C 70 -1.85 -8.44 27.54
C ARG C 70 -2.53 -9.21 28.66
N ILE C 71 -3.66 -8.69 29.13
CA ILE C 71 -4.43 -9.31 30.20
C ILE C 71 -5.73 -9.83 29.62
N ILE C 72 -5.96 -11.13 29.74
CA ILE C 72 -7.14 -11.78 29.19
C ILE C 72 -8.23 -11.79 30.25
N VAL C 73 -9.45 -11.42 29.83
CA VAL C 73 -10.61 -11.34 30.70
C VAL C 73 -11.64 -12.33 30.14
N VAL C 74 -11.80 -13.45 30.84
CA VAL C 74 -12.70 -14.51 30.40
C VAL C 74 -14.06 -14.29 31.06
N ILE C 75 -15.11 -14.20 30.23
CA ILE C 75 -16.48 -14.14 30.70
C ILE C 75 -16.98 -15.57 30.82
N SER C 76 -17.35 -15.97 32.04
CA SER C 76 -17.83 -17.32 32.28
C SER C 76 -18.55 -17.35 33.62
N SER C 77 -19.60 -18.17 33.69
CA SER C 77 -20.35 -18.36 34.93
C SER C 77 -19.87 -19.58 35.72
N SER C 78 -19.04 -20.44 35.13
CA SER C 78 -18.60 -21.66 35.78
C SER C 78 -17.11 -21.71 36.10
N LEU C 79 -16.28 -20.97 35.37
CA LEU C 79 -14.85 -21.02 35.61
C LEU C 79 -14.52 -20.44 36.99
N PRO C 80 -13.61 -21.08 37.74
CA PRO C 80 -13.24 -20.54 39.05
C PRO C 80 -12.51 -19.22 38.91
N GLN C 81 -12.95 -18.22 39.67
CA GLN C 81 -12.32 -16.89 39.66
C GLN C 81 -10.93 -17.01 40.27
N ASP C 82 -10.00 -17.53 39.46
CA ASP C 82 -8.65 -17.76 39.92
C ASP C 82 -7.87 -16.45 40.04
N GLU C 83 -6.96 -16.42 41.01
CA GLU C 83 -6.05 -15.30 41.19
C GLU C 83 -4.59 -15.71 41.04
N ALA C 84 -4.31 -16.97 40.70
CA ALA C 84 -2.93 -17.42 40.56
C ALA C 84 -2.27 -16.81 39.33
N ASP C 85 -2.98 -16.79 38.20
CA ASP C 85 -2.44 -16.22 36.98
C ASP C 85 -2.77 -14.74 36.92
N PRO C 86 -1.78 -13.84 36.97
CA PRO C 86 -2.07 -12.41 36.92
C PRO C 86 -2.38 -11.87 35.54
N ASN C 87 -2.28 -12.70 34.50
CA ASN C 87 -2.60 -12.28 33.14
C ASN C 87 -3.95 -12.80 32.68
N VAL C 88 -4.64 -13.58 33.50
CA VAL C 88 -5.96 -14.12 33.18
C VAL C 88 -6.87 -13.88 34.37
N VAL C 89 -8.00 -13.22 34.13
CA VAL C 89 -8.98 -12.94 35.18
C VAL C 89 -10.36 -13.29 34.64
N VAL C 90 -11.22 -13.81 35.52
CA VAL C 90 -12.54 -14.29 35.14
C VAL C 90 -13.62 -13.38 35.73
N PHE C 91 -14.63 -13.07 34.92
CA PHE C 91 -15.79 -12.30 35.37
C PHE C 91 -17.07 -13.06 35.02
N ARG C 92 -18.09 -12.88 35.87
CA ARG C 92 -19.33 -13.65 35.72
C ARG C 92 -20.22 -13.11 34.60
N ASN C 93 -20.11 -11.83 34.27
CA ASN C 93 -20.90 -11.26 33.19
C ASN C 93 -20.08 -10.18 32.50
N LEU C 94 -20.53 -9.79 31.31
CA LEU C 94 -19.78 -8.81 30.53
C LEU C 94 -19.85 -7.42 31.15
N GLU C 95 -20.96 -7.09 31.82
CA GLU C 95 -21.11 -5.74 32.38
C GLU C 95 -20.12 -5.49 33.50
N ASP C 96 -20.00 -6.44 34.44
CA ASP C 96 -19.07 -6.26 35.55
C ASP C 96 -17.63 -6.19 35.07
N SER C 97 -17.32 -6.85 33.95
CA SER C 97 -15.95 -6.86 33.42
C SER C 97 -15.52 -5.51 32.87
N ILE C 98 -16.45 -4.58 32.63
CA ILE C 98 -16.10 -3.27 32.12
C ILE C 98 -15.64 -2.36 33.26
N GLU C 99 -15.47 -2.94 34.45
CA GLU C 99 -14.90 -2.21 35.57
C GLU C 99 -13.53 -1.61 35.26
N ASN C 100 -12.84 -2.11 34.22
CA ASN C 100 -11.59 -1.50 33.79
C ASN C 100 -11.75 -0.02 33.47
N LEU C 101 -12.96 0.43 33.13
CA LEU C 101 -13.19 1.84 32.91
C LEU C 101 -13.13 2.62 34.22
N MET C 102 -13.95 2.20 35.21
CA MET C 102 -14.05 2.94 36.46
C MET C 102 -12.74 2.93 37.23
N ASN C 103 -12.30 1.75 37.65
CA ASN C 103 -11.04 1.59 38.37
C ASN C 103 -10.01 0.95 37.45
N ASP C 104 -8.94 0.42 38.04
CA ASP C 104 -7.87 -0.26 37.31
C ASP C 104 -7.31 0.66 36.21
N ASP C 105 -6.55 1.67 36.68
CA ASP C 105 -5.92 2.62 35.77
C ASP C 105 -4.71 2.06 35.04
N SER C 106 -4.34 0.81 35.31
CA SER C 106 -3.23 0.17 34.61
C SER C 106 -3.65 -0.41 33.26
N ILE C 107 -4.93 -0.35 32.93
CA ILE C 107 -5.44 -0.81 31.63
C ILE C 107 -5.71 0.41 30.78
N GLU C 108 -5.15 0.43 29.56
CA GLU C 108 -5.28 1.56 28.67
C GLU C 108 -6.47 1.41 27.71
N ASN C 109 -6.48 0.32 26.94
CA ASN C 109 -7.54 0.08 25.98
C ASN C 109 -8.19 -1.27 26.27
N ILE C 110 -9.42 -1.44 25.78
CA ILE C 110 -10.17 -2.67 25.96
C ILE C 110 -10.56 -3.20 24.59
N PHE C 111 -10.37 -4.49 24.38
CA PHE C 111 -10.66 -5.14 23.10
C PHE C 111 -11.63 -6.29 23.35
N VAL C 112 -12.81 -6.18 22.76
CA VAL C 112 -13.79 -7.26 22.77
C VAL C 112 -13.50 -8.17 21.59
N CYS C 113 -13.09 -9.41 21.88
CA CYS C 113 -12.73 -10.35 20.82
C CYS C 113 -13.29 -11.74 21.08
N GLY C 114 -14.29 -11.86 21.93
CA GLY C 114 -14.88 -13.15 22.25
C GLY C 114 -15.73 -13.73 21.15
N GLY C 115 -16.66 -14.61 21.51
CA GLY C 115 -17.51 -15.27 20.56
C GLY C 115 -18.75 -14.46 20.21
N GLU C 116 -19.67 -15.12 19.51
CA GLU C 116 -20.93 -14.49 19.13
C GLU C 116 -21.70 -14.00 20.34
N SER C 117 -21.72 -14.79 21.41
CA SER C 117 -22.45 -14.41 22.61
C SER C 117 -21.90 -13.13 23.21
N ILE C 118 -20.57 -12.95 23.15
CA ILE C 118 -19.97 -11.74 23.71
C ILE C 118 -20.20 -10.55 22.79
N TYR C 119 -20.01 -10.73 21.48
CA TYR C 119 -20.24 -9.65 20.52
C TYR C 119 -21.67 -9.13 20.60
N ARG C 120 -22.64 -10.05 20.64
CA ARG C 120 -24.04 -9.68 20.49
C ARG C 120 -24.50 -8.74 21.60
N ASP C 121 -24.12 -9.04 22.85
CA ASP C 121 -24.50 -8.18 23.96
C ASP C 121 -23.40 -7.19 24.35
N ALA C 122 -22.29 -7.16 23.62
CA ALA C 122 -21.41 -6.00 23.69
C ALA C 122 -21.91 -4.88 22.79
N LEU C 123 -22.54 -5.24 21.67
CA LEU C 123 -23.19 -4.24 20.83
C LEU C 123 -24.56 -3.85 21.36
N LYS C 124 -25.29 -4.82 21.93
CA LYS C 124 -26.61 -4.52 22.49
C LYS C 124 -26.50 -3.58 23.68
N ASP C 125 -25.47 -3.77 24.51
CA ASP C 125 -25.25 -2.91 25.66
C ASP C 125 -24.55 -1.60 25.31
N ASN C 126 -24.17 -1.42 24.04
CA ASN C 126 -23.61 -0.17 23.54
C ASN C 126 -22.31 0.18 24.28
N PHE C 127 -21.45 -0.82 24.45
CA PHE C 127 -20.14 -0.62 25.06
C PHE C 127 -19.03 -0.41 24.05
N VAL C 128 -19.31 -0.62 22.76
CA VAL C 128 -18.28 -0.70 21.73
C VAL C 128 -18.13 0.66 21.06
N ASP C 129 -16.90 1.17 21.03
CA ASP C 129 -16.59 2.42 20.34
C ASP C 129 -16.06 2.17 18.93
N ARG C 130 -15.18 1.20 18.74
CA ARG C 130 -14.59 0.95 17.43
C ARG C 130 -14.76 -0.52 17.05
N ILE C 131 -14.64 -0.80 15.76
CA ILE C 131 -14.72 -2.17 15.25
C ILE C 131 -13.62 -2.37 14.20
N TYR C 132 -12.80 -3.41 14.41
CA TYR C 132 -11.79 -3.84 13.45
C TYR C 132 -12.27 -5.14 12.84
N LEU C 133 -12.81 -5.05 11.62
CA LEU C 133 -13.40 -6.19 10.94
C LEU C 133 -12.47 -6.69 9.84
N THR C 134 -12.18 -7.98 9.85
CA THR C 134 -11.41 -8.65 8.80
C THR C 134 -12.40 -9.44 7.97
N ARG C 135 -12.73 -8.92 6.78
CA ARG C 135 -13.68 -9.60 5.89
C ARG C 135 -12.95 -10.65 5.08
N VAL C 136 -13.44 -11.89 5.14
CA VAL C 136 -12.81 -13.02 4.47
C VAL C 136 -13.75 -13.51 3.36
N ALA C 137 -13.16 -13.81 2.20
CA ALA C 137 -13.94 -14.23 1.03
C ALA C 137 -14.06 -15.75 1.01
N LEU C 138 -14.85 -16.26 1.95
CA LEU C 138 -15.16 -17.70 2.04
C LEU C 138 -16.61 -17.84 2.46
N GLU C 139 -17.45 -18.40 1.58
CA GLU C 139 -18.88 -18.45 1.87
C GLU C 139 -19.56 -19.78 1.57
N ASP C 140 -18.98 -20.64 0.74
CA ASP C 140 -19.60 -21.95 0.47
C ASP C 140 -19.08 -23.04 1.40
N ILE C 141 -18.90 -22.70 2.68
CA ILE C 141 -18.48 -23.65 3.70
C ILE C 141 -19.50 -23.62 4.84
N GLU C 142 -19.20 -24.31 5.94
CA GLU C 142 -20.12 -24.44 7.06
C GLU C 142 -19.71 -23.54 8.20
N PHE C 143 -20.69 -22.81 8.75
CA PHE C 143 -20.51 -22.01 9.95
C PHE C 143 -21.55 -22.42 10.99
N ASP C 144 -21.18 -22.29 12.25
CA ASP C 144 -22.14 -22.43 13.34
C ASP C 144 -22.11 -21.25 14.30
N THR C 145 -21.22 -20.28 14.09
CA THR C 145 -21.10 -19.10 14.92
C THR C 145 -20.89 -17.89 14.02
N TYR C 146 -21.72 -16.87 14.19
CA TYR C 146 -21.73 -15.72 13.31
C TYR C 146 -21.48 -14.44 14.10
N PHE C 147 -20.93 -13.44 13.42
CA PHE C 147 -20.79 -12.10 13.98
C PHE C 147 -22.07 -11.30 13.71
N PRO C 148 -22.66 -10.68 14.73
CA PRO C 148 -23.95 -10.01 14.53
C PRO C 148 -23.84 -8.86 13.55
N GLU C 149 -24.97 -8.51 12.94
CA GLU C 149 -25.01 -7.40 12.01
C GLU C 149 -24.59 -6.12 12.70
N ILE C 150 -23.72 -5.36 12.05
CA ILE C 150 -23.22 -4.12 12.65
C ILE C 150 -24.37 -3.12 12.74
N PRO C 151 -24.66 -2.56 13.91
CA PRO C 151 -25.78 -1.64 14.04
C PRO C 151 -25.57 -0.37 13.21
N GLU C 152 -26.69 0.27 12.86
CA GLU C 152 -26.67 1.45 12.02
C GLU C 152 -25.95 2.63 12.67
N THR C 153 -25.68 2.57 13.98
CA THR C 153 -24.95 3.64 14.66
C THR C 153 -23.46 3.64 14.32
N PHE C 154 -22.95 2.60 13.66
CA PHE C 154 -21.57 2.55 13.22
C PHE C 154 -21.48 2.88 11.74
N LEU C 155 -20.37 3.52 11.35
CA LEU C 155 -20.09 3.84 9.96
C LEU C 155 -18.65 3.47 9.63
N PRO C 156 -18.41 2.95 8.43
CA PRO C 156 -17.03 2.59 8.03
C PRO C 156 -16.19 3.84 7.80
N VAL C 157 -14.98 3.84 8.34
CA VAL C 157 -14.03 4.93 8.15
C VAL C 157 -12.77 4.51 7.43
N TYR C 158 -12.60 3.21 7.14
CA TYR C 158 -11.39 2.72 6.50
C TYR C 158 -11.68 1.36 5.87
N MET C 159 -11.13 1.13 4.68
CA MET C 159 -11.22 -0.15 4.01
C MET C 159 -9.91 -0.38 3.26
N SER C 160 -9.14 -1.36 3.70
CA SER C 160 -7.81 -1.60 3.15
C SER C 160 -7.91 -2.23 1.76
N GLN C 161 -6.75 -2.36 1.12
CA GLN C 161 -6.66 -3.12 -0.12
C GLN C 161 -6.88 -4.60 0.17
N THR C 162 -7.19 -5.34 -0.88
CA THR C 162 -7.40 -6.77 -0.76
C THR C 162 -6.07 -7.51 -0.68
N PHE C 163 -5.92 -8.35 0.34
CA PHE C 163 -4.75 -9.20 0.52
C PHE C 163 -5.11 -10.65 0.24
N CYS C 164 -4.09 -11.47 -0.02
CA CYS C 164 -4.28 -12.86 -0.41
C CYS C 164 -3.39 -13.77 0.42
N THR C 165 -4.00 -14.84 0.95
CA THR C 165 -3.28 -15.87 1.67
C THR C 165 -3.88 -17.22 1.31
N LYS C 166 -3.06 -18.10 0.74
CA LYS C 166 -3.48 -19.43 0.30
C LYS C 166 -4.69 -19.34 -0.64
N ASN C 167 -4.60 -18.42 -1.60
CA ASN C 167 -5.65 -18.14 -2.59
C ASN C 167 -6.94 -17.63 -1.94
N ILE C 168 -6.86 -17.11 -0.72
CA ILE C 168 -8.01 -16.57 -0.01
C ILE C 168 -7.87 -15.05 0.06
N SER C 169 -8.89 -14.34 -0.42
CA SER C 169 -8.91 -12.89 -0.39
C SER C 169 -9.50 -12.39 0.91
N TYR C 170 -8.94 -11.30 1.44
CA TYR C 170 -9.48 -10.71 2.65
C TYR C 170 -9.15 -9.22 2.72
N ASP C 171 -9.98 -8.50 3.48
CA ASP C 171 -9.90 -7.06 3.64
C ASP C 171 -9.68 -6.71 5.11
N PHE C 172 -9.43 -5.42 5.36
CA PHE C 172 -9.36 -4.87 6.71
C PHE C 172 -10.17 -3.58 6.74
N MET C 173 -11.16 -3.51 7.63
CA MET C 173 -12.03 -2.36 7.74
C MET C 173 -12.11 -1.89 9.18
N ILE C 174 -12.36 -0.59 9.34
CA ILE C 174 -12.59 0.03 10.64
C ILE C 174 -13.97 0.68 10.62
N PHE C 175 -14.75 0.43 11.66
CA PHE C 175 -16.05 1.05 11.86
C PHE C 175 -15.99 1.90 13.12
N GLU C 176 -16.51 3.12 13.04
CA GLU C 176 -16.56 4.04 14.17
C GLU C 176 -18.00 4.38 14.50
N LYS C 177 -18.28 4.53 15.78
CA LYS C 177 -19.63 4.86 16.25
C LYS C 177 -19.83 6.37 16.22
N GLN C 178 -20.89 6.81 15.55
CA GLN C 178 -21.15 8.24 15.39
C GLN C 178 -21.95 8.77 16.56
N GLU C 179 -21.72 10.04 16.89
CA GLU C 179 -22.43 10.69 17.98
C GLU C 179 -23.37 11.78 17.47
N LEU C 193 -5.89 23.17 8.29
CA LEU C 193 -6.64 24.18 9.03
C LEU C 193 -7.75 24.77 8.15
N LYS C 194 -8.80 25.29 8.80
CA LYS C 194 -9.93 25.88 8.08
C LYS C 194 -9.54 27.10 7.28
N SER C 195 -8.43 27.76 7.64
CA SER C 195 -8.02 28.98 6.93
C SER C 195 -7.71 28.68 5.47
N ILE C 196 -7.02 27.57 5.20
CA ILE C 196 -6.69 27.21 3.82
C ILE C 196 -7.97 26.94 3.02
N ASP C 197 -8.90 26.19 3.61
CA ASP C 197 -10.15 25.90 2.92
C ASP C 197 -10.94 27.17 2.64
N ASP C 198 -10.98 28.10 3.60
CA ASP C 198 -11.70 29.35 3.38
C ASP C 198 -11.04 30.18 2.29
N THR C 199 -9.71 30.26 2.27
CA THR C 199 -9.03 31.01 1.23
C THR C 199 -9.28 30.40 -0.14
N VAL C 200 -9.25 29.08 -0.24
CA VAL C 200 -9.52 28.42 -1.52
C VAL C 200 -10.96 28.67 -1.96
N ASP C 201 -11.90 28.64 -1.02
CA ASP C 201 -13.29 28.93 -1.37
C ASP C 201 -13.44 30.35 -1.86
N LEU C 202 -12.76 31.30 -1.22
CA LEU C 202 -12.83 32.70 -1.65
C LEU C 202 -12.24 32.87 -3.04
N LEU C 203 -11.09 32.24 -3.30
CA LEU C 203 -10.49 32.31 -4.63
C LEU C 203 -11.40 31.68 -5.67
N GLY C 204 -12.10 30.61 -5.32
CA GLY C 204 -13.05 30.01 -6.24
C GLY C 204 -14.28 30.86 -6.45
N GLU C 205 -14.62 31.70 -5.49
CA GLU C 205 -15.69 32.67 -5.68
C GLU C 205 -15.25 33.80 -6.61
N ILE C 206 -14.01 34.24 -6.49
CA ILE C 206 -13.47 35.30 -7.33
C ILE C 206 -13.35 34.82 -8.77
N PHE C 207 -12.40 33.92 -9.02
CA PHE C 207 -12.23 33.34 -10.35
C PHE C 207 -13.28 32.26 -10.57
N GLY C 208 -13.85 32.24 -11.76
CA GLY C 208 -14.90 31.29 -12.05
C GLY C 208 -14.35 29.92 -12.35
N ILE C 209 -14.39 29.52 -13.62
CA ILE C 209 -13.74 28.30 -14.05
C ILE C 209 -12.31 28.63 -14.42
N ARG C 210 -11.89 29.85 -14.11
CA ARG C 210 -10.50 30.24 -14.31
C ARG C 210 -9.58 29.50 -13.34
N LYS C 211 -10.05 29.28 -12.11
CA LYS C 211 -9.32 28.46 -11.15
C LYS C 211 -9.54 26.99 -11.48
N MET C 212 -8.45 26.29 -11.80
CA MET C 212 -8.56 24.92 -12.30
C MET C 212 -9.26 24.01 -11.31
N GLY C 213 -9.13 24.29 -10.01
CA GLY C 213 -9.84 23.48 -9.02
C GLY C 213 -11.34 23.46 -9.21
N ASN C 214 -11.90 24.53 -9.79
CA ASN C 214 -13.34 24.58 -10.03
C ASN C 214 -13.75 23.69 -11.20
N ARG C 215 -12.82 23.34 -12.08
CA ARG C 215 -13.09 22.37 -13.14
C ARG C 215 -12.90 20.94 -12.68
N HIS C 216 -12.36 20.73 -11.48
CA HIS C 216 -12.20 19.41 -10.88
C HIS C 216 -12.79 19.42 -9.47
N LYS C 217 -14.07 19.76 -9.38
CA LYS C 217 -14.73 19.88 -8.09
C LYS C 217 -14.86 18.51 -7.43
N PHE C 218 -14.74 18.49 -6.11
CA PHE C 218 -14.92 17.26 -5.37
C PHE C 218 -16.38 16.80 -5.47
N PRO C 219 -16.61 15.50 -5.70
CA PRO C 219 -17.99 15.03 -5.87
C PRO C 219 -18.82 15.23 -4.61
N LYS C 220 -20.08 15.61 -4.81
CA LYS C 220 -21.00 15.75 -3.69
C LYS C 220 -21.20 14.41 -3.00
N GLU C 221 -21.62 14.48 -1.73
CA GLU C 221 -21.77 13.27 -0.93
C GLU C 221 -22.81 12.32 -1.51
N GLU C 222 -23.87 12.85 -2.10
CA GLU C 222 -24.94 12.01 -2.62
C GLU C 222 -24.51 11.12 -3.77
N ILE C 223 -23.34 11.36 -4.37
CA ILE C 223 -22.84 10.55 -5.47
C ILE C 223 -21.47 9.95 -5.14
N TYR C 224 -21.11 9.92 -3.87
CA TYR C 224 -19.82 9.41 -3.41
C TYR C 224 -20.05 8.05 -2.77
N ASN C 225 -19.40 7.02 -3.31
CA ASN C 225 -19.60 5.66 -2.80
C ASN C 225 -19.04 5.52 -1.40
N THR C 226 -19.87 5.04 -0.46
CA THR C 226 -19.54 4.91 0.96
C THR C 226 -18.90 6.20 1.45
N PRO C 227 -19.68 7.27 1.61
CA PRO C 227 -19.09 8.59 1.89
C PRO C 227 -18.39 8.66 3.24
N SER C 228 -18.76 7.81 4.21
CA SER C 228 -18.16 7.88 5.53
C SER C 228 -16.68 7.54 5.51
N ILE C 229 -16.21 6.76 4.53
CA ILE C 229 -14.79 6.46 4.39
C ILE C 229 -14.15 7.65 3.67
N ARG C 230 -13.59 8.58 4.44
CA ARG C 230 -13.00 9.80 3.89
C ARG C 230 -11.50 9.66 3.67
N PHE C 231 -10.76 9.34 4.73
CA PHE C 231 -9.30 9.30 4.66
C PHE C 231 -8.75 7.89 4.49
N GLY C 232 -9.61 6.88 4.36
CA GLY C 232 -9.16 5.51 4.26
C GLY C 232 -9.70 4.75 3.06
N ARG C 233 -9.73 5.41 1.90
CA ARG C 233 -10.23 4.79 0.68
C ARG C 233 -9.10 4.02 -0.03
N GLU C 234 -8.59 3.01 0.68
CA GLU C 234 -7.43 2.25 0.21
C GLU C 234 -7.81 1.17 -0.79
N HIS C 235 -8.97 0.54 -0.61
CA HIS C 235 -9.39 -0.52 -1.53
C HIS C 235 -9.46 0.00 -2.96
N TYR C 236 -8.76 -0.67 -3.86
CA TYR C 236 -8.53 -0.11 -5.19
C TYR C 236 -9.73 -0.21 -6.11
N GLU C 237 -10.86 -0.76 -5.65
CA GLU C 237 -12.09 -0.57 -6.40
C GLU C 237 -12.58 0.86 -6.32
N PHE C 238 -12.18 1.60 -5.28
CA PHE C 238 -12.48 3.02 -5.19
C PHE C 238 -11.86 3.82 -6.33
N GLN C 239 -10.80 3.30 -6.95
CA GLN C 239 -10.20 3.99 -8.09
C GLN C 239 -11.17 4.11 -9.26
N TYR C 240 -12.16 3.22 -9.34
CA TYR C 240 -13.20 3.24 -10.37
C TYR C 240 -14.45 3.96 -9.92
N LEU C 241 -14.90 3.72 -8.68
CA LEU C 241 -16.10 4.37 -8.18
C LEU C 241 -15.89 5.87 -8.01
N ASP C 242 -14.69 6.27 -7.59
CA ASP C 242 -14.41 7.69 -7.47
C ASP C 242 -14.31 8.35 -8.84
N LEU C 243 -13.87 7.62 -9.87
CA LEU C 243 -13.91 8.18 -11.22
C LEU C 243 -15.35 8.35 -11.69
N LEU C 244 -16.22 7.37 -11.40
CA LEU C 244 -17.64 7.55 -11.68
C LEU C 244 -18.17 8.81 -11.00
N SER C 245 -17.82 9.00 -9.72
CA SER C 245 -18.30 10.17 -8.99
C SER C 245 -17.77 11.46 -9.60
N ARG C 246 -16.49 11.48 -9.99
CA ARG C 246 -15.91 12.67 -10.59
C ARG C 246 -16.59 13.00 -11.93
N VAL C 247 -16.94 11.98 -12.70
CA VAL C 247 -17.64 12.22 -13.96
C VAL C 247 -19.05 12.75 -13.69
N LEU C 248 -19.74 12.19 -12.70
CA LEU C 248 -21.08 12.69 -12.37
C LEU C 248 -21.01 14.12 -11.85
N GLU C 249 -19.90 14.50 -11.24
CA GLU C 249 -19.79 15.85 -10.68
C GLU C 249 -19.41 16.88 -11.73
N ASN C 250 -18.38 16.59 -12.53
CA ASN C 250 -17.80 17.57 -13.45
C ASN C 250 -18.05 17.25 -14.91
N GLY C 251 -18.77 16.18 -15.23
CA GLY C 251 -18.92 15.77 -16.62
C GLY C 251 -19.74 16.76 -17.42
N ALA C 252 -19.17 17.22 -18.54
CA ALA C 252 -19.91 18.09 -19.46
C ALA C 252 -20.80 17.24 -20.36
N TYR C 253 -22.02 17.74 -20.60
CA TYR C 253 -22.97 17.06 -21.47
C TYR C 253 -22.61 17.31 -22.92
N ARG C 254 -22.29 16.25 -23.65
CA ARG C 254 -21.78 16.34 -25.01
C ARG C 254 -22.41 15.27 -25.88
N GLU C 255 -22.71 15.62 -27.13
CA GLU C 255 -23.19 14.67 -28.12
C GLU C 255 -22.00 14.04 -28.85
N ASN C 256 -22.22 12.83 -29.36
CA ASN C 256 -21.16 12.08 -30.04
C ASN C 256 -21.76 11.43 -31.28
N ARG C 257 -21.00 10.50 -31.87
CA ARG C 257 -21.42 9.88 -33.13
C ARG C 257 -22.70 9.08 -32.97
N THR C 258 -22.98 8.58 -31.77
CA THR C 258 -24.21 7.84 -31.52
C THR C 258 -25.32 8.79 -31.07
N GLY C 259 -26.55 8.28 -31.08
CA GLY C 259 -27.69 9.07 -30.64
C GLY C 259 -27.78 9.28 -29.14
N ILE C 260 -26.90 8.63 -28.37
CA ILE C 260 -26.92 8.71 -26.91
C ILE C 260 -25.80 9.65 -26.49
N SER C 261 -26.18 10.80 -25.91
CA SER C 261 -25.19 11.74 -25.43
C SER C 261 -24.53 11.24 -24.15
N THR C 262 -23.38 11.83 -23.83
CA THR C 262 -22.61 11.42 -22.66
C THR C 262 -22.32 12.61 -21.77
N TYR C 263 -21.92 12.31 -20.54
CA TYR C 263 -21.25 13.26 -19.65
C TYR C 263 -19.78 12.89 -19.62
N SER C 264 -18.92 13.83 -20.02
CA SER C 264 -17.54 13.53 -20.34
C SER C 264 -16.58 14.45 -19.59
N ILE C 265 -15.44 13.90 -19.20
CA ILE C 265 -14.29 14.66 -18.74
C ILE C 265 -13.05 14.11 -19.42
N PHE C 266 -11.93 14.83 -19.27
CA PHE C 266 -10.71 14.53 -19.98
C PHE C 266 -9.54 14.39 -19.01
N GLY C 267 -8.73 13.35 -19.22
CA GLY C 267 -7.53 13.12 -18.44
C GLY C 267 -7.74 12.60 -17.03
N GLN C 268 -7.89 11.28 -16.89
CA GLN C 268 -8.06 10.66 -15.59
C GLN C 268 -7.17 9.43 -15.50
N MET C 269 -7.06 8.85 -14.30
CA MET C 269 -6.23 7.66 -14.13
C MET C 269 -6.78 6.78 -13.02
N MET C 270 -6.42 5.50 -13.09
CA MET C 270 -6.78 4.50 -12.09
C MET C 270 -5.60 3.58 -11.85
N ARG C 271 -5.35 3.25 -10.58
CA ARG C 271 -4.33 2.27 -10.22
C ARG C 271 -4.99 1.03 -9.62
N PHE C 272 -4.37 -0.12 -9.89
CA PHE C 272 -4.85 -1.37 -9.35
C PHE C 272 -3.68 -2.26 -8.97
N ASP C 273 -3.79 -2.90 -7.82
CA ASP C 273 -2.83 -3.92 -7.44
C ASP C 273 -3.22 -5.24 -8.09
N MET C 274 -2.21 -6.01 -8.51
CA MET C 274 -2.41 -7.34 -9.03
C MET C 274 -1.58 -8.39 -8.31
N ARG C 275 -0.79 -8.00 -7.30
CA ARG C 275 0.02 -8.97 -6.57
C ARG C 275 -0.83 -9.81 -5.63
N GLU C 276 -1.73 -9.17 -4.87
CA GLU C 276 -2.50 -9.83 -3.84
C GLU C 276 -3.99 -9.94 -4.18
N SER C 277 -4.39 -9.55 -5.38
CA SER C 277 -5.81 -9.60 -5.75
C SER C 277 -5.93 -9.44 -7.27
N PHE C 278 -7.15 -9.60 -7.75
CA PHE C 278 -7.47 -9.44 -9.17
C PHE C 278 -8.52 -8.34 -9.31
N PRO C 279 -8.23 -7.25 -10.02
CA PRO C 279 -9.17 -6.12 -10.05
C PRO C 279 -10.42 -6.38 -10.86
N LEU C 280 -11.25 -7.30 -10.39
CA LEU C 280 -12.58 -7.54 -10.97
C LEU C 280 -13.60 -6.91 -10.03
N LEU C 281 -14.40 -5.98 -10.56
CA LEU C 281 -15.30 -5.21 -9.72
C LEU C 281 -16.27 -6.10 -8.96
N THR C 282 -16.50 -5.76 -7.69
CA THR C 282 -17.43 -6.51 -6.85
C THR C 282 -18.78 -5.84 -6.72
N THR C 283 -18.87 -4.54 -6.98
CA THR C 283 -20.14 -3.83 -6.92
C THR C 283 -21.08 -4.19 -8.08
N LYS C 284 -20.66 -5.11 -8.95
CA LYS C 284 -21.46 -5.52 -10.09
C LYS C 284 -20.86 -6.81 -10.63
N LYS C 285 -21.72 -7.81 -10.90
CA LYS C 285 -21.25 -9.06 -11.47
C LYS C 285 -20.78 -8.81 -12.90
N VAL C 286 -19.49 -9.03 -13.15
CA VAL C 286 -18.87 -8.76 -14.44
C VAL C 286 -18.71 -10.07 -15.20
N ALA C 287 -19.07 -10.06 -16.48
CA ALA C 287 -18.96 -11.24 -17.34
C ALA C 287 -17.50 -11.53 -17.65
N ILE C 288 -16.83 -12.26 -16.75
CA ILE C 288 -15.40 -12.51 -16.89
C ILE C 288 -15.11 -13.40 -18.10
N ARG C 289 -16.01 -14.32 -18.42
CA ARG C 289 -15.77 -15.24 -19.53
C ARG C 289 -15.74 -14.49 -20.87
N SER C 290 -16.66 -13.55 -21.06
CA SER C 290 -16.67 -12.76 -22.30
C SER C 290 -15.39 -11.94 -22.42
N ILE C 291 -14.94 -11.36 -21.30
CA ILE C 291 -13.69 -10.60 -21.28
C ILE C 291 -12.53 -11.49 -21.72
N PHE C 292 -12.42 -12.68 -21.13
CA PHE C 292 -11.33 -13.58 -21.47
C PHE C 292 -11.40 -14.00 -22.93
N GLU C 293 -12.60 -14.31 -23.43
CA GLU C 293 -12.70 -14.79 -24.81
C GLU C 293 -12.35 -13.68 -25.78
N GLU C 294 -12.75 -12.44 -25.50
CA GLU C 294 -12.33 -11.31 -26.33
C GLU C 294 -10.82 -11.14 -26.28
N LEU C 295 -10.21 -11.28 -25.10
CA LEU C 295 -8.77 -11.08 -24.98
C LEU C 295 -8.00 -12.16 -25.74
N ILE C 296 -8.42 -13.42 -25.62
CA ILE C 296 -7.72 -14.49 -26.35
C ILE C 296 -8.01 -14.39 -27.84
N TRP C 297 -9.16 -13.83 -28.20
CA TRP C 297 -9.44 -13.52 -29.60
C TRP C 297 -8.45 -12.47 -30.12
N PHE C 298 -8.12 -11.48 -29.29
CA PHE C 298 -7.09 -10.51 -29.65
C PHE C 298 -5.74 -11.19 -29.78
N ILE C 299 -5.36 -11.99 -28.79
CA ILE C 299 -4.01 -12.57 -28.75
C ILE C 299 -3.78 -13.48 -29.94
N LYS C 300 -4.78 -14.29 -30.30
CA LYS C 300 -4.64 -15.20 -31.45
C LYS C 300 -4.50 -14.46 -32.76
N GLY C 301 -4.72 -13.16 -32.80
CA GLY C 301 -4.64 -12.40 -34.03
C GLY C 301 -5.91 -12.35 -34.84
N ASP C 302 -7.05 -12.74 -34.26
CA ASP C 302 -8.27 -12.94 -35.02
C ASP C 302 -9.08 -11.65 -35.13
N THR C 303 -9.66 -11.44 -36.31
CA THR C 303 -10.59 -10.34 -36.54
C THR C 303 -11.97 -10.84 -36.99
N ASN C 304 -12.18 -12.15 -37.00
CA ASN C 304 -13.47 -12.73 -37.38
C ASN C 304 -14.43 -12.61 -36.20
N GLY C 305 -15.42 -11.73 -36.32
CA GLY C 305 -16.38 -11.51 -35.26
C GLY C 305 -17.30 -12.68 -34.98
N ASN C 306 -17.38 -13.66 -35.89
CA ASN C 306 -18.24 -14.82 -35.67
C ASN C 306 -17.64 -15.79 -34.67
N HIS C 307 -16.31 -15.86 -34.59
CA HIS C 307 -15.66 -16.76 -33.64
C HIS C 307 -16.02 -16.40 -32.21
N LEU C 308 -16.34 -15.13 -31.95
CA LEU C 308 -16.84 -14.72 -30.65
C LEU C 308 -18.32 -15.07 -30.47
N ILE C 309 -19.10 -14.96 -31.54
CA ILE C 309 -20.52 -15.32 -31.46
C ILE C 309 -20.68 -16.82 -31.31
N GLU C 310 -19.78 -17.61 -31.93
CA GLU C 310 -19.85 -19.06 -31.79
C GLU C 310 -19.57 -19.50 -30.36
N LYS C 311 -18.79 -18.72 -29.61
CA LYS C 311 -18.55 -18.98 -28.20
C LYS C 311 -19.52 -18.22 -27.30
N LYS C 312 -20.65 -17.79 -27.85
CA LYS C 312 -21.71 -17.10 -27.09
C LYS C 312 -21.20 -15.80 -26.46
N VAL C 313 -20.41 -15.04 -27.22
CA VAL C 313 -19.92 -13.74 -26.80
C VAL C 313 -20.38 -12.73 -27.85
N TYR C 314 -21.33 -11.87 -27.48
CA TYR C 314 -21.99 -10.97 -28.42
C TYR C 314 -21.62 -9.51 -28.19
N ILE C 315 -20.40 -9.25 -27.71
CA ILE C 315 -20.00 -7.88 -27.44
C ILE C 315 -19.59 -7.14 -28.72
N TRP C 316 -19.18 -7.86 -29.77
CA TRP C 316 -18.82 -7.25 -31.04
C TRP C 316 -19.90 -7.45 -32.11
N SER C 317 -21.13 -7.77 -31.70
CA SER C 317 -22.22 -7.92 -32.65
C SER C 317 -22.73 -6.57 -33.13
N GLY C 318 -22.81 -5.59 -32.23
CA GLY C 318 -23.36 -4.29 -32.60
C GLY C 318 -22.50 -3.56 -33.61
N ASN C 319 -21.18 -3.59 -33.43
CA ASN C 319 -20.25 -2.94 -34.34
C ASN C 319 -19.88 -3.83 -35.52
N GLY C 320 -20.53 -4.98 -35.68
CA GLY C 320 -20.24 -5.87 -36.77
C GLY C 320 -21.48 -6.42 -37.44
N SER C 321 -22.49 -5.57 -37.62
CA SER C 321 -23.71 -5.92 -38.32
C SER C 321 -23.67 -5.36 -39.74
N LYS C 322 -24.56 -5.88 -40.59
CA LYS C 322 -24.63 -5.40 -41.97
C LYS C 322 -25.01 -3.94 -42.02
N GLU C 323 -25.98 -3.53 -41.20
CA GLU C 323 -26.43 -2.14 -41.21
C GLU C 323 -25.35 -1.20 -40.70
N TYR C 324 -24.68 -1.56 -39.61
CA TYR C 324 -23.62 -0.71 -39.08
C TYR C 324 -22.43 -0.62 -40.04
N LEU C 325 -22.07 -1.75 -40.67
CA LEU C 325 -20.95 -1.74 -41.60
C LEU C 325 -21.27 -0.91 -42.84
N GLU C 326 -22.48 -1.06 -43.38
CA GLU C 326 -22.88 -0.24 -44.51
C GLU C 326 -22.97 1.23 -44.14
N ARG C 327 -23.35 1.54 -42.90
CA ARG C 327 -23.53 2.92 -42.49
C ARG C 327 -22.19 3.66 -42.38
N ILE C 328 -21.14 2.96 -41.95
CA ILE C 328 -19.84 3.60 -41.76
C ILE C 328 -19.02 3.47 -43.03
N GLY C 329 -19.62 2.98 -44.10
CA GLY C 329 -18.95 2.91 -45.38
C GLY C 329 -18.16 1.65 -45.62
N LEU C 330 -18.61 0.52 -45.09
CA LEU C 330 -17.95 -0.77 -45.28
C LEU C 330 -18.95 -1.81 -45.77
N GLY C 331 -19.81 -1.43 -46.72
CA GLY C 331 -20.79 -2.37 -47.24
C GLY C 331 -20.18 -3.52 -47.99
N HIS C 332 -18.99 -3.33 -48.57
CA HIS C 332 -18.27 -4.40 -49.24
C HIS C 332 -17.84 -5.50 -48.28
N ARG C 333 -17.75 -5.19 -46.98
CA ARG C 333 -17.23 -6.12 -46.00
C ARG C 333 -18.26 -7.19 -45.65
N GLU C 334 -17.78 -8.37 -45.29
CA GLU C 334 -18.65 -9.45 -44.88
C GLU C 334 -19.31 -9.12 -43.54
N GLU C 335 -20.28 -9.95 -43.15
CA GLU C 335 -21.15 -9.70 -42.00
C GLU C 335 -20.38 -9.27 -40.75
N ASN C 336 -19.56 -10.16 -40.19
CA ASN C 336 -18.84 -9.87 -38.96
C ASN C 336 -17.33 -9.72 -39.20
N ASP C 337 -16.95 -9.20 -40.36
CA ASP C 337 -15.55 -8.94 -40.67
C ASP C 337 -15.21 -7.55 -40.13
N LEU C 338 -14.71 -7.52 -38.90
CA LEU C 338 -14.46 -6.24 -38.24
C LEU C 338 -13.28 -5.48 -38.82
N GLY C 339 -12.45 -6.13 -39.63
CA GLY C 339 -11.32 -5.47 -40.25
C GLY C 339 -10.11 -5.45 -39.35
N PRO C 340 -9.04 -4.77 -39.79
CA PRO C 340 -7.81 -4.75 -38.99
C PRO C 340 -7.94 -3.95 -37.71
N ILE C 341 -8.07 -4.62 -36.58
CA ILE C 341 -8.33 -3.96 -35.30
C ILE C 341 -7.42 -4.59 -34.26
N TYR C 342 -7.81 -4.49 -32.99
CA TYR C 342 -7.12 -5.22 -31.93
C TYR C 342 -6.82 -6.64 -32.37
N GLY C 343 -5.57 -7.06 -32.18
CA GLY C 343 -5.15 -8.38 -32.56
C GLY C 343 -4.72 -8.50 -34.00
N PHE C 344 -4.99 -7.51 -34.85
CA PHE C 344 -4.34 -7.50 -36.15
C PHE C 344 -3.18 -6.54 -36.17
N GLN C 345 -3.28 -5.43 -35.46
CA GLN C 345 -2.11 -4.59 -35.21
C GLN C 345 -1.19 -5.18 -34.17
N TRP C 346 -1.69 -6.07 -33.31
CA TRP C 346 -0.84 -6.75 -32.35
C TRP C 346 0.09 -7.74 -33.03
N ARG C 347 -0.45 -8.53 -33.96
CA ARG C 347 0.30 -9.63 -34.56
C ARG C 347 0.78 -9.35 -35.98
N HIS C 348 0.12 -8.44 -36.70
CA HIS C 348 0.47 -8.12 -38.08
C HIS C 348 0.33 -6.62 -38.32
N TYR C 349 1.15 -5.84 -37.60
CA TYR C 349 1.07 -4.39 -37.73
C TYR C 349 1.54 -3.94 -39.12
N ASN C 350 0.83 -2.96 -39.68
CA ASN C 350 1.06 -2.45 -41.03
C ASN C 350 0.86 -3.50 -42.11
N GLY C 351 0.15 -4.59 -41.79
CA GLY C 351 -0.09 -5.63 -42.77
C GLY C 351 -1.29 -5.28 -43.64
N GLU C 352 -1.12 -5.47 -44.95
CA GLU C 352 -2.20 -5.20 -45.90
C GLU C 352 -3.38 -6.13 -45.61
N TYR C 353 -4.50 -5.55 -45.19
CA TYR C 353 -5.67 -6.35 -44.83
C TYR C 353 -6.51 -6.61 -46.05
N LYS C 354 -6.99 -7.85 -46.17
CA LYS C 354 -7.90 -8.20 -47.25
C LYS C 354 -9.23 -8.59 -46.62
N THR C 355 -9.42 -9.83 -46.20
CA THR C 355 -10.63 -10.26 -45.48
C THR C 355 -10.26 -11.00 -44.20
N MET C 356 -11.26 -11.40 -43.43
CA MET C 356 -11.01 -12.15 -42.20
C MET C 356 -10.71 -13.62 -42.44
N HIS C 357 -10.86 -14.11 -43.67
CA HIS C 357 -10.63 -15.51 -44.00
C HIS C 357 -9.23 -15.77 -44.55
N ASP C 358 -8.50 -14.73 -44.93
CA ASP C 358 -7.18 -14.90 -45.54
C ASP C 358 -6.15 -15.30 -44.48
N ASP C 359 -5.02 -15.80 -44.97
CA ASP C 359 -3.91 -16.22 -44.13
C ASP C 359 -2.91 -15.07 -44.03
N TYR C 360 -2.62 -14.65 -42.79
CA TYR C 360 -1.71 -13.54 -42.55
C TYR C 360 -0.45 -13.97 -41.80
N THR C 361 -0.19 -15.26 -41.68
CA THR C 361 1.00 -15.74 -40.99
C THR C 361 2.25 -15.32 -41.76
N GLY C 362 3.01 -14.39 -41.20
CA GLY C 362 4.24 -13.90 -41.81
C GLY C 362 4.22 -12.42 -42.14
N VAL C 363 3.03 -11.89 -42.49
CA VAL C 363 2.90 -10.49 -42.89
C VAL C 363 2.74 -9.62 -41.64
N GLY C 364 3.23 -8.38 -41.73
CA GLY C 364 3.13 -7.44 -40.64
C GLY C 364 4.20 -7.65 -39.59
N VAL C 365 4.21 -6.74 -38.62
CA VAL C 365 5.12 -6.79 -37.48
C VAL C 365 4.40 -7.44 -36.32
N ASP C 366 4.95 -8.55 -35.80
CA ASP C 366 4.36 -9.26 -34.67
C ASP C 366 4.78 -8.54 -33.40
N GLN C 367 3.95 -7.58 -32.97
CA GLN C 367 4.29 -6.81 -31.78
C GLN C 367 4.29 -7.68 -30.53
N LEU C 368 3.36 -8.62 -30.42
CA LEU C 368 3.26 -9.42 -29.20
C LEU C 368 4.48 -10.31 -29.02
N ALA C 369 4.93 -10.95 -30.10
CA ALA C 369 6.10 -11.82 -30.01
C ALA C 369 7.34 -11.03 -29.64
N LYS C 370 7.57 -9.90 -30.31
CA LYS C 370 8.71 -9.06 -29.98
C LYS C 370 8.61 -8.53 -28.55
N LEU C 371 7.40 -8.24 -28.10
CA LEU C 371 7.20 -7.79 -26.72
C LEU C 371 7.62 -8.86 -25.73
N ILE C 372 7.18 -10.10 -25.96
CA ILE C 372 7.55 -11.19 -25.06
C ILE C 372 9.06 -11.42 -25.08
N GLU C 373 9.65 -11.40 -26.29
CA GLU C 373 11.09 -11.62 -26.42
C GLU C 373 11.87 -10.53 -25.68
N THR C 374 11.44 -9.27 -25.81
CA THR C 374 12.12 -8.18 -25.12
C THR C 374 11.90 -8.26 -23.61
N LEU C 375 10.71 -8.68 -23.19
CA LEU C 375 10.43 -8.77 -21.76
C LEU C 375 11.32 -9.80 -21.08
N LYS C 376 11.54 -10.95 -21.73
CA LYS C 376 12.35 -11.98 -21.10
C LYS C 376 13.81 -11.97 -21.53
N ASN C 377 14.20 -11.08 -22.45
CA ASN C 377 15.61 -10.92 -22.82
C ASN C 377 16.22 -9.61 -22.36
N ASN C 378 15.44 -8.53 -22.29
CA ASN C 378 15.93 -7.24 -21.83
C ASN C 378 14.86 -6.62 -20.94
N PRO C 379 14.79 -7.05 -19.67
CA PRO C 379 13.67 -6.62 -18.82
C PRO C 379 13.70 -5.14 -18.49
N LYS C 380 14.85 -4.59 -18.14
CA LYS C 380 14.95 -3.19 -17.75
C LYS C 380 14.88 -2.24 -18.94
N ASP C 381 14.62 -2.77 -20.14
CA ASP C 381 14.41 -1.92 -21.30
C ASP C 381 13.16 -1.05 -21.10
N ARG C 382 13.19 0.14 -21.68
CA ARG C 382 12.12 1.11 -21.48
C ARG C 382 11.24 1.25 -22.72
N ARG C 383 11.14 0.17 -23.52
CA ARG C 383 10.42 0.22 -24.78
C ARG C 383 9.43 -0.94 -24.94
N HIS C 384 8.99 -1.56 -23.84
CA HIS C 384 8.02 -2.64 -23.90
C HIS C 384 6.65 -2.06 -24.21
N ILE C 385 6.42 -1.78 -25.48
CA ILE C 385 5.25 -1.02 -25.92
C ILE C 385 4.47 -1.84 -26.94
N LEU C 386 3.15 -1.94 -26.72
CA LEU C 386 2.22 -2.56 -27.64
C LEU C 386 1.20 -1.50 -28.06
N THR C 387 1.16 -1.19 -29.36
CA THR C 387 0.29 -0.15 -29.88
C THR C 387 -0.75 -0.73 -30.82
N ALA C 388 -1.89 -0.06 -30.90
CA ALA C 388 -2.95 -0.42 -31.83
C ALA C 388 -3.36 0.73 -32.73
N TRP C 389 -2.88 1.94 -32.50
CA TRP C 389 -3.24 3.10 -33.29
C TRP C 389 -2.40 3.11 -34.56
N ASN C 390 -3.01 2.72 -35.67
CA ASN C 390 -2.34 2.77 -36.99
C ASN C 390 -3.12 3.73 -37.87
N PRO C 391 -2.61 4.95 -38.09
CA PRO C 391 -3.35 5.91 -38.93
C PRO C 391 -3.60 5.41 -40.35
N SER C 392 -2.75 4.52 -40.86
CA SER C 392 -2.94 4.03 -42.22
C SER C 392 -4.13 3.07 -42.32
N ALA C 393 -4.44 2.35 -41.25
CA ALA C 393 -5.48 1.33 -41.27
C ALA C 393 -6.76 1.76 -40.56
N LEU C 394 -6.83 3.02 -40.11
CA LEU C 394 -8.01 3.46 -39.37
C LEU C 394 -9.28 3.37 -40.21
N SER C 395 -9.20 3.74 -41.49
CA SER C 395 -10.38 3.75 -42.34
C SER C 395 -10.93 2.35 -42.57
N GLN C 396 -10.07 1.33 -42.54
CA GLN C 396 -10.51 -0.04 -42.76
C GLN C 396 -11.14 -0.67 -41.52
N MET C 397 -11.06 0.00 -40.36
CA MET C 397 -11.57 -0.58 -39.13
C MET C 397 -13.06 -0.34 -38.98
N ALA C 398 -13.76 -1.33 -38.43
CA ALA C 398 -15.15 -1.14 -38.03
C ALA C 398 -15.26 -0.19 -36.85
N LEU C 399 -14.20 -0.06 -36.05
CA LEU C 399 -14.16 0.83 -34.90
C LEU C 399 -12.71 1.07 -34.51
N PRO C 400 -12.27 2.33 -34.43
CA PRO C 400 -10.88 2.61 -34.08
C PRO C 400 -10.54 2.10 -32.69
N PRO C 401 -9.25 1.88 -32.40
CA PRO C 401 -8.88 1.30 -31.10
C PRO C 401 -9.18 2.25 -29.95
N CYS C 402 -9.84 1.72 -28.92
CA CYS C 402 -10.11 2.48 -27.71
C CYS C 402 -8.94 2.39 -26.73
N HIS C 403 -8.60 1.18 -26.29
CA HIS C 403 -7.35 1.02 -25.55
C HIS C 403 -6.20 1.14 -26.54
N VAL C 404 -5.65 2.35 -26.64
CA VAL C 404 -4.76 2.69 -27.74
C VAL C 404 -3.36 2.13 -27.52
N LEU C 405 -2.76 2.45 -26.37
CA LEU C 405 -1.35 2.12 -26.15
C LEU C 405 -1.17 1.41 -24.83
N SER C 406 -0.18 0.53 -24.77
CA SER C 406 0.15 -0.13 -23.51
C SER C 406 1.67 -0.26 -23.39
N GLN C 407 2.16 -0.09 -22.17
CA GLN C 407 3.58 -0.23 -21.87
C GLN C 407 3.73 -1.18 -20.69
N TYR C 408 4.84 -1.92 -20.68
CA TYR C 408 5.07 -2.95 -19.67
C TYR C 408 6.44 -2.74 -19.04
N TYR C 409 6.53 -3.12 -17.77
CA TYR C 409 7.66 -2.75 -16.93
C TYR C 409 8.02 -3.93 -16.04
N VAL C 410 9.30 -4.26 -15.98
CA VAL C 410 9.78 -5.33 -15.13
C VAL C 410 10.45 -4.70 -13.92
N THR C 411 9.89 -4.95 -12.74
CA THR C 411 10.46 -4.39 -11.52
C THR C 411 11.71 -5.17 -11.12
N ASN C 412 12.44 -4.61 -10.16
CA ASN C 412 13.67 -5.26 -9.70
C ASN C 412 13.38 -6.58 -8.99
N ASP C 413 12.17 -6.79 -8.48
CA ASP C 413 11.79 -8.05 -7.86
C ASP C 413 10.96 -8.93 -8.81
N ASN C 414 11.22 -8.82 -10.11
CA ASN C 414 10.69 -9.72 -11.13
C ASN C 414 9.16 -9.73 -11.15
N CYS C 415 8.57 -8.54 -11.12
CA CYS C 415 7.13 -8.36 -11.30
C CYS C 415 6.88 -7.57 -12.57
N LEU C 416 5.72 -7.80 -13.18
CA LEU C 416 5.34 -7.18 -14.44
C LEU C 416 4.21 -6.20 -14.20
N SER C 417 4.49 -4.92 -14.34
CA SER C 417 3.48 -3.86 -14.27
C SER C 417 3.10 -3.40 -15.67
N CYS C 418 1.89 -2.86 -15.78
CA CYS C 418 1.32 -2.49 -17.07
C CYS C 418 0.66 -1.12 -16.97
N ASN C 419 0.97 -0.25 -17.93
CA ASN C 419 0.30 1.03 -18.11
C ASN C 419 -0.51 0.97 -19.40
N LEU C 420 -1.69 1.58 -19.38
CA LEU C 420 -2.58 1.60 -20.53
C LEU C 420 -3.09 3.02 -20.75
N TYR C 421 -2.89 3.55 -21.95
CA TYR C 421 -3.55 4.78 -22.37
C TYR C 421 -4.72 4.43 -23.28
N GLN C 422 -5.90 4.91 -22.89
CA GLN C 422 -7.17 4.64 -23.56
C GLN C 422 -7.78 5.96 -23.99
N ARG C 423 -8.06 6.10 -25.29
CA ARG C 423 -8.53 7.39 -25.80
C ARG C 423 -9.96 7.68 -25.39
N SER C 424 -10.79 6.65 -25.24
CA SER C 424 -12.21 6.82 -24.95
C SER C 424 -12.66 5.69 -24.04
N CYS C 425 -13.32 6.03 -22.94
CA CYS C 425 -13.69 5.05 -21.92
C CYS C 425 -15.16 5.20 -21.55
N ASP C 426 -15.96 4.22 -21.96
CA ASP C 426 -17.34 4.04 -21.52
C ASP C 426 -17.30 3.42 -20.13
N LEU C 427 -17.47 4.27 -19.11
CA LEU C 427 -17.34 3.80 -17.72
C LEU C 427 -18.41 2.80 -17.33
N GLY C 428 -19.54 2.77 -18.04
CA GLY C 428 -20.60 1.85 -17.70
C GLY C 428 -20.31 0.43 -18.13
N LEU C 429 -19.79 0.26 -19.35
CA LEU C 429 -19.52 -1.06 -19.90
C LEU C 429 -18.05 -1.28 -20.20
N GLY C 430 -17.40 -0.35 -20.90
CA GLY C 430 -16.05 -0.59 -21.36
C GLY C 430 -15.00 -0.62 -20.27
N SER C 431 -15.19 0.18 -19.22
CA SER C 431 -14.14 0.32 -18.21
C SER C 431 -13.89 -0.97 -17.44
N PRO C 432 -14.90 -1.67 -16.89
CA PRO C 432 -14.60 -2.93 -16.18
C PRO C 432 -13.99 -3.98 -17.09
N PHE C 433 -14.50 -4.08 -18.32
CA PHE C 433 -13.92 -5.01 -19.28
C PHE C 433 -12.46 -4.69 -19.55
N ASN C 434 -12.13 -3.41 -19.73
CA ASN C 434 -10.73 -3.04 -19.97
C ASN C 434 -9.85 -3.37 -18.78
N ILE C 435 -10.31 -3.05 -17.57
CA ILE C 435 -9.54 -3.35 -16.37
C ILE C 435 -9.24 -4.84 -16.29
N ALA C 436 -10.28 -5.67 -16.33
CA ALA C 436 -10.09 -7.10 -16.20
C ALA C 436 -9.27 -7.67 -17.36
N SER C 437 -9.50 -7.15 -18.58
CA SER C 437 -8.83 -7.68 -19.75
C SER C 437 -7.32 -7.42 -19.69
N TYR C 438 -6.93 -6.19 -19.35
CA TYR C 438 -5.51 -5.91 -19.29
C TYR C 438 -4.86 -6.52 -18.06
N ALA C 439 -5.64 -6.75 -16.99
CA ALA C 439 -5.11 -7.53 -15.87
C ALA C 439 -4.78 -8.95 -16.32
N ILE C 440 -5.72 -9.59 -17.01
CA ILE C 440 -5.51 -10.96 -17.49
C ILE C 440 -4.34 -11.00 -18.47
N LEU C 441 -4.24 -10.00 -19.34
CA LEU C 441 -3.13 -9.96 -20.31
C LEU C 441 -1.80 -9.81 -19.60
N THR C 442 -1.73 -8.96 -18.58
CA THR C 442 -0.49 -8.81 -17.83
C THR C 442 -0.12 -10.11 -17.12
N MET C 443 -1.12 -10.81 -16.58
CA MET C 443 -0.83 -12.09 -15.91
C MET C 443 -0.34 -13.13 -16.91
N MET C 444 -0.93 -13.18 -18.09
CA MET C 444 -0.48 -14.12 -19.12
C MET C 444 0.95 -13.82 -19.55
N LEU C 445 1.24 -12.53 -19.80
CA LEU C 445 2.60 -12.15 -20.16
C LEU C 445 3.57 -12.50 -19.04
N ALA C 446 3.16 -12.34 -17.78
CA ALA C 446 4.04 -12.64 -16.66
C ALA C 446 4.33 -14.13 -16.56
N GLN C 447 3.32 -14.97 -16.78
CA GLN C 447 3.57 -16.41 -16.74
C GLN C 447 4.45 -16.85 -17.91
N VAL C 448 4.19 -16.33 -19.11
CA VAL C 448 4.97 -16.74 -20.27
C VAL C 448 6.41 -16.24 -20.16
N CYS C 449 6.63 -15.10 -19.52
CA CYS C 449 7.97 -14.55 -19.37
C CYS C 449 8.63 -14.95 -18.05
N GLY C 450 7.89 -15.58 -17.14
CA GLY C 450 8.48 -16.01 -15.89
C GLY C 450 8.54 -14.94 -14.82
N TYR C 451 7.52 -14.08 -14.74
CA TYR C 451 7.43 -13.03 -13.73
C TYR C 451 6.14 -13.20 -12.93
N GLU C 452 5.97 -12.34 -11.94
CA GLU C 452 4.76 -12.26 -11.16
C GLU C 452 3.98 -11.00 -11.51
N PRO C 453 2.65 -11.00 -11.38
CA PRO C 453 1.88 -9.80 -11.71
C PRO C 453 2.19 -8.64 -10.76
N GLY C 454 2.28 -7.45 -11.33
CA GLY C 454 2.61 -6.26 -10.57
C GLY C 454 1.45 -5.30 -10.38
N GLU C 455 1.53 -4.12 -11.00
CA GLU C 455 0.49 -3.12 -10.89
C GLU C 455 -0.11 -2.85 -12.27
N LEU C 456 -1.30 -2.27 -12.27
CA LEU C 456 -2.02 -1.92 -13.50
C LEU C 456 -2.46 -0.46 -13.39
N ALA C 457 -1.91 0.40 -14.23
CA ALA C 457 -2.30 1.79 -14.30
C ALA C 457 -3.02 2.03 -15.62
N ILE C 458 -4.19 2.65 -15.56
CA ILE C 458 -4.98 2.98 -16.73
C ILE C 458 -5.12 4.49 -16.80
N PHE C 459 -4.67 5.08 -17.91
CA PHE C 459 -4.77 6.51 -18.17
C PHE C 459 -5.82 6.73 -19.25
N ILE C 460 -6.82 7.54 -18.95
CA ILE C 460 -7.99 7.71 -19.80
C ILE C 460 -8.02 9.13 -20.32
N GLY C 461 -8.26 9.27 -21.63
CA GLY C 461 -8.54 10.57 -22.21
C GLY C 461 -9.97 10.97 -21.95
N ASP C 462 -10.88 10.66 -22.89
CA ASP C 462 -12.29 11.01 -22.77
C ASP C 462 -12.99 9.94 -21.94
N ALA C 463 -13.07 10.19 -20.63
CA ALA C 463 -13.81 9.31 -19.73
C ALA C 463 -15.24 9.81 -19.65
N HIS C 464 -16.20 8.97 -20.03
CA HIS C 464 -17.57 9.44 -20.15
C HIS C 464 -18.55 8.40 -19.63
N ILE C 465 -19.76 8.89 -19.34
CA ILE C 465 -20.89 8.07 -18.93
C ILE C 465 -22.04 8.35 -19.89
N TYR C 466 -22.57 7.31 -20.51
CA TYR C 466 -23.73 7.46 -21.37
C TYR C 466 -24.97 7.76 -20.53
N GLU C 467 -25.83 8.64 -21.04
CA GLU C 467 -26.93 9.16 -20.24
C GLU C 467 -27.96 8.09 -19.91
N ASN C 468 -28.03 7.00 -20.67
CA ASN C 468 -28.93 5.90 -20.36
C ASN C 468 -28.40 4.96 -19.28
N HIS C 469 -27.20 5.22 -18.76
CA HIS C 469 -26.62 4.41 -17.68
C HIS C 469 -26.78 5.03 -16.30
N LEU C 470 -27.24 6.29 -16.21
CA LEU C 470 -27.22 7.02 -14.95
C LEU C 470 -27.92 6.24 -13.84
N THR C 471 -29.21 5.95 -14.03
CA THR C 471 -29.97 5.20 -13.03
C THR C 471 -29.24 3.93 -12.61
N GLN C 472 -28.58 3.27 -13.55
CA GLN C 472 -27.82 2.07 -13.22
C GLN C 472 -26.59 2.42 -12.38
N LEU C 473 -25.78 3.36 -12.87
CA LEU C 473 -24.48 3.59 -12.25
C LEU C 473 -24.63 4.16 -10.84
N LYS C 474 -25.58 5.07 -10.64
CA LYS C 474 -25.89 5.54 -9.30
C LYS C 474 -26.23 4.36 -8.39
N GLU C 475 -27.04 3.42 -8.89
CA GLU C 475 -27.31 2.19 -8.15
C GLU C 475 -26.01 1.49 -7.77
N GLN C 476 -25.09 1.36 -8.73
CA GLN C 476 -23.82 0.71 -8.46
C GLN C 476 -23.02 1.47 -7.41
N LEU C 477 -23.21 2.79 -7.34
CA LEU C 477 -22.52 3.59 -6.32
C LEU C 477 -23.13 3.44 -4.94
N SER C 478 -24.29 2.82 -4.82
CA SER C 478 -24.92 2.61 -3.52
C SER C 478 -24.43 1.37 -2.80
N ARG C 479 -23.58 0.58 -3.45
CA ARG C 479 -23.15 -0.71 -2.93
C ARG C 479 -21.72 -0.59 -2.39
N THR C 480 -21.56 -0.90 -1.10
CA THR C 480 -20.23 -0.87 -0.49
C THR C 480 -19.36 -1.98 -1.07
N PRO C 481 -18.14 -1.68 -1.50
CA PRO C 481 -17.32 -2.69 -2.19
C PRO C 481 -16.96 -3.86 -1.28
N ARG C 482 -16.67 -4.98 -1.91
CA ARG C 482 -16.20 -6.20 -1.28
C ARG C 482 -14.80 -6.53 -1.78
N PRO C 483 -14.05 -7.37 -1.07
CA PRO C 483 -12.66 -7.63 -1.47
C PRO C 483 -12.59 -8.23 -2.87
N PHE C 484 -11.53 -7.86 -3.59
CA PHE C 484 -11.29 -8.39 -4.91
C PHE C 484 -11.11 -9.90 -4.85
N PRO C 485 -11.50 -10.62 -5.90
CA PRO C 485 -11.23 -12.06 -5.92
C PRO C 485 -9.79 -12.36 -6.32
N GLN C 486 -9.47 -13.64 -6.50
CA GLN C 486 -8.19 -14.07 -7.03
C GLN C 486 -8.41 -14.75 -8.37
N LEU C 487 -7.42 -14.65 -9.25
CA LEU C 487 -7.47 -15.33 -10.54
C LEU C 487 -6.18 -16.12 -10.69
N LYS C 488 -6.31 -17.44 -10.83
CA LYS C 488 -5.16 -18.32 -10.94
C LYS C 488 -5.23 -19.14 -12.23
N PHE C 489 -4.07 -19.50 -12.74
CA PHE C 489 -3.97 -20.35 -13.93
C PHE C 489 -3.75 -21.79 -13.50
N LYS C 490 -4.51 -22.71 -14.11
CA LYS C 490 -4.46 -24.11 -13.71
C LYS C 490 -3.21 -24.80 -14.24
N ARG C 491 -2.66 -24.36 -15.37
CA ARG C 491 -1.49 -24.98 -15.97
C ARG C 491 -0.57 -23.90 -16.53
N LYS C 492 0.69 -24.26 -16.70
CA LYS C 492 1.66 -23.38 -17.33
C LYS C 492 1.72 -23.70 -18.82
N VAL C 493 1.34 -22.73 -19.65
CA VAL C 493 1.30 -22.95 -21.09
C VAL C 493 2.69 -22.76 -21.68
N GLU C 494 2.86 -23.26 -22.92
CA GLU C 494 4.11 -23.10 -23.66
C GLU C 494 4.10 -21.86 -24.54
N ASN C 495 2.96 -21.54 -25.14
CA ASN C 495 2.80 -20.32 -25.92
C ASN C 495 1.60 -19.54 -25.39
N ILE C 496 1.67 -18.22 -25.50
CA ILE C 496 0.63 -17.37 -24.94
C ILE C 496 -0.72 -17.60 -25.61
N GLU C 497 -0.73 -18.12 -26.84
CA GLU C 497 -1.98 -18.39 -27.54
C GLU C 497 -2.70 -19.63 -27.02
N ASP C 498 -2.04 -20.45 -26.20
CA ASP C 498 -2.61 -21.73 -25.79
C ASP C 498 -3.55 -21.62 -24.60
N PHE C 499 -3.79 -20.42 -24.07
CA PHE C 499 -4.68 -20.27 -22.93
C PHE C 499 -6.11 -20.59 -23.33
N LYS C 500 -6.81 -21.28 -22.43
CA LYS C 500 -8.21 -21.64 -22.64
C LYS C 500 -9.01 -21.24 -21.39
N TRP C 501 -10.33 -21.13 -21.57
CA TRP C 501 -11.18 -20.71 -20.47
C TRP C 501 -11.17 -21.70 -19.32
N GLU C 502 -10.95 -22.99 -19.61
CA GLU C 502 -10.88 -24.00 -18.57
C GLU C 502 -9.63 -23.86 -17.71
N ASP C 503 -8.65 -23.09 -18.15
CA ASP C 503 -7.40 -22.91 -17.41
C ASP C 503 -7.47 -21.83 -16.34
N ILE C 504 -8.59 -21.11 -16.23
CA ILE C 504 -8.70 -19.97 -15.34
C ILE C 504 -9.61 -20.34 -14.18
N GLU C 505 -9.12 -20.14 -12.95
CA GLU C 505 -9.88 -20.36 -11.73
C GLU C 505 -10.10 -19.02 -11.04
N LEU C 506 -11.36 -18.65 -10.86
CA LEU C 506 -11.74 -17.39 -10.22
C LEU C 506 -12.18 -17.72 -8.79
N ILE C 507 -11.31 -17.44 -7.84
CA ILE C 507 -11.48 -17.86 -6.45
C ILE C 507 -12.01 -16.69 -5.63
N GLY C 508 -13.10 -16.92 -4.90
CA GLY C 508 -13.62 -15.96 -3.95
C GLY C 508 -14.16 -14.69 -4.58
N TYR C 509 -15.04 -14.83 -5.56
CA TYR C 509 -15.69 -13.69 -6.21
C TYR C 509 -17.15 -13.70 -5.78
N TYR C 510 -17.49 -12.78 -4.86
CA TYR C 510 -18.84 -12.67 -4.31
C TYR C 510 -19.37 -11.26 -4.61
N PRO C 511 -19.77 -11.01 -5.85
CA PRO C 511 -20.19 -9.65 -6.23
C PRO C 511 -21.67 -9.40 -5.94
N TYR C 512 -22.04 -8.14 -6.01
CA TYR C 512 -23.45 -7.77 -6.02
C TYR C 512 -24.06 -8.17 -7.36
N PRO C 513 -25.39 -8.31 -7.43
CA PRO C 513 -26.01 -8.80 -8.67
C PRO C 513 -25.67 -7.92 -9.87
N THR C 514 -25.76 -8.54 -11.05
CA THR C 514 -25.43 -7.84 -12.29
C THR C 514 -26.41 -6.70 -12.52
N ILE C 515 -25.95 -5.71 -13.30
CA ILE C 515 -26.72 -4.51 -13.61
C ILE C 515 -26.76 -4.37 -15.12
N LYS C 516 -27.93 -4.60 -15.72
CA LYS C 516 -28.05 -4.57 -17.17
C LYS C 516 -27.89 -3.14 -17.69
N MET C 517 -27.04 -2.98 -18.70
CA MET C 517 -26.82 -1.69 -19.34
C MET C 517 -26.67 -1.89 -20.83
N ASP C 518 -27.40 -1.10 -21.62
CA ASP C 518 -27.39 -1.23 -23.07
C ASP C 518 -26.21 -0.50 -23.68
N MET C 519 -25.60 -1.11 -24.68
CA MET C 519 -24.47 -0.50 -25.37
C MET C 519 -24.96 0.45 -26.45
N ALA C 520 -24.28 1.58 -26.59
CA ALA C 520 -24.57 2.55 -27.63
C ALA C 520 -23.80 2.18 -28.89
N VAL C 521 -24.53 1.93 -29.98
CA VAL C 521 -23.90 1.52 -31.23
C VAL C 521 -23.52 2.73 -32.07
N GLU D 3 -7.64 38.24 23.12
CA GLU D 3 -6.78 37.41 22.27
C GLU D 3 -7.53 36.94 21.02
N LYS D 4 -7.38 37.67 19.93
CA LYS D 4 -8.02 37.35 18.66
C LYS D 4 -6.95 37.22 17.57
N ASN D 5 -7.40 36.98 16.35
CA ASN D 5 -6.50 36.67 15.24
C ASN D 5 -6.04 37.94 14.54
N VAL D 6 -4.77 37.95 14.14
CA VAL D 6 -4.16 39.07 13.44
C VAL D 6 -3.47 38.56 12.19
N SER D 7 -3.80 39.15 11.05
CA SER D 7 -3.27 38.72 9.77
C SER D 7 -2.80 39.92 8.96
N ILE D 8 -1.55 39.88 8.51
CA ILE D 8 -1.09 40.82 7.50
C ILE D 8 -1.68 40.42 6.16
N VAL D 9 -2.11 41.41 5.38
CA VAL D 9 -2.54 41.20 4.00
C VAL D 9 -1.71 42.13 3.12
N VAL D 10 -0.98 41.57 2.17
CA VAL D 10 -0.04 42.36 1.37
C VAL D 10 0.05 41.78 -0.03
N ALA D 11 0.29 42.65 -1.01
CA ALA D 11 0.59 42.26 -2.38
C ALA D 11 1.96 42.84 -2.75
N ALA D 12 2.92 41.96 -2.99
CA ALA D 12 4.30 42.37 -3.24
C ALA D 12 4.84 41.69 -4.48
N SER D 13 5.89 42.27 -5.05
CA SER D 13 6.53 41.67 -6.21
C SER D 13 7.31 40.42 -5.80
N VAL D 14 7.63 39.59 -6.79
CA VAL D 14 8.12 38.25 -6.51
C VAL D 14 9.54 38.28 -5.94
N LEU D 15 10.41 39.14 -6.49
CA LEU D 15 11.81 39.15 -6.13
C LEU D 15 12.13 40.23 -5.10
N SER D 16 11.91 41.50 -5.44
CA SER D 16 12.29 42.62 -4.59
C SER D 16 11.22 42.99 -3.57
N SER D 17 10.02 42.40 -3.66
CA SER D 17 8.94 42.63 -2.71
C SER D 17 8.50 44.10 -2.69
N GLY D 18 8.44 44.73 -3.86
CA GLY D 18 7.94 46.09 -3.95
C GLY D 18 6.42 46.11 -3.92
N ILE D 19 5.87 47.10 -3.21
CA ILE D 19 4.43 47.15 -2.99
C ILE D 19 3.84 48.49 -3.41
N GLY D 20 4.68 49.48 -3.69
CA GLY D 20 4.18 50.80 -4.01
C GLY D 20 5.16 51.65 -4.78
N ILE D 21 4.63 52.70 -5.39
CA ILE D 21 5.44 53.68 -6.12
C ILE D 21 4.66 54.98 -6.25
N ASN D 22 5.25 56.08 -5.74
CA ASN D 22 4.67 57.41 -5.84
C ASN D 22 3.25 57.46 -5.28
N GLY D 23 3.07 56.87 -4.10
CA GLY D 23 1.81 56.93 -3.41
C GLY D 23 0.68 56.11 -4.02
N GLN D 24 0.98 55.22 -4.95
CA GLN D 24 -0.03 54.36 -5.56
C GLN D 24 0.58 52.98 -5.80
N LEU D 25 -0.24 52.07 -6.32
CA LEU D 25 0.23 50.72 -6.59
C LEU D 25 0.96 50.66 -7.92
N PRO D 26 2.00 49.82 -8.02
CA PRO D 26 2.70 49.63 -9.30
C PRO D 26 1.99 48.71 -10.29
N TRP D 27 0.73 48.38 -10.06
CA TRP D 27 -0.01 47.51 -10.97
C TRP D 27 -1.50 47.80 -10.79
N SER D 28 -2.32 47.16 -11.65
CA SER D 28 -3.78 47.29 -11.60
C SER D 28 -4.37 45.90 -11.80
N ILE D 29 -4.48 45.16 -10.71
CA ILE D 29 -5.04 43.81 -10.72
C ILE D 29 -6.36 43.84 -9.95
N SER D 30 -7.46 43.71 -10.69
CA SER D 30 -8.78 43.80 -10.06
C SER D 30 -9.04 42.62 -9.12
N GLU D 31 -8.65 41.42 -9.55
CA GLU D 31 -8.90 40.22 -8.74
C GLU D 31 -8.17 40.29 -7.41
N ASP D 32 -7.02 40.98 -7.36
CA ASP D 32 -6.31 41.10 -6.10
C ASP D 32 -7.07 42.00 -5.13
N LEU D 33 -7.67 43.09 -5.62
CA LEU D 33 -8.51 43.91 -4.77
C LEU D 33 -9.74 43.14 -4.31
N LYS D 34 -10.33 42.33 -5.20
CA LYS D 34 -11.45 41.50 -4.79
C LYS D 34 -11.04 40.51 -3.71
N PHE D 35 -9.82 39.97 -3.82
CA PHE D 35 -9.29 39.08 -2.78
C PHE D 35 -9.14 39.82 -1.46
N PHE D 36 -8.58 41.03 -1.50
CA PHE D 36 -8.46 41.83 -0.30
C PHE D 36 -9.82 42.04 0.36
N SER D 37 -10.82 42.40 -0.45
CA SER D 37 -12.16 42.62 0.07
C SER D 37 -12.73 41.36 0.71
N LYS D 38 -12.64 40.23 0.01
CA LYS D 38 -13.26 39.01 0.51
C LYS D 38 -12.52 38.46 1.72
N ILE D 39 -11.21 38.71 1.82
CA ILE D 39 -10.46 38.17 2.95
C ILE D 39 -10.60 39.07 4.17
N THR D 40 -10.85 40.37 3.97
CA THR D 40 -11.07 41.25 5.11
C THR D 40 -12.52 41.26 5.58
N ASN D 41 -13.46 40.83 4.74
CA ASN D 41 -14.84 40.64 5.15
C ASN D 41 -15.12 39.27 5.75
N ASN D 42 -14.18 38.33 5.59
CA ASN D 42 -14.39 36.96 6.05
C ASN D 42 -14.50 36.96 7.57
N LYS D 43 -15.73 36.83 8.08
CA LYS D 43 -15.99 36.81 9.50
C LYS D 43 -16.94 35.66 9.82
N CYS D 44 -17.01 35.33 11.11
CA CYS D 44 -17.88 34.25 11.58
C CYS D 44 -19.10 34.74 12.34
N ASP D 45 -19.05 35.96 12.88
CA ASP D 45 -20.15 36.54 13.65
C ASP D 45 -20.78 37.66 12.82
N SER D 46 -22.09 37.56 12.58
CA SER D 46 -22.78 38.59 11.80
C SER D 46 -22.94 39.89 12.56
N ASN D 47 -22.77 39.88 13.88
CA ASN D 47 -22.89 41.08 14.69
C ASN D 47 -21.54 41.68 15.06
N LYS D 48 -20.48 41.32 14.33
CA LYS D 48 -19.14 41.86 14.57
C LYS D 48 -18.54 42.32 13.25
N LYS D 49 -17.62 43.27 13.34
CA LYS D 49 -16.90 43.80 12.18
C LYS D 49 -15.41 43.50 12.34
N ASN D 50 -14.68 43.61 11.23
CA ASN D 50 -13.24 43.40 11.21
C ASN D 50 -12.51 44.73 11.13
N ALA D 51 -11.38 44.80 11.84
CA ALA D 51 -10.57 46.02 11.93
C ALA D 51 -9.37 45.91 10.99
N LEU D 52 -9.16 46.94 10.18
CA LEU D 52 -8.06 47.01 9.23
C LEU D 52 -7.13 48.16 9.61
N ILE D 53 -5.95 47.83 10.10
CA ILE D 53 -4.95 48.81 10.51
C ILE D 53 -4.13 49.21 9.29
N MET D 54 -3.94 50.52 9.12
CA MET D 54 -3.18 51.02 7.98
C MET D 54 -2.51 52.35 8.34
N GLY D 55 -1.42 52.64 7.63
CA GLY D 55 -0.73 53.91 7.82
C GLY D 55 -1.45 55.06 7.17
N ARG D 56 -0.93 56.27 7.43
CA ARG D 56 -1.60 57.48 6.95
C ARG D 56 -1.49 57.62 5.44
N LYS D 57 -0.30 57.34 4.88
CA LYS D 57 -0.14 57.44 3.43
C LYS D 57 -1.00 56.41 2.72
N THR D 58 -1.14 55.22 3.31
CA THR D 58 -2.07 54.23 2.79
C THR D 58 -3.51 54.72 2.86
N TRP D 59 -3.87 55.37 3.97
CA TRP D 59 -5.19 55.98 4.09
C TRP D 59 -5.42 57.03 3.01
N ASP D 60 -4.36 57.74 2.62
CA ASP D 60 -4.47 58.71 1.52
C ASP D 60 -4.63 58.00 0.18
N SER D 61 -3.95 56.86 0.02
CA SER D 61 -3.96 56.14 -1.25
C SER D 61 -5.35 55.66 -1.63
N ILE D 62 -6.20 55.39 -0.64
CA ILE D 62 -7.54 54.89 -0.89
C ILE D 62 -8.57 56.03 -0.85
N GLY D 63 -8.13 57.27 -1.01
CA GLY D 63 -9.02 58.40 -1.09
C GLY D 63 -9.63 58.85 0.22
N ARG D 64 -9.14 58.35 1.35
CA ARG D 64 -9.65 58.70 2.67
C ARG D 64 -11.16 58.46 2.79
N ARG D 65 -11.61 57.34 2.23
CA ARG D 65 -13.02 56.96 2.32
C ARG D 65 -13.15 55.58 2.97
N PRO D 66 -14.18 55.38 3.78
CA PRO D 66 -14.29 54.12 4.54
C PRO D 66 -14.55 52.93 3.63
N LEU D 67 -14.16 51.76 4.12
CA LEU D 67 -14.42 50.50 3.46
C LEU D 67 -15.66 49.87 4.05
N LYS D 68 -16.57 49.42 3.17
CA LYS D 68 -17.87 48.92 3.62
C LYS D 68 -17.71 47.74 4.56
N ASN D 69 -18.54 47.72 5.61
CA ASN D 69 -18.67 46.64 6.59
C ASN D 69 -17.43 46.46 7.47
N ARG D 70 -16.41 47.29 7.34
CA ARG D 70 -15.19 47.13 8.11
C ARG D 70 -14.85 48.44 8.81
N ILE D 71 -14.01 48.34 9.85
CA ILE D 71 -13.59 49.49 10.63
C ILE D 71 -12.12 49.76 10.33
N ILE D 72 -11.83 50.94 9.81
CA ILE D 72 -10.48 51.32 9.43
C ILE D 72 -9.79 51.99 10.62
N VAL D 73 -8.55 51.60 10.89
CA VAL D 73 -7.75 52.12 11.99
C VAL D 73 -6.51 52.76 11.39
N VAL D 74 -6.47 54.10 11.39
CA VAL D 74 -5.36 54.83 10.80
C VAL D 74 -4.33 55.13 11.87
N ILE D 75 -3.09 54.72 11.64
CA ILE D 75 -1.97 55.06 12.51
C ILE D 75 -1.37 56.36 11.99
N SER D 76 -1.40 57.40 12.83
CA SER D 76 -0.87 58.69 12.45
C SER D 76 -0.67 59.53 13.71
N SER D 77 0.37 60.35 13.69
CA SER D 77 0.64 61.27 14.80
C SER D 77 0.07 62.66 14.57
N SER D 78 -0.42 62.97 13.35
CA SER D 78 -0.92 64.30 13.05
C SER D 78 -2.41 64.34 12.73
N LEU D 79 -3.00 63.23 12.28
CA LEU D 79 -4.42 63.25 11.94
C LEU D 79 -5.26 63.44 13.20
N PRO D 80 -6.31 64.26 13.14
CA PRO D 80 -7.17 64.46 14.32
C PRO D 80 -7.94 63.19 14.65
N GLN D 81 -7.89 62.80 15.93
CA GLN D 81 -8.63 61.63 16.42
C GLN D 81 -10.13 61.95 16.33
N ASP D 82 -10.66 61.86 15.12
CA ASP D 82 -12.05 62.20 14.87
C ASP D 82 -12.99 61.13 15.42
N GLU D 83 -14.15 61.57 15.88
CA GLU D 83 -15.21 60.67 16.33
C GLU D 83 -16.49 60.82 15.52
N ALA D 84 -16.49 61.65 14.47
CA ALA D 84 -17.70 61.82 13.67
C ALA D 84 -17.97 60.58 12.83
N ASP D 85 -16.93 60.01 12.21
CA ASP D 85 -17.08 58.80 11.41
C ASP D 85 -16.89 57.59 12.29
N PRO D 86 -17.91 56.76 12.51
CA PRO D 86 -17.75 55.58 13.36
C PRO D 86 -17.05 54.41 12.68
N ASN D 87 -16.71 54.52 11.40
CA ASN D 87 -16.02 53.47 10.67
C ASN D 87 -14.53 53.75 10.51
N VAL D 88 -14.05 54.90 10.97
CA VAL D 88 -12.64 55.27 10.91
C VAL D 88 -12.22 55.79 12.27
N VAL D 89 -11.15 55.21 12.82
CA VAL D 89 -10.62 55.62 14.12
C VAL D 89 -9.12 55.80 13.97
N VAL D 90 -8.57 56.79 14.68
CA VAL D 90 -7.15 57.15 14.57
C VAL D 90 -6.44 56.80 15.86
N PHE D 91 -5.25 56.23 15.73
CA PHE D 91 -4.39 55.93 16.88
C PHE D 91 -3.01 56.53 16.65
N ARG D 92 -2.38 56.95 17.75
CA ARG D 92 -1.10 57.64 17.68
C ARG D 92 0.07 56.71 17.44
N ASN D 93 -0.06 55.43 17.80
CA ASN D 93 1.00 54.46 17.57
C ASN D 93 0.36 53.10 17.30
N LEU D 94 1.18 52.20 16.74
CA LEU D 94 0.69 50.88 16.38
C LEU D 94 0.39 50.02 17.61
N GLU D 95 1.14 50.21 18.70
CA GLU D 95 0.95 49.37 19.88
C GLU D 95 -0.39 49.63 20.56
N ASP D 96 -0.74 50.90 20.74
CA ASP D 96 -2.01 51.24 21.38
C ASP D 96 -3.21 50.77 20.58
N SER D 97 -3.07 50.69 19.25
CA SER D 97 -4.19 50.29 18.40
C SER D 97 -4.56 48.82 18.55
N ILE D 98 -3.71 48.02 19.18
CA ILE D 98 -3.97 46.59 19.38
C ILE D 98 -4.88 46.39 20.59
N GLU D 99 -5.40 47.49 21.15
CA GLU D 99 -6.39 47.41 22.22
C GLU D 99 -7.62 46.59 21.85
N ASN D 100 -7.88 46.38 20.55
CA ASN D 100 -8.99 45.54 20.11
C ASN D 100 -8.92 44.14 20.71
N LEU D 101 -7.73 43.67 21.09
CA LEU D 101 -7.62 42.36 21.74
C LEU D 101 -8.19 42.40 23.15
N MET D 102 -7.72 43.33 23.98
CA MET D 102 -8.11 43.38 25.39
C MET D 102 -9.61 43.65 25.53
N ASN D 103 -10.06 44.82 25.10
CA ASN D 103 -11.46 45.20 25.14
C ASN D 103 -12.03 45.15 23.72
N ASP D 104 -13.16 45.83 23.52
CA ASP D 104 -13.84 45.91 22.23
C ASP D 104 -14.09 44.51 21.65
N ASP D 105 -15.08 43.84 22.26
CA ASP D 105 -15.47 42.50 21.84
C ASP D 105 -16.28 42.50 20.56
N SER D 106 -16.57 43.66 19.97
CA SER D 106 -17.27 43.71 18.70
C SER D 106 -16.35 43.52 17.50
N ILE D 107 -15.04 43.41 17.71
CA ILE D 107 -14.08 43.17 16.65
C ILE D 107 -13.65 41.71 16.73
N GLU D 108 -13.78 40.98 15.61
CA GLU D 108 -13.48 39.56 15.59
C GLU D 108 -12.04 39.31 15.14
N ASN D 109 -11.67 39.79 13.96
CA ASN D 109 -10.33 39.61 13.42
C ASN D 109 -9.70 40.96 13.11
N ILE D 110 -8.37 40.97 13.05
CA ILE D 110 -7.60 42.19 12.80
C ILE D 110 -6.73 41.94 11.56
N PHE D 111 -6.72 42.90 10.65
CA PHE D 111 -5.97 42.79 9.41
C PHE D 111 -5.02 43.98 9.29
N VAL D 112 -3.72 43.70 9.29
CA VAL D 112 -2.69 44.70 9.08
C VAL D 112 -2.43 44.78 7.58
N CYS D 113 -2.75 45.94 6.99
CA CYS D 113 -2.58 46.13 5.55
C CYS D 113 -1.99 47.48 5.20
N GLY D 114 -1.33 48.15 6.14
CA GLY D 114 -0.76 49.46 5.91
C GLY D 114 0.47 49.45 5.01
N GLY D 115 1.33 50.46 5.16
CA GLY D 115 2.51 50.61 4.34
C GLY D 115 3.70 49.85 4.91
N GLU D 116 4.87 50.13 4.31
CA GLU D 116 6.10 49.49 4.76
C GLU D 116 6.38 49.79 6.23
N SER D 117 6.14 51.02 6.66
CA SER D 117 6.40 51.39 8.05
C SER D 117 5.53 50.59 9.01
N ILE D 118 4.28 50.31 8.62
CA ILE D 118 3.39 49.55 9.49
C ILE D 118 3.78 48.08 9.50
N TYR D 119 4.07 47.52 8.33
CA TYR D 119 4.49 46.12 8.24
C TYR D 119 5.74 45.86 9.06
N ARG D 120 6.74 46.73 8.93
CA ARG D 120 8.06 46.44 9.47
C ARG D 120 8.03 46.29 10.99
N ASP D 121 7.32 47.18 11.68
CA ASP D 121 7.20 47.07 13.13
C ASP D 121 5.92 46.39 13.58
N ALA D 122 5.11 45.88 12.66
CA ALA D 122 4.12 44.88 13.03
C ALA D 122 4.73 43.49 13.08
N LEU D 123 5.75 43.25 12.25
CA LEU D 123 6.51 42.01 12.34
C LEU D 123 7.57 42.08 13.43
N LYS D 124 8.20 43.25 13.60
CA LYS D 124 9.22 43.41 14.64
C LYS D 124 8.61 43.29 16.03
N ASP D 125 7.40 43.81 16.22
CA ASP D 125 6.72 43.72 17.50
C ASP D 125 6.02 42.37 17.70
N ASN D 126 6.04 41.50 16.70
CA ASN D 126 5.52 40.14 16.82
C ASN D 126 4.02 40.15 17.15
N PHE D 127 3.28 41.01 16.45
CA PHE D 127 1.83 41.09 16.59
C PHE D 127 1.09 40.24 15.54
N VAL D 128 1.80 39.72 14.56
CA VAL D 128 1.21 39.12 13.36
C VAL D 128 1.14 37.61 13.54
N ASP D 129 -0.06 37.04 13.36
CA ASP D 129 -0.24 35.60 13.38
C ASP D 129 -0.21 34.97 11.99
N ARG D 130 -0.87 35.60 11.01
CA ARG D 130 -0.94 35.04 9.67
C ARG D 130 -0.51 36.07 8.64
N ILE D 131 -0.18 35.61 7.44
CA ILE D 131 0.20 36.48 6.33
C ILE D 131 -0.47 35.99 5.06
N TYR D 132 -1.20 36.87 4.38
CA TYR D 132 -1.79 36.62 3.08
C TYR D 132 -1.00 37.43 2.05
N LEU D 133 -0.09 36.75 1.34
CA LEU D 133 0.80 37.41 0.39
C LEU D 133 0.35 37.13 -1.04
N THR D 134 0.21 38.19 -1.82
CA THR D 134 -0.09 38.11 -3.26
C THR D 134 1.20 38.45 -4.00
N ARG D 135 1.86 37.42 -4.54
CA ARG D 135 3.10 37.61 -5.26
C ARG D 135 2.79 37.99 -6.70
N VAL D 136 3.34 39.11 -7.16
CA VAL D 136 3.10 39.65 -8.50
C VAL D 136 4.40 39.57 -9.28
N ALA D 137 4.29 39.13 -10.54
CA ALA D 137 5.46 38.94 -11.40
C ALA D 137 5.76 40.20 -12.20
N LEU D 138 6.24 41.22 -11.48
CA LEU D 138 6.67 42.48 -12.08
C LEU D 138 7.91 42.97 -11.34
N GLU D 139 9.04 43.03 -12.05
CA GLU D 139 10.30 43.36 -11.40
C GLU D 139 11.15 44.39 -12.13
N ASP D 140 10.97 44.60 -13.43
CA ASP D 140 11.75 45.61 -14.14
C ASP D 140 11.07 46.97 -14.16
N ILE D 141 10.46 47.36 -13.05
CA ILE D 141 9.85 48.67 -12.89
C ILE D 141 10.43 49.34 -11.65
N GLU D 142 9.88 50.49 -11.26
CA GLU D 142 10.41 51.28 -10.17
C GLU D 142 9.54 51.12 -8.92
N PHE D 143 10.19 50.88 -7.78
CA PHE D 143 9.52 50.84 -6.49
C PHE D 143 10.18 51.85 -5.54
N ASP D 144 9.37 52.38 -4.62
CA ASP D 144 9.87 53.18 -3.53
C ASP D 144 9.39 52.69 -2.17
N THR D 145 8.55 51.65 -2.13
CA THR D 145 8.02 51.10 -0.89
C THR D 145 8.02 49.59 -1.00
N TYR D 146 8.65 48.92 -0.03
CA TYR D 146 8.86 47.49 -0.07
C TYR D 146 8.25 46.80 1.15
N PHE D 147 7.89 45.54 0.98
CA PHE D 147 7.44 44.70 2.08
C PHE D 147 8.64 44.03 2.74
N PRO D 148 8.77 44.12 4.07
CA PRO D 148 9.98 43.59 4.73
C PRO D 148 10.10 42.09 4.56
N GLU D 149 11.33 41.60 4.70
CA GLU D 149 11.59 40.17 4.58
C GLU D 149 10.82 39.42 5.67
N ILE D 150 10.15 38.36 5.26
CA ILE D 150 9.34 37.57 6.21
C ILE D 150 10.26 36.90 7.22
N PRO D 151 10.05 37.09 8.52
CA PRO D 151 10.93 36.47 9.51
C PRO D 151 10.86 34.95 9.46
N GLU D 152 11.95 34.32 9.93
CA GLU D 152 12.06 32.87 9.89
C GLU D 152 11.03 32.16 10.76
N THR D 153 10.34 32.89 11.65
CA THR D 153 9.30 32.27 12.47
C THR D 153 8.04 31.94 11.69
N PHE D 154 7.92 32.43 10.46
CA PHE D 154 6.79 32.12 9.59
C PHE D 154 7.15 31.03 8.60
N LEU D 155 6.17 30.20 8.27
CA LEU D 155 6.33 29.16 7.28
C LEU D 155 5.13 29.15 6.34
N PRO D 156 5.37 28.93 5.05
CA PRO D 156 4.25 28.86 4.10
C PRO D 156 3.45 27.59 4.28
N VAL D 157 2.12 27.72 4.29
CA VAL D 157 1.20 26.60 4.39
C VAL D 157 0.31 26.47 3.16
N TYR D 158 0.39 27.40 2.22
CA TYR D 158 -0.47 27.37 1.04
C TYR D 158 0.16 28.20 -0.06
N MET D 159 0.06 27.71 -1.29
CA MET D 159 0.50 28.44 -2.48
C MET D 159 -0.46 28.10 -3.61
N SER D 160 -1.25 29.09 -4.05
CA SER D 160 -2.29 28.85 -5.03
C SER D 160 -1.68 28.63 -6.41
N GLN D 161 -2.54 28.29 -7.36
CA GLN D 161 -2.14 28.26 -8.76
C GLN D 161 -1.87 29.67 -9.26
N THR D 162 -1.14 29.76 -10.35
CA THR D 162 -0.84 31.06 -10.95
C THR D 162 -2.05 31.57 -11.72
N PHE D 163 -2.45 32.81 -11.44
CA PHE D 163 -3.53 33.49 -12.13
C PHE D 163 -2.96 34.59 -13.01
N CYS D 164 -3.77 35.02 -13.99
CA CYS D 164 -3.35 35.99 -14.99
C CYS D 164 -4.36 37.11 -15.11
N THR D 165 -3.87 38.35 -15.12
CA THR D 165 -4.69 39.54 -15.36
C THR D 165 -3.88 40.52 -16.19
N LYS D 166 -4.38 40.83 -17.39
CA LYS D 166 -3.70 41.74 -18.32
C LYS D 166 -2.27 41.28 -18.59
N ASN D 167 -2.12 39.98 -18.83
CA ASN D 167 -0.85 39.31 -19.08
C ASN D 167 0.11 39.39 -17.90
N ILE D 168 -0.40 39.64 -16.69
CA ILE D 168 0.41 39.70 -15.49
C ILE D 168 0.10 38.47 -14.64
N SER D 169 1.13 37.71 -14.29
CA SER D 169 0.98 36.51 -13.48
C SER D 169 1.10 36.86 -12.00
N TYR D 170 0.29 36.17 -11.17
CA TYR D 170 0.36 36.40 -9.74
C TYR D 170 -0.12 35.15 -8.99
N ASP D 171 0.35 35.02 -7.75
CA ASP D 171 0.06 33.90 -6.87
C ASP D 171 -0.64 34.37 -5.60
N PHE D 172 -1.10 33.40 -4.81
CA PHE D 172 -1.66 33.65 -3.49
C PHE D 172 -1.06 32.66 -2.50
N MET D 173 -0.45 33.17 -1.44
CA MET D 173 0.21 32.34 -0.43
C MET D 173 -0.25 32.73 0.96
N ILE D 174 -0.22 31.76 1.86
CA ILE D 174 -0.52 31.96 3.28
C ILE D 174 0.70 31.53 4.09
N PHE D 175 1.11 32.37 5.04
CA PHE D 175 2.19 32.07 5.97
C PHE D 175 1.64 32.02 7.38
N GLU D 176 2.04 31.00 8.14
CA GLU D 176 1.60 30.81 9.52
C GLU D 176 2.82 30.85 10.44
N LYS D 177 2.65 31.42 11.63
CA LYS D 177 3.75 31.52 12.59
C LYS D 177 3.83 30.24 13.41
N GLN D 178 5.01 29.63 13.43
CA GLN D 178 5.26 28.36 14.07
C GLN D 178 5.67 28.53 15.53
N GLU D 179 5.38 27.50 16.34
CA GLU D 179 5.76 27.48 17.75
C GLU D 179 6.85 26.45 18.00
N LEU D 193 -8.12 10.68 11.49
CA LEU D 193 -7.88 10.28 12.87
C LEU D 193 -6.65 9.39 12.98
N LYS D 194 -6.02 9.39 14.16
CA LYS D 194 -4.81 8.60 14.37
C LYS D 194 -5.06 7.10 14.27
N SER D 195 -6.30 6.65 14.48
CA SER D 195 -6.59 5.22 14.42
C SER D 195 -6.33 4.67 13.02
N ILE D 196 -6.73 5.41 11.99
CA ILE D 196 -6.52 4.96 10.62
C ILE D 196 -5.03 4.90 10.31
N ASP D 197 -4.28 5.92 10.71
CA ASP D 197 -2.85 5.92 10.47
C ASP D 197 -2.16 4.76 11.18
N ASP D 198 -2.55 4.48 12.42
CA ASP D 198 -1.95 3.37 13.15
C ASP D 198 -2.29 2.03 12.51
N THR D 199 -3.54 1.85 12.07
CA THR D 199 -3.91 0.60 11.41
C THR D 199 -3.14 0.42 10.10
N VAL D 200 -2.98 1.49 9.33
CA VAL D 200 -2.22 1.39 8.08
C VAL D 200 -0.75 1.08 8.37
N ASP D 201 -0.18 1.69 9.40
CA ASP D 201 1.21 1.39 9.76
C ASP D 201 1.37 -0.06 10.19
N LEU D 202 0.42 -0.58 10.97
CA LEU D 202 0.52 -1.98 11.39
C LEU D 202 0.39 -2.93 10.19
N LEU D 203 -0.54 -2.65 9.28
CA LEU D 203 -0.66 -3.47 8.09
C LEU D 203 0.61 -3.39 7.24
N GLY D 204 1.25 -2.22 7.19
CA GLY D 204 2.51 -2.11 6.47
C GLY D 204 3.65 -2.83 7.15
N GLU D 205 3.58 -2.98 8.47
CA GLU D 205 4.58 -3.81 9.16
C GLU D 205 4.33 -5.29 8.88
N ILE D 206 3.07 -5.71 8.81
CA ILE D 206 2.74 -7.11 8.55
C ILE D 206 3.17 -7.48 7.14
N PHE D 207 2.46 -6.97 6.14
CA PHE D 207 2.82 -7.22 4.75
C PHE D 207 3.97 -6.31 4.34
N GLY D 208 4.92 -6.87 3.60
CA GLY D 208 6.07 -6.10 3.22
C GLY D 208 5.78 -5.17 2.06
N ILE D 209 6.30 -5.51 0.90
CA ILE D 209 5.97 -4.79 -0.33
C ILE D 209 4.74 -5.43 -0.93
N ARG D 210 4.11 -6.33 -0.17
CA ARG D 210 2.84 -6.90 -0.61
C ARG D 210 1.73 -5.85 -0.54
N LYS D 211 1.80 -4.96 0.44
CA LYS D 211 0.87 -3.83 0.52
C LYS D 211 1.33 -2.75 -0.45
N MET D 212 0.48 -2.44 -1.43
CA MET D 212 0.88 -1.52 -2.50
C MET D 212 1.29 -0.16 -1.98
N GLY D 213 0.71 0.28 -0.86
CA GLY D 213 1.09 1.56 -0.28
C GLY D 213 2.57 1.64 0.05
N ASN D 214 3.19 0.51 0.37
CA ASN D 214 4.63 0.52 0.68
C ASN D 214 5.49 0.67 -0.56
N ARG D 215 4.96 0.41 -1.75
CA ARG D 215 5.68 0.68 -2.99
C ARG D 215 5.49 2.12 -3.46
N HIS D 216 4.60 2.87 -2.83
CA HIS D 216 4.38 4.29 -3.14
C HIS D 216 4.41 5.09 -1.85
N LYS D 217 5.54 5.00 -1.14
CA LYS D 217 5.68 5.69 0.14
C LYS D 217 5.70 7.20 -0.06
N PHE D 218 5.11 7.92 0.89
CA PHE D 218 5.13 9.37 0.83
C PHE D 218 6.56 9.87 1.01
N PRO D 219 6.99 10.86 0.23
CA PRO D 219 8.39 11.30 0.31
C PRO D 219 8.73 11.87 1.67
N LYS D 220 9.94 11.55 2.14
CA LYS D 220 10.44 12.08 3.39
C LYS D 220 10.59 13.60 3.29
N GLU D 221 10.58 14.25 4.46
CA GLU D 221 10.62 15.71 4.51
C GLU D 221 11.90 16.27 3.88
N GLU D 222 13.02 15.56 4.04
CA GLU D 222 14.31 16.07 3.56
C GLU D 222 14.38 16.17 2.04
N ILE D 223 13.44 15.55 1.31
CA ILE D 223 13.41 15.59 -0.14
C ILE D 223 12.08 16.12 -0.66
N TYR D 224 11.33 16.80 0.20
CA TYR D 224 10.02 17.35 -0.15
C TYR D 224 10.15 18.86 -0.28
N ASN D 225 9.82 19.38 -1.46
CA ASN D 225 9.96 20.82 -1.70
C ASN D 225 8.96 21.60 -0.87
N THR D 226 9.47 22.59 -0.12
CA THR D 226 8.69 23.41 0.81
C THR D 226 7.81 22.52 1.68
N PRO D 227 8.40 21.79 2.62
CA PRO D 227 7.63 20.76 3.35
C PRO D 227 6.49 21.31 4.19
N SER D 228 6.56 22.57 4.61
CA SER D 228 5.52 23.13 5.46
C SER D 228 4.18 23.25 4.75
N ILE D 229 4.18 23.32 3.42
CA ILE D 229 2.94 23.36 2.65
C ILE D 229 2.44 21.93 2.51
N ARG D 230 1.54 21.53 3.40
CA ARG D 230 1.04 20.16 3.42
C ARG D 230 -0.27 20.02 2.63
N PHE D 231 -1.29 20.79 3.00
CA PHE D 231 -2.61 20.65 2.41
C PHE D 231 -2.89 21.70 1.34
N GLY D 232 -1.94 22.56 1.02
CA GLY D 232 -2.18 23.61 0.05
C GLY D 232 -1.17 23.66 -1.08
N ARG D 233 -0.80 22.49 -1.61
CA ARG D 233 0.15 22.42 -2.71
C ARG D 233 -0.58 22.57 -4.04
N GLU D 234 -1.19 23.75 -4.21
CA GLU D 234 -2.05 24.01 -5.35
C GLU D 234 -1.26 24.40 -6.60
N HIS D 235 -0.16 25.14 -6.43
CA HIS D 235 0.64 25.56 -7.56
C HIS D 235 1.13 24.35 -8.35
N TYR D 236 0.82 24.33 -9.64
CA TYR D 236 1.00 23.12 -10.44
C TYR D 236 2.45 22.86 -10.81
N GLU D 237 3.40 23.70 -10.39
CA GLU D 237 4.79 23.28 -10.47
C GLU D 237 5.08 22.18 -9.45
N PHE D 238 4.28 22.10 -8.38
CA PHE D 238 4.39 21.00 -7.44
C PHE D 238 4.09 19.66 -8.08
N GLN D 239 3.36 19.63 -9.20
CA GLN D 239 3.11 18.39 -9.90
C GLN D 239 4.39 17.76 -10.42
N TYR D 240 5.43 18.56 -10.64
CA TYR D 240 6.74 18.10 -11.09
C TYR D 240 7.70 17.87 -9.94
N LEU D 241 7.74 18.78 -8.96
CA LEU D 241 8.63 18.61 -7.82
C LEU D 241 8.21 17.42 -6.97
N ASP D 242 6.91 17.19 -6.83
CA ASP D 242 6.44 16.02 -6.10
C ASP D 242 6.76 14.73 -6.84
N LEU D 243 6.77 14.74 -8.18
CA LEU D 243 7.21 13.57 -8.91
C LEU D 243 8.70 13.31 -8.69
N LEU D 244 9.51 14.38 -8.69
CA LEU D 244 10.92 14.23 -8.32
C LEU D 244 11.06 13.59 -6.94
N SER D 245 10.28 14.09 -5.98
CA SER D 245 10.37 13.56 -4.61
C SER D 245 9.95 12.09 -4.56
N ARG D 246 8.89 11.73 -5.29
CA ARG D 246 8.44 10.34 -5.30
C ARG D 246 9.48 9.43 -5.93
N VAL D 247 10.17 9.90 -6.96
CA VAL D 247 11.23 9.08 -7.56
C VAL D 247 12.39 8.93 -6.58
N LEU D 248 12.76 10.02 -5.89
CA LEU D 248 13.83 9.93 -4.90
C LEU D 248 13.46 9.00 -3.75
N GLU D 249 12.16 8.88 -3.45
CA GLU D 249 11.74 8.03 -2.34
C GLU D 249 11.65 6.56 -2.74
N ASN D 250 10.98 6.27 -3.86
CA ASN D 250 10.65 4.90 -4.24
C ASN D 250 11.41 4.42 -5.47
N GLY D 251 12.30 5.22 -6.04
CA GLY D 251 12.94 4.84 -7.29
C GLY D 251 13.88 3.67 -7.10
N ALA D 252 13.67 2.62 -7.90
CA ALA D 252 14.57 1.48 -7.89
C ALA D 252 15.80 1.79 -8.75
N TYR D 253 16.96 1.37 -8.27
CA TYR D 253 18.21 1.58 -8.98
C TYR D 253 18.32 0.58 -10.12
N ARG D 254 18.36 1.08 -11.36
CA ARG D 254 18.31 0.23 -12.54
C ARG D 254 19.30 0.72 -13.58
N GLU D 255 19.96 -0.22 -14.26
CA GLU D 255 20.82 0.10 -15.38
C GLU D 255 20.01 0.12 -16.68
N ASN D 256 20.50 0.88 -17.65
CA ASN D 256 19.80 1.04 -18.92
C ASN D 256 20.82 1.00 -20.05
N ARG D 257 20.36 1.38 -21.26
CA ARG D 257 21.20 1.29 -22.45
C ARG D 257 22.41 2.20 -22.36
N THR D 258 22.33 3.28 -21.57
CA THR D 258 23.45 4.16 -21.36
C THR D 258 24.28 3.69 -20.17
N GLY D 259 25.48 4.26 -20.05
CA GLY D 259 26.34 3.89 -18.94
C GLY D 259 25.92 4.48 -17.60
N ILE D 260 24.93 5.35 -17.59
CA ILE D 260 24.48 6.04 -16.39
C ILE D 260 23.18 5.39 -15.93
N SER D 261 23.23 4.76 -14.75
CA SER D 261 22.03 4.14 -14.19
C SER D 261 21.07 5.20 -13.66
N THR D 262 19.82 4.80 -13.47
CA THR D 262 18.77 5.69 -13.01
C THR D 262 18.10 5.13 -11.77
N TYR D 263 17.35 6.00 -11.09
CA TYR D 263 16.36 5.60 -10.11
C TYR D 263 15.00 5.79 -10.76
N SER D 264 14.24 4.69 -10.87
CA SER D 264 13.08 4.65 -11.74
C SER D 264 11.85 4.15 -11.00
N ILE D 265 10.70 4.70 -11.38
CA ILE D 265 9.39 4.17 -11.01
C ILE D 265 8.50 4.15 -12.24
N PHE D 266 7.35 3.50 -12.11
CA PHE D 266 6.47 3.24 -13.24
C PHE D 266 5.06 3.75 -12.95
N GLY D 267 4.48 4.42 -13.94
CA GLY D 267 3.11 4.90 -13.85
C GLY D 267 2.89 6.12 -12.98
N GLN D 268 3.11 7.31 -13.55
CA GLN D 268 2.89 8.56 -12.84
C GLN D 268 2.15 9.53 -13.76
N MET D 269 1.72 10.65 -13.20
CA MET D 269 1.02 11.65 -14.00
C MET D 269 1.26 13.04 -13.42
N MET D 270 1.09 14.04 -14.28
CA MET D 270 1.20 15.44 -13.92
C MET D 270 0.12 16.24 -14.63
N ARG D 271 -0.51 17.16 -13.92
CA ARG D 271 -1.47 18.09 -14.50
C ARG D 271 -0.90 19.51 -14.48
N PHE D 272 -1.26 20.28 -15.51
CA PHE D 272 -0.86 21.67 -15.60
C PHE D 272 -2.00 22.49 -16.17
N ASP D 273 -2.23 23.66 -15.57
CA ASP D 273 -3.16 24.61 -16.13
C ASP D 273 -2.48 25.42 -17.23
N MET D 274 -3.23 25.72 -18.28
CA MET D 274 -2.75 26.59 -19.35
C MET D 274 -3.67 27.77 -19.62
N ARG D 275 -4.77 27.89 -18.88
CA ARG D 275 -5.68 29.01 -19.09
C ARG D 275 -5.11 30.30 -18.53
N GLU D 276 -4.58 30.25 -17.31
CA GLU D 276 -4.12 31.44 -16.61
C GLU D 276 -2.60 31.51 -16.46
N SER D 277 -1.86 30.57 -17.04
CA SER D 277 -0.40 30.58 -16.90
C SER D 277 0.19 29.62 -17.92
N PHE D 278 1.51 29.62 -18.00
CA PHE D 278 2.26 28.74 -18.89
C PHE D 278 3.19 27.86 -18.04
N PRO D 279 3.04 26.53 -18.09
CA PRO D 279 3.82 25.68 -17.18
C PRO D 279 5.30 25.58 -17.55
N LEU D 280 6.02 26.70 -17.42
CA LEU D 280 7.46 26.72 -17.55
C LEU D 280 8.06 26.81 -16.14
N LEU D 281 8.90 25.85 -15.78
CA LEU D 281 9.38 25.74 -14.42
C LEU D 281 10.12 27.00 -13.99
N THR D 282 9.88 27.42 -12.74
CA THR D 282 10.54 28.58 -12.17
C THR D 282 11.70 28.21 -11.26
N THR D 283 11.74 26.97 -10.76
CA THR D 283 12.85 26.54 -9.90
C THR D 283 14.14 26.35 -10.67
N LYS D 284 14.14 26.62 -11.97
CA LYS D 284 15.32 26.49 -12.81
C LYS D 284 15.05 27.24 -14.11
N LYS D 285 16.02 28.04 -14.54
CA LYS D 285 15.87 28.73 -15.82
C LYS D 285 15.93 27.71 -16.94
N VAL D 286 14.84 27.59 -17.68
CA VAL D 286 14.70 26.59 -18.75
C VAL D 286 14.94 27.26 -20.09
N ALA D 287 15.71 26.59 -20.96
CA ALA D 287 16.02 27.11 -22.29
C ALA D 287 14.76 27.02 -23.16
N ILE D 288 13.92 28.05 -23.05
CA ILE D 288 12.64 28.05 -23.76
C ILE D 288 12.86 28.14 -25.26
N ARG D 289 13.92 28.83 -25.70
CA ARG D 289 14.16 28.98 -27.13
C ARG D 289 14.48 27.63 -27.77
N SER D 290 15.30 26.82 -27.10
CA SER D 290 15.60 25.50 -27.62
C SER D 290 14.35 24.63 -27.69
N ILE D 291 13.48 24.75 -26.67
CA ILE D 291 12.22 24.01 -26.67
C ILE D 291 11.39 24.40 -27.89
N PHE D 292 11.24 25.71 -28.13
CA PHE D 292 10.44 26.15 -29.27
C PHE D 292 11.04 25.70 -30.59
N GLU D 293 12.36 25.82 -30.72
CA GLU D 293 13.00 25.46 -31.98
C GLU D 293 12.87 23.97 -32.26
N GLU D 294 13.00 23.14 -31.22
CA GLU D 294 12.76 21.71 -31.38
C GLU D 294 11.30 21.44 -31.78
N LEU D 295 10.36 22.17 -31.17
CA LEU D 295 8.95 21.91 -31.48
C LEU D 295 8.62 22.30 -32.91
N ILE D 296 9.11 23.45 -33.38
CA ILE D 296 8.84 23.85 -34.75
C ILE D 296 9.60 22.97 -35.73
N TRP D 297 10.75 22.42 -35.29
CA TRP D 297 11.46 21.43 -36.08
C TRP D 297 10.62 20.17 -36.24
N PHE D 298 9.92 19.77 -35.18
CA PHE D 298 8.97 18.66 -35.28
C PHE D 298 7.83 19.00 -36.24
N ILE D 299 7.23 20.18 -36.07
CA ILE D 299 6.04 20.52 -36.83
C ILE D 299 6.34 20.58 -38.32
N LYS D 300 7.48 21.15 -38.69
CA LYS D 300 7.86 21.25 -40.09
C LYS D 300 8.09 19.90 -40.76
N GLY D 301 8.14 18.82 -39.99
CA GLY D 301 8.42 17.51 -40.54
C GLY D 301 9.89 17.18 -40.69
N ASP D 302 10.77 17.94 -40.05
CA ASP D 302 12.21 17.83 -40.29
C ASP D 302 12.85 16.79 -39.40
N THR D 303 13.79 16.03 -39.96
CA THR D 303 14.61 15.10 -39.19
C THR D 303 16.09 15.41 -39.36
N ASN D 304 16.43 16.52 -40.03
CA ASN D 304 17.82 16.93 -40.22
C ASN D 304 18.32 17.56 -38.93
N GLY D 305 19.20 16.86 -38.22
CA GLY D 305 19.71 17.37 -36.96
C GLY D 305 20.60 18.60 -37.10
N ASN D 306 21.06 18.91 -38.31
CA ASN D 306 21.90 20.10 -38.49
C ASN D 306 21.10 21.38 -38.43
N HIS D 307 19.82 21.34 -38.85
CA HIS D 307 19.00 22.56 -38.81
C HIS D 307 18.82 23.08 -37.40
N LEU D 308 18.87 22.20 -36.40
CA LEU D 308 18.86 22.66 -35.02
C LEU D 308 20.23 23.17 -34.58
N ILE D 309 21.30 22.52 -35.05
CA ILE D 309 22.65 22.96 -34.70
C ILE D 309 22.96 24.30 -35.37
N GLU D 310 22.43 24.54 -36.57
CA GLU D 310 22.63 25.83 -37.22
C GLU D 310 21.96 26.96 -36.45
N LYS D 311 20.88 26.66 -35.73
CA LYS D 311 20.20 27.64 -34.89
C LYS D 311 20.69 27.61 -33.45
N LYS D 312 21.89 27.06 -33.20
CA LYS D 312 22.50 27.02 -31.88
C LYS D 312 21.63 26.26 -30.87
N VAL D 313 21.07 25.13 -31.31
CA VAL D 313 20.32 24.23 -30.45
C VAL D 313 20.97 22.86 -30.55
N TYR D 314 21.63 22.43 -29.48
CA TYR D 314 22.47 21.24 -29.52
C TYR D 314 21.88 20.09 -28.70
N ILE D 315 20.56 20.00 -28.60
CA ILE D 315 19.96 18.95 -27.78
C ILE D 315 19.95 17.60 -28.50
N TRP D 316 20.00 17.59 -29.83
CA TRP D 316 20.03 16.34 -30.59
C TRP D 316 21.43 16.03 -31.14
N SER D 317 22.47 16.63 -30.58
CA SER D 317 23.81 16.35 -31.04
C SER D 317 24.31 15.00 -30.54
N GLY D 318 23.97 14.64 -29.30
CA GLY D 318 24.45 13.39 -28.73
C GLY D 318 23.91 12.18 -29.45
N ASN D 319 22.60 12.18 -29.75
CA ASN D 319 21.98 11.07 -30.46
C ASN D 319 22.12 11.19 -31.96
N GLY D 320 22.90 12.15 -32.45
CA GLY D 320 23.10 12.32 -33.87
C GLY D 320 24.55 12.55 -34.23
N SER D 321 25.45 11.84 -33.56
CA SER D 321 26.87 11.89 -33.86
C SER D 321 27.27 10.66 -34.67
N LYS D 322 28.44 10.74 -35.31
CA LYS D 322 28.93 9.60 -36.08
C LYS D 322 29.15 8.40 -35.18
N GLU D 323 29.73 8.62 -33.99
CA GLU D 323 30.03 7.51 -33.08
C GLU D 323 28.76 6.88 -32.54
N TYR D 324 27.78 7.69 -32.15
CA TYR D 324 26.52 7.14 -31.64
C TYR D 324 25.79 6.35 -32.72
N LEU D 325 25.79 6.87 -33.95
CA LEU D 325 25.11 6.19 -35.03
C LEU D 325 25.81 4.87 -35.37
N GLU D 326 27.15 4.87 -35.39
CA GLU D 326 27.87 3.62 -35.63
C GLU D 326 27.64 2.62 -34.51
N ARG D 327 27.49 3.10 -33.27
CA ARG D 327 27.34 2.19 -32.14
C ARG D 327 25.98 1.50 -32.14
N ILE D 328 24.93 2.21 -32.56
CA ILE D 328 23.59 1.64 -32.50
C ILE D 328 23.24 0.97 -33.82
N GLY D 329 24.22 0.86 -34.72
CA GLY D 329 24.02 0.16 -35.97
C GLY D 329 23.48 0.98 -37.11
N LEU D 330 23.81 2.27 -37.17
CA LEU D 330 23.39 3.16 -38.24
C LEU D 330 24.59 3.90 -38.82
N GLY D 331 25.69 3.17 -39.03
CA GLY D 331 26.87 3.79 -39.59
C GLY D 331 26.68 4.29 -41.01
N HIS D 332 25.77 3.68 -41.74
CA HIS D 332 25.46 4.13 -43.10
C HIS D 332 24.86 5.53 -43.11
N ARG D 333 24.28 5.95 -41.99
CA ARG D 333 23.53 7.19 -41.93
C ARG D 333 24.48 8.39 -41.90
N GLU D 334 24.01 9.50 -42.47
CA GLU D 334 24.80 10.72 -42.47
C GLU D 334 24.90 11.24 -41.04
N GLU D 335 25.79 12.24 -40.85
CA GLU D 335 26.18 12.72 -39.53
C GLU D 335 24.99 12.95 -38.60
N ASN D 336 24.10 13.88 -38.93
CA ASN D 336 22.97 14.19 -38.07
C ASN D 336 21.63 13.76 -38.68
N ASP D 337 21.62 12.66 -39.44
CA ASP D 337 20.39 12.14 -40.01
C ASP D 337 19.74 11.24 -38.98
N LEU D 338 18.84 11.82 -38.18
CA LEU D 338 18.24 11.10 -37.06
C LEU D 338 17.24 10.03 -37.51
N GLY D 339 16.84 10.03 -38.77
CA GLY D 339 15.91 9.04 -39.26
C GLY D 339 14.46 9.42 -38.99
N PRO D 340 13.54 8.52 -39.32
CA PRO D 340 12.12 8.85 -39.13
C PRO D 340 11.72 8.92 -37.68
N ILE D 341 11.55 10.11 -37.13
CA ILE D 341 11.32 10.28 -35.70
C ILE D 341 10.19 11.28 -35.52
N TYR D 342 10.13 11.91 -34.35
CA TYR D 342 9.21 13.02 -34.12
C TYR D 342 9.19 13.95 -35.33
N GLY D 343 7.98 14.25 -35.80
CA GLY D 343 7.80 15.11 -36.94
C GLY D 343 7.91 14.43 -38.28
N PHE D 344 8.40 13.20 -38.35
CA PHE D 344 8.27 12.45 -39.59
C PHE D 344 7.11 11.49 -39.52
N GLN D 345 6.83 10.94 -38.35
CA GLN D 345 5.59 10.23 -38.14
C GLN D 345 4.42 11.20 -38.00
N TRP D 346 4.70 12.46 -37.64
CA TRP D 346 3.65 13.47 -37.58
C TRP D 346 3.15 13.82 -38.97
N ARG D 347 4.07 14.03 -39.91
CA ARG D 347 3.69 14.54 -41.22
C ARG D 347 3.72 13.48 -42.31
N HIS D 348 4.47 12.38 -42.13
CA HIS D 348 4.59 11.34 -43.13
C HIS D 348 4.60 9.98 -42.44
N TYR D 349 3.52 9.65 -41.76
CA TYR D 349 3.45 8.39 -41.02
C TYR D 349 3.44 7.21 -42.00
N ASN D 350 4.19 6.17 -41.64
CA ASN D 350 4.39 4.97 -42.47
C ASN D 350 5.08 5.29 -43.79
N GLY D 351 5.74 6.44 -43.90
CA GLY D 351 6.41 6.79 -45.14
C GLY D 351 7.77 6.14 -45.21
N GLU D 352 8.07 5.52 -46.35
CA GLU D 352 9.37 4.87 -46.54
C GLU D 352 10.49 5.90 -46.51
N TYR D 353 11.34 5.82 -45.48
CA TYR D 353 12.40 6.79 -45.28
C TYR D 353 13.64 6.39 -46.06
N LYS D 354 14.28 7.38 -46.68
CA LYS D 354 15.56 7.15 -47.36
C LYS D 354 16.60 7.93 -46.60
N THR D 355 16.80 9.21 -46.89
CA THR D 355 17.70 10.08 -46.14
C THR D 355 16.96 11.35 -45.76
N MET D 356 17.64 12.23 -45.03
CA MET D 356 17.05 13.49 -44.61
C MET D 356 17.03 14.53 -45.74
N HIS D 357 17.65 14.23 -46.88
CA HIS D 357 17.70 15.18 -47.98
C HIS D 357 16.61 14.93 -49.02
N ASP D 358 15.95 13.78 -48.99
CA ASP D 358 14.94 13.49 -49.98
C ASP D 358 13.67 14.28 -49.71
N ASP D 359 12.81 14.35 -50.72
CA ASP D 359 11.54 15.07 -50.63
C ASP D 359 10.45 14.09 -50.23
N TYR D 360 9.75 14.41 -49.14
CA TYR D 360 8.68 13.56 -48.62
C TYR D 360 7.31 14.21 -48.69
N THR D 361 7.18 15.34 -49.38
CA THR D 361 5.89 16.00 -49.52
C THR D 361 4.96 15.12 -50.34
N GLY D 362 3.95 14.56 -49.68
CA GLY D 362 2.96 13.70 -50.33
C GLY D 362 2.95 12.29 -49.79
N VAL D 363 4.11 11.78 -49.38
CA VAL D 363 4.20 10.41 -48.89
C VAL D 363 3.85 10.37 -47.41
N GLY D 364 3.28 9.26 -46.98
CA GLY D 364 2.90 9.10 -45.60
C GLY D 364 1.57 9.77 -45.29
N VAL D 365 1.11 9.56 -44.06
CA VAL D 365 -0.13 10.14 -43.56
C VAL D 365 0.22 11.40 -42.78
N ASP D 366 -0.35 12.54 -43.20
CA ASP D 366 -0.11 13.81 -42.51
C ASP D 366 -1.03 13.84 -41.29
N GLN D 367 -0.52 13.33 -40.17
CA GLN D 367 -1.32 13.26 -38.95
C GLN D 367 -1.65 14.66 -38.41
N LEU D 368 -0.70 15.60 -38.51
CA LEU D 368 -0.94 16.92 -37.94
C LEU D 368 -2.04 17.65 -38.71
N ALA D 369 -2.04 17.55 -40.04
CA ALA D 369 -3.06 18.20 -40.84
C ALA D 369 -4.44 17.61 -40.55
N LYS D 370 -4.54 16.28 -40.53
CA LYS D 370 -5.82 15.63 -40.21
C LYS D 370 -6.26 15.97 -38.80
N LEU D 371 -5.30 16.11 -37.87
CA LEU D 371 -5.63 16.51 -36.51
C LEU D 371 -6.26 17.90 -36.47
N ILE D 372 -5.65 18.85 -37.17
CA ILE D 372 -6.19 20.21 -37.20
C ILE D 372 -7.57 20.23 -37.86
N GLU D 373 -7.71 19.51 -38.98
CA GLU D 373 -9.00 19.47 -39.68
C GLU D 373 -10.08 18.87 -38.79
N THR D 374 -9.76 17.79 -38.07
CA THR D 374 -10.74 17.18 -37.18
C THR D 374 -11.04 18.08 -36.00
N LEU D 375 -10.03 18.81 -35.50
CA LEU D 375 -10.23 19.67 -34.35
C LEU D 375 -11.19 20.81 -34.68
N LYS D 376 -11.05 21.42 -35.86
CA LYS D 376 -11.91 22.55 -36.20
C LYS D 376 -13.13 22.16 -37.04
N ASN D 377 -13.28 20.88 -37.39
CA ASN D 377 -14.47 20.43 -38.09
C ASN D 377 -15.37 19.54 -37.25
N ASN D 378 -14.81 18.76 -36.34
CA ASN D 378 -15.57 17.89 -35.44
C ASN D 378 -14.94 17.99 -34.06
N PRO D 379 -15.26 19.03 -33.30
CA PRO D 379 -14.54 19.26 -32.03
C PRO D 379 -14.81 18.19 -30.99
N LYS D 380 -16.06 17.78 -30.81
CA LYS D 380 -16.42 16.81 -29.79
C LYS D 380 -16.06 15.38 -30.18
N ASP D 381 -15.33 15.21 -31.29
CA ASP D 381 -14.83 13.89 -31.67
C ASP D 381 -13.82 13.38 -30.64
N ARG D 382 -13.77 12.07 -30.49
CA ARG D 382 -12.92 11.43 -29.48
C ARG D 382 -11.71 10.75 -30.11
N ARG D 383 -11.24 11.23 -31.26
CA ARG D 383 -10.15 10.59 -31.98
C ARG D 383 -9.04 11.58 -32.37
N HIS D 384 -8.95 12.72 -31.69
CA HIS D 384 -7.91 13.70 -31.98
C HIS D 384 -6.58 13.19 -31.43
N ILE D 385 -5.97 12.28 -32.17
CA ILE D 385 -4.80 11.54 -31.69
C ILE D 385 -3.64 11.75 -32.64
N LEU D 386 -2.49 12.11 -32.08
CA LEU D 386 -1.22 12.22 -32.80
C LEU D 386 -0.25 11.22 -32.19
N THR D 387 0.19 10.25 -33.01
CA THR D 387 1.07 9.20 -32.55
C THR D 387 2.43 9.28 -33.23
N ALA D 388 3.44 8.78 -32.53
CA ALA D 388 4.78 8.68 -33.08
C ALA D 388 5.35 7.28 -33.01
N TRP D 389 4.68 6.35 -32.34
CA TRP D 389 5.18 4.99 -32.20
C TRP D 389 4.83 4.21 -33.46
N ASN D 390 5.82 4.01 -34.32
CA ASN D 390 5.66 3.23 -35.55
C ASN D 390 6.55 2.01 -35.46
N PRO D 391 5.99 0.83 -35.16
CA PRO D 391 6.83 -0.38 -35.06
C PRO D 391 7.64 -0.69 -36.31
N SER D 392 7.16 -0.27 -37.49
CA SER D 392 7.89 -0.58 -38.72
C SER D 392 9.15 0.25 -38.85
N ALA D 393 9.18 1.46 -38.30
CA ALA D 393 10.30 2.38 -38.47
C ALA D 393 11.18 2.49 -37.23
N LEU D 394 10.92 1.71 -36.19
CA LEU D 394 11.68 1.85 -34.95
C LEU D 394 13.17 1.58 -35.17
N SER D 395 13.50 0.57 -35.97
CA SER D 395 14.90 0.22 -36.18
C SER D 395 15.66 1.32 -36.91
N GLN D 396 14.99 2.09 -37.76
CA GLN D 396 15.65 3.15 -38.50
C GLN D 396 15.86 4.42 -37.69
N MET D 397 15.28 4.52 -36.49
CA MET D 397 15.37 5.74 -35.71
C MET D 397 16.67 5.81 -34.93
N ALA D 398 17.22 7.01 -34.83
CA ALA D 398 18.36 7.22 -33.94
C ALA D 398 17.95 7.07 -32.49
N LEU D 399 16.68 7.26 -32.17
CA LEU D 399 16.16 7.10 -30.83
C LEU D 399 14.63 6.95 -30.91
N PRO D 400 14.07 5.89 -30.36
CA PRO D 400 12.62 5.69 -30.42
C PRO D 400 11.88 6.81 -29.70
N PRO D 401 10.61 7.02 -30.03
CA PRO D 401 9.86 8.15 -29.46
C PRO D 401 9.66 8.00 -27.96
N CYS D 402 10.01 9.05 -27.22
CA CYS D 402 9.74 9.10 -25.78
C CYS D 402 8.34 9.62 -25.51
N HIS D 403 8.03 10.84 -25.94
CA HIS D 403 6.63 11.26 -25.92
C HIS D 403 5.90 10.51 -27.03
N VAL D 404 5.29 9.39 -26.66
CA VAL D 404 4.80 8.43 -27.65
C VAL D 404 3.49 8.87 -28.25
N LEU D 405 2.49 9.17 -27.42
CA LEU D 405 1.14 9.42 -27.91
C LEU D 405 0.60 10.73 -27.34
N SER D 406 -0.25 11.40 -28.10
CA SER D 406 -0.93 12.59 -27.59
C SER D 406 -2.36 12.60 -28.08
N GLN D 407 -3.27 13.05 -27.22
CA GLN D 407 -4.68 13.17 -27.53
C GLN D 407 -5.15 14.57 -27.18
N TYR D 408 -6.12 15.08 -27.94
CA TYR D 408 -6.58 16.44 -27.76
C TYR D 408 -8.10 16.47 -27.64
N TYR D 409 -8.60 17.44 -26.88
CA TYR D 409 -9.98 17.47 -26.43
C TYR D 409 -10.48 18.90 -26.47
N VAL D 410 -11.66 19.10 -27.05
CA VAL D 410 -12.29 20.42 -27.12
C VAL D 410 -13.41 20.46 -26.10
N THR D 411 -13.27 21.35 -25.12
CA THR D 411 -14.28 21.48 -24.07
C THR D 411 -15.51 22.22 -24.61
N ASN D 412 -16.58 22.20 -23.82
CA ASN D 412 -17.81 22.87 -24.23
C ASN D 412 -17.66 24.37 -24.31
N ASP D 413 -16.68 24.95 -23.61
CA ASP D 413 -16.39 26.38 -23.70
C ASP D 413 -15.22 26.68 -24.62
N ASN D 414 -15.02 25.85 -25.65
CA ASN D 414 -14.06 26.10 -26.73
C ASN D 414 -12.63 26.26 -26.19
N CYS D 415 -12.23 25.34 -25.32
CA CYS D 415 -10.85 25.24 -24.86
C CYS D 415 -10.25 23.92 -25.33
N LEU D 416 -8.94 23.92 -25.54
CA LEU D 416 -8.22 22.76 -26.07
C LEU D 416 -7.31 22.19 -24.98
N SER D 417 -7.67 21.02 -24.47
CA SER D 417 -6.87 20.29 -23.51
C SER D 417 -6.09 19.18 -24.21
N CYS D 418 -4.97 18.78 -23.58
CA CYS D 418 -4.03 17.84 -24.18
C CYS D 418 -3.60 16.80 -23.16
N ASN D 419 -3.65 15.52 -23.56
CA ASN D 419 -3.09 14.41 -22.81
C ASN D 419 -1.88 13.87 -23.57
N LEU D 420 -0.84 13.51 -22.83
CA LEU D 420 0.39 13.00 -23.43
C LEU D 420 0.82 11.75 -22.67
N TYR D 421 0.99 10.65 -23.38
CA TYR D 421 1.63 9.46 -22.82
C TYR D 421 3.08 9.39 -23.30
N GLN D 422 3.98 9.30 -22.32
CA GLN D 422 5.43 9.28 -22.53
C GLN D 422 5.98 8.00 -21.92
N ARG D 423 6.68 7.20 -22.74
CA ARG D 423 7.14 5.90 -22.27
C ARG D 423 8.32 6.02 -21.30
N SER D 424 9.17 7.02 -21.49
CA SER D 424 10.39 7.16 -20.70
C SER D 424 10.63 8.63 -20.46
N CYS D 425 10.85 9.01 -19.21
CA CYS D 425 10.94 10.42 -18.82
C CYS D 425 12.17 10.65 -17.96
N ASP D 426 13.16 11.32 -18.53
CA ASP D 426 14.31 11.86 -17.81
C ASP D 426 13.84 13.13 -17.10
N LEU D 427 13.55 13.01 -15.80
CA LEU D 427 12.98 14.13 -15.05
C LEU D 427 13.96 15.29 -14.92
N GLY D 428 15.26 15.05 -15.08
CA GLY D 428 16.24 16.11 -14.96
C GLY D 428 16.28 17.02 -16.17
N LEU D 429 16.23 16.45 -17.38
CA LEU D 429 16.33 17.21 -18.61
C LEU D 429 15.08 17.10 -19.47
N GLY D 430 14.60 15.88 -19.73
CA GLY D 430 13.52 15.71 -20.69
C GLY D 430 12.17 16.22 -20.22
N SER D 431 11.90 16.12 -18.92
CA SER D 431 10.55 16.43 -18.44
C SER D 431 10.18 17.90 -18.59
N PRO D 432 11.01 18.87 -18.18
CA PRO D 432 10.62 20.28 -18.37
C PRO D 432 10.44 20.62 -19.84
N PHE D 433 11.35 20.12 -20.69
CA PHE D 433 11.22 20.34 -22.12
C PHE D 433 9.91 19.77 -22.65
N ASN D 434 9.54 18.56 -22.22
CA ASN D 434 8.30 17.96 -22.70
C ASN D 434 7.09 18.78 -22.25
N ILE D 435 7.07 19.20 -20.99
CA ILE D 435 5.97 20.00 -20.46
C ILE D 435 5.80 21.27 -21.30
N ALA D 436 6.87 22.06 -21.40
CA ALA D 436 6.78 23.33 -22.13
C ALA D 436 6.48 23.10 -23.61
N SER D 437 7.06 22.05 -24.21
CA SER D 437 6.90 21.81 -25.63
C SER D 437 5.45 21.46 -25.97
N TYR D 438 4.84 20.57 -25.20
CA TYR D 438 3.45 20.23 -25.50
C TYR D 438 2.50 21.34 -25.09
N ALA D 439 2.88 22.16 -24.10
CA ALA D 439 2.08 23.36 -23.83
C ALA D 439 2.08 24.30 -25.04
N ILE D 440 3.26 24.57 -25.60
CA ILE D 440 3.35 25.44 -26.77
C ILE D 440 2.61 24.84 -27.95
N LEU D 441 2.72 23.52 -28.13
CA LEU D 441 2.02 22.87 -29.25
C LEU D 441 0.51 22.98 -29.09
N THR D 442 0.01 22.78 -27.87
CA THR D 442 -1.43 22.93 -27.65
C THR D 442 -1.88 24.36 -27.91
N MET D 443 -1.07 25.35 -27.50
CA MET D 443 -1.44 26.75 -27.76
C MET D 443 -1.45 27.04 -29.25
N MET D 444 -0.48 26.51 -30.00
CA MET D 444 -0.46 26.71 -31.44
C MET D 444 -1.69 26.09 -32.09
N LEU D 445 -2.01 24.85 -31.71
CA LEU D 445 -3.21 24.21 -32.23
C LEU D 445 -4.46 25.00 -31.89
N ALA D 446 -4.50 25.57 -30.68
CA ALA D 446 -5.67 26.34 -30.27
C ALA D 446 -5.83 27.61 -31.09
N GLN D 447 -4.72 28.29 -31.38
CA GLN D 447 -4.81 29.50 -32.20
C GLN D 447 -5.20 29.16 -33.64
N VAL D 448 -4.62 28.09 -34.20
CA VAL D 448 -4.93 27.74 -35.59
C VAL D 448 -6.36 27.24 -35.72
N CYS D 449 -6.91 26.61 -34.69
CA CYS D 449 -8.26 26.10 -34.74
C CYS D 449 -9.29 27.04 -34.14
N GLY D 450 -8.86 28.14 -33.52
CA GLY D 450 -9.80 29.09 -32.96
C GLY D 450 -10.31 28.74 -31.59
N TYR D 451 -9.47 28.17 -30.73
CA TYR D 451 -9.82 27.83 -29.37
C TYR D 451 -8.87 28.53 -28.40
N GLU D 452 -9.11 28.33 -27.11
CA GLU D 452 -8.26 28.79 -26.03
C GLU D 452 -7.51 27.63 -25.39
N PRO D 453 -6.33 27.86 -24.84
CA PRO D 453 -5.60 26.76 -24.20
C PRO D 453 -6.33 26.26 -22.96
N GLY D 454 -6.33 24.93 -22.79
CA GLY D 454 -7.03 24.32 -21.67
C GLY D 454 -6.11 23.75 -20.62
N GLU D 455 -6.09 22.43 -20.49
CA GLU D 455 -5.27 21.75 -19.50
C GLU D 455 -4.26 20.85 -20.20
N LEU D 456 -3.21 20.47 -19.48
CA LEU D 456 -2.17 19.60 -20.00
C LEU D 456 -1.95 18.47 -19.01
N ALA D 457 -2.27 17.25 -19.40
CA ALA D 457 -2.03 16.07 -18.58
C ALA D 457 -0.94 15.22 -19.24
N ILE D 458 0.07 14.86 -18.46
CA ILE D 458 1.17 14.03 -18.92
C ILE D 458 1.16 12.74 -18.12
N PHE D 459 1.05 11.62 -18.82
CA PHE D 459 1.08 10.29 -18.21
C PHE D 459 2.41 9.63 -18.57
N ILE D 460 3.17 9.23 -17.55
CA ILE D 460 4.54 8.77 -17.71
C ILE D 460 4.62 7.30 -17.32
N GLY D 461 5.27 6.50 -18.16
CA GLY D 461 5.61 5.14 -17.82
C GLY D 461 6.83 5.08 -16.92
N ASP D 462 8.02 4.95 -17.51
CA ASP D 462 9.26 4.86 -16.75
C ASP D 462 9.74 6.28 -16.44
N ALA D 463 9.34 6.78 -15.26
CA ALA D 463 9.81 8.08 -14.79
C ALA D 463 11.07 7.86 -13.96
N HIS D 464 12.18 8.47 -14.38
CA HIS D 464 13.46 8.15 -13.77
C HIS D 464 14.30 9.41 -13.58
N ILE D 465 15.29 9.28 -12.71
CA ILE D 465 16.30 10.30 -12.45
C ILE D 465 17.66 9.66 -12.68
N TYR D 466 18.47 10.26 -13.56
CA TYR D 466 19.82 9.79 -13.75
C TYR D 466 20.69 10.14 -12.55
N GLU D 467 21.58 9.22 -12.16
CA GLU D 467 22.29 9.36 -10.90
C GLU D 467 23.27 10.53 -10.91
N ASN D 468 23.70 10.99 -12.07
CA ASN D 468 24.56 12.17 -12.13
C ASN D 468 23.79 13.48 -12.01
N HIS D 469 22.46 13.41 -11.88
CA HIS D 469 21.63 14.58 -11.70
C HIS D 469 21.22 14.82 -10.25
N LEU D 470 21.48 13.86 -9.36
CA LEU D 470 20.96 13.90 -8.00
C LEU D 470 21.34 15.20 -7.29
N THR D 471 22.65 15.45 -7.15
CA THR D 471 23.09 16.68 -6.51
C THR D 471 22.43 17.91 -7.13
N GLN D 472 22.23 17.89 -8.45
CA GLN D 472 21.54 19.00 -9.09
C GLN D 472 20.08 19.05 -8.68
N LEU D 473 19.37 17.93 -8.83
CA LEU D 473 17.93 17.95 -8.63
C LEU D 473 17.57 18.25 -7.19
N LYS D 474 18.31 17.69 -6.23
CA LYS D 474 18.13 18.06 -4.83
C LYS D 474 18.27 19.56 -4.65
N GLU D 475 19.26 20.17 -5.30
CA GLU D 475 19.39 21.62 -5.30
C GLU D 475 18.10 22.27 -5.77
N GLN D 476 17.54 21.79 -6.88
CA GLN D 476 16.31 22.36 -7.39
C GLN D 476 15.15 22.18 -6.41
N LEU D 477 15.21 21.13 -5.57
CA LEU D 477 14.17 20.92 -4.57
C LEU D 477 14.30 21.87 -3.38
N SER D 478 15.42 22.58 -3.25
CA SER D 478 15.62 23.53 -2.17
C SER D 478 15.03 24.90 -2.48
N ARG D 479 14.52 25.11 -3.69
CA ARG D 479 14.05 26.41 -4.15
C ARG D 479 12.53 26.43 -4.14
N THR D 480 11.97 27.36 -3.37
CA THR D 480 10.52 27.50 -3.32
C THR D 480 10.01 28.04 -4.66
N PRO D 481 8.98 27.43 -5.24
CA PRO D 481 8.54 27.84 -6.58
C PRO D 481 8.03 29.28 -6.61
N ARG D 482 8.08 29.86 -7.80
CA ARG D 482 7.57 31.18 -8.11
C ARG D 482 6.46 31.05 -9.15
N PRO D 483 5.60 32.06 -9.30
CA PRO D 483 4.48 31.92 -10.23
C PRO D 483 4.93 31.67 -11.65
N PHE D 484 4.15 30.85 -12.36
CA PHE D 484 4.43 30.56 -13.76
C PHE D 484 4.36 31.85 -14.58
N PRO D 485 5.15 31.95 -15.65
CA PRO D 485 5.03 33.12 -16.53
C PRO D 485 3.84 33.01 -17.47
N GLN D 486 3.72 33.95 -18.39
CA GLN D 486 2.74 33.89 -19.47
C GLN D 486 3.47 33.77 -20.81
N LEU D 487 2.81 33.12 -21.76
CA LEU D 487 3.35 32.99 -23.11
C LEU D 487 2.27 33.44 -24.08
N LYS D 488 2.57 34.48 -24.86
CA LYS D 488 1.60 35.03 -25.80
C LYS D 488 2.20 35.02 -27.21
N PHE D 489 1.32 34.93 -28.19
CA PHE D 489 1.71 34.98 -29.60
C PHE D 489 1.50 36.39 -30.12
N LYS D 490 2.50 36.91 -30.83
CA LYS D 490 2.45 38.28 -31.31
C LYS D 490 1.51 38.45 -32.50
N ARG D 491 1.35 37.41 -33.31
CA ARG D 491 0.50 37.48 -34.50
C ARG D 491 -0.26 36.18 -34.65
N LYS D 492 -1.36 36.26 -35.39
CA LYS D 492 -2.16 35.08 -35.72
C LYS D 492 -1.70 34.53 -37.05
N VAL D 493 -1.14 33.33 -37.04
CA VAL D 493 -0.65 32.73 -38.26
C VAL D 493 -1.80 32.06 -39.01
N GLU D 494 -1.58 31.80 -40.31
CA GLU D 494 -2.57 31.09 -41.10
C GLU D 494 -2.32 29.59 -41.11
N ASN D 495 -1.06 29.18 -41.13
CA ASN D 495 -0.70 27.77 -41.04
C ASN D 495 0.23 27.58 -39.84
N ILE D 496 0.14 26.40 -39.22
CA ILE D 496 0.89 26.14 -37.99
C ILE D 496 2.40 26.14 -38.24
N GLU D 497 2.84 25.90 -39.48
CA GLU D 497 4.26 25.88 -39.79
C GLU D 497 4.89 27.26 -39.84
N ASP D 498 4.08 28.33 -39.83
CA ASP D 498 4.58 29.68 -40.01
C ASP D 498 5.08 30.32 -38.72
N PHE D 499 5.03 29.62 -37.59
CA PHE D 499 5.49 30.19 -36.33
C PHE D 499 7.00 30.39 -36.33
N LYS D 500 7.42 31.51 -35.75
CA LYS D 500 8.84 31.84 -35.60
C LYS D 500 9.10 32.22 -34.15
N TRP D 501 10.38 32.18 -33.77
CA TRP D 501 10.75 32.50 -32.39
C TRP D 501 10.43 33.95 -32.04
N GLU D 502 10.48 34.85 -33.02
CA GLU D 502 10.15 36.24 -32.80
C GLU D 502 8.66 36.46 -32.52
N ASP D 503 7.83 35.47 -32.79
CA ASP D 503 6.38 35.57 -32.60
C ASP D 503 5.96 35.27 -31.16
N ILE D 504 6.88 34.85 -30.30
CA ILE D 504 6.55 34.42 -28.95
C ILE D 504 7.06 35.45 -27.95
N GLU D 505 6.17 35.89 -27.07
CA GLU D 505 6.51 36.82 -26.00
C GLU D 505 6.34 36.09 -24.67
N LEU D 506 7.43 36.01 -23.90
CA LEU D 506 7.45 35.36 -22.60
C LEU D 506 7.42 36.43 -21.53
N ILE D 507 6.26 36.60 -20.90
CA ILE D 507 6.00 37.71 -19.99
C ILE D 507 6.14 37.21 -18.55
N GLY D 508 6.94 37.92 -17.76
CA GLY D 508 7.03 37.67 -16.33
C GLY D 508 7.63 36.32 -15.95
N TYR D 509 8.79 36.01 -16.51
CA TYR D 509 9.51 34.78 -16.19
C TYR D 509 10.74 35.15 -15.38
N TYR D 510 10.68 34.91 -14.06
CA TYR D 510 11.76 35.24 -13.14
C TYR D 510 12.20 33.96 -12.44
N PRO D 511 12.93 33.09 -13.12
CA PRO D 511 13.29 31.80 -12.56
C PRO D 511 14.55 31.86 -11.71
N TYR D 512 14.77 30.78 -10.96
CA TYR D 512 16.04 30.58 -10.29
C TYR D 512 17.12 30.27 -11.32
N PRO D 513 18.40 30.47 -10.98
CA PRO D 513 19.46 30.28 -11.97
C PRO D 513 19.48 28.87 -12.55
N THR D 514 20.08 28.76 -13.73
CA THR D 514 20.15 27.48 -14.42
C THR D 514 20.95 26.48 -13.60
N ILE D 515 20.67 25.20 -13.83
CA ILE D 515 21.35 24.09 -13.17
C ILE D 515 21.88 23.18 -14.25
N LYS D 516 23.19 23.16 -14.44
CA LYS D 516 23.79 22.36 -15.51
C LYS D 516 23.65 20.88 -15.23
N MET D 517 23.15 20.13 -16.21
CA MET D 517 22.99 18.69 -16.11
C MET D 517 23.37 18.04 -17.44
N ASP D 518 24.22 17.02 -17.38
CA ASP D 518 24.71 16.36 -18.58
C ASP D 518 23.74 15.28 -19.05
N MET D 519 23.56 15.19 -20.36
CA MET D 519 22.68 14.19 -20.94
C MET D 519 23.40 12.86 -21.11
N ALA D 520 22.69 11.76 -20.84
CA ALA D 520 23.22 10.43 -21.07
C ALA D 520 22.94 10.02 -22.51
N VAL D 521 24.00 9.73 -23.25
CA VAL D 521 23.88 9.38 -24.66
C VAL D 521 23.67 7.87 -24.83
N GLU E 3 -51.31 35.14 -10.79
CA GLU E 3 -50.93 36.26 -11.67
C GLU E 3 -49.64 36.92 -11.18
N LYS E 4 -48.53 36.51 -11.78
CA LYS E 4 -47.21 37.05 -11.46
C LYS E 4 -46.56 37.58 -12.73
N ASN E 5 -45.32 38.03 -12.59
CA ASN E 5 -44.61 38.72 -13.66
C ASN E 5 -43.86 37.72 -14.53
N VAL E 6 -43.85 37.98 -15.84
CA VAL E 6 -43.19 37.13 -16.82
C VAL E 6 -42.26 37.99 -17.67
N SER E 7 -40.99 37.58 -17.75
CA SER E 7 -39.98 38.35 -18.46
C SER E 7 -39.18 37.44 -19.38
N ILE E 8 -39.10 37.81 -20.66
CA ILE E 8 -38.13 37.20 -21.55
C ILE E 8 -36.75 37.75 -21.23
N VAL E 9 -35.74 36.88 -21.23
CA VAL E 9 -34.35 37.28 -21.10
C VAL E 9 -33.59 36.71 -22.29
N VAL E 10 -32.98 37.59 -23.09
CA VAL E 10 -32.35 37.12 -24.31
C VAL E 10 -31.13 37.99 -24.62
N ALA E 11 -30.14 37.39 -25.27
CA ALA E 11 -28.98 38.09 -25.81
C ALA E 11 -28.93 37.84 -27.31
N ALA E 12 -29.13 38.89 -28.09
CA ALA E 12 -29.24 38.79 -29.54
C ALA E 12 -28.32 39.81 -30.21
N SER E 13 -27.99 39.53 -31.47
CA SER E 13 -27.18 40.46 -32.23
C SER E 13 -27.98 41.72 -32.56
N VAL E 14 -27.25 42.78 -32.91
CA VAL E 14 -27.88 44.11 -32.99
C VAL E 14 -28.83 44.20 -34.18
N LEU E 15 -28.45 43.63 -35.32
CA LEU E 15 -29.22 43.79 -36.55
C LEU E 15 -30.13 42.60 -36.83
N SER E 16 -29.56 41.42 -37.00
CA SER E 16 -30.32 40.23 -37.40
C SER E 16 -30.93 39.47 -36.22
N SER E 17 -30.58 39.85 -34.99
CA SER E 17 -31.14 39.24 -33.78
C SER E 17 -30.81 37.75 -33.69
N GLY E 18 -29.58 37.38 -34.05
CA GLY E 18 -29.14 36.00 -33.90
C GLY E 18 -28.72 35.71 -32.47
N ILE E 19 -29.07 34.50 -32.01
CA ILE E 19 -28.86 34.16 -30.60
C ILE E 19 -28.07 32.86 -30.45
N GLY E 20 -27.88 32.12 -31.53
CA GLY E 20 -27.21 30.84 -31.41
C GLY E 20 -26.61 30.36 -32.72
N ILE E 21 -25.71 29.39 -32.59
CA ILE E 21 -25.07 28.73 -33.73
C ILE E 21 -24.53 27.38 -33.29
N ASN E 22 -24.98 26.32 -33.94
CA ASN E 22 -24.51 24.95 -33.69
C ASN E 22 -24.65 24.57 -32.21
N GLY E 23 -25.81 24.87 -31.64
CA GLY E 23 -26.11 24.47 -30.28
C GLY E 23 -25.37 25.23 -29.19
N GLN E 24 -24.73 26.35 -29.52
CA GLN E 24 -24.02 27.16 -28.54
C GLN E 24 -24.20 28.64 -28.90
N LEU E 25 -23.63 29.51 -28.06
CA LEU E 25 -23.70 30.94 -28.31
C LEU E 25 -22.63 31.36 -29.31
N PRO E 26 -22.92 32.35 -30.15
CA PRO E 26 -21.91 32.88 -31.08
C PRO E 26 -20.91 33.85 -30.46
N TRP E 27 -20.85 33.93 -29.13
CA TRP E 27 -19.91 34.81 -28.46
C TRP E 27 -19.67 34.27 -27.05
N SER E 28 -18.74 34.90 -26.34
CA SER E 28 -18.40 34.52 -24.97
C SER E 28 -18.24 35.79 -24.15
N ILE E 29 -19.35 36.29 -23.63
CA ILE E 29 -19.37 37.51 -22.81
C ILE E 29 -19.72 37.09 -21.39
N SER E 30 -18.72 37.18 -20.50
CA SER E 30 -18.94 36.75 -19.11
C SER E 30 -19.91 37.66 -18.39
N GLU E 31 -19.80 38.97 -18.62
CA GLU E 31 -20.69 39.92 -17.95
C GLU E 31 -22.14 39.69 -18.33
N ASP E 32 -22.40 39.20 -19.54
CA ASP E 32 -23.78 38.91 -19.94
C ASP E 32 -24.34 37.73 -19.14
N LEU E 33 -23.52 36.70 -18.92
CA LEU E 33 -23.95 35.58 -18.08
C LEU E 33 -24.18 36.05 -16.64
N LYS E 34 -23.30 36.93 -16.14
CA LYS E 34 -23.51 37.47 -14.80
C LYS E 34 -24.81 38.27 -14.73
N PHE E 35 -25.12 39.01 -15.80
CA PHE E 35 -26.38 39.75 -15.84
C PHE E 35 -27.57 38.80 -15.83
N PHE E 36 -27.51 37.74 -16.64
CA PHE E 36 -28.58 36.74 -16.63
C PHE E 36 -28.77 36.18 -15.23
N SER E 37 -27.67 35.84 -14.55
CA SER E 37 -27.75 35.30 -13.20
C SER E 37 -28.41 36.29 -12.25
N LYS E 38 -27.95 37.55 -12.28
CA LYS E 38 -28.46 38.52 -11.32
C LYS E 38 -29.90 38.92 -11.61
N ILE E 39 -30.32 38.84 -12.87
CA ILE E 39 -31.68 39.23 -13.21
C ILE E 39 -32.65 38.08 -12.96
N THR E 40 -32.17 36.83 -13.03
CA THR E 40 -33.01 35.69 -12.71
C THR E 40 -33.03 35.36 -11.23
N ASN E 41 -32.04 35.82 -10.46
CA ASN E 41 -32.06 35.69 -9.01
C ASN E 41 -32.78 36.83 -8.31
N ASN E 42 -33.05 37.92 -9.02
CA ASN E 42 -33.67 39.11 -8.42
C ASN E 42 -35.07 38.76 -7.95
N LYS E 43 -35.22 38.58 -6.64
CA LYS E 43 -36.50 38.25 -6.04
C LYS E 43 -36.73 39.13 -4.81
N CYS E 44 -37.99 39.13 -4.34
CA CYS E 44 -38.36 39.93 -3.18
C CYS E 44 -38.64 39.09 -1.94
N ASP E 45 -38.98 37.81 -2.11
CA ASP E 45 -39.29 36.92 -0.99
C ASP E 45 -38.17 35.90 -0.84
N SER E 46 -37.60 35.80 0.36
CA SER E 46 -36.52 34.87 0.61
C SER E 46 -37.00 33.42 0.63
N ASN E 47 -38.31 33.19 0.76
CA ASN E 47 -38.88 31.85 0.79
C ASN E 47 -39.48 31.45 -0.56
N LYS E 48 -39.09 32.13 -1.64
CA LYS E 48 -39.58 31.80 -2.97
C LYS E 48 -38.41 31.74 -3.95
N LYS E 49 -38.60 30.95 -5.01
CA LYS E 49 -37.62 30.82 -6.08
C LYS E 49 -38.23 31.32 -7.39
N ASN E 50 -37.37 31.57 -8.36
CA ASN E 50 -37.80 32.01 -9.69
C ASN E 50 -37.72 30.87 -10.68
N ALA E 51 -38.70 30.82 -11.59
CA ALA E 51 -38.81 29.76 -12.58
C ALA E 51 -38.29 30.27 -13.92
N LEU E 52 -37.40 29.48 -14.53
CA LEU E 52 -36.79 29.80 -15.82
C LEU E 52 -37.22 28.75 -16.83
N ILE E 53 -38.09 29.15 -17.76
CA ILE E 53 -38.59 28.27 -18.80
C ILE E 53 -37.61 28.25 -19.96
N MET E 54 -37.29 27.06 -20.45
CA MET E 54 -36.37 26.93 -21.57
C MET E 54 -36.69 25.67 -22.36
N GLY E 55 -36.29 25.67 -23.64
CA GLY E 55 -36.49 24.52 -24.49
C GLY E 55 -35.48 23.41 -24.21
N ARG E 56 -35.68 22.27 -24.90
CA ARG E 56 -34.86 21.10 -24.63
C ARG E 56 -33.43 21.29 -25.13
N LYS E 57 -33.26 21.87 -26.32
CA LYS E 57 -31.92 22.10 -26.84
C LYS E 57 -31.16 23.11 -25.98
N THR E 58 -31.89 24.13 -25.48
CA THR E 58 -31.29 25.05 -24.52
C THR E 58 -30.90 24.32 -23.23
N TRP E 59 -31.76 23.41 -22.77
CA TRP E 59 -31.44 22.59 -21.62
C TRP E 59 -30.18 21.75 -21.86
N ASP E 60 -29.96 21.33 -23.11
CA ASP E 60 -28.73 20.63 -23.45
C ASP E 60 -27.54 21.58 -23.43
N SER E 61 -27.75 22.84 -23.85
CA SER E 61 -26.64 23.79 -23.94
C SER E 61 -26.02 24.08 -22.59
N ILE E 62 -26.78 23.96 -21.51
CA ILE E 62 -26.28 24.24 -20.18
C ILE E 62 -25.84 22.96 -19.46
N GLY E 63 -25.61 21.89 -20.21
CA GLY E 63 -25.12 20.66 -19.62
C GLY E 63 -26.15 19.85 -18.85
N ARG E 64 -27.43 20.21 -18.96
CA ARG E 64 -28.51 19.52 -18.25
C ARG E 64 -28.26 19.48 -16.75
N ARG E 65 -27.76 20.59 -16.21
CA ARG E 65 -27.50 20.72 -14.79
C ARG E 65 -28.27 21.91 -14.22
N PRO E 66 -28.80 21.79 -13.00
CA PRO E 66 -29.64 22.85 -12.46
C PRO E 66 -28.86 24.13 -12.17
N LEU E 67 -29.58 25.24 -12.18
CA LEU E 67 -29.04 26.54 -11.83
C LEU E 67 -29.36 26.84 -10.37
N LYS E 68 -28.35 27.30 -9.63
CA LYS E 68 -28.50 27.50 -8.19
C LYS E 68 -29.61 28.50 -7.91
N ASN E 69 -30.40 28.20 -6.87
CA ASN E 69 -31.46 29.04 -6.31
C ASN E 69 -32.64 29.23 -7.25
N ARG E 70 -32.64 28.59 -8.43
CA ARG E 70 -33.71 28.79 -9.40
C ARG E 70 -34.27 27.42 -9.80
N ILE E 71 -35.48 27.43 -10.34
CA ILE E 71 -36.15 26.21 -10.79
C ILE E 71 -36.25 26.25 -12.31
N ILE E 72 -35.65 25.27 -12.96
CA ILE E 72 -35.63 25.19 -14.42
C ILE E 72 -36.84 24.39 -14.90
N VAL E 73 -37.51 24.92 -15.91
CA VAL E 73 -38.70 24.31 -16.50
C VAL E 73 -38.38 24.00 -17.96
N VAL E 74 -38.20 22.72 -18.27
CA VAL E 74 -37.83 22.30 -19.61
C VAL E 74 -39.10 21.97 -20.39
N ILE E 75 -39.25 22.62 -21.53
CA ILE E 75 -40.33 22.32 -22.47
C ILE E 75 -39.83 21.24 -23.42
N SER E 76 -40.48 20.08 -23.40
CA SER E 76 -40.06 18.98 -24.26
C SER E 76 -41.19 17.97 -24.34
N SER E 77 -41.31 17.34 -25.51
CA SER E 77 -42.29 16.29 -25.71
C SER E 77 -41.71 14.89 -25.50
N SER E 78 -40.39 14.77 -25.37
CA SER E 78 -39.73 13.48 -25.26
C SER E 78 -39.05 13.24 -23.91
N LEU E 79 -38.66 14.29 -23.20
CA LEU E 79 -37.94 14.10 -21.94
C LEU E 79 -38.87 13.47 -20.90
N PRO E 80 -38.37 12.50 -20.13
CA PRO E 80 -39.21 11.89 -19.09
C PRO E 80 -39.50 12.89 -17.98
N GLN E 81 -40.78 13.00 -17.62
CA GLN E 81 -41.22 13.90 -16.54
C GLN E 81 -40.67 13.37 -15.22
N ASP E 82 -39.38 13.63 -14.99
CA ASP E 82 -38.70 13.12 -13.81
C ASP E 82 -39.13 13.90 -12.57
N GLU E 83 -39.16 13.18 -11.44
CA GLU E 83 -39.43 13.79 -10.14
C GLU E 83 -38.27 13.66 -9.17
N ALA E 84 -37.14 13.10 -9.62
CA ALA E 84 -35.99 12.95 -8.73
C ALA E 84 -35.34 14.29 -8.43
N ASP E 85 -35.17 15.14 -9.46
CA ASP E 85 -34.56 16.45 -9.27
C ASP E 85 -35.65 17.46 -8.96
N PRO E 86 -35.69 18.05 -7.76
CA PRO E 86 -36.73 19.03 -7.43
C PRO E 86 -36.49 20.42 -8.00
N ASN E 87 -35.35 20.66 -8.65
CA ASN E 87 -35.05 21.96 -9.25
C ASN E 87 -35.24 21.96 -10.76
N VAL E 88 -35.59 20.83 -11.36
CA VAL E 88 -35.83 20.72 -12.79
C VAL E 88 -37.14 19.98 -13.00
N VAL E 89 -38.06 20.59 -13.74
CA VAL E 89 -39.36 19.99 -14.03
C VAL E 89 -39.64 20.11 -15.53
N VAL E 90 -40.29 19.09 -16.09
CA VAL E 90 -40.53 19.01 -17.52
C VAL E 90 -42.01 19.18 -17.80
N PHE E 91 -42.32 19.96 -18.84
CA PHE E 91 -43.68 20.14 -19.32
C PHE E 91 -43.75 19.86 -20.81
N ARG E 92 -44.91 19.35 -21.26
CA ARG E 92 -45.05 18.92 -22.64
C ARG E 92 -45.24 20.08 -23.61
N ASN E 93 -45.79 21.20 -23.15
CA ASN E 93 -45.98 22.36 -24.01
C ASN E 93 -45.84 23.63 -23.18
N LEU E 94 -45.68 24.76 -23.88
CA LEU E 94 -45.46 26.04 -23.21
C LEU E 94 -46.71 26.51 -22.46
N GLU E 95 -47.90 26.18 -22.98
CA GLU E 95 -49.14 26.67 -22.36
C GLU E 95 -49.36 26.04 -20.99
N ASP E 96 -49.20 24.73 -20.89
CA ASP E 96 -49.40 24.04 -19.61
C ASP E 96 -48.38 24.46 -18.56
N SER E 97 -47.19 24.86 -18.99
CA SER E 97 -46.12 25.24 -18.06
C SER E 97 -46.42 26.54 -17.32
N ILE E 98 -47.40 27.33 -17.76
CA ILE E 98 -47.73 28.59 -17.12
C ILE E 98 -48.62 28.34 -15.90
N GLU E 99 -48.76 27.06 -15.52
CA GLU E 99 -49.46 26.70 -14.29
C GLU E 99 -48.90 27.39 -13.05
N ASN E 100 -47.65 27.88 -13.11
CA ASN E 100 -47.08 28.63 -12.00
C ASN E 100 -47.91 29.85 -11.62
N LEU E 101 -48.68 30.40 -12.56
CA LEU E 101 -49.54 31.54 -12.24
C LEU E 101 -50.71 31.11 -11.36
N MET E 102 -51.47 30.10 -11.80
CA MET E 102 -52.69 29.71 -11.10
C MET E 102 -52.38 29.21 -9.69
N ASN E 103 -51.65 28.10 -9.60
CA ASN E 103 -51.27 27.54 -8.32
C ASN E 103 -49.78 27.79 -8.07
N ASP E 104 -49.19 27.03 -7.16
CA ASP E 104 -47.78 27.13 -6.81
C ASP E 104 -47.41 28.57 -6.42
N ASP E 105 -47.84 28.94 -5.22
CA ASP E 105 -47.56 30.26 -4.67
C ASP E 105 -46.12 30.44 -4.22
N SER E 106 -45.29 29.39 -4.32
CA SER E 106 -43.88 29.48 -3.96
C SER E 106 -43.03 30.06 -5.09
N ILE E 107 -43.60 30.33 -6.26
CA ILE E 107 -42.89 30.93 -7.38
C ILE E 107 -43.28 32.40 -7.47
N GLU E 108 -42.28 33.27 -7.48
CA GLU E 108 -42.51 34.71 -7.50
C GLU E 108 -42.55 35.27 -8.92
N ASN E 109 -41.48 35.07 -9.68
CA ASN E 109 -41.36 35.57 -11.04
C ASN E 109 -41.09 34.43 -12.00
N ILE E 110 -41.41 34.66 -13.27
CA ILE E 110 -41.20 33.67 -14.33
C ILE E 110 -40.34 34.30 -15.41
N PHE E 111 -39.32 33.57 -15.86
CA PHE E 111 -38.38 34.06 -16.86
C PHE E 111 -38.35 33.09 -18.03
N VAL E 112 -38.75 33.56 -19.19
CA VAL E 112 -38.63 32.80 -20.44
C VAL E 112 -37.26 33.11 -21.03
N CYS E 113 -36.42 32.08 -21.11
CA CYS E 113 -35.06 32.26 -21.62
C CYS E 113 -34.65 31.12 -22.55
N GLY E 114 -35.61 30.37 -23.09
CA GLY E 114 -35.32 29.25 -23.97
C GLY E 114 -34.84 29.65 -25.35
N GLY E 115 -35.05 28.77 -26.33
CA GLY E 115 -34.60 29.00 -27.68
C GLY E 115 -35.60 29.79 -28.51
N GLU E 116 -35.33 29.84 -29.82
CA GLU E 116 -36.21 30.54 -30.74
C GLU E 116 -37.63 29.96 -30.71
N SER E 117 -37.74 28.63 -30.64
CA SER E 117 -39.06 28.00 -30.63
C SER E 117 -39.87 28.42 -29.41
N ILE E 118 -39.21 28.58 -28.27
CA ILE E 118 -39.92 28.98 -27.07
C ILE E 118 -40.28 30.46 -27.10
N TYR E 119 -39.33 31.31 -27.51
CA TYR E 119 -39.58 32.74 -27.60
C TYR E 119 -40.73 33.04 -28.56
N ARG E 120 -40.72 32.39 -29.73
CA ARG E 120 -41.65 32.76 -30.80
C ARG E 120 -43.11 32.56 -30.37
N ASP E 121 -43.42 31.44 -29.72
CA ASP E 121 -44.77 31.22 -29.24
C ASP E 121 -44.96 31.60 -27.78
N ALA E 122 -43.94 32.17 -27.13
CA ALA E 122 -44.19 32.91 -25.90
C ALA E 122 -44.66 34.33 -26.21
N LEU E 123 -44.18 34.90 -27.32
CA LEU E 123 -44.69 36.18 -27.78
C LEU E 123 -46.00 36.02 -28.55
N LYS E 124 -46.13 34.94 -29.33
CA LYS E 124 -47.36 34.70 -30.07
C LYS E 124 -48.52 34.42 -29.14
N ASP E 125 -48.28 33.69 -28.04
CA ASP E 125 -49.32 33.40 -27.07
C ASP E 125 -49.58 34.55 -26.11
N ASN E 126 -48.83 35.65 -26.21
CA ASN E 126 -49.05 36.86 -25.43
C ASN E 126 -48.92 36.60 -23.93
N PHE E 127 -47.88 35.84 -23.56
CA PHE E 127 -47.60 35.56 -22.16
C PHE E 127 -46.53 36.47 -21.56
N VAL E 128 -45.85 37.27 -22.37
CA VAL E 128 -44.64 37.98 -21.96
C VAL E 128 -45.00 39.39 -21.52
N ASP E 129 -44.60 39.76 -20.31
CA ASP E 129 -44.79 41.11 -19.80
C ASP E 129 -43.58 42.00 -20.03
N ARG E 130 -42.37 41.51 -19.79
CA ARG E 130 -41.16 42.31 -19.94
C ARG E 130 -40.16 41.60 -20.85
N ILE E 131 -39.20 42.37 -21.36
CA ILE E 131 -38.12 41.82 -22.19
C ILE E 131 -36.81 42.46 -21.76
N TYR E 132 -35.82 41.63 -21.43
CA TYR E 132 -34.46 42.06 -21.14
C TYR E 132 -33.60 41.63 -22.32
N LEU E 133 -33.29 42.57 -23.20
CA LEU E 133 -32.54 42.29 -24.42
C LEU E 133 -31.11 42.78 -24.28
N THR E 134 -30.16 41.89 -24.56
CA THR E 134 -28.75 42.23 -24.60
C THR E 134 -28.33 42.30 -26.07
N ARG E 135 -28.17 43.52 -26.59
CA ARG E 135 -27.78 43.71 -27.98
C ARG E 135 -26.27 43.58 -28.10
N VAL E 136 -25.81 42.68 -28.98
CA VAL E 136 -24.39 42.41 -29.18
C VAL E 136 -24.01 42.87 -30.59
N ALA E 137 -22.86 43.55 -30.69
CA ALA E 137 -22.40 44.10 -31.96
C ALA E 137 -21.53 43.09 -32.70
N LEU E 138 -22.18 42.04 -33.17
CA LEU E 138 -21.53 41.00 -33.98
C LEU E 138 -22.51 40.56 -35.07
N GLU E 139 -22.16 40.81 -36.33
CA GLU E 139 -23.10 40.55 -37.43
C GLU E 139 -22.50 39.84 -38.63
N ASP E 140 -21.19 39.86 -38.83
CA ASP E 140 -20.59 39.16 -39.96
C ASP E 140 -20.14 37.75 -39.61
N ILE E 141 -20.94 37.05 -38.82
CA ILE E 141 -20.69 35.65 -38.46
C ILE E 141 -21.91 34.83 -38.84
N GLU E 142 -21.93 33.56 -38.45
CA GLU E 142 -22.98 32.63 -38.84
C GLU E 142 -23.95 32.41 -37.69
N PHE E 143 -25.25 32.50 -37.99
CA PHE E 143 -26.31 32.17 -37.07
C PHE E 143 -27.23 31.11 -37.67
N ASP E 144 -27.80 30.27 -36.80
CA ASP E 144 -28.84 29.35 -37.21
C ASP E 144 -30.09 29.45 -36.35
N THR E 145 -30.07 30.29 -35.31
CA THR E 145 -31.20 30.48 -34.41
C THR E 145 -31.30 31.96 -34.09
N TYR E 146 -32.49 32.53 -34.30
CA TYR E 146 -32.70 33.97 -34.18
C TYR E 146 -33.78 34.27 -33.14
N PHE E 147 -33.70 35.47 -32.58
CA PHE E 147 -34.74 35.98 -31.69
C PHE E 147 -35.82 36.67 -32.52
N PRO E 148 -37.10 36.31 -32.33
CA PRO E 148 -38.15 36.86 -33.20
C PRO E 148 -38.28 38.37 -33.05
N GLU E 149 -38.84 38.99 -34.09
CA GLU E 149 -39.05 40.43 -34.08
C GLU E 149 -39.97 40.82 -32.92
N ILE E 150 -39.57 41.85 -32.19
CA ILE E 150 -40.36 42.29 -31.03
C ILE E 150 -41.69 42.86 -31.53
N PRO E 151 -42.83 42.37 -31.04
CA PRO E 151 -44.11 42.87 -31.53
C PRO E 151 -44.30 44.35 -31.18
N GLU E 152 -45.15 45.01 -31.97
CA GLU E 152 -45.38 46.45 -31.81
C GLU E 152 -46.01 46.79 -30.48
N THR E 153 -46.55 45.80 -29.74
CA THR E 153 -47.13 46.06 -28.44
C THR E 153 -46.10 46.35 -27.36
N PHE E 154 -44.82 46.13 -27.64
CA PHE E 154 -43.75 46.44 -26.70
C PHE E 154 -43.07 47.75 -27.08
N LEU E 155 -42.62 48.48 -26.06
CA LEU E 155 -41.89 49.73 -26.24
C LEU E 155 -40.65 49.73 -25.35
N PRO E 156 -39.54 50.26 -25.84
CA PRO E 156 -38.33 50.34 -25.00
C PRO E 156 -38.48 51.39 -23.92
N VAL E 157 -38.10 51.02 -22.69
CA VAL E 157 -38.13 51.92 -21.56
C VAL E 157 -36.75 52.17 -20.97
N TYR E 158 -35.72 51.49 -21.46
CA TYR E 158 -34.38 51.63 -20.90
C TYR E 158 -33.36 51.16 -21.91
N MET E 159 -32.25 51.88 -22.00
CA MET E 159 -31.12 51.50 -22.84
C MET E 159 -29.84 51.91 -22.13
N SER E 160 -29.05 50.91 -21.71
CA SER E 160 -27.86 51.17 -20.91
C SER E 160 -26.76 51.77 -21.78
N GLN E 161 -25.67 52.15 -21.11
CA GLN E 161 -24.47 52.56 -21.84
C GLN E 161 -23.84 51.36 -22.53
N THR E 162 -22.99 51.65 -23.52
CA THR E 162 -22.30 50.59 -24.24
C THR E 162 -21.15 50.06 -23.41
N PHE E 163 -21.10 48.74 -23.23
CA PHE E 163 -20.02 48.05 -22.53
C PHE E 163 -19.16 47.27 -23.52
N CYS E 164 -17.95 46.94 -23.09
CA CYS E 164 -16.96 46.27 -23.92
C CYS E 164 -16.40 45.04 -23.22
N THR E 165 -16.36 43.92 -23.94
CA THR E 165 -15.73 42.70 -23.46
C THR E 165 -15.04 42.04 -24.64
N LYS E 166 -13.71 41.88 -24.54
CA LYS E 166 -12.89 41.29 -25.59
C LYS E 166 -13.11 42.02 -26.92
N ASN E 167 -13.11 43.35 -26.86
CA ASN E 167 -13.34 44.24 -28.00
C ASN E 167 -14.73 44.07 -28.61
N ILE E 168 -15.68 43.51 -27.86
CA ILE E 168 -17.04 43.33 -28.32
C ILE E 168 -17.93 44.31 -27.58
N SER E 169 -18.66 45.14 -28.32
CA SER E 169 -19.57 46.11 -27.75
C SER E 169 -20.95 45.50 -27.55
N TYR E 170 -21.60 45.85 -26.44
CA TYR E 170 -22.94 45.35 -26.18
C TYR E 170 -23.70 46.31 -25.28
N ASP E 171 -25.03 46.24 -25.37
CA ASP E 171 -25.96 47.09 -24.65
C ASP E 171 -26.86 46.26 -23.76
N PHE E 172 -27.65 46.96 -22.94
CA PHE E 172 -28.70 46.35 -22.13
C PHE E 172 -29.96 47.19 -22.29
N MET E 173 -31.05 46.56 -22.73
CA MET E 173 -32.30 47.26 -22.96
C MET E 173 -33.44 46.53 -22.28
N ILE E 174 -34.45 47.29 -21.88
CA ILE E 174 -35.68 46.76 -21.30
C ILE E 174 -36.83 47.19 -22.19
N PHE E 175 -37.70 46.24 -22.54
CA PHE E 175 -38.92 46.51 -23.29
C PHE E 175 -40.11 46.15 -22.43
N GLU E 176 -41.10 47.05 -22.37
CA GLU E 176 -42.31 46.82 -21.59
C GLU E 176 -43.51 46.86 -22.51
N LYS E 177 -44.49 46.00 -22.23
CA LYS E 177 -45.71 45.92 -23.01
C LYS E 177 -46.70 46.95 -22.48
N GLN E 178 -47.22 47.80 -23.37
CA GLN E 178 -48.13 48.86 -22.98
C GLN E 178 -49.57 48.37 -22.99
N GLU E 179 -50.38 48.93 -22.09
CA GLU E 179 -51.80 48.56 -22.01
C GLU E 179 -52.69 49.73 -22.42
N LEU E 193 -44.89 64.08 -7.50
CA LEU E 193 -46.33 64.20 -7.30
C LEU E 193 -46.92 65.23 -8.26
N LYS E 194 -48.21 65.09 -8.56
CA LYS E 194 -48.88 66.00 -9.49
C LYS E 194 -48.90 67.44 -8.98
N SER E 195 -48.80 67.65 -7.67
CA SER E 195 -48.85 69.00 -7.11
C SER E 195 -47.70 69.86 -7.61
N ILE E 196 -46.50 69.29 -7.64
CA ILE E 196 -45.33 70.06 -8.09
C ILE E 196 -45.46 70.43 -9.56
N ASP E 197 -45.88 69.48 -10.40
CA ASP E 197 -46.06 69.78 -11.82
C ASP E 197 -47.13 70.83 -12.04
N ASP E 198 -48.24 70.75 -11.30
CA ASP E 198 -49.30 71.74 -11.46
C ASP E 198 -48.84 73.12 -11.02
N THR E 199 -48.12 73.21 -9.90
CA THR E 199 -47.61 74.51 -9.45
C THR E 199 -46.62 75.09 -10.46
N VAL E 200 -45.75 74.26 -11.02
CA VAL E 200 -44.79 74.75 -12.00
C VAL E 200 -45.50 75.22 -13.26
N ASP E 201 -46.54 74.49 -13.69
CA ASP E 201 -47.31 74.91 -14.84
C ASP E 201 -48.01 76.24 -14.60
N LEU E 202 -48.56 76.43 -13.39
CA LEU E 202 -49.21 77.69 -13.06
C LEU E 202 -48.21 78.85 -13.05
N LEU E 203 -47.03 78.62 -12.46
CA LEU E 203 -46.00 79.66 -12.48
C LEU E 203 -45.55 79.98 -13.90
N GLY E 204 -45.50 78.97 -14.77
CA GLY E 204 -45.15 79.20 -16.16
C GLY E 204 -46.25 79.92 -16.93
N GLU E 205 -47.50 79.78 -16.48
CA GLU E 205 -48.59 80.56 -17.06
C GLU E 205 -48.50 82.02 -16.61
N ILE E 206 -48.12 82.25 -15.35
CA ILE E 206 -48.00 83.60 -14.81
C ILE E 206 -46.85 84.33 -15.49
N PHE E 207 -45.61 83.94 -15.18
CA PHE E 207 -44.45 84.55 -15.80
C PHE E 207 -44.25 83.97 -17.20
N GLY E 208 -43.92 84.84 -18.15
CA GLY E 208 -43.75 84.39 -19.52
C GLY E 208 -42.41 83.72 -19.72
N ILE E 209 -41.51 84.39 -20.42
CA ILE E 209 -40.14 83.90 -20.54
C ILE E 209 -39.34 84.45 -19.37
N ARG E 210 -40.03 85.05 -18.41
CA ARG E 210 -39.36 85.49 -17.19
C ARG E 210 -38.91 84.31 -16.35
N LYS E 211 -39.71 83.24 -16.32
CA LYS E 211 -39.34 82.01 -15.66
C LYS E 211 -38.37 81.23 -16.54
N MET E 212 -37.15 81.01 -16.05
CA MET E 212 -36.10 80.41 -16.87
C MET E 212 -36.50 79.04 -17.39
N GLY E 213 -37.32 78.30 -16.63
CA GLY E 213 -37.78 77.00 -17.10
C GLY E 213 -38.50 77.06 -18.43
N ASN E 214 -39.15 78.19 -18.73
CA ASN E 214 -39.84 78.33 -20.01
C ASN E 214 -38.88 78.59 -21.17
N ARG E 215 -37.65 79.03 -20.90
CA ARG E 215 -36.64 79.15 -21.94
C ARG E 215 -35.91 77.85 -22.19
N HIS E 216 -36.13 76.84 -21.36
CA HIS E 216 -35.56 75.50 -21.53
C HIS E 216 -36.68 74.47 -21.42
N LYS E 217 -37.66 74.59 -22.29
CA LYS E 217 -38.82 73.69 -22.26
C LYS E 217 -38.41 72.28 -22.67
N PHE E 218 -39.03 71.29 -22.03
CA PHE E 218 -38.76 69.90 -22.38
C PHE E 218 -39.22 69.63 -23.80
N PRO E 219 -38.43 68.90 -24.60
CA PRO E 219 -38.79 68.70 -26.01
C PRO E 219 -40.09 67.93 -26.15
N LYS E 220 -40.90 68.34 -27.13
CA LYS E 220 -42.13 67.63 -27.45
C LYS E 220 -41.82 66.22 -27.93
N GLU E 221 -42.82 65.34 -27.77
CA GLU E 221 -42.62 63.94 -28.10
C GLU E 221 -42.30 63.74 -29.59
N GLU E 222 -42.88 64.56 -30.46
CA GLU E 222 -42.67 64.40 -31.90
C GLU E 222 -41.24 64.68 -32.33
N ILE E 223 -40.42 65.28 -31.46
CA ILE E 223 -39.03 65.56 -31.80
C ILE E 223 -38.07 64.94 -30.78
N TYR E 224 -38.56 63.97 -29.99
CA TYR E 224 -37.77 63.31 -28.96
C TYR E 224 -37.44 61.91 -29.45
N ASN E 225 -36.14 61.62 -29.55
CA ASN E 225 -35.71 60.32 -30.07
C ASN E 225 -36.07 59.21 -29.10
N THR E 226 -36.78 58.19 -29.62
CA THR E 226 -37.30 57.07 -28.84
C THR E 226 -38.01 57.58 -27.60
N PRO E 227 -39.21 58.16 -27.76
CA PRO E 227 -39.84 58.86 -26.64
C PRO E 227 -40.22 57.95 -25.48
N SER E 228 -40.42 56.65 -25.72
CA SER E 228 -40.85 55.75 -24.65
C SER E 228 -39.78 55.56 -23.58
N ILE E 229 -38.51 55.76 -23.91
CA ILE E 229 -37.42 55.67 -22.94
C ILE E 229 -37.38 56.99 -22.18
N ARG E 230 -38.03 57.04 -21.02
CA ARG E 230 -38.14 58.26 -20.24
C ARG E 230 -37.06 58.35 -19.16
N PHE E 231 -37.01 57.37 -18.27
CA PHE E 231 -36.13 57.39 -17.12
C PHE E 231 -34.88 56.54 -17.31
N GLY E 232 -34.69 55.97 -18.49
CA GLY E 232 -33.55 55.10 -18.72
C GLY E 232 -32.72 55.51 -19.91
N ARG E 233 -32.48 56.81 -20.04
CA ARG E 233 -31.67 57.34 -21.14
C ARG E 233 -30.20 57.31 -20.77
N GLU E 234 -29.70 56.09 -20.55
CA GLU E 234 -28.34 55.90 -20.07
C GLU E 234 -27.34 55.93 -21.22
N HIS E 235 -27.72 55.39 -22.38
CA HIS E 235 -26.82 55.37 -23.53
C HIS E 235 -26.41 56.79 -23.91
N TYR E 236 -25.10 57.01 -23.97
CA TYR E 236 -24.55 58.36 -24.09
C TYR E 236 -24.65 58.93 -25.50
N GLU E 237 -25.20 58.19 -26.46
CA GLU E 237 -25.58 58.84 -27.72
C GLU E 237 -26.78 59.76 -27.53
N PHE E 238 -27.58 59.51 -26.49
CA PHE E 238 -28.68 60.40 -26.15
C PHE E 238 -28.19 61.79 -25.78
N GLN E 239 -26.93 61.94 -25.36
CA GLN E 239 -26.40 63.25 -25.07
C GLN E 239 -26.37 64.16 -26.29
N TYR E 240 -26.37 63.58 -27.49
CA TYR E 240 -26.42 64.31 -28.75
C TYR E 240 -27.84 64.45 -29.30
N LEU E 241 -28.62 63.37 -29.23
CA LEU E 241 -30.00 63.42 -29.73
C LEU E 241 -30.86 64.34 -28.87
N ASP E 242 -30.63 64.36 -27.56
CA ASP E 242 -31.37 65.27 -26.70
C ASP E 242 -30.97 66.72 -26.93
N LEU E 243 -29.71 66.96 -27.29
CA LEU E 243 -29.32 68.32 -27.66
C LEU E 243 -30.01 68.73 -28.96
N LEU E 244 -30.09 67.81 -29.93
CA LEU E 244 -30.87 68.07 -31.14
C LEU E 244 -32.32 68.42 -30.79
N SER E 245 -32.92 67.63 -29.90
CA SER E 245 -34.32 67.88 -29.53
C SER E 245 -34.48 69.22 -28.82
N ARG E 246 -33.56 69.55 -27.92
CA ARG E 246 -33.64 70.82 -27.21
C ARG E 246 -33.47 72.00 -28.16
N VAL E 247 -32.60 71.87 -29.16
CA VAL E 247 -32.47 72.95 -30.13
C VAL E 247 -33.73 73.08 -30.97
N LEU E 248 -34.31 71.95 -31.39
CA LEU E 248 -35.56 72.02 -32.16
C LEU E 248 -36.70 72.61 -31.34
N GLU E 249 -36.66 72.42 -30.01
CA GLU E 249 -37.75 72.93 -29.18
C GLU E 249 -37.56 74.40 -28.84
N ASN E 250 -36.36 74.80 -28.41
CA ASN E 250 -36.13 76.14 -27.88
C ASN E 250 -35.27 77.01 -28.79
N GLY E 251 -34.86 76.51 -29.95
CA GLY E 251 -33.93 77.25 -30.79
C GLY E 251 -34.55 78.50 -31.36
N ALA E 252 -33.90 79.64 -31.14
CA ALA E 252 -34.33 80.89 -31.74
C ALA E 252 -33.83 80.99 -33.17
N TYR E 253 -34.69 81.48 -34.06
CA TYR E 253 -34.33 81.63 -35.47
C TYR E 253 -33.46 82.87 -35.62
N ARG E 254 -32.22 82.68 -36.08
CA ARG E 254 -31.24 83.76 -36.16
C ARG E 254 -30.47 83.68 -37.46
N GLU E 255 -30.20 84.84 -38.05
CA GLU E 255 -29.33 84.93 -39.21
C GLU E 255 -27.89 85.10 -38.76
N ASN E 256 -26.97 84.66 -39.62
CA ASN E 256 -25.54 84.68 -39.29
C ASN E 256 -24.76 85.17 -40.52
N ARG E 257 -23.44 84.99 -40.47
CA ARG E 257 -22.57 85.49 -41.53
C ARG E 257 -22.86 84.83 -42.87
N THR E 258 -23.38 83.61 -42.87
CA THR E 258 -23.74 82.92 -44.09
C THR E 258 -25.19 83.23 -44.47
N GLY E 259 -25.55 82.89 -45.70
CA GLY E 259 -26.91 83.10 -46.17
C GLY E 259 -27.93 82.13 -45.60
N ILE E 260 -27.48 81.11 -44.86
CA ILE E 260 -28.37 80.09 -44.30
C ILE E 260 -28.55 80.40 -42.82
N SER E 261 -29.77 80.74 -42.43
CA SER E 261 -30.07 81.01 -41.03
C SER E 261 -30.11 79.71 -40.22
N THR E 262 -30.00 79.85 -38.91
CA THR E 262 -29.97 78.71 -37.99
C THR E 262 -31.04 78.86 -36.93
N TYR E 263 -31.30 77.76 -36.23
CA TYR E 263 -32.02 77.76 -34.96
C TYR E 263 -30.99 77.50 -33.87
N SER E 264 -30.84 78.44 -32.94
CA SER E 264 -29.71 78.46 -32.03
C SER E 264 -30.16 78.58 -30.58
N ILE E 265 -29.39 77.92 -29.70
CA ILE E 265 -29.48 78.13 -28.25
C ILE E 265 -28.06 78.28 -27.71
N PHE E 266 -27.97 78.67 -26.45
CA PHE E 266 -26.70 79.01 -25.83
C PHE E 266 -26.50 78.20 -24.55
N GLY E 267 -25.29 77.69 -24.37
CA GLY E 267 -24.92 76.99 -23.15
C GLY E 267 -25.47 75.58 -23.00
N GLN E 268 -24.77 74.60 -23.58
CA GLN E 268 -25.18 73.20 -23.47
C GLN E 268 -23.94 72.36 -23.17
N MET E 269 -24.17 71.08 -22.86
CA MET E 269 -23.06 70.18 -22.56
C MET E 269 -23.43 68.75 -22.97
N MET E 270 -22.39 67.96 -23.20
CA MET E 270 -22.53 66.54 -23.53
C MET E 270 -21.44 65.76 -22.82
N ARG E 271 -21.80 64.60 -22.27
CA ARG E 271 -20.84 63.68 -21.67
C ARG E 271 -20.77 62.41 -22.51
N PHE E 272 -19.58 61.82 -22.56
CA PHE E 272 -19.38 60.58 -23.28
C PHE E 272 -18.39 59.72 -22.52
N ASP E 273 -18.70 58.43 -22.41
CA ASP E 273 -17.76 57.46 -21.89
C ASP E 273 -16.81 57.02 -22.99
N MET E 274 -15.54 56.83 -22.61
CA MET E 274 -14.54 56.30 -23.53
C MET E 274 -13.83 55.07 -22.98
N ARG E 275 -14.17 54.61 -21.78
CA ARG E 275 -13.53 53.45 -21.20
C ARG E 275 -14.01 52.16 -21.87
N GLU E 276 -15.33 52.03 -22.03
CA GLU E 276 -15.93 50.79 -22.52
C GLU E 276 -16.54 50.95 -23.91
N SER E 277 -16.34 52.08 -24.57
CA SER E 277 -16.92 52.29 -25.90
C SER E 277 -16.23 53.49 -26.53
N PHE E 278 -16.57 53.73 -27.80
CA PHE E 278 -16.07 54.87 -28.56
C PHE E 278 -17.26 55.72 -29.02
N PRO E 279 -17.35 56.98 -28.61
CA PRO E 279 -18.55 57.77 -28.93
C PRO E 279 -18.67 58.17 -30.39
N LEU E 280 -18.85 57.19 -31.27
CA LEU E 280 -19.15 57.44 -32.68
C LEU E 280 -20.62 57.17 -32.91
N LEU E 281 -21.34 58.17 -33.41
CA LEU E 281 -22.79 58.06 -33.54
C LEU E 281 -23.20 56.88 -34.41
N THR E 282 -24.24 56.17 -33.98
CA THR E 282 -24.76 55.04 -34.72
C THR E 282 -26.01 55.37 -35.53
N THR E 283 -26.71 56.46 -35.20
CA THR E 283 -27.89 56.86 -35.96
C THR E 283 -27.55 57.43 -37.33
N LYS E 284 -26.27 57.47 -37.70
CA LYS E 284 -25.85 58.00 -38.98
C LYS E 284 -24.42 57.54 -39.25
N LYS E 285 -24.16 57.05 -40.46
CA LYS E 285 -22.81 56.63 -40.82
C LYS E 285 -21.90 57.86 -40.92
N VAL E 286 -20.89 57.92 -40.06
CA VAL E 286 -19.99 59.06 -39.99
C VAL E 286 -18.68 58.72 -40.69
N ALA E 287 -18.18 59.64 -41.51
CA ALA E 287 -16.92 59.45 -42.22
C ALA E 287 -15.75 59.54 -41.24
N ILE E 288 -15.41 58.43 -40.60
CA ILE E 288 -14.37 58.42 -39.57
C ILE E 288 -13.00 58.72 -40.18
N ARG E 289 -12.77 58.31 -41.43
CA ARG E 289 -11.47 58.52 -42.05
C ARG E 289 -11.17 60.01 -42.23
N SER E 290 -12.17 60.78 -42.66
CA SER E 290 -11.97 62.22 -42.80
C SER E 290 -11.71 62.87 -41.45
N ILE E 291 -12.41 62.44 -40.41
CA ILE E 291 -12.18 62.95 -39.06
C ILE E 291 -10.74 62.69 -38.63
N PHE E 292 -10.27 61.45 -38.81
CA PHE E 292 -8.91 61.11 -38.41
C PHE E 292 -7.88 61.92 -39.21
N GLU E 293 -8.12 62.07 -40.51
CA GLU E 293 -7.15 62.79 -41.34
C GLU E 293 -7.10 64.26 -40.94
N GLU E 294 -8.25 64.86 -40.62
CA GLU E 294 -8.26 66.22 -40.11
C GLU E 294 -7.50 66.33 -38.78
N LEU E 295 -7.69 65.34 -37.89
CA LEU E 295 -7.02 65.41 -36.60
C LEU E 295 -5.51 65.25 -36.73
N ILE E 296 -5.05 64.33 -37.57
CA ILE E 296 -3.61 64.14 -37.75
C ILE E 296 -3.03 65.32 -38.52
N TRP E 297 -3.84 65.97 -39.37
CA TRP E 297 -3.41 67.21 -40.01
C TRP E 297 -3.20 68.31 -38.97
N PHE E 298 -4.09 68.36 -37.97
CA PHE E 298 -3.90 69.30 -36.86
C PHE E 298 -2.63 68.98 -36.07
N ILE E 299 -2.46 67.72 -35.69
CA ILE E 299 -1.38 67.34 -34.78
C ILE E 299 -0.01 67.59 -35.42
N LYS E 300 0.14 67.28 -36.70
CA LYS E 300 1.41 67.47 -37.39
C LYS E 300 1.81 68.95 -37.51
N GLY E 301 0.92 69.87 -37.17
CA GLY E 301 1.20 71.29 -37.31
C GLY E 301 0.95 71.88 -38.66
N ASP E 302 0.21 71.17 -39.53
CA ASP E 302 0.07 71.56 -40.92
C ASP E 302 -1.11 72.52 -41.09
N THR E 303 -0.93 73.52 -41.95
CA THR E 303 -2.01 74.42 -42.35
C THR E 303 -2.26 74.40 -43.85
N ASN E 304 -1.58 73.51 -44.58
CA ASN E 304 -1.76 73.38 -46.02
C ASN E 304 -3.03 72.58 -46.30
N GLY E 305 -4.06 73.27 -46.81
CA GLY E 305 -5.34 72.64 -47.09
C GLY E 305 -5.32 71.63 -48.22
N ASN E 306 -4.27 71.61 -49.04
CA ASN E 306 -4.19 70.65 -50.14
C ASN E 306 -3.84 69.25 -49.65
N HIS E 307 -3.08 69.13 -48.55
CA HIS E 307 -2.73 67.83 -48.03
C HIS E 307 -3.96 67.04 -47.61
N LEU E 308 -5.04 67.72 -47.26
CA LEU E 308 -6.31 67.06 -47.00
C LEU E 308 -7.01 66.71 -48.30
N ILE E 309 -6.90 67.58 -49.31
CA ILE E 309 -7.51 67.29 -50.60
C ILE E 309 -6.78 66.14 -51.30
N GLU E 310 -5.46 66.04 -51.11
CA GLU E 310 -4.70 64.94 -51.71
C GLU E 310 -5.10 63.59 -51.12
N LYS E 311 -5.57 63.57 -49.87
CA LYS E 311 -6.05 62.35 -49.24
C LYS E 311 -7.56 62.18 -49.38
N LYS E 312 -8.18 62.87 -50.34
CA LYS E 312 -9.61 62.76 -50.62
C LYS E 312 -10.45 63.15 -49.41
N VAL E 313 -10.07 64.24 -48.73
CA VAL E 313 -10.81 64.79 -47.60
C VAL E 313 -11.14 66.23 -47.97
N TYR E 314 -12.42 66.50 -48.23
CA TYR E 314 -12.87 67.78 -48.77
C TYR E 314 -13.68 68.60 -47.78
N ILE E 315 -13.41 68.45 -46.48
CA ILE E 315 -14.18 69.18 -45.49
C ILE E 315 -13.73 70.64 -45.37
N TRP E 316 -12.50 70.95 -45.75
CA TRP E 316 -11.99 72.31 -45.71
C TRP E 316 -11.91 72.95 -47.10
N SER E 317 -12.64 72.42 -48.06
CA SER E 317 -12.64 73.00 -49.41
C SER E 317 -13.48 74.26 -49.47
N GLY E 318 -14.62 74.29 -48.77
CA GLY E 318 -15.49 75.45 -48.83
C GLY E 318 -14.85 76.69 -48.23
N ASN E 319 -14.20 76.52 -47.08
CA ASN E 319 -13.52 77.62 -46.39
C ASN E 319 -12.10 77.85 -46.90
N GLY E 320 -11.71 77.18 -47.98
CA GLY E 320 -10.39 77.35 -48.55
C GLY E 320 -10.38 77.47 -50.05
N SER E 321 -11.37 78.18 -50.60
CA SER E 321 -11.44 78.45 -52.02
C SER E 321 -10.99 79.87 -52.33
N LYS E 322 -10.69 80.11 -53.61
CA LYS E 322 -10.27 81.45 -54.03
C LYS E 322 -11.37 82.48 -53.78
N GLU E 323 -12.62 82.13 -54.08
CA GLU E 323 -13.72 83.06 -53.90
C GLU E 323 -13.95 83.37 -52.42
N TYR E 324 -13.94 82.35 -51.57
CA TYR E 324 -14.13 82.57 -50.15
C TYR E 324 -12.98 83.36 -49.54
N LEU E 325 -11.75 83.07 -49.97
CA LEU E 325 -10.60 83.80 -49.44
C LEU E 325 -10.63 85.26 -49.87
N GLU E 326 -10.97 85.53 -51.14
CA GLU E 326 -11.10 86.91 -51.59
C GLU E 326 -12.26 87.62 -50.90
N ARG E 327 -13.35 86.89 -50.59
CA ARG E 327 -14.51 87.51 -49.97
C ARG E 327 -14.25 87.92 -48.53
N ILE E 328 -13.44 87.13 -47.81
CA ILE E 328 -13.19 87.40 -46.40
C ILE E 328 -11.97 88.29 -46.24
N GLY E 329 -11.44 88.79 -47.36
CA GLY E 329 -10.35 89.73 -47.32
C GLY E 329 -8.97 89.10 -47.30
N LEU E 330 -8.80 87.94 -47.91
CA LEU E 330 -7.51 87.26 -47.99
C LEU E 330 -7.20 86.87 -49.43
N GLY E 331 -7.43 87.79 -50.37
CA GLY E 331 -7.16 87.50 -51.76
C GLY E 331 -5.68 87.31 -52.05
N HIS E 332 -4.82 87.93 -51.25
CA HIS E 332 -3.37 87.72 -51.39
C HIS E 332 -2.96 86.29 -51.07
N ARG E 333 -3.78 85.56 -50.32
CA ARG E 333 -3.41 84.23 -49.86
C ARG E 333 -3.57 83.21 -50.99
N GLU E 334 -2.77 82.16 -50.94
CA GLU E 334 -2.85 81.09 -51.93
C GLU E 334 -4.17 80.34 -51.79
N GLU E 335 -4.45 79.48 -52.77
CA GLU E 335 -5.73 78.79 -52.90
C GLU E 335 -6.23 78.19 -51.60
N ASN E 336 -5.53 77.17 -51.07
CA ASN E 336 -5.96 76.48 -49.87
C ASN E 336 -5.04 76.75 -48.68
N ASP E 337 -4.48 77.95 -48.61
CA ASP E 337 -3.66 78.34 -47.47
C ASP E 337 -4.60 78.92 -46.41
N LEU E 338 -5.04 78.05 -45.50
CA LEU E 338 -6.04 78.44 -44.52
C LEU E 338 -5.50 79.40 -43.46
N GLY E 339 -4.18 79.57 -43.38
CA GLY E 339 -3.59 80.48 -42.43
C GLY E 339 -3.40 79.84 -41.07
N PRO E 340 -2.96 80.63 -40.09
CA PRO E 340 -2.71 80.05 -38.76
C PRO E 340 -3.99 79.66 -38.05
N ILE E 341 -4.26 78.35 -37.98
CA ILE E 341 -5.53 77.85 -37.45
C ILE E 341 -5.22 76.69 -36.53
N TYR E 342 -6.19 75.81 -36.31
CA TYR E 342 -5.96 74.57 -35.59
C TYR E 342 -4.66 73.91 -36.06
N GLY E 343 -3.82 73.53 -35.10
CA GLY E 343 -2.55 72.92 -35.40
C GLY E 343 -1.42 73.89 -35.68
N PHE E 344 -1.70 75.18 -35.82
CA PHE E 344 -0.61 76.15 -35.82
C PHE E 344 -0.48 76.85 -34.48
N GLN E 345 -1.60 77.09 -33.81
CA GLN E 345 -1.55 77.52 -32.41
C GLN E 345 -1.22 76.36 -31.49
N TRP E 346 -1.45 75.12 -31.92
CA TRP E 346 -1.09 73.96 -31.13
C TRP E 346 0.42 73.79 -31.06
N ARG E 347 1.10 73.92 -32.19
CA ARG E 347 2.53 73.61 -32.28
C ARG E 347 3.43 74.85 -32.33
N HIS E 348 2.90 76.00 -32.77
CA HIS E 348 3.68 77.22 -32.91
C HIS E 348 2.82 78.42 -32.50
N TYR E 349 2.40 78.45 -31.24
CA TYR E 349 1.55 79.51 -30.74
C TYR E 349 2.29 80.85 -30.73
N ASN E 350 1.60 81.91 -31.12
CA ASN E 350 2.15 83.26 -31.24
C ASN E 350 3.27 83.35 -32.27
N GLY E 351 3.34 82.37 -33.19
CA GLY E 351 4.36 82.40 -34.22
C GLY E 351 3.95 83.26 -35.38
N GLU E 352 4.86 84.12 -35.84
CA GLU E 352 4.60 84.99 -36.98
C GLU E 352 4.34 84.16 -38.24
N TYR E 353 3.10 84.21 -38.74
CA TYR E 353 2.72 83.42 -39.90
C TYR E 353 3.03 84.15 -41.19
N LYS E 354 3.55 83.41 -42.17
CA LYS E 354 3.81 83.94 -43.51
C LYS E 354 2.92 83.24 -44.52
N THR E 355 3.38 82.10 -45.01
CA THR E 355 2.61 81.25 -45.91
C THR E 355 2.64 79.82 -45.38
N MET E 356 1.91 78.94 -46.06
CA MET E 356 1.84 77.54 -45.67
C MET E 356 3.05 76.74 -46.12
N HIS E 357 3.94 77.32 -46.92
CA HIS E 357 5.12 76.60 -47.41
C HIS E 357 6.36 76.85 -46.57
N ASP E 358 6.35 77.85 -45.71
CA ASP E 358 7.54 78.14 -44.90
C ASP E 358 7.72 77.10 -43.81
N ASP E 359 8.93 77.06 -43.25
CA ASP E 359 9.27 76.15 -42.17
C ASP E 359 9.10 76.88 -40.84
N TYR E 360 8.29 76.31 -39.95
CA TYR E 360 8.01 76.92 -38.66
C TYR E 360 8.53 76.10 -37.49
N THR E 361 9.36 75.09 -37.75
CA THR E 361 9.92 74.27 -36.68
C THR E 361 10.87 75.11 -35.83
N GLY E 362 10.47 75.39 -34.58
CA GLY E 362 11.27 76.18 -33.66
C GLY E 362 10.59 77.45 -33.20
N VAL E 363 9.79 78.08 -34.08
CA VAL E 363 9.11 79.32 -33.77
C VAL E 363 7.80 79.00 -33.05
N GLY E 364 7.38 79.89 -32.17
CA GLY E 364 6.15 79.72 -31.44
C GLY E 364 6.30 78.81 -30.24
N VAL E 365 5.21 78.70 -29.48
CA VAL E 365 5.15 77.85 -28.30
C VAL E 365 4.49 76.53 -28.70
N ASP E 366 5.20 75.43 -28.49
CA ASP E 366 4.69 74.10 -28.80
C ASP E 366 3.80 73.66 -27.65
N GLN E 367 2.51 73.97 -27.76
CA GLN E 367 1.57 73.64 -26.69
C GLN E 367 1.39 72.13 -26.54
N LEU E 368 1.38 71.39 -27.64
CA LEU E 368 1.13 69.96 -27.56
C LEU E 368 2.26 69.22 -26.85
N ALA E 369 3.51 69.59 -27.16
CA ALA E 369 4.66 68.94 -26.52
C ALA E 369 4.68 69.23 -25.02
N LYS E 370 4.48 70.50 -24.65
CA LYS E 370 4.43 70.86 -23.23
C LYS E 370 3.26 70.17 -22.54
N LEU E 371 2.14 70.01 -23.24
CA LEU E 371 0.99 69.31 -22.68
C LEU E 371 1.33 67.85 -22.38
N ILE E 372 1.95 67.17 -23.32
CA ILE E 372 2.33 65.77 -23.11
C ILE E 372 3.35 65.66 -21.97
N GLU E 373 4.33 66.56 -21.95
CA GLU E 373 5.35 66.55 -20.91
C GLU E 373 4.72 66.75 -19.53
N THR E 374 3.77 67.68 -19.42
CA THR E 374 3.10 67.92 -18.14
C THR E 374 2.21 66.74 -17.77
N LEU E 375 1.57 66.11 -18.76
CA LEU E 375 0.69 64.98 -18.49
C LEU E 375 1.45 63.80 -17.91
N LYS E 376 2.64 63.52 -18.45
CA LYS E 376 3.40 62.36 -17.97
C LYS E 376 4.46 62.72 -16.93
N ASN E 377 4.61 63.99 -16.59
CA ASN E 377 5.51 64.40 -15.51
C ASN E 377 4.80 64.93 -14.28
N ASN E 378 3.65 65.58 -14.44
CA ASN E 378 2.87 66.10 -13.33
C ASN E 378 1.40 65.81 -13.60
N PRO E 379 0.94 64.60 -13.31
CA PRO E 379 -0.43 64.23 -13.69
C PRO E 379 -1.50 65.00 -12.94
N LYS E 380 -1.34 65.18 -11.63
CA LYS E 380 -2.35 65.87 -10.83
C LYS E 380 -2.32 67.38 -11.02
N ASP E 381 -1.53 67.88 -11.95
CA ASP E 381 -1.54 69.29 -12.29
C ASP E 381 -2.88 69.69 -12.90
N ARG E 382 -3.29 70.93 -12.66
CA ARG E 382 -4.57 71.45 -13.11
C ARG E 382 -4.43 72.44 -14.25
N ARG E 383 -3.40 72.30 -15.07
CA ARG E 383 -3.12 73.25 -16.15
C ARG E 383 -2.89 72.56 -17.49
N HIS E 384 -3.39 71.33 -17.65
CA HIS E 384 -3.26 70.60 -18.92
C HIS E 384 -4.24 71.20 -19.93
N ILE E 385 -3.85 72.33 -20.51
CA ILE E 385 -4.74 73.13 -21.34
C ILE E 385 -4.13 73.31 -22.73
N LEU E 386 -4.94 73.06 -23.76
CA LEU E 386 -4.59 73.33 -25.15
C LEU E 386 -5.59 74.34 -25.70
N THR E 387 -5.09 75.51 -26.11
CA THR E 387 -5.93 76.60 -26.60
C THR E 387 -5.65 76.87 -28.07
N ALA E 388 -6.66 77.40 -28.75
CA ALA E 388 -6.52 77.83 -30.13
C ALA E 388 -6.96 79.26 -30.38
N TRP E 389 -7.55 79.94 -29.40
CA TRP E 389 -8.04 81.30 -29.57
C TRP E 389 -6.88 82.27 -29.38
N ASN E 390 -6.39 82.82 -30.49
CA ASN E 390 -5.33 83.83 -30.48
C ASN E 390 -5.87 85.12 -31.07
N PRO E 391 -6.19 86.12 -30.25
CA PRO E 391 -6.73 87.38 -30.78
C PRO E 391 -5.80 88.07 -31.76
N SER E 392 -4.48 87.87 -31.66
CA SER E 392 -3.56 88.54 -32.56
C SER E 392 -3.61 87.97 -33.96
N ALA E 393 -3.93 86.69 -34.09
CA ALA E 393 -3.90 86.00 -35.38
C ALA E 393 -5.29 85.76 -35.96
N LEU E 394 -6.34 86.27 -35.32
CA LEU E 394 -7.70 86.01 -35.78
C LEU E 394 -7.92 86.55 -37.19
N SER E 395 -7.39 87.73 -37.49
CA SER E 395 -7.60 88.34 -38.80
C SER E 395 -6.95 87.53 -39.90
N GLN E 396 -5.85 86.82 -39.61
CA GLN E 396 -5.14 86.03 -40.60
C GLN E 396 -5.80 84.68 -40.86
N MET E 397 -6.78 84.28 -40.04
CA MET E 397 -7.39 82.97 -40.19
C MET E 397 -8.49 83.00 -41.25
N ALA E 398 -8.59 81.91 -42.02
CA ALA E 398 -9.73 81.73 -42.91
C ALA E 398 -11.02 81.50 -42.13
N LEU E 399 -10.92 81.02 -40.89
CA LEU E 399 -12.05 80.78 -40.02
C LEU E 399 -11.57 80.68 -38.57
N PRO E 400 -12.11 81.48 -37.67
CA PRO E 400 -11.67 81.43 -36.26
C PRO E 400 -11.95 80.08 -35.64
N PRO E 401 -11.25 79.72 -34.56
CA PRO E 401 -11.40 78.38 -33.98
C PRO E 401 -12.79 78.19 -33.39
N CYS E 402 -13.43 77.08 -33.78
CA CYS E 402 -14.72 76.71 -33.21
C CYS E 402 -14.55 75.91 -31.92
N HIS E 403 -13.89 74.76 -31.99
CA HIS E 403 -13.49 74.09 -30.76
C HIS E 403 -12.35 74.89 -30.14
N VAL E 404 -12.69 75.79 -29.22
CA VAL E 404 -11.77 76.83 -28.79
C VAL E 404 -10.76 76.29 -27.79
N LEU E 405 -11.23 75.68 -26.70
CA LEU E 405 -10.35 75.34 -25.60
C LEU E 405 -10.52 73.88 -25.21
N SER E 406 -9.44 73.27 -24.72
CA SER E 406 -9.52 71.91 -24.21
C SER E 406 -8.66 71.77 -22.96
N GLN E 407 -9.16 71.00 -21.99
CA GLN E 407 -8.44 70.73 -20.76
C GLN E 407 -8.42 69.22 -20.52
N TYR E 408 -7.35 68.73 -19.89
CA TYR E 408 -7.16 67.30 -19.71
C TYR E 408 -6.86 67.00 -18.25
N TYR E 409 -7.27 65.81 -17.82
CA TYR E 409 -7.33 65.45 -16.41
C TYR E 409 -6.91 64.00 -16.22
N VAL E 410 -6.01 63.76 -15.28
CA VAL E 410 -5.55 62.42 -14.95
C VAL E 410 -6.22 61.99 -13.65
N THR E 411 -7.03 60.94 -13.73
CA THR E 411 -7.72 60.43 -12.56
C THR E 411 -6.75 59.64 -11.68
N ASN E 412 -7.21 59.30 -10.47
CA ASN E 412 -6.37 58.56 -9.54
C ASN E 412 -6.06 57.15 -10.03
N ASP E 413 -6.87 56.60 -10.93
CA ASP E 413 -6.60 55.29 -11.53
C ASP E 413 -6.00 55.41 -12.93
N ASN E 414 -5.25 56.48 -13.18
CA ASN E 414 -4.46 56.63 -14.41
C ASN E 414 -5.33 56.58 -15.67
N CYS E 415 -6.42 57.34 -15.65
CA CYS E 415 -7.26 57.55 -16.82
C CYS E 415 -7.22 59.01 -17.23
N LEU E 416 -7.40 59.26 -18.53
CA LEU E 416 -7.30 60.59 -19.10
C LEU E 416 -8.69 61.05 -19.55
N SER E 417 -9.24 62.04 -18.86
CA SER E 417 -10.49 62.68 -19.24
C SER E 417 -10.20 64.00 -19.94
N CYS E 418 -11.16 64.43 -20.76
CA CYS E 418 -11.01 65.61 -21.59
C CYS E 418 -12.27 66.47 -21.55
N ASN E 419 -12.08 67.76 -21.34
CA ASN E 419 -13.14 68.75 -21.47
C ASN E 419 -12.85 69.63 -22.68
N LEU E 420 -13.90 69.99 -23.42
CA LEU E 420 -13.77 70.82 -24.61
C LEU E 420 -14.83 71.91 -24.57
N TYR E 421 -14.39 73.16 -24.68
CA TYR E 421 -15.30 74.28 -24.89
C TYR E 421 -15.25 74.70 -26.36
N GLN E 422 -16.42 74.74 -26.97
CA GLN E 422 -16.63 75.05 -28.39
C GLN E 422 -17.57 76.24 -28.49
N ARG E 423 -17.12 77.31 -29.16
CA ARG E 423 -17.91 78.53 -29.22
C ARG E 423 -19.13 78.39 -30.12
N SER E 424 -19.03 77.59 -31.19
CA SER E 424 -20.09 77.47 -32.18
C SER E 424 -20.13 76.03 -32.66
N CYS E 425 -21.32 75.42 -32.65
CA CYS E 425 -21.47 74.00 -32.96
C CYS E 425 -22.62 73.80 -33.93
N ASP E 426 -22.29 73.44 -35.17
CA ASP E 426 -23.24 72.95 -36.16
C ASP E 426 -23.56 71.50 -35.82
N LEU E 427 -24.71 71.29 -35.19
CA LEU E 427 -25.07 69.95 -34.71
C LEU E 427 -25.29 68.97 -35.85
N GLY E 428 -25.56 69.46 -37.06
CA GLY E 428 -25.78 68.57 -38.20
C GLY E 428 -24.50 67.95 -38.73
N LEU E 429 -23.45 68.74 -38.85
CA LEU E 429 -22.18 68.29 -39.42
C LEU E 429 -21.03 68.38 -38.43
N GLY E 430 -20.84 69.54 -37.79
CA GLY E 430 -19.66 69.75 -36.98
C GLY E 430 -19.63 68.95 -35.70
N SER E 431 -20.78 68.70 -35.08
CA SER E 431 -20.81 68.07 -33.77
C SER E 431 -20.28 66.64 -33.78
N PRO E 432 -20.73 65.74 -34.68
CA PRO E 432 -20.17 64.39 -34.67
C PRO E 432 -18.68 64.36 -34.97
N PHE E 433 -18.24 65.19 -35.92
CA PHE E 433 -16.82 65.30 -36.21
C PHE E 433 -16.03 65.75 -34.98
N ASN E 434 -16.53 66.74 -34.25
CA ASN E 434 -15.83 67.20 -33.06
C ASN E 434 -15.77 66.12 -31.99
N ILE E 435 -16.90 65.44 -31.75
CA ILE E 435 -16.93 64.37 -30.76
C ILE E 435 -15.89 63.31 -31.09
N ALA E 436 -15.96 62.75 -32.30
CA ALA E 436 -15.05 61.68 -32.68
C ALA E 436 -13.60 62.16 -32.70
N SER E 437 -13.36 63.39 -33.15
CA SER E 437 -12.00 63.89 -33.27
C SER E 437 -11.36 64.05 -31.90
N TYR E 438 -12.08 64.65 -30.95
CA TYR E 438 -11.49 64.83 -29.63
C TYR E 438 -11.43 63.52 -28.85
N ALA E 439 -12.32 62.57 -29.14
CA ALA E 439 -12.16 61.23 -28.57
C ALA E 439 -10.87 60.59 -29.05
N ILE E 440 -10.62 60.64 -30.36
CA ILE E 440 -9.40 60.06 -30.91
C ILE E 440 -8.17 60.78 -30.36
N LEU E 441 -8.24 62.11 -30.23
CA LEU E 441 -7.11 62.85 -29.70
C LEU E 441 -6.84 62.49 -28.24
N THR E 442 -7.89 62.32 -27.44
CA THR E 442 -7.69 61.91 -26.04
C THR E 442 -7.08 60.51 -25.97
N MET E 443 -7.52 59.61 -26.86
CA MET E 443 -6.94 58.27 -26.86
C MET E 443 -5.46 58.31 -27.26
N MET E 444 -5.12 59.14 -28.25
CA MET E 444 -3.72 59.28 -28.65
C MET E 444 -2.88 59.82 -27.50
N LEU E 445 -3.37 60.87 -26.84
CA LEU E 445 -2.65 61.41 -25.69
C LEU E 445 -2.49 60.37 -24.58
N ALA E 446 -3.52 59.55 -24.37
CA ALA E 446 -3.45 58.53 -23.33
C ALA E 446 -2.42 57.46 -23.67
N GLN E 447 -2.35 57.05 -24.94
CA GLN E 447 -1.35 56.06 -25.33
C GLN E 447 0.06 56.63 -25.23
N VAL E 448 0.25 57.88 -25.67
CA VAL E 448 1.59 58.47 -25.64
C VAL E 448 2.03 58.72 -24.19
N CYS E 449 1.09 59.01 -23.30
CA CYS E 449 1.43 59.27 -21.90
C CYS E 449 1.31 58.02 -21.02
N GLY E 450 0.77 56.92 -21.54
CA GLY E 450 0.67 55.71 -20.76
C GLY E 450 -0.53 55.64 -19.84
N TYR E 451 -1.67 56.17 -20.27
CA TYR E 451 -2.91 56.12 -19.50
C TYR E 451 -3.99 55.43 -20.33
N GLU E 452 -5.17 55.29 -19.73
CA GLU E 452 -6.33 54.76 -20.42
C GLU E 452 -7.33 55.88 -20.69
N PRO E 453 -8.14 55.76 -21.74
CA PRO E 453 -9.13 56.81 -22.02
C PRO E 453 -10.18 56.87 -20.92
N GLY E 454 -10.55 58.11 -20.56
CA GLY E 454 -11.51 58.33 -19.50
C GLY E 454 -12.86 58.80 -19.99
N GLU E 455 -13.19 60.06 -19.69
CA GLU E 455 -14.45 60.64 -20.07
C GLU E 455 -14.22 61.82 -21.02
N LEU E 456 -15.24 62.19 -21.76
CA LEU E 456 -15.18 63.31 -22.69
C LEU E 456 -16.38 64.22 -22.42
N ALA E 457 -16.10 65.44 -21.95
CA ALA E 457 -17.14 66.43 -21.75
C ALA E 457 -16.95 67.55 -22.76
N ILE E 458 -18.03 67.90 -23.45
CA ILE E 458 -18.02 68.97 -24.44
C ILE E 458 -18.99 70.04 -23.97
N PHE E 459 -18.50 71.26 -23.80
CA PHE E 459 -19.32 72.40 -23.41
C PHE E 459 -19.46 73.33 -24.61
N ILE E 460 -20.70 73.61 -25.00
CA ILE E 460 -21.01 74.30 -26.24
C ILE E 460 -21.64 75.65 -25.91
N GLY E 461 -21.14 76.70 -26.57
CA GLY E 461 -21.77 78.00 -26.51
C GLY E 461 -22.97 78.07 -27.44
N ASP E 462 -22.75 78.54 -28.67
CA ASP E 462 -23.84 78.68 -29.65
C ASP E 462 -24.05 77.33 -30.34
N ALA E 463 -24.97 76.55 -29.80
CA ALA E 463 -25.36 75.28 -30.41
C ALA E 463 -26.52 75.53 -31.37
N HIS E 464 -26.33 75.23 -32.65
CA HIS E 464 -27.31 75.62 -33.65
C HIS E 464 -27.52 74.51 -34.66
N ILE E 465 -28.66 74.59 -35.35
CA ILE E 465 -29.03 73.70 -36.44
C ILE E 465 -29.34 74.56 -37.65
N TYR E 466 -28.66 74.30 -38.76
CA TYR E 466 -28.96 75.00 -40.00
C TYR E 466 -30.30 74.53 -40.57
N GLU E 467 -31.07 75.49 -41.11
CA GLU E 467 -32.45 75.21 -41.51
C GLU E 467 -32.55 74.24 -42.67
N ASN E 468 -31.51 74.11 -43.49
CA ASN E 468 -31.53 73.14 -44.58
C ASN E 468 -31.20 71.72 -44.12
N HIS E 469 -30.93 71.53 -42.82
CA HIS E 469 -30.67 70.21 -42.26
C HIS E 469 -31.89 69.63 -41.56
N LEU E 470 -32.94 70.42 -41.36
CA LEU E 470 -34.07 70.00 -40.54
C LEU E 470 -34.64 68.67 -40.99
N THR E 471 -35.11 68.59 -42.24
CA THR E 471 -35.66 67.35 -42.77
C THR E 471 -34.71 66.18 -42.55
N GLN E 472 -33.40 66.42 -42.68
CA GLN E 472 -32.44 65.36 -42.42
C GLN E 472 -32.40 65.00 -40.94
N LEU E 473 -32.22 66.00 -40.07
CA LEU E 473 -31.98 65.70 -38.66
C LEU E 473 -33.19 65.06 -38.00
N LYS E 474 -34.39 65.52 -38.36
CA LYS E 474 -35.61 64.85 -37.90
C LYS E 474 -35.58 63.38 -38.29
N GLU E 475 -35.17 63.08 -39.53
CA GLU E 475 -34.98 61.70 -39.96
C GLU E 475 -34.02 60.97 -39.00
N GLN E 476 -32.90 61.61 -38.68
CA GLN E 476 -31.94 60.98 -37.77
C GLN E 476 -32.54 60.75 -36.40
N LEU E 477 -33.53 61.56 -36.01
CA LEU E 477 -34.20 61.37 -34.73
C LEU E 477 -35.20 60.22 -34.74
N SER E 478 -35.54 59.69 -35.92
CA SER E 478 -36.48 58.58 -36.02
C SER E 478 -35.81 57.22 -35.85
N ARG E 479 -34.49 57.19 -35.71
CA ARG E 479 -33.72 55.94 -35.67
C ARG E 479 -33.29 55.67 -34.23
N THR E 480 -33.71 54.54 -33.69
CA THR E 480 -33.33 54.17 -32.33
C THR E 480 -31.84 53.87 -32.29
N PRO E 481 -31.09 54.43 -31.34
CA PRO E 481 -29.63 54.27 -31.33
C PRO E 481 -29.22 52.81 -31.14
N ARG E 482 -28.01 52.52 -31.60
CA ARG E 482 -27.36 51.23 -31.47
C ARG E 482 -26.09 51.38 -30.63
N PRO E 483 -25.57 50.30 -30.07
CA PRO E 483 -24.39 50.42 -29.19
C PRO E 483 -23.19 51.02 -29.90
N PHE E 484 -22.43 51.81 -29.15
CA PHE E 484 -21.22 52.42 -29.69
C PHE E 484 -20.23 51.33 -30.12
N PRO E 485 -19.43 51.60 -31.15
CA PRO E 485 -18.37 50.65 -31.51
C PRO E 485 -17.17 50.76 -30.58
N GLN E 486 -16.10 50.03 -30.90
CA GLN E 486 -14.83 50.17 -30.22
C GLN E 486 -13.78 50.68 -31.20
N LEU E 487 -12.81 51.42 -30.69
CA LEU E 487 -11.71 51.92 -31.52
C LEU E 487 -10.40 51.54 -30.84
N LYS E 488 -9.58 50.76 -31.54
CA LYS E 488 -8.32 50.29 -30.98
C LYS E 488 -7.16 50.69 -31.89
N PHE E 489 -6.00 50.86 -31.29
CA PHE E 489 -4.78 51.17 -32.02
C PHE E 489 -3.99 49.88 -32.20
N LYS E 490 -3.51 49.67 -33.43
CA LYS E 490 -2.81 48.42 -33.75
C LYS E 490 -1.40 48.39 -33.19
N ARG E 491 -0.77 49.54 -33.02
CA ARG E 491 0.60 49.59 -32.51
C ARG E 491 0.74 50.77 -31.57
N LYS E 492 1.73 50.67 -30.68
CA LYS E 492 2.05 51.76 -29.75
C LYS E 492 3.15 52.60 -30.37
N VAL E 493 2.83 53.86 -30.69
CA VAL E 493 3.82 54.74 -31.31
C VAL E 493 4.71 55.37 -30.24
N GLU E 494 5.84 55.90 -30.68
CA GLU E 494 6.75 56.59 -29.76
C GLU E 494 6.46 58.09 -29.71
N ASN E 495 6.09 58.70 -30.83
CA ASN E 495 5.69 60.09 -30.88
C ASN E 495 4.29 60.20 -31.45
N ILE E 496 3.55 61.21 -30.99
CA ILE E 496 2.14 61.36 -31.35
C ILE E 496 1.94 61.65 -32.84
N GLU E 497 2.96 62.17 -33.52
CA GLU E 497 2.83 62.49 -34.94
C GLU E 497 2.90 61.27 -35.84
N ASP E 498 3.28 60.11 -35.33
CA ASP E 498 3.51 58.92 -36.14
C ASP E 498 2.24 58.12 -36.44
N PHE E 499 1.08 58.56 -35.97
CA PHE E 499 -0.15 57.82 -36.21
C PHE E 499 -0.54 57.87 -37.69
N LYS E 500 -1.03 56.73 -38.19
CA LYS E 500 -1.50 56.62 -39.56
C LYS E 500 -2.89 55.99 -39.56
N TRP E 501 -3.61 56.15 -40.68
CA TRP E 501 -4.96 55.65 -40.78
C TRP E 501 -5.01 54.12 -40.70
N GLU E 502 -3.96 53.44 -41.15
CA GLU E 502 -3.89 51.99 -41.07
C GLU E 502 -3.75 51.49 -39.63
N ASP E 503 -3.43 52.37 -38.68
CA ASP E 503 -3.22 52.00 -37.29
C ASP E 503 -4.51 51.91 -36.49
N ILE E 504 -5.66 52.26 -37.07
CA ILE E 504 -6.91 52.34 -36.35
C ILE E 504 -7.82 51.19 -36.76
N GLU E 505 -8.31 50.45 -35.78
CA GLU E 505 -9.26 49.35 -36.01
C GLU E 505 -10.59 49.75 -35.38
N LEU E 506 -11.63 49.80 -36.21
CA LEU E 506 -12.98 50.17 -35.79
C LEU E 506 -13.81 48.89 -35.71
N ILE E 507 -14.06 48.43 -34.49
CA ILE E 507 -14.66 47.12 -34.23
C ILE E 507 -16.14 47.32 -33.91
N GLY E 508 -17.00 46.60 -34.64
CA GLY E 508 -18.42 46.55 -34.33
C GLY E 508 -19.16 47.85 -34.50
N TYR E 509 -19.01 48.48 -35.66
CA TYR E 509 -19.72 49.72 -35.99
C TYR E 509 -20.77 49.38 -37.03
N TYR E 510 -22.03 49.33 -36.60
CA TYR E 510 -23.17 48.98 -37.46
C TYR E 510 -24.15 50.14 -37.45
N PRO E 511 -23.84 51.22 -38.16
CA PRO E 511 -24.69 52.41 -38.10
C PRO E 511 -25.84 52.37 -39.10
N TYR E 512 -26.78 53.29 -38.90
CA TYR E 512 -27.80 53.55 -39.90
C TYR E 512 -27.15 54.26 -41.10
N PRO E 513 -27.79 54.19 -42.28
CA PRO E 513 -27.16 54.75 -43.48
C PRO E 513 -26.84 56.24 -43.33
N THR E 514 -25.86 56.67 -44.10
CA THR E 514 -25.44 58.07 -44.04
C THR E 514 -26.56 58.98 -44.52
N ILE E 515 -26.52 60.22 -44.04
CA ILE E 515 -27.53 61.24 -44.37
C ILE E 515 -26.79 62.46 -44.90
N LYS E 516 -26.94 62.72 -46.20
CA LYS E 516 -26.22 63.81 -46.84
C LYS E 516 -26.75 65.16 -46.33
N MET E 517 -25.83 66.04 -45.94
CA MET E 517 -26.15 67.37 -45.46
C MET E 517 -25.13 68.36 -45.99
N ASP E 518 -25.62 69.47 -46.55
CA ASP E 518 -24.75 70.45 -47.18
C ASP E 518 -24.15 71.40 -46.15
N MET E 519 -22.87 71.71 -46.33
CA MET E 519 -22.19 72.64 -45.44
C MET E 519 -22.44 74.07 -45.86
N ALA E 520 -22.64 74.95 -44.87
CA ALA E 520 -22.79 76.38 -45.12
C ALA E 520 -21.41 77.04 -45.12
N VAL E 521 -21.06 77.66 -46.24
CA VAL E 521 -19.75 78.30 -46.37
C VAL E 521 -19.80 79.73 -45.86
PA NDP F . 33.52 -36.20 65.44
O1A NDP F . 32.93 -34.90 64.94
O2A NDP F . 34.01 -37.03 64.28
O5B NDP F . 34.73 -35.89 66.32
C5B NDP F . 34.60 -35.06 67.44
C4B NDP F . 35.86 -34.62 68.08
O4B NDP F . 36.50 -33.67 67.26
C3B NDP F . 35.63 -33.94 69.36
O3B NDP F . 35.57 -34.85 70.41
C2B NDP F . 36.80 -33.10 69.46
O2B NDP F . 37.92 -33.85 69.79
C1B NDP F . 36.99 -32.64 68.10
N9A NDP F . 36.30 -31.41 67.86
C8A NDP F . 35.09 -31.27 67.29
N7A NDP F . 34.76 -29.96 67.24
C5A NDP F . 35.80 -29.25 67.78
C6A NDP F . 36.04 -27.87 68.01
N6A NDP F . 35.02 -26.87 67.59
N1A NDP F . 37.21 -27.45 68.59
C2A NDP F . 38.13 -28.40 68.95
N3A NDP F . 37.94 -29.70 68.76
C4A NDP F . 36.77 -30.16 68.18
O3 NDP F . 32.45 -37.05 66.27
PN NDP F . 30.95 -37.25 65.79
O1N NDP F . 30.11 -37.94 66.89
O2N NDP F . 30.33 -35.90 65.50
O5D NDP F . 30.95 -38.17 64.46
C5D NDP F . 31.34 -39.52 64.51
C4D NDP F . 30.36 -40.51 64.10
O4D NDP F . 29.87 -40.16 62.80
C3D NDP F . 30.97 -41.84 63.95
O3D NDP F . 30.00 -42.81 64.16
C2D NDP F . 31.38 -41.87 62.58
O2D NDP F . 31.47 -43.19 62.14
C1D NDP F . 30.27 -41.14 61.91
N1N NDP F . 30.72 -40.61 60.65
C2N NDP F . 29.94 -40.77 59.57
C3N NDP F . 30.32 -40.27 58.32
C7N NDP F . 29.42 -40.48 57.11
O7N NDP F . 29.71 -39.95 56.04
N7N NDP F . 28.23 -41.28 57.19
C4N NDP F . 31.53 -39.57 58.19
C5N NDP F . 32.32 -39.41 59.34
C6N NDP F . 31.90 -39.94 60.57
P2B NDP F . 38.55 -33.77 71.22
O1X NDP F . 37.49 -34.26 72.23
O2X NDP F . 39.74 -34.63 71.26
O3X NDP F . 38.97 -32.37 71.54
N1 UFP G . -5.13 -44.91 30.99
C2 UFP G . -3.78 -44.86 31.18
N3 UFP G . -3.09 -45.99 31.44
C4 UFP G . -3.70 -47.18 31.52
C5 UFP G . -5.10 -47.25 31.34
C6 UFP G . -5.77 -46.12 31.08
O2 UFP G . -3.12 -43.83 31.12
O4 UFP G . -3.06 -48.20 31.75
F5 UFP G . -5.75 -48.44 31.42
C1' UFP G . -6.00 -43.75 30.70
C2' UFP G . -5.53 -42.81 29.57
C3' UFP G . -6.83 -42.09 29.24
C4' UFP G . -7.87 -43.22 29.33
O3' UFP G . -7.12 -41.09 30.23
O4' UFP G . -7.27 -44.24 30.19
C5' UFP G . -8.18 -43.78 27.93
O5' UFP G . -9.17 -42.96 27.31
P UFP G . -9.19 -43.27 25.73
O1P UFP G . -10.14 -42.36 25.05
O2P UFP G . -9.67 -44.79 25.51
O3P UFP G . -7.72 -43.08 25.13
C1 OG1 H . -8.75 -45.92 33.24
C10 OG1 H . -4.97 -45.93 38.49
C11 OG1 H . -6.20 -45.58 39.09
C12 OG1 H . -7.40 -45.89 38.43
C13 OG1 H . -7.38 -46.57 37.19
C14 OG1 H . -6.21 -44.84 40.41
C15 OG1 H . -4.63 -44.36 42.33
C16 OG1 H . -3.86 -43.18 42.27
C17 OG1 H . -3.40 -42.55 43.43
C18 OG1 H . -3.68 -43.10 44.69
C19 OG1 H . -4.44 -44.29 44.77
C2 OG1 H . -7.60 -45.86 33.99
C20 OG1 H . -4.93 -44.94 43.60
C21 OG1 H . -5.73 -46.20 43.78
C22 OG1 H . -2.62 -41.33 43.30
C3 OG1 H . -6.98 -44.54 34.17
C4 OG1 H . -8.81 -43.68 32.83
C5 OG1 H . -7.30 -47.20 34.41
C6 OG1 H . -8.29 -48.02 33.89
C7 OG1 H . -6.13 -47.65 35.25
C8 OG1 H . -6.16 -46.93 36.60
C9 OG1 H . -4.95 -46.61 37.25
N1 OG1 H . -9.39 -44.83 32.64
N2 OG1 H . -7.62 -43.51 33.58
N3 OG1 H . -9.17 -47.22 33.19
N4 OG1 H . -9.27 -42.49 32.33
N5 OG1 H . -5.04 -44.93 41.08
N6 OG1 H . -2.00 -40.37 43.17
O1 OG1 H . -5.95 -44.37 34.82
O2 OG1 H . -7.21 -44.24 40.80
O3 OG1 H . -5.31 -46.99 44.81
O4 OG1 H . -6.70 -46.50 43.08
N1 MTX I . 30.88 -42.13 52.98
C2 MTX I . 30.78 -40.96 52.32
NA2 MTX I . 30.00 -40.91 51.11
N3 MTX I . 31.38 -39.84 52.75
C4 MTX I . 32.11 -39.85 53.89
NA4 MTX I . 32.77 -38.68 54.36
C4A MTX I . 32.24 -41.06 54.61
N5 MTX I . 32.97 -41.10 55.76
C6 MTX I . 33.06 -42.27 56.42
C7 MTX I . 32.45 -43.44 55.97
N8 MTX I . 31.73 -43.38 54.83
C8A MTX I . 31.61 -42.19 54.14
C9 MTX I . 33.89 -42.27 57.67
N10 MTX I . 35.26 -41.99 57.31
CM MTX I . 35.88 -40.73 57.65
C11 MTX I . 37.44 -44.82 55.08
C12 MTX I . 36.53 -45.26 56.02
C13 MTX I . 35.81 -44.33 56.77
C14 MTX I . 36.01 -42.97 56.55
C15 MTX I . 36.92 -42.54 55.60
C16 MTX I . 37.64 -43.46 54.87
C MTX I . 38.25 -45.78 54.24
O MTX I . 38.55 -46.88 54.67
N MTX I . 38.65 -45.34 52.92
CA MTX I . 39.42 -46.17 52.02
CT MTX I . 40.08 -45.23 51.08
O1 MTX I . 39.68 -44.03 51.04
O2 MTX I . 41.01 -45.62 50.33
CB MTX I . 38.45 -47.01 51.27
CG MTX I . 38.94 -48.09 50.36
CD MTX I . 37.88 -48.79 49.57
OE1 MTX I . 38.03 -48.93 48.34
OE2 MTX I . 37.02 -49.51 50.17
S SO4 J . 10.89 -33.51 23.45
O1 SO4 J . 11.30 -32.99 24.76
O2 SO4 J . 9.43 -33.47 23.35
O3 SO4 J . 11.46 -32.68 22.40
O4 SO4 J . 11.35 -34.88 23.31
PA NDP K . 30.72 -7.63 -5.64
O1A NDP K . 31.81 -8.49 -5.02
O2A NDP K . 29.58 -7.51 -4.67
O5B NDP K . 31.26 -6.21 -5.89
C5B NDP K . 32.39 -6.01 -6.69
C4B NDP K . 32.95 -4.65 -6.68
O4B NDP K . 33.54 -4.38 -5.43
C3B NDP K . 34.05 -4.46 -7.64
O3B NDP K . 33.56 -4.16 -8.90
C2B NDP K . 34.76 -3.34 -7.06
O2B NDP K . 34.05 -2.15 -7.26
C1B NDP K . 34.72 -3.64 -5.65
N9A NDP K . 35.86 -4.41 -5.27
C8A NDP K . 35.93 -5.76 -5.19
N7A NDP K . 37.16 -6.12 -4.79
C5A NDP K . 37.90 -4.98 -4.61
C6A NDP K . 39.24 -4.72 -4.20
N6A NDP K . 40.14 -5.86 -3.88
N1A NDP K . 39.69 -3.45 -4.11
C2A NDP K . 38.85 -2.42 -4.42
N3A NDP K . 37.58 -2.62 -4.80
C4A NDP K . 37.08 -3.90 -4.91
O3 NDP K . 30.20 -8.24 -7.01
PN NDP K . 29.88 -9.79 -7.19
O1N NDP K . 29.59 -10.13 -8.66
O2N NDP K . 31.06 -10.61 -6.73
O5D NDP K . 28.56 -10.14 -6.31
C5D NDP K . 27.29 -9.74 -6.74
C4D NDP K . 26.31 -10.80 -6.99
O4D NDP K . 26.29 -11.67 -5.86
C3D NDP K . 24.96 -10.26 -7.12
O3D NDP K . 24.22 -11.07 -7.97
C2D NDP K . 24.42 -10.35 -5.80
O2D NDP K . 23.03 -10.42 -5.85
C1D NDP K . 25.03 -11.60 -5.30
N1N NDP K . 25.09 -11.60 -3.86
C2N NDP K . 24.61 -12.67 -3.21
C3N NDP K . 24.64 -12.74 -1.81
C7N NDP K . 24.09 -13.97 -1.11
O7N NDP K . 24.19 -14.07 0.13
N7N NDP K . 23.44 -15.03 -1.84
C4N NDP K . 25.20 -11.67 -1.08
C5N NDP K . 25.69 -10.58 -1.79
C6N NDP K . 25.64 -10.55 -3.18
P2B NDP K . 34.58 -1.04 -8.23
O1X NDP K . 34.67 -1.63 -9.65
O2X NDP K . 33.64 0.09 -8.20
O3X NDP K . 35.92 -0.54 -7.80
N1 UFP L . 13.35 -54.99 8.41
C2 UFP L . 13.22 -53.69 8.80
N3 UFP L . 12.20 -52.93 8.37
C4 UFP L . 11.27 -53.43 7.53
C5 UFP L . 11.37 -54.78 7.11
C6 UFP L . 12.41 -55.51 7.56
O2 UFP L . 14.01 -53.14 9.56
O4 UFP L . 10.35 -52.73 7.15
F5 UFP L . 10.45 -55.32 6.27
C1' UFP L . 14.41 -55.93 8.83
C2' UFP L . 14.68 -55.98 10.35
C3' UFP L . 15.44 -57.32 10.46
C4' UFP L . 14.80 -58.18 9.36
O3' UFP L . 16.82 -57.13 10.18
O4' UFP L . 13.98 -57.29 8.57
C5' UFP L . 13.99 -59.34 9.94
O5' UFP L . 13.66 -59.07 11.31
P UFP L . 13.53 -60.46 12.10
O1P UFP L . 13.21 -60.15 13.64
O2P UFP L . 12.32 -61.32 11.50
O3P UFP L . 14.79 -61.23 12.00
C1 OG1 M . 13.65 -57.60 4.86
C10 OG1 M . 15.02 -52.23 1.63
C11 OG1 M . 15.68 -53.19 0.83
C12 OG1 M . 15.27 -54.55 0.92
C13 OG1 M . 14.21 -54.91 1.77
C14 OG1 M . 16.82 -52.80 -0.07
C15 OG1 M . 17.81 -50.74 -1.13
C16 OG1 M . 18.84 -50.09 -0.41
C17 OG1 M . 19.81 -49.31 -1.04
C18 OG1 M . 19.78 -49.16 -2.44
C19 OG1 M . 18.76 -49.80 -3.18
C2 OG1 M . 13.83 -56.26 4.68
C20 OG1 M . 17.76 -50.58 -2.56
C21 OG1 M . 16.72 -51.21 -3.46
C22 OG1 M . 20.83 -48.69 -0.23
C3 OG1 M . 15.07 -55.66 5.24
C4 OG1 M . 15.60 -57.89 5.99
C5 OG1 M . 12.68 -55.77 3.96
C6 OG1 M . 11.88 -56.85 3.73
C7 OG1 M . 12.42 -54.36 3.49
C8 OG1 M . 13.55 -53.94 2.57
C9 OG1 M . 13.96 -52.59 2.48
N1 OG1 M . 14.53 -58.47 5.52
N2 OG1 M . 15.89 -56.52 5.86
N3 OG1 M . 12.47 -57.97 4.29
N4 OG1 M . 16.59 -58.56 6.68
N5 OG1 M . 16.87 -51.49 -0.36
N6 OG1 M . 21.64 -48.21 0.44
O1 OG1 M . 15.32 -54.47 5.13
O2 OG1 M . 17.60 -53.65 -0.51
O3 OG1 M . 16.35 -50.43 -4.52
O4 OG1 M . 16.26 -52.33 -3.25
N1 MTX N . 21.16 -13.98 2.60
C2 MTX N . 22.08 -14.28 3.53
NA2 MTX N . 21.85 -15.40 4.40
N3 MTX N . 23.21 -13.57 3.66
C4 MTX N . 23.45 -12.50 2.87
NA4 MTX N . 24.64 -11.73 2.99
C4A MTX N . 22.51 -12.15 1.88
N5 MTX N . 22.73 -11.08 1.06
C6 MTX N . 21.80 -10.80 0.13
C7 MTX N . 20.62 -11.53 -0.01
N8 MTX N . 20.42 -12.59 0.81
C8A MTX N . 21.36 -12.92 1.77
C9 MTX N . 22.07 -9.61 -0.75
N10 MTX N . 22.10 -8.40 0.04
CM MTX N . 23.35 -7.71 0.26
C11 MTX N . 18.60 -6.98 1.95
C12 MTX N . 18.51 -7.54 0.67
C13 MTX N . 19.66 -8.02 0.04
C14 MTX N . 20.89 -7.91 0.68
C15 MTX N . 20.98 -7.35 1.95
C16 MTX N . 19.83 -6.89 2.58
C MTX N . 17.39 -6.48 2.68
O MTX N . 16.44 -6.01 2.07
N MTX N . 17.38 -6.53 4.13
CA MTX N . 16.28 -6.07 4.93
CT MTX N . 16.83 -5.81 6.27
O1 MTX N . 18.02 -6.11 6.52
O2 MTX N . 16.10 -5.31 7.18
CB MTX N . 15.29 -7.19 5.04
CG MTX N . 13.88 -6.91 5.50
CD MTX N . 12.99 -8.09 5.68
OE1 MTX N . 12.37 -8.20 6.76
OE2 MTX N . 12.53 -8.68 4.67
S SO4 O . 20.45 -43.37 24.59
O1 SO4 O . 20.30 -43.18 26.03
O2 SO4 O . 19.82 -42.26 23.88
O3 SO4 O . 21.86 -43.43 24.25
O4 SO4 O . 19.81 -44.63 24.19
PA NDP P . -18.00 -17.77 23.32
O1A NDP P . -18.88 -16.55 23.14
O2A NDP P . -16.58 -17.41 22.97
O5B NDP P . -18.04 -18.20 24.79
C5B NDP P . -19.25 -18.49 25.41
C4B NDP P . -19.21 -18.67 26.87
O4B NDP P . -18.97 -17.44 27.51
C3B NDP P . -20.50 -19.13 27.43
O3B NDP P . -20.62 -20.50 27.35
C2B NDP P . -20.39 -18.68 28.80
O2B NDP P . -19.52 -19.49 29.52
C1B NDP P . -19.78 -17.37 28.67
N9A NDP P . -20.76 -16.34 28.56
C8A NDP P . -21.10 -15.69 27.42
N7A NDP P . -22.05 -14.77 27.70
C5A NDP P . -22.32 -14.83 29.04
C6A NDP P . -23.20 -14.13 29.92
N6A NDP P . -24.08 -13.08 29.36
N1A NDP P . -23.24 -14.43 31.24
C2A NDP P . -22.42 -15.41 31.72
N3A NDP P . -21.57 -16.09 30.94
C4A NDP P . -21.50 -15.82 29.59
O3 NDP P . -18.48 -18.98 22.39
PN NDP P . -18.82 -18.81 20.85
O1N NDP P . -19.43 -20.11 20.29
O2N NDP P . -19.83 -17.69 20.68
O5D NDP P . -17.46 -18.47 20.04
C5D NDP P . -16.52 -19.47 19.76
C4D NDP P . -16.23 -19.74 18.37
O4D NDP P . -16.03 -18.50 17.68
C3D NDP P . -14.98 -20.50 18.21
O3D NDP P . -15.06 -21.28 17.06
C2D NDP P . -14.00 -19.49 18.04
O2D NDP P . -12.88 -20.02 17.38
C1D NDP P . -14.72 -18.48 17.23
N1N NDP P . -14.14 -17.18 17.36
C2N NDP P . -13.93 -16.45 16.24
C3N NDP P . -13.37 -15.17 16.31
C7N NDP P . -13.15 -14.39 15.02
O7N NDP P . -12.75 -13.22 15.08
N7N NDP P . -13.38 -15.00 13.74
C4N NDP P . -13.04 -14.63 17.57
C5N NDP P . -13.27 -15.40 18.71
C6N NDP P . -13.83 -16.68 18.59
P2B NDP P . -20.03 -20.47 30.62
O1X NDP P . -20.97 -21.50 29.95
O2X NDP P . -18.89 -21.15 31.24
O3X NDP P . -20.77 -19.71 31.67
N1 UFP Q . -15.15 1.30 -25.59
C2 UFP Q . -14.40 1.19 -24.46
N3 UFP Q . -13.53 0.17 -24.31
C4 UFP Q . -13.39 -0.78 -25.26
C5 UFP Q . -14.16 -0.67 -26.45
C6 UFP Q . -15.01 0.35 -26.57
O2 UFP Q . -14.46 1.98 -23.53
O4 UFP Q . -12.60 -1.69 -25.12
F5 UFP Q . -14.03 -1.60 -27.43
C1' UFP Q . -16.14 2.37 -25.88
C2' UFP Q . -15.67 3.81 -25.60
C3' UFP Q . -16.69 4.61 -26.43
C4' UFP Q . -16.81 3.75 -27.70
O3' UFP Q . -17.96 4.66 -25.77
O4' UFP Q . -16.40 2.41 -27.32
C5' UFP Q . -15.92 4.32 -28.82
O5' UFP Q . -16.70 5.14 -29.67
P UFP Q . -15.81 6.42 -30.11
O1P UFP Q . -16.77 7.50 -30.83
O2P UFP Q . -15.21 7.04 -28.91
O3P UFP Q . -14.66 5.96 -31.12
C1 OG1 R . -18.02 -0.84 -28.00
C10 OG1 R . -18.66 -4.85 -23.02
C11 OG1 R . -19.94 -5.01 -23.61
C12 OG1 R . -20.10 -4.69 -24.97
C13 OG1 R . -19.01 -4.24 -25.73
C14 OG1 R . -21.10 -5.47 -22.78
C15 OG1 R . -21.55 -6.60 -20.57
C16 OG1 R . -21.83 -5.77 -19.46
C17 OG1 R . -22.60 -6.22 -18.39
C18 OG1 R . -23.13 -7.52 -18.40
C19 OG1 R . -22.87 -8.37 -19.50
C2 OG1 R . -17.76 -1.40 -26.79
C20 OG1 R . -22.09 -7.93 -20.59
C21 OG1 R . -21.86 -8.92 -21.72
C22 OG1 R . -22.84 -5.32 -17.27
C3 OG1 R . -18.23 -0.68 -25.59
C4 OG1 R . -19.09 0.97 -27.14
C5 OG1 R . -17.06 -2.63 -27.02
C6 OG1 R . -16.92 -2.76 -28.38
C7 OG1 R . -16.56 -3.61 -25.98
C8 OG1 R . -17.73 -4.11 -25.14
C9 OG1 R . -17.56 -4.41 -23.78
N1 OG1 R . -18.70 0.36 -28.22
N2 OG1 R . -18.87 0.48 -25.84
N3 OG1 R . -17.52 -1.66 -28.97
N4 OG1 R . -19.77 2.16 -27.13
N5 OG1 R . -20.75 -6.06 -21.63
N6 OG1 R . -23.02 -4.59 -16.40
O1 OG1 R . -18.06 -1.09 -24.45
O2 OG1 R . -22.26 -5.31 -23.18
O3 OG1 R . -21.74 -10.21 -21.31
O4 OG1 R . -21.82 -8.59 -22.91
N1 MTX S . -9.02 -12.15 13.90
C2 MTX S . -9.50 -10.93 14.21
NA2 MTX S . -9.34 -9.86 13.27
N3 MTX S . -10.13 -10.70 15.38
C4 MTX S . -10.30 -11.70 16.28
NA4 MTX S . -10.96 -11.47 17.52
C4A MTX S . -9.80 -12.99 15.98
N5 MTX S . -9.95 -14.01 16.86
C6 MTX S . -9.46 -15.23 16.54
C7 MTX S . -8.80 -15.46 15.32
N8 MTX S . -8.68 -14.43 14.46
C8A MTX S . -9.16 -13.18 14.78
C9 MTX S . -9.63 -16.34 17.53
N10 MTX S . -8.92 -16.07 18.76
CM MTX S . -9.66 -15.76 19.96
C11 MTX S . -4.70 -16.01 18.82
C12 MTX S . -5.37 -16.98 18.06
C13 MTX S . -6.76 -17.00 18.04
C14 MTX S . -7.48 -16.07 18.78
C15 MTX S . -6.81 -15.11 19.53
C16 MTX S . -5.42 -15.09 19.55
C MTX S . -3.19 -15.96 18.87
O MTX S . -2.53 -16.97 18.75
N MTX S . -2.56 -14.68 19.06
CA MTX S . -1.13 -14.53 19.12
CT MTX S . -0.88 -13.17 19.64
O1 MTX S . -1.80 -12.31 19.53
O2 MTX S . 0.21 -12.86 20.19
CB MTX S . -0.60 -14.64 17.73
CG MTX S . 0.59 -13.85 17.26
CD MTX S . 0.94 -13.98 15.82
OE1 MTX S . 2.08 -13.61 15.45
OE2 MTX S . 0.34 -14.84 15.13
S SO4 T . -9.14 15.16 -10.72
O1 SO4 T . -8.92 16.18 -9.69
O2 SO4 T . -10.30 15.52 -11.53
O3 SO4 T . -7.96 15.07 -11.57
O4 SO4 T . -9.38 13.87 -10.07
PA NDP U . 2.43 54.22 5.29
O1A NDP U . 3.27 53.21 6.05
O2A NDP U . 1.19 53.54 4.75
O5B NDP U . 1.98 55.34 6.24
C5B NDP U . 2.93 56.06 6.97
C4B NDP U . 2.42 56.96 8.01
O4B NDP U . 1.92 56.22 9.10
C3B NDP U . 3.47 57.80 8.59
O3B NDP U . 3.74 58.91 7.81
C2B NDP U . 2.90 58.16 9.86
O2B NDP U . 1.90 59.12 9.70
C1B NDP U . 2.27 56.92 10.29
N9A NDP U . 3.15 56.13 11.09
C8A NDP U . 3.96 55.14 10.65
N7A NDP U . 4.64 54.61 11.68
C5A NDP U . 4.26 55.28 12.83
C6A NDP U . 4.62 55.19 14.19
N6A NDP U . 5.62 54.18 14.62
N1A NDP U . 4.04 56.01 15.11
C2A NDP U . 3.13 56.93 14.69
N3A NDP U . 2.76 57.05 13.41
C4A NDP U . 3.31 56.24 12.45
O3 NDP U . 3.26 54.85 4.08
PN NDP U . 3.99 53.95 2.98
O1N NDP U . 4.86 54.84 2.08
O2N NDP U . 4.86 52.93 3.66
O5D NDP U . 2.87 53.22 2.06
C5D NDP U . 2.40 53.85 0.89
C4D NDP U . 2.60 53.15 -0.37
O4D NDP U . 2.49 51.74 -0.16
C3D NDP U . 1.56 53.51 -1.35
O3D NDP U . 2.11 53.49 -2.63
C2D NDP U . 0.61 52.45 -1.24
O2D NDP U . -0.10 52.30 -2.43
C1D NDP U . 1.47 51.29 -0.97
N1N NDP U . 0.72 50.22 -0.36
C2N NDP U . 0.77 49.00 -0.91
C3N NDP U . 0.07 47.93 -0.35
C7N NDP U . 0.16 46.56 -1.03
O7N NDP U . -0.38 45.58 -0.48
N7N NDP U . 0.84 46.39 -2.27
C4N NDP U . -0.70 48.12 0.81
C5N NDP U . -0.71 49.40 1.37
C6N NDP U . -0.01 50.44 0.78
P2B NDP U . 2.10 60.61 10.15
O1X NDP U . 3.27 61.22 9.35
O2X NDP U . 0.87 61.36 9.86
O3X NDP U . 2.38 60.69 11.61
N1 UFP V . 13.92 11.62 -23.04
C2 UFP V . 12.81 12.19 -22.51
N3 UFP V . 12.02 12.99 -23.26
C4 UFP V . 12.31 13.24 -24.55
C5 UFP V . 13.46 12.65 -25.12
C6 UFP V . 14.24 11.86 -24.35
O2 UFP V . 12.46 12.03 -21.35
O4 UFP V . 11.59 13.97 -25.22
F5 UFP V . 13.81 12.88 -26.41
C1' UFP V . 14.86 10.72 -22.33
C2' UFP V . 14.21 9.54 -21.59
C3' UFP V . 15.42 8.60 -21.45
C4' UFP V . 16.15 8.78 -22.79
O3' UFP V . 16.28 9.06 -20.40
O4' UFP V . 15.69 10.06 -23.32
C5' UFP V . 15.86 7.63 -23.76
O5' UFP V . 14.89 6.75 -23.20
P UFP V . 15.23 5.25 -23.67
O1P UFP V . 14.18 4.33 -23.18
O2P UFP V . 16.65 4.81 -23.09
O3P UFP V . 15.28 5.17 -25.28
C1 OG1 W . 17.70 12.35 -25.29
C10 OG1 W . 16.92 18.42 -23.33
C11 OG1 W . 18.33 18.36 -23.49
C12 OG1 W . 18.88 17.38 -24.34
C13 OG1 W . 18.04 16.48 -25.03
C14 OG1 W . 19.22 19.32 -22.74
C15 OG1 W . 19.07 21.49 -21.46
C16 OG1 W . 18.88 21.39 -20.07
C17 OG1 W . 19.31 22.40 -19.19
C18 OG1 W . 19.96 23.53 -19.71
C19 OG1 W . 20.16 23.65 -21.09
C2 OG1 W . 17.07 13.43 -24.71
C20 OG1 W . 19.72 22.64 -22.00
C21 OG1 W . 19.99 22.88 -23.47
C22 OG1 W . 19.09 22.23 -17.77
C3 OG1 W . 17.10 13.48 -23.23
C4 OG1 W . 18.35 11.42 -23.33
C5 OG1 W . 16.53 14.24 -25.77
C6 OG1 W . 16.86 13.62 -26.95
C7 OG1 W . 15.77 15.54 -25.62
C8 OG1 W . 16.64 16.54 -24.87
C9 OG1 W . 16.08 17.50 -24.02
N1 OG1 W . 18.35 11.33 -24.63
N2 OG1 W . 17.74 12.47 -22.62
N3 OG1 W . 17.57 12.47 -26.65
N4 OG1 W . 18.94 10.51 -22.48
N5 OG1 W . 18.59 20.40 -22.25
N6 OG1 W . 18.89 22.08 -16.65
O1 OG1 W . 16.57 14.40 -22.60
O2 OG1 W . 20.42 19.08 -22.62
O3 OG1 W . 19.86 24.18 -23.84
O4 OG1 W . 20.30 21.98 -24.24
N1 MTX X . -3.50 43.72 -2.10
C2 MTX X . -3.25 42.89 -1.09
NA2 MTX X . -3.13 41.48 -1.36
N3 MTX X . -3.10 43.32 0.18
C4 MTX X . -3.20 44.64 0.46
NA4 MTX X . -3.05 45.13 1.79
C4A MTX X . -3.48 45.55 -0.57
N5 MTX X . -3.58 46.90 -0.32
C6 MTX X . -3.84 47.73 -1.35
C7 MTX X . -4.00 47.27 -2.66
N8 MTX X . -3.89 45.94 -2.89
C8A MTX X . -3.63 45.07 -1.86
C9 MTX X . -3.98 49.20 -1.06
N10 MTX X . -5.11 49.47 -0.21
CM MTX X . -4.90 49.89 1.16
C11 MTX X . -9.05 48.88 -1.67
C12 MTX X . -8.07 49.41 -2.50
C13 MTX X . -6.78 49.61 -2.03
C14 MTX X . -6.46 49.28 -0.71
C15 MTX X . -7.43 48.75 0.12
C16 MTX X . -8.73 48.55 -0.35
C MTX X . -10.46 48.64 -2.15
O MTX X . -10.95 49.36 -3.01
N MTX X . -11.24 47.55 -1.57
CA MTX X . -12.59 47.27 -1.97
CT MTX X . -13.25 46.58 -0.85
O1 MTX X . -12.57 46.25 0.16
O2 MTX X . -14.49 46.31 -0.90
CB MTX X . -12.60 46.31 -3.12
CG MTX X . -13.05 46.77 -4.48
CD MTX X . -13.15 45.72 -5.53
OE1 MTX X . -14.00 44.80 -5.39
OE2 MTX X . -12.66 45.92 -6.68
S SO4 Y . 1.59 7.63 -6.28
O1 SO4 Y . 2.06 8.17 -5.01
O2 SO4 Y . 0.89 8.67 -7.03
O3 SO4 Y . 2.74 7.16 -7.06
O4 SO4 Y . 0.68 6.51 -6.04
PA NDP Z . -34.96 25.29 -28.08
O1A NDP Z . -36.09 26.22 -28.50
O2A NDP Z . -34.24 25.89 -26.90
O5B NDP Z . -35.55 23.94 -27.66
C5B NDP Z . -36.35 23.20 -28.53
C4B NDP Z . -37.04 22.02 -27.97
O4B NDP Z . -38.07 22.42 -27.10
C3B NDP Z . -37.72 21.23 -29.00
O3B NDP Z . -36.87 20.32 -29.60
C2B NDP Z . -38.75 20.56 -28.24
O2B NDP Z . -38.23 19.49 -27.51
C1B NDP Z . -39.18 21.57 -27.29
N9A NDP Z . -40.30 22.31 -27.81
C8A NDP Z . -40.26 23.54 -28.36
N7A NDP Z . -41.50 23.91 -28.73
C5A NDP Z . -42.36 22.88 -28.39
C6A NDP Z . -43.76 22.69 -28.52
N6A NDP Z . -44.60 23.74 -29.13
N1A NDP Z . -44.32 21.53 -28.08
C2A NDP Z . -43.54 20.57 -27.52
N3A NDP Z . -42.22 20.71 -27.37
C4A NDP Z . -41.59 21.88 -27.80
O3 NDP Z . -33.93 25.07 -29.28
PN NDP Z . -33.30 26.26 -30.14
O1N NDP Z . -32.50 25.68 -31.32
O2N NDP Z . -34.41 27.13 -30.67
O5D NDP Z . -32.29 27.12 -29.21
C5D NDP Z . -30.96 26.69 -29.02
C4D NDP Z . -29.90 27.58 -29.45
O4D NDP Z . -30.18 28.92 -29.06
C3D NDP Z . -28.62 27.23 -28.82
O3D NDP Z . -27.56 27.59 -29.66
C2D NDP Z . -28.59 28.05 -27.65
O2D NDP Z . -27.28 28.25 -27.21
C1D NDP Z . -29.20 29.31 -28.15
N1N NDP Z . -29.75 30.08 -27.08
C2N NDP Z . -29.46 31.38 -27.00
C3N NDP Z . -29.98 32.17 -25.97
C7N NDP Z . -29.62 33.65 -25.91
O7N NDP Z . -30.16 34.37 -25.06
N7N NDP Z . -28.68 34.23 -26.84
C4N NDP Z . -30.82 31.60 -25.00
C5N NDP Z . -31.11 30.23 -25.11
C6N NDP Z . -30.57 29.48 -26.15
P2B NDP Z . -38.49 18.00 -27.93
O1X NDP Z . -37.90 17.78 -29.34
O2X NDP Z . -37.85 17.10 -26.97
O3X NDP Z . -39.96 17.71 -27.94
N1 UFP AA . -17.99 74.28 -37.16
C2 UFP AA . -18.13 73.32 -36.20
N3 UFP AA . -17.07 72.59 -35.81
C4 UFP AA . -15.85 72.77 -36.34
C5 UFP AA . -15.68 73.76 -37.34
C6 UFP AA . -16.75 74.48 -37.73
O2 UFP AA . -19.19 73.07 -35.65
O4 UFP AA . -14.90 72.09 -35.98
F5 UFP AA . -14.47 73.98 -37.91
C1' UFP AA . -19.05 75.16 -37.68
C2' UFP AA . -19.94 75.85 -36.61
C3' UFP AA . -20.58 76.97 -37.45
C4' UFP AA . -19.40 77.41 -38.34
O3' UFP AA . -21.63 76.45 -38.27
O4' UFP AA . -18.47 76.29 -38.36
C5' UFP AA . -18.74 78.67 -37.77
O5' UFP AA . -19.64 79.77 -37.87
P UFP AA . -18.98 81.02 -37.10
O1P UFP AA . -19.91 82.17 -37.08
O2P UFP AA . -17.62 81.45 -37.86
O3P UFP AA . -18.63 80.58 -35.60
C1 OG1 BA . -17.05 74.67 -41.37
C10 OG1 BA . -17.66 68.20 -41.39
C11 OG1 BA . -17.93 68.45 -42.76
C12 OG1 BA . -17.47 69.66 -43.33
C13 OG1 BA . -16.75 70.58 -42.55
C14 OG1 BA . -18.71 67.46 -43.58
C15 OG1 BA . -19.45 65.04 -43.50
C16 OG1 BA . -20.74 64.76 -42.97
C17 OG1 BA . -21.45 63.62 -43.37
C18 OG1 BA . -20.88 62.74 -44.31
C19 OG1 BA . -19.61 63.00 -44.83
C2 OG1 BA . -17.26 73.40 -40.89
C20 OG1 BA . -18.87 64.15 -44.45
C21 OG1 BA . -17.50 64.33 -45.08
C22 OG1 BA . -22.77 63.37 -42.82
C3 OG1 BA . -18.66 73.02 -40.58
C4 OG1 BA . -19.24 75.25 -41.30
C5 OG1 BA . -15.98 72.75 -40.83
C6 OG1 BA . -15.05 73.66 -41.27
C7 OG1 BA . -15.70 71.34 -40.36
C8 OG1 BA . -16.47 70.32 -41.19
C9 OG1 BA . -16.93 69.13 -40.62
N1 OG1 BA . -18.02 75.64 -41.59
N2 OG1 BA . -19.57 73.99 -40.81
N3 OG1 BA . -15.70 74.82 -41.60
N4 OG1 BA . -20.35 76.06 -41.44
N5 OG1 BA . -18.79 66.23 -43.04
N6 OG1 BA . -23.81 63.19 -42.37
O1 OG1 BA . -18.97 71.91 -40.15
O2 OG1 BA . -19.23 67.80 -44.64
O3 OG1 BA . -16.83 63.16 -45.28
O4 OG1 BA . -17.05 65.44 -45.38
N1 MTX CA . -27.59 35.57 -22.25
C2 MTX CA . -28.69 36.33 -22.03
NA2 MTX CA . -28.54 37.76 -21.96
N3 MTX CA . -29.91 35.79 -21.87
C4 MTX CA . -30.08 34.46 -21.93
NA4 MTX CA . -31.38 33.87 -21.76
C4A MTX CA . -28.96 33.62 -22.15
N5 MTX CA . -29.10 32.26 -22.21
C6 MTX CA . -27.99 31.52 -22.44
C7 MTX CA . -26.73 32.09 -22.59
N8 MTX CA . -26.62 33.43 -22.52
C8A MTX CA . -27.72 34.21 -22.30
C9 MTX CA . -28.15 30.02 -22.48
N10 MTX CA . -28.58 29.53 -21.20
CM MTX CA . -29.91 29.00 -21.03
C11 MTX CA . -26.01 29.84 -17.87
C12 MTX CA . -25.46 29.59 -19.13
C13 MTX CA . -26.31 29.48 -20.23
C14 MTX CA . -27.69 29.64 -20.06
C15 MTX CA . -28.21 29.90 -18.80
C16 MTX CA . -27.37 29.99 -17.70
C MTX CA . -25.13 29.97 -16.64
O MTX CA . -24.07 29.38 -16.58
N MTX CA . -25.57 30.82 -15.57
CA MTX CA . -24.79 30.98 -14.38
CT MTX CA . -25.73 31.30 -13.27
O1 MTX CA . -25.45 30.96 -12.10
O2 MTX CA . -26.83 31.88 -13.53
CB MTX CA . -23.88 32.15 -14.58
CG MTX CA . -22.49 32.11 -14.04
CD MTX CA . -21.68 33.36 -14.21
OE1 MTX CA . -21.10 33.83 -13.21
OE2 MTX CA . -21.21 33.63 -15.35
S SO4 DA . -31.13 72.58 -20.51
O1 SO4 DA . -31.58 73.23 -19.28
O2 SO4 DA . -31.91 73.07 -21.65
O3 SO4 DA . -29.72 72.87 -20.72
O4 SO4 DA . -31.33 71.13 -20.39
#